data_1QU6
#
_entry.id   1QU6
#
_cell.length_a   1.000
_cell.length_b   1.000
_cell.length_c   1.000
_cell.angle_alpha   90.00
_cell.angle_beta   90.00
_cell.angle_gamma   90.00
#
_symmetry.space_group_name_H-M   'P 1'
#
_entity_poly.entity_id   1
_entity_poly.type   'polypeptide(L)'
_entity_poly.pdbx_seq_one_letter_code
;GSHMEMAGDLSAGFFMEELNTYRQKQGVVLKYQELPNSGPPHDRRFTFQVIIDGREFPEGEGRSKKEAKNAAAKLAVEIL
NKEKKAVSPLLLTTTNSSEGLSMGNYIGLINRIAQKKRLTVNYEQCASGVHGPEGFHYKCKMGQKEYSIGTGSTKQEAKQ
LAAKLAYLQILSEETGSGC
;
_entity_poly.pdbx_strand_id   A
#
# COMPACT_ATOMS: atom_id res chain seq x y z
N GLY A 1 -30.80 20.31 7.24
CA GLY A 1 -29.52 20.99 7.62
C GLY A 1 -29.81 22.05 8.68
N SER A 2 -31.06 22.36 8.88
CA SER A 2 -31.42 23.38 9.91
C SER A 2 -31.19 22.80 11.31
N HIS A 3 -30.76 23.62 12.22
CA HIS A 3 -30.53 23.13 13.60
C HIS A 3 -30.43 24.32 14.55
N MET A 4 -29.29 24.96 14.60
CA MET A 4 -29.14 26.13 15.51
C MET A 4 -30.24 27.16 15.24
N GLU A 5 -30.59 27.89 16.25
CA GLU A 5 -31.61 28.96 16.11
C GLU A 5 -31.19 30.03 17.11
N MET A 6 -29.93 29.98 17.42
CA MET A 6 -29.32 30.91 18.39
C MET A 6 -27.86 31.17 17.95
N ALA A 7 -27.49 30.67 16.81
CA ALA A 7 -26.11 30.87 16.30
C ALA A 7 -25.93 32.30 15.78
N GLY A 8 -25.42 32.46 14.59
CA GLY A 8 -25.22 33.83 14.06
C GLY A 8 -24.13 34.49 14.90
N ASP A 9 -22.93 34.54 14.39
CA ASP A 9 -21.82 35.16 15.17
C ASP A 9 -21.82 36.69 14.94
N LEU A 10 -21.00 37.39 15.67
CA LEU A 10 -20.92 38.87 15.51
C LEU A 10 -19.55 39.33 15.99
N SER A 11 -18.74 38.40 16.33
CA SER A 11 -17.37 38.70 16.80
C SER A 11 -16.51 37.44 16.64
N ALA A 12 -15.76 37.36 15.57
CA ALA A 12 -14.91 36.16 15.30
C ALA A 12 -15.70 35.19 14.40
N GLY A 13 -15.93 33.98 14.84
CA GLY A 13 -16.68 33.02 13.99
C GLY A 13 -17.37 31.99 14.89
N PHE A 14 -17.38 30.76 14.48
CA PHE A 14 -18.04 29.70 15.29
C PHE A 14 -17.70 28.35 14.68
N PHE A 15 -18.58 27.83 13.88
CA PHE A 15 -18.28 26.54 13.22
C PHE A 15 -17.17 26.85 12.24
N MET A 16 -17.01 28.12 11.96
CA MET A 16 -15.94 28.56 11.05
C MET A 16 -14.62 28.52 11.82
N GLU A 17 -14.63 29.02 13.04
CA GLU A 17 -13.39 28.96 13.83
C GLU A 17 -12.99 27.50 13.95
N GLU A 18 -13.97 26.63 13.91
CA GLU A 18 -13.69 25.18 13.99
C GLU A 18 -13.23 24.73 12.60
N LEU A 19 -13.99 25.09 11.61
CA LEU A 19 -13.62 24.73 10.21
C LEU A 19 -12.22 25.28 9.95
N ASN A 20 -11.99 26.50 10.31
CA ASN A 20 -10.65 27.13 10.09
C ASN A 20 -9.58 26.29 10.80
N THR A 21 -9.96 25.50 11.76
CA THR A 21 -8.94 24.70 12.51
C THR A 21 -8.39 23.56 11.65
N TYR A 22 -9.18 22.57 11.34
CA TYR A 22 -8.67 21.43 10.53
C TYR A 22 -8.14 21.86 9.17
N ARG A 23 -8.75 22.83 8.55
CA ARG A 23 -8.27 23.27 7.21
C ARG A 23 -6.80 23.61 7.30
N GLN A 24 -6.36 24.02 8.45
CA GLN A 24 -4.92 24.36 8.62
C GLN A 24 -4.14 23.06 8.78
N LYS A 25 -4.79 22.02 9.23
CA LYS A 25 -4.09 20.72 9.40
C LYS A 25 -3.91 20.06 8.05
N GLN A 26 -4.67 20.45 7.08
CA GLN A 26 -4.54 19.84 5.73
C GLN A 26 -3.80 20.78 4.79
N GLY A 27 -3.66 22.01 5.19
CA GLY A 27 -2.95 22.98 4.32
C GLY A 27 -3.87 23.38 3.17
N VAL A 28 -5.13 23.56 3.45
CA VAL A 28 -6.08 23.97 2.39
C VAL A 28 -6.40 25.45 2.59
N VAL A 29 -7.46 25.95 2.01
CA VAL A 29 -7.77 27.40 2.21
C VAL A 29 -9.28 27.62 2.17
N LEU A 30 -9.80 28.34 3.12
CA LEU A 30 -11.27 28.59 3.19
C LEU A 30 -11.66 29.75 2.28
N LYS A 31 -12.40 29.48 1.24
CA LYS A 31 -12.86 30.57 0.34
C LYS A 31 -14.39 30.56 0.34
N TYR A 32 -15.00 31.53 0.96
CA TYR A 32 -16.48 31.58 1.03
C TYR A 32 -17.06 32.46 -0.08
N GLN A 33 -18.18 32.07 -0.61
CA GLN A 33 -18.86 32.88 -1.67
C GLN A 33 -20.29 33.14 -1.21
N GLU A 34 -21.09 33.83 -1.97
CA GLU A 34 -22.47 34.11 -1.49
C GLU A 34 -23.43 34.36 -2.65
N LEU A 35 -24.48 33.57 -2.73
CA LEU A 35 -25.50 33.73 -3.80
C LEU A 35 -26.90 33.62 -3.13
N PRO A 36 -27.27 34.68 -2.44
CA PRO A 36 -28.55 34.73 -1.68
C PRO A 36 -29.77 34.75 -2.60
N ASN A 37 -30.89 34.33 -2.08
CA ASN A 37 -32.18 34.30 -2.84
C ASN A 37 -31.94 33.99 -4.32
N SER A 38 -32.12 32.76 -4.70
CA SER A 38 -31.94 32.39 -6.14
C SER A 38 -32.99 31.33 -6.53
N GLY A 39 -33.64 30.73 -5.58
CA GLY A 39 -34.65 29.69 -5.92
C GLY A 39 -35.79 30.31 -6.75
N PRO A 40 -35.96 29.86 -7.97
CA PRO A 40 -37.03 30.38 -8.85
C PRO A 40 -38.42 30.28 -8.21
N PRO A 41 -38.75 29.15 -7.61
CA PRO A 41 -40.07 28.96 -6.98
C PRO A 41 -40.28 29.95 -5.83
N HIS A 42 -40.13 31.22 -6.11
CA HIS A 42 -40.34 32.26 -5.05
C HIS A 42 -39.68 31.83 -3.74
N ASP A 43 -38.77 30.89 -3.78
CA ASP A 43 -38.11 30.46 -2.53
C ASP A 43 -36.85 31.29 -2.31
N ARG A 44 -36.99 32.51 -1.87
CA ARG A 44 -35.80 33.36 -1.64
C ARG A 44 -34.93 32.73 -0.55
N ARG A 45 -34.48 31.52 -0.74
CA ARG A 45 -33.64 30.89 0.30
C ARG A 45 -32.21 31.42 0.16
N PHE A 46 -31.32 30.97 1.00
CA PHE A 46 -29.92 31.47 0.94
C PHE A 46 -29.02 30.36 0.43
N THR A 47 -28.50 30.53 -0.75
CA THR A 47 -27.60 29.50 -1.32
C THR A 47 -26.16 30.00 -1.24
N PHE A 48 -25.45 29.58 -0.23
CA PHE A 48 -24.04 30.03 -0.09
C PHE A 48 -23.11 29.03 -0.76
N GLN A 49 -21.87 29.39 -0.91
CA GLN A 49 -20.89 28.47 -1.55
C GLN A 49 -19.57 28.59 -0.82
N VAL A 50 -18.83 27.52 -0.70
CA VAL A 50 -17.53 27.60 0.04
C VAL A 50 -16.60 26.48 -0.41
N ILE A 51 -15.38 26.83 -0.71
CA ILE A 51 -14.38 25.81 -1.14
C ILE A 51 -13.47 25.51 0.06
N ILE A 52 -12.57 24.56 -0.08
CA ILE A 52 -11.68 24.23 1.08
C ILE A 52 -10.22 24.47 0.69
N ASP A 53 -9.86 24.07 -0.49
CA ASP A 53 -8.47 24.25 -0.97
C ASP A 53 -8.47 25.11 -2.24
N GLY A 54 -9.06 24.59 -3.27
CA GLY A 54 -9.11 25.34 -4.55
C GLY A 54 -9.40 24.38 -5.69
N ARG A 55 -10.18 23.37 -5.45
CA ARG A 55 -10.49 22.38 -6.52
C ARG A 55 -11.90 21.81 -6.36
N GLU A 56 -12.46 21.94 -5.19
CA GLU A 56 -13.82 21.41 -4.95
C GLU A 56 -14.83 22.52 -5.20
N PHE A 57 -16.09 22.24 -5.03
CA PHE A 57 -17.13 23.29 -5.27
C PHE A 57 -18.41 22.95 -4.50
N PRO A 58 -18.27 22.60 -3.23
CA PRO A 58 -19.42 22.24 -2.38
C PRO A 58 -20.30 23.48 -2.13
N GLU A 59 -21.46 23.27 -1.56
CA GLU A 59 -22.38 24.41 -1.26
C GLU A 59 -23.58 23.90 -0.46
N GLY A 60 -24.41 24.78 0.02
CA GLY A 60 -25.59 24.33 0.81
C GLY A 60 -26.57 25.49 0.99
N GLU A 61 -27.71 25.24 1.59
CA GLU A 61 -28.70 26.34 1.79
C GLU A 61 -29.15 26.38 3.26
N GLY A 62 -29.68 27.49 3.69
CA GLY A 62 -30.14 27.61 5.11
C GLY A 62 -31.16 28.74 5.24
N ARG A 63 -31.45 29.44 4.17
CA ARG A 63 -32.44 30.57 4.21
C ARG A 63 -31.73 31.86 4.64
N SER A 64 -32.45 32.94 4.76
CA SER A 64 -31.80 34.23 5.13
C SER A 64 -31.50 34.27 6.62
N LYS A 65 -30.32 33.84 7.01
CA LYS A 65 -29.93 33.88 8.45
C LYS A 65 -28.63 33.08 8.67
N LYS A 66 -28.25 32.93 9.91
CA LYS A 66 -27.01 32.19 10.26
C LYS A 66 -27.00 30.82 9.57
N GLU A 67 -28.14 30.21 9.44
CA GLU A 67 -28.21 28.87 8.79
C GLU A 67 -27.42 28.85 7.49
N ALA A 68 -27.33 29.98 6.83
CA ALA A 68 -26.58 30.02 5.55
C ALA A 68 -25.08 29.91 5.84
N LYS A 69 -24.53 30.86 6.55
CA LYS A 69 -23.08 30.78 6.86
C LYS A 69 -22.78 29.48 7.60
N ASN A 70 -23.65 29.09 8.50
CA ASN A 70 -23.42 27.83 9.26
C ASN A 70 -23.57 26.63 8.32
N ALA A 71 -24.55 26.63 7.48
CA ALA A 71 -24.74 25.49 6.54
C ALA A 71 -23.52 25.41 5.62
N ALA A 72 -23.08 26.52 5.11
CA ALA A 72 -21.90 26.51 4.21
C ALA A 72 -20.69 25.97 4.98
N ALA A 73 -20.44 26.51 6.13
CA ALA A 73 -19.27 26.05 6.93
C ALA A 73 -19.53 24.65 7.49
N LYS A 74 -20.73 24.38 7.93
CA LYS A 74 -21.03 23.03 8.50
C LYS A 74 -20.78 21.92 7.47
N LEU A 75 -21.44 21.99 6.36
CA LEU A 75 -21.30 20.92 5.36
C LEU A 75 -19.84 20.77 4.91
N ALA A 76 -19.07 21.80 5.03
CA ALA A 76 -17.64 21.70 4.60
C ALA A 76 -16.93 20.65 5.47
N VAL A 77 -17.20 20.66 6.74
CA VAL A 77 -16.56 19.66 7.64
C VAL A 77 -17.00 18.26 7.21
N GLU A 78 -18.22 18.12 6.78
CA GLU A 78 -18.72 16.79 6.35
C GLU A 78 -17.89 16.27 5.17
N ILE A 79 -17.06 17.11 4.61
CA ILE A 79 -16.21 16.68 3.46
C ILE A 79 -15.10 15.77 3.96
N LEU A 80 -14.25 16.27 4.82
CA LEU A 80 -13.17 15.41 5.34
C LEU A 80 -13.82 14.23 6.03
N ASN A 81 -14.88 14.50 6.72
CA ASN A 81 -15.61 13.43 7.43
C ASN A 81 -15.74 12.26 6.45
N LYS A 82 -16.16 12.55 5.26
CA LYS A 82 -16.27 11.51 4.23
C LYS A 82 -14.88 11.29 3.64
N GLU A 83 -14.81 11.01 2.37
CA GLU A 83 -13.49 10.78 1.70
C GLU A 83 -12.68 9.72 2.44
N LYS A 84 -13.14 9.24 3.57
CA LYS A 84 -12.36 8.22 4.31
C LYS A 84 -12.52 6.85 3.62
N LYS A 85 -13.34 6.79 2.61
CA LYS A 85 -13.55 5.50 1.91
C LYS A 85 -12.43 5.24 0.91
N ALA A 86 -12.06 4.00 0.71
CA ALA A 86 -10.98 3.68 -0.25
C ALA A 86 -11.54 3.76 -1.66
N VAL A 87 -10.77 4.24 -2.61
CA VAL A 87 -11.26 4.37 -3.99
C VAL A 87 -10.21 3.82 -4.97
N SER A 88 -9.02 3.55 -4.50
CA SER A 88 -7.96 3.02 -5.39
C SER A 88 -8.08 1.48 -5.47
N PRO A 89 -7.44 0.90 -6.46
CA PRO A 89 -7.46 -0.56 -6.65
C PRO A 89 -6.89 -1.28 -5.41
N LEU A 90 -6.29 -2.41 -5.60
CA LEU A 90 -5.72 -3.16 -4.45
C LEU A 90 -4.30 -2.67 -4.17
N LEU A 91 -3.32 -3.27 -4.82
CA LEU A 91 -1.91 -2.83 -4.59
C LEU A 91 -1.58 -1.68 -5.55
N LEU A 92 -0.60 -0.88 -5.23
CA LEU A 92 -0.23 0.25 -6.13
C LEU A 92 0.69 -0.24 -7.24
N THR A 93 0.96 0.61 -8.20
CA THR A 93 1.86 0.21 -9.33
C THR A 93 3.14 1.05 -9.31
N THR A 94 3.87 1.01 -8.24
CA THR A 94 5.12 1.81 -8.16
C THR A 94 6.30 0.92 -8.56
N THR A 95 7.33 1.49 -9.11
CA THR A 95 8.51 0.67 -9.53
C THR A 95 9.57 0.71 -8.41
N ASN A 96 9.13 0.75 -7.19
CA ASN A 96 10.10 0.79 -6.05
C ASN A 96 9.46 0.12 -4.83
N SER A 97 8.73 0.87 -4.05
CA SER A 97 8.08 0.27 -2.85
C SER A 97 9.13 -0.45 -2.00
N SER A 98 8.74 -1.50 -1.33
CA SER A 98 9.71 -2.25 -0.48
C SER A 98 10.91 -2.65 -1.33
N GLU A 99 11.92 -3.23 -0.72
CA GLU A 99 13.12 -3.64 -1.49
C GLU A 99 12.84 -4.97 -2.19
N GLY A 100 13.09 -5.04 -3.46
CA GLY A 100 12.84 -6.32 -4.20
C GLY A 100 13.94 -7.33 -3.88
N LEU A 101 14.93 -7.42 -4.72
CA LEU A 101 16.04 -8.38 -4.47
C LEU A 101 15.48 -9.80 -4.29
N SER A 102 14.19 -9.95 -4.43
CA SER A 102 13.58 -11.31 -4.28
C SER A 102 14.16 -12.01 -3.05
N MET A 103 14.01 -13.32 -2.99
CA MET A 103 14.54 -14.07 -1.82
C MET A 103 16.08 -14.08 -1.87
N GLY A 104 16.72 -14.18 -0.73
CA GLY A 104 18.20 -14.20 -0.69
C GLY A 104 18.70 -15.59 -0.28
N ASN A 105 17.84 -16.41 0.25
CA ASN A 105 18.26 -17.77 0.66
C ASN A 105 18.31 -18.69 -0.56
N TYR A 106 18.28 -19.98 -0.36
CA TYR A 106 18.31 -20.93 -1.50
C TYR A 106 18.05 -22.35 -0.99
N ILE A 107 18.79 -22.79 -0.01
CA ILE A 107 18.54 -24.15 0.54
C ILE A 107 17.07 -24.25 0.95
N GLY A 108 16.44 -23.13 1.18
CA GLY A 108 15.01 -23.14 1.61
C GLY A 108 14.08 -23.34 0.41
N LEU A 109 14.20 -22.54 -0.62
CA LEU A 109 13.29 -22.70 -1.79
C LEU A 109 13.48 -24.05 -2.45
N ILE A 110 14.60 -24.68 -2.26
CA ILE A 110 14.77 -26.00 -2.90
C ILE A 110 13.79 -26.98 -2.27
N ASN A 111 13.64 -26.91 -0.99
CA ASN A 111 12.66 -27.79 -0.31
C ASN A 111 11.26 -27.38 -0.75
N ARG A 112 11.13 -26.22 -1.31
CA ARG A 112 9.79 -25.75 -1.75
C ARG A 112 9.40 -26.48 -3.02
N ILE A 113 10.22 -26.39 -4.02
CA ILE A 113 9.90 -27.08 -5.31
C ILE A 113 9.80 -28.57 -5.04
N ALA A 114 10.42 -29.01 -3.98
CA ALA A 114 10.36 -30.46 -3.64
C ALA A 114 8.92 -30.87 -3.41
N GLN A 115 8.36 -30.41 -2.34
CA GLN A 115 6.94 -30.75 -2.00
C GLN A 115 6.02 -30.14 -3.06
N LYS A 116 6.47 -29.19 -3.81
CA LYS A 116 5.59 -28.60 -4.84
C LYS A 116 5.38 -29.66 -5.92
N LYS A 117 6.42 -30.02 -6.61
CA LYS A 117 6.31 -31.07 -7.65
C LYS A 117 6.82 -32.38 -7.04
N ARG A 118 6.53 -32.57 -5.77
CA ARG A 118 6.95 -33.79 -5.02
C ARG A 118 8.30 -34.33 -5.54
N LEU A 119 9.35 -34.09 -4.80
CA LEU A 119 10.71 -34.60 -5.18
C LEU A 119 11.52 -34.86 -3.91
N THR A 120 12.79 -35.15 -4.06
CA THR A 120 13.66 -35.41 -2.87
C THR A 120 14.58 -34.21 -2.64
N VAL A 121 14.87 -33.87 -1.41
CA VAL A 121 15.77 -32.70 -1.15
C VAL A 121 16.66 -32.98 0.07
N ASN A 122 17.90 -33.33 -0.13
CA ASN A 122 18.81 -33.57 1.03
C ASN A 122 20.23 -33.12 0.67
N TYR A 123 21.08 -32.91 1.64
CA TYR A 123 22.47 -32.46 1.32
C TYR A 123 23.50 -33.20 2.16
N GLU A 124 24.53 -33.69 1.53
CA GLU A 124 25.63 -34.37 2.27
C GLU A 124 26.90 -33.61 1.93
N GLN A 125 28.04 -34.03 2.38
CA GLN A 125 29.26 -33.25 2.02
C GLN A 125 30.55 -33.89 2.56
N CYS A 126 31.59 -33.84 1.78
CA CYS A 126 32.91 -34.38 2.20
C CYS A 126 33.98 -33.30 1.96
N ALA A 127 34.35 -32.58 2.97
CA ALA A 127 35.36 -31.50 2.78
C ALA A 127 36.71 -32.12 2.40
N SER A 128 37.37 -31.58 1.41
CA SER A 128 38.69 -32.12 1.00
C SER A 128 39.80 -31.29 1.65
N GLY A 129 40.12 -31.57 2.88
CA GLY A 129 41.18 -30.80 3.59
C GLY A 129 42.45 -31.65 3.69
N VAL A 130 42.84 -32.29 2.62
CA VAL A 130 44.07 -33.13 2.68
C VAL A 130 45.27 -32.24 3.00
N HIS A 131 45.79 -31.53 2.03
CA HIS A 131 46.94 -30.66 2.29
C HIS A 131 46.46 -29.32 2.85
N GLY A 132 45.37 -28.82 2.34
CA GLY A 132 44.83 -27.52 2.83
C GLY A 132 44.31 -26.69 1.66
N PRO A 133 45.22 -26.21 0.85
CA PRO A 133 44.88 -25.39 -0.32
C PRO A 133 44.03 -26.19 -1.31
N GLU A 134 43.73 -27.41 -0.99
CA GLU A 134 42.91 -28.24 -1.92
C GLU A 134 41.55 -27.56 -2.15
N GLY A 135 40.56 -27.90 -1.38
CA GLY A 135 39.22 -27.27 -1.57
C GLY A 135 38.18 -28.03 -0.76
N PHE A 136 36.92 -27.73 -0.99
CA PHE A 136 35.84 -28.42 -0.23
C PHE A 136 34.88 -29.04 -1.23
N HIS A 137 34.72 -30.35 -1.17
CA HIS A 137 33.80 -31.01 -2.13
C HIS A 137 32.48 -31.32 -1.44
N TYR A 138 31.38 -30.92 -2.03
CA TYR A 138 30.06 -31.19 -1.41
C TYR A 138 29.25 -32.08 -2.33
N LYS A 139 28.26 -32.71 -1.79
CA LYS A 139 27.42 -33.61 -2.60
C LYS A 139 25.96 -33.43 -2.17
N CYS A 140 25.06 -33.39 -3.10
CA CYS A 140 23.63 -33.21 -2.72
C CYS A 140 22.75 -33.79 -3.82
N LYS A 141 21.60 -34.30 -3.46
CA LYS A 141 20.71 -34.88 -4.49
C LYS A 141 19.36 -34.18 -4.45
N MET A 142 18.78 -33.95 -5.60
CA MET A 142 17.47 -33.27 -5.65
C MET A 142 16.66 -33.86 -6.80
N GLY A 143 15.42 -33.46 -6.94
CA GLY A 143 14.60 -34.02 -8.04
C GLY A 143 14.16 -35.43 -7.65
N GLN A 144 13.90 -36.28 -8.61
CA GLN A 144 13.49 -37.67 -8.27
C GLN A 144 14.46 -38.66 -8.92
N LYS A 145 15.27 -38.19 -9.83
CA LYS A 145 16.26 -39.09 -10.49
C LYS A 145 17.52 -38.31 -10.87
N GLU A 146 18.00 -37.43 -10.01
CA GLU A 146 19.23 -36.64 -10.35
C GLU A 146 20.06 -36.40 -9.07
N TYR A 147 21.36 -36.44 -9.21
CA TYR A 147 22.26 -36.22 -8.03
C TYR A 147 23.03 -34.91 -8.19
N SER A 148 22.51 -33.84 -7.66
CA SER A 148 23.21 -32.52 -7.78
C SER A 148 24.53 -32.52 -6.97
N ILE A 149 25.55 -33.17 -7.46
CA ILE A 149 26.85 -33.15 -6.73
C ILE A 149 27.54 -31.82 -7.02
N GLY A 150 27.98 -31.10 -6.01
CA GLY A 150 28.65 -29.79 -6.29
C GLY A 150 29.87 -29.61 -5.39
N THR A 151 30.87 -28.91 -5.87
CA THR A 151 32.10 -28.65 -5.06
C THR A 151 32.29 -27.14 -4.93
N GLY A 152 32.79 -26.68 -3.80
CA GLY A 152 32.96 -25.21 -3.62
C GLY A 152 34.31 -24.90 -2.96
N SER A 153 34.73 -23.67 -3.04
CA SER A 153 36.03 -23.27 -2.42
C SER A 153 35.90 -23.19 -0.90
N THR A 154 34.75 -22.80 -0.43
CA THR A 154 34.56 -22.69 1.04
C THR A 154 33.30 -23.45 1.44
N LYS A 155 33.25 -23.91 2.66
CA LYS A 155 32.06 -24.66 3.14
C LYS A 155 30.80 -23.86 2.85
N GLN A 156 30.90 -22.57 2.92
CA GLN A 156 29.71 -21.72 2.67
C GLN A 156 29.45 -21.61 1.17
N GLU A 157 30.46 -21.36 0.40
CA GLU A 157 30.25 -21.24 -1.06
C GLU A 157 29.62 -22.55 -1.57
N ALA A 158 29.95 -23.64 -0.94
CA ALA A 158 29.38 -24.95 -1.37
C ALA A 158 27.87 -25.00 -1.13
N LYS A 159 27.47 -24.85 0.10
CA LYS A 159 26.02 -24.92 0.45
C LYS A 159 25.16 -24.11 -0.53
N GLN A 160 25.43 -22.84 -0.66
CA GLN A 160 24.61 -22.00 -1.56
C GLN A 160 24.60 -22.62 -2.96
N LEU A 161 25.75 -22.90 -3.48
CA LEU A 161 25.81 -23.50 -4.83
C LEU A 161 25.19 -24.90 -4.78
N ALA A 162 25.25 -25.55 -3.66
CA ALA A 162 24.64 -26.90 -3.58
C ALA A 162 23.18 -26.78 -4.04
N ALA A 163 22.45 -25.86 -3.47
CA ALA A 163 21.05 -25.66 -3.90
C ALA A 163 21.05 -25.18 -5.36
N LYS A 164 21.67 -24.05 -5.62
CA LYS A 164 21.73 -23.52 -7.00
C LYS A 164 21.90 -24.65 -8.01
N LEU A 165 22.81 -25.55 -7.75
CA LEU A 165 23.05 -26.68 -8.69
C LEU A 165 21.76 -27.43 -8.96
N ALA A 166 21.17 -27.98 -7.94
CA ALA A 166 19.88 -28.73 -8.11
C ALA A 166 18.78 -27.74 -8.46
N TYR A 167 18.70 -26.70 -7.72
CA TYR A 167 17.67 -25.68 -7.97
C TYR A 167 17.67 -25.31 -9.45
N LEU A 168 18.80 -24.90 -9.97
CA LEU A 168 18.88 -24.55 -11.41
C LEU A 168 18.69 -25.81 -12.25
N GLN A 169 18.68 -26.96 -11.62
CA GLN A 169 18.50 -28.23 -12.38
C GLN A 169 17.03 -28.50 -12.59
N ILE A 170 16.25 -28.29 -11.58
CA ILE A 170 14.79 -28.51 -11.71
C ILE A 170 14.31 -27.65 -12.86
N LEU A 171 14.93 -26.52 -13.04
CA LEU A 171 14.52 -25.62 -14.14
C LEU A 171 14.84 -26.28 -15.46
N SER A 172 16.01 -26.85 -15.53
CA SER A 172 16.43 -27.54 -16.77
C SER A 172 15.73 -28.90 -16.86
N GLU A 173 15.18 -29.38 -15.77
CA GLU A 173 14.50 -30.70 -15.83
C GLU A 173 13.20 -30.58 -16.63
N GLU A 174 13.22 -30.94 -17.88
CA GLU A 174 11.99 -30.87 -18.70
C GLU A 174 11.19 -32.16 -18.52
N THR A 175 11.73 -33.09 -17.76
CA THR A 175 11.02 -34.37 -17.54
C THR A 175 10.07 -34.23 -16.34
N GLY A 176 8.84 -34.63 -16.51
CA GLY A 176 7.86 -34.52 -15.40
C GLY A 176 6.44 -34.60 -15.93
N SER A 177 6.25 -35.26 -17.05
CA SER A 177 4.88 -35.37 -17.62
C SER A 177 4.33 -36.78 -17.36
N GLY A 178 5.20 -37.74 -17.21
CA GLY A 178 4.72 -39.13 -16.95
C GLY A 178 5.72 -40.14 -17.55
N CYS A 179 6.88 -39.68 -17.95
CA CYS A 179 7.89 -40.60 -18.54
C CYS A 179 9.26 -40.31 -17.94
N GLY A 1 -28.11 20.56 18.91
CA GLY A 1 -27.14 21.53 18.34
C GLY A 1 -27.60 22.96 18.71
N SER A 2 -26.66 23.86 18.83
CA SER A 2 -26.99 25.28 19.16
C SER A 2 -27.98 25.35 20.33
N HIS A 3 -28.65 26.46 20.49
CA HIS A 3 -29.63 26.59 21.60
C HIS A 3 -30.61 27.73 21.31
N MET A 4 -30.14 28.94 21.32
CA MET A 4 -31.05 30.10 21.07
C MET A 4 -31.70 29.97 19.69
N GLU A 5 -31.57 30.97 18.86
CA GLU A 5 -32.19 30.91 17.50
C GLU A 5 -31.39 31.80 16.54
N MET A 6 -30.09 31.81 16.69
CA MET A 6 -29.25 32.65 15.79
C MET A 6 -27.89 31.97 15.58
N ALA A 7 -26.93 32.71 15.08
CA ALA A 7 -25.58 32.13 14.87
C ALA A 7 -24.84 32.05 16.21
N GLY A 8 -24.44 30.88 16.61
CA GLY A 8 -23.71 30.74 17.90
C GLY A 8 -22.27 31.21 17.72
N ASP A 9 -22.06 32.21 16.91
CA ASP A 9 -20.68 32.71 16.67
C ASP A 9 -20.32 33.75 17.72
N LEU A 10 -19.18 34.36 17.58
CA LEU A 10 -18.76 35.38 18.57
C LEU A 10 -17.77 36.34 17.93
N SER A 11 -17.51 36.16 16.66
CA SER A 11 -16.55 37.08 15.99
C SER A 11 -16.81 37.08 14.48
N ALA A 12 -18.02 36.82 14.09
CA ALA A 12 -18.35 36.82 12.63
C ALA A 12 -17.85 35.53 11.98
N GLY A 13 -17.74 34.47 12.72
CA GLY A 13 -17.25 33.19 12.12
C GLY A 13 -17.08 32.13 13.21
N PHE A 14 -17.60 30.96 13.02
CA PHE A 14 -17.48 29.89 14.05
C PHE A 14 -16.97 28.60 13.40
N PHE A 15 -17.83 27.89 12.73
CA PHE A 15 -17.40 26.64 12.07
C PHE A 15 -16.48 27.04 10.91
N MET A 16 -16.55 28.29 10.54
CA MET A 16 -15.68 28.81 9.46
C MET A 16 -14.29 29.03 10.04
N GLU A 17 -14.21 29.70 11.18
CA GLU A 17 -12.88 29.94 11.79
C GLU A 17 -12.20 28.59 11.98
N GLU A 18 -12.96 27.54 12.14
CA GLU A 18 -12.34 26.21 12.33
C GLU A 18 -12.00 25.62 10.96
N LEU A 19 -12.98 25.43 10.14
CA LEU A 19 -12.72 24.88 8.79
C LEU A 19 -11.70 25.80 8.10
N ASN A 20 -11.83 27.08 8.30
CA ASN A 20 -10.88 28.04 7.68
C ASN A 20 -9.47 27.79 8.23
N THR A 21 -9.36 27.07 9.31
CA THR A 21 -8.02 26.82 9.91
C THR A 21 -7.21 25.86 9.04
N TYR A 22 -7.63 24.63 8.92
CA TYR A 22 -6.83 23.66 8.10
C TYR A 22 -6.71 24.17 6.66
N ARG A 23 -7.73 24.78 6.15
CA ARG A 23 -7.68 25.29 4.74
C ARG A 23 -6.39 26.08 4.55
N GLN A 24 -5.94 26.75 5.58
CA GLN A 24 -4.68 27.51 5.48
C GLN A 24 -3.52 26.51 5.50
N LYS A 25 -3.71 25.41 6.20
CA LYS A 25 -2.64 24.38 6.27
C LYS A 25 -2.64 23.56 4.98
N GLN A 26 -3.69 23.65 4.20
CA GLN A 26 -3.76 22.86 2.94
C GLN A 26 -3.46 23.77 1.76
N GLY A 27 -3.56 25.06 1.96
CA GLY A 27 -3.28 26.01 0.85
C GLY A 27 -4.47 26.02 -0.11
N VAL A 28 -5.66 26.04 0.41
CA VAL A 28 -6.86 26.07 -0.46
C VAL A 28 -7.52 27.44 -0.31
N VAL A 29 -8.74 27.62 -0.76
CA VAL A 29 -9.36 28.98 -0.62
C VAL A 29 -10.87 28.85 -0.39
N LEU A 30 -11.39 29.59 0.56
CA LEU A 30 -12.84 29.53 0.86
C LEU A 30 -13.59 30.51 -0.03
N LYS A 31 -14.42 30.02 -0.93
CA LYS A 31 -15.20 30.93 -1.82
C LYS A 31 -16.69 30.75 -1.51
N TYR A 32 -17.25 31.65 -0.77
CA TYR A 32 -18.70 31.53 -0.40
C TYR A 32 -19.57 32.34 -1.37
N GLN A 33 -20.60 31.72 -1.90
CA GLN A 33 -21.51 32.44 -2.82
C GLN A 33 -22.95 32.21 -2.36
N GLU A 34 -23.67 33.27 -2.11
CA GLU A 34 -25.07 33.12 -1.63
C GLU A 34 -26.05 32.98 -2.81
N LEU A 35 -27.03 32.12 -2.67
CA LEU A 35 -28.04 31.94 -3.76
C LEU A 35 -29.45 31.88 -3.10
N PRO A 36 -29.94 33.01 -2.65
CA PRO A 36 -31.26 33.09 -1.97
C PRO A 36 -32.40 32.84 -2.96
N ASN A 37 -33.58 32.55 -2.43
CA ASN A 37 -34.77 32.28 -3.29
C ASN A 37 -34.35 31.45 -4.51
N SER A 38 -34.42 30.16 -4.40
CA SER A 38 -34.03 29.28 -5.54
C SER A 38 -35.04 28.13 -5.70
N GLY A 39 -35.88 27.89 -4.71
CA GLY A 39 -36.87 26.77 -4.82
C GLY A 39 -38.14 27.26 -5.55
N PRO A 40 -38.54 26.56 -6.60
CA PRO A 40 -39.74 26.93 -7.37
C PRO A 40 -41.04 26.98 -6.52
N PRO A 41 -41.27 25.99 -5.68
CA PRO A 41 -42.52 25.95 -4.89
C PRO A 41 -42.61 27.12 -3.89
N HIS A 42 -42.50 28.33 -4.37
CA HIS A 42 -42.59 29.50 -3.46
C HIS A 42 -41.82 29.23 -2.17
N ASP A 43 -40.93 28.29 -2.20
CA ASP A 43 -40.14 27.96 -0.99
C ASP A 43 -38.89 28.83 -0.99
N ARG A 44 -39.03 30.08 -0.62
CA ARG A 44 -37.85 30.98 -0.60
C ARG A 44 -36.81 30.48 0.41
N ARG A 45 -36.22 29.33 0.16
CA ARG A 45 -35.20 28.83 1.12
C ARG A 45 -33.87 29.54 0.87
N PHE A 46 -32.86 29.20 1.61
CA PHE A 46 -31.53 29.84 1.43
C PHE A 46 -30.57 28.80 0.86
N THR A 47 -30.32 28.88 -0.41
CA THR A 47 -29.38 27.89 -1.05
C THR A 47 -28.00 28.52 -1.18
N PHE A 48 -27.11 28.20 -0.29
CA PHE A 48 -25.74 28.79 -0.36
C PHE A 48 -24.80 27.83 -1.12
N GLN A 49 -23.64 28.31 -1.46
CA GLN A 49 -22.65 27.48 -2.18
C GLN A 49 -21.27 27.79 -1.59
N VAL A 50 -20.35 26.85 -1.58
CA VAL A 50 -19.03 27.15 -0.99
C VAL A 50 -17.95 26.22 -1.54
N ILE A 51 -16.90 26.78 -2.09
CA ILE A 51 -15.79 25.94 -2.63
C ILE A 51 -14.71 25.88 -1.56
N ILE A 52 -13.69 25.09 -1.76
CA ILE A 52 -12.62 24.98 -0.72
C ILE A 52 -11.30 25.42 -1.32
N ASP A 53 -11.06 25.05 -2.54
CA ASP A 53 -9.82 25.41 -3.24
C ASP A 53 -10.16 26.23 -4.48
N GLY A 54 -10.72 25.59 -5.47
CA GLY A 54 -11.10 26.29 -6.73
C GLY A 54 -11.48 25.27 -7.79
N ARG A 55 -12.07 24.16 -7.38
CA ARG A 55 -12.46 23.12 -8.38
C ARG A 55 -13.67 22.32 -7.90
N GLU A 56 -14.02 22.43 -6.65
CA GLU A 56 -15.17 21.66 -6.14
C GLU A 56 -16.44 22.51 -6.22
N PHE A 57 -17.55 22.01 -5.74
CA PHE A 57 -18.80 22.82 -5.81
C PHE A 57 -19.84 22.39 -4.76
N PRO A 58 -19.39 22.07 -3.56
CA PRO A 58 -20.32 21.67 -2.49
C PRO A 58 -21.44 22.72 -2.33
N GLU A 59 -22.47 22.40 -1.59
CA GLU A 59 -23.58 23.37 -1.40
C GLU A 59 -24.63 22.77 -0.47
N GLY A 60 -25.47 23.60 0.10
CA GLY A 60 -26.53 23.09 1.03
C GLY A 60 -27.60 24.16 1.20
N GLU A 61 -28.79 23.79 1.61
CA GLU A 61 -29.87 24.80 1.77
C GLU A 61 -30.47 24.72 3.17
N GLY A 62 -31.26 25.69 3.52
CA GLY A 62 -31.91 25.73 4.86
C GLY A 62 -33.03 26.77 4.83
N ARG A 63 -32.71 28.00 5.12
CA ARG A 63 -33.73 29.07 5.08
C ARG A 63 -33.09 30.43 5.38
N SER A 64 -33.89 31.44 5.61
CA SER A 64 -33.33 32.79 5.87
C SER A 64 -32.68 32.90 7.26
N LYS A 65 -31.46 32.42 7.39
CA LYS A 65 -30.75 32.55 8.71
C LYS A 65 -29.40 31.82 8.68
N LYS A 66 -28.74 31.80 9.82
CA LYS A 66 -27.39 31.16 9.93
C LYS A 66 -27.38 29.74 9.40
N GLU A 67 -28.40 28.98 9.65
CA GLU A 67 -28.41 27.57 9.16
C GLU A 67 -27.96 27.55 7.70
N ALA A 68 -27.99 28.68 7.05
CA ALA A 68 -27.55 28.75 5.64
C ALA A 68 -26.03 28.75 5.60
N LYS A 69 -25.40 29.82 6.02
CA LYS A 69 -23.90 29.86 5.99
C LYS A 69 -23.35 28.70 6.82
N ASN A 70 -24.02 28.34 7.88
CA ASN A 70 -23.54 27.23 8.72
C ASN A 70 -23.65 25.92 7.93
N ALA A 71 -24.74 25.72 7.24
CA ALA A 71 -24.89 24.48 6.45
C ALA A 71 -23.79 24.44 5.38
N ALA A 72 -23.53 25.57 4.78
CA ALA A 72 -22.47 25.63 3.73
C ALA A 72 -21.12 25.25 4.35
N ALA A 73 -20.77 25.91 5.41
CA ALA A 73 -19.45 25.60 6.05
C ALA A 73 -19.51 24.22 6.72
N LYS A 74 -20.62 23.92 7.36
CA LYS A 74 -20.74 22.59 8.04
C LYS A 74 -20.60 21.45 7.05
N LEU A 75 -21.41 21.43 6.04
CA LEU A 75 -21.36 20.31 5.07
C LEU A 75 -19.99 20.24 4.41
N ALA A 76 -19.31 21.34 4.33
CA ALA A 76 -17.95 21.33 3.70
C ALA A 76 -17.03 20.43 4.53
N VAL A 77 -17.15 20.50 5.82
CA VAL A 77 -16.31 19.65 6.70
C VAL A 77 -16.65 18.17 6.45
N GLU A 78 -17.89 17.89 6.16
CA GLU A 78 -18.30 16.48 5.92
C GLU A 78 -17.51 15.90 4.74
N ILE A 79 -16.98 16.75 3.90
CA ILE A 79 -16.19 16.26 2.73
C ILE A 79 -14.82 15.78 3.20
N LEU A 80 -14.18 16.56 4.04
CA LEU A 80 -12.85 16.12 4.55
C LEU A 80 -13.07 14.81 5.26
N ASN A 81 -14.22 14.69 5.86
CA ASN A 81 -14.56 13.44 6.59
C ASN A 81 -14.38 12.28 5.61
N LYS A 82 -14.82 12.45 4.39
CA LYS A 82 -14.62 11.39 3.38
C LYS A 82 -13.14 11.39 3.01
N GLU A 83 -12.83 11.43 1.75
CA GLU A 83 -11.39 11.42 1.34
C GLU A 83 -10.65 10.33 2.11
N LYS A 84 -11.39 9.51 2.80
CA LYS A 84 -10.77 8.41 3.58
C LYS A 84 -10.37 7.27 2.63
N LYS A 85 -10.46 7.51 1.35
CA LYS A 85 -10.11 6.44 0.37
C LYS A 85 -8.59 6.25 0.29
N ALA A 86 -8.14 5.39 -0.58
CA ALA A 86 -6.68 5.14 -0.72
C ALA A 86 -6.04 6.27 -1.53
N VAL A 87 -5.34 7.14 -0.87
CA VAL A 87 -4.68 8.26 -1.59
C VAL A 87 -3.37 8.62 -0.88
N SER A 88 -3.33 8.43 0.42
CA SER A 88 -2.08 8.78 1.17
C SER A 88 -1.19 7.56 1.45
N PRO A 89 -1.73 6.37 1.46
CA PRO A 89 -0.90 5.17 1.73
C PRO A 89 0.08 4.90 0.58
N LEU A 90 0.93 3.92 0.74
CA LEU A 90 1.92 3.61 -0.33
C LEU A 90 1.27 2.71 -1.39
N LEU A 91 1.62 2.90 -2.64
CA LEU A 91 1.03 2.06 -3.72
C LEU A 91 1.95 0.88 -4.02
N LEU A 92 3.19 0.97 -3.61
CA LEU A 92 4.14 -0.15 -3.86
C LEU A 92 4.04 -1.19 -2.74
N THR A 93 4.15 -2.45 -3.08
CA THR A 93 4.07 -3.52 -2.03
C THR A 93 5.31 -4.41 -2.13
N THR A 94 6.30 -3.99 -2.87
CA THR A 94 7.53 -4.80 -3.03
C THR A 94 8.60 -4.33 -2.01
N THR A 95 9.50 -5.20 -1.63
CA THR A 95 10.55 -4.81 -0.64
C THR A 95 11.85 -4.43 -1.36
N ASN A 96 11.91 -4.60 -2.65
CA ASN A 96 13.16 -4.24 -3.38
C ASN A 96 14.33 -5.00 -2.76
N SER A 97 14.06 -5.91 -1.86
CA SER A 97 15.15 -6.70 -1.22
C SER A 97 16.23 -5.74 -0.70
N SER A 98 15.94 -4.47 -0.65
CA SER A 98 16.96 -3.49 -0.15
C SER A 98 16.90 -3.42 1.37
N GLU A 99 15.90 -4.02 1.97
CA GLU A 99 15.79 -4.01 3.45
C GLU A 99 16.71 -5.09 4.04
N GLY A 100 16.75 -5.20 5.34
CA GLY A 100 17.63 -6.23 5.97
C GLY A 100 16.99 -7.62 5.76
N LEU A 101 17.12 -8.49 6.72
CA LEU A 101 16.53 -9.85 6.57
C LEU A 101 16.93 -10.44 5.22
N SER A 102 16.08 -11.24 4.64
CA SER A 102 16.43 -11.84 3.31
C SER A 102 15.17 -12.47 2.70
N MET A 103 14.53 -13.34 3.42
CA MET A 103 13.30 -13.99 2.87
C MET A 103 13.58 -14.53 1.47
N GLY A 104 14.82 -14.79 1.16
CA GLY A 104 15.16 -15.33 -0.19
C GLY A 104 16.40 -16.20 -0.10
N ASN A 105 16.42 -17.14 0.80
CA ASN A 105 17.62 -18.03 0.92
C ASN A 105 17.69 -18.95 -0.30
N TYR A 106 18.88 -19.27 -0.74
CA TYR A 106 19.02 -20.15 -1.93
C TYR A 106 18.49 -21.54 -1.60
N ILE A 107 19.13 -22.25 -0.72
CA ILE A 107 18.60 -23.61 -0.38
C ILE A 107 17.14 -23.45 0.04
N GLY A 108 16.73 -22.24 0.33
CA GLY A 108 15.32 -22.01 0.72
C GLY A 108 14.41 -22.10 -0.52
N LEU A 109 14.67 -21.30 -1.52
CA LEU A 109 13.83 -21.34 -2.74
C LEU A 109 14.06 -22.64 -3.49
N ILE A 110 15.07 -23.37 -3.15
CA ILE A 110 15.29 -24.64 -3.86
C ILE A 110 14.14 -25.58 -3.54
N ASN A 111 13.71 -25.58 -2.32
CA ASN A 111 12.55 -26.41 -1.94
C ASN A 111 11.30 -25.83 -2.59
N ARG A 112 11.37 -24.61 -3.04
CA ARG A 112 10.19 -23.97 -3.68
C ARG A 112 9.99 -24.55 -5.07
N ILE A 113 11.00 -24.47 -5.89
CA ILE A 113 10.87 -25.03 -7.26
C ILE A 113 10.52 -26.51 -7.15
N ALA A 114 10.90 -27.10 -6.05
CA ALA A 114 10.60 -28.54 -5.84
C ALA A 114 9.10 -28.76 -5.90
N GLN A 115 8.40 -28.32 -4.90
CA GLN A 115 6.93 -28.49 -4.87
C GLN A 115 6.29 -27.69 -6.01
N LYS A 116 7.03 -26.83 -6.64
CA LYS A 116 6.45 -26.05 -7.77
C LYS A 116 6.17 -27.00 -8.92
N LYS A 117 7.21 -27.49 -9.53
CA LYS A 117 7.04 -28.44 -10.64
C LYS A 117 7.15 -29.86 -10.08
N ARG A 118 6.53 -30.05 -8.95
CA ARG A 118 6.54 -31.37 -8.24
C ARG A 118 7.85 -32.14 -8.48
N LEU A 119 8.73 -32.10 -7.51
CA LEU A 119 10.02 -32.86 -7.58
C LEU A 119 10.42 -33.25 -6.16
N THR A 120 11.56 -33.82 -6.01
CA THR A 120 12.05 -34.19 -4.66
C THR A 120 13.11 -33.16 -4.25
N VAL A 121 13.37 -33.03 -2.98
CA VAL A 121 14.40 -32.03 -2.56
C VAL A 121 15.17 -32.58 -1.37
N ASN A 122 16.35 -33.12 -1.57
CA ASN A 122 17.12 -33.65 -0.41
C ASN A 122 18.62 -33.44 -0.65
N TYR A 123 19.39 -33.25 0.40
CA TYR A 123 20.85 -33.02 0.21
C TYR A 123 21.68 -33.95 1.10
N GLU A 124 22.70 -34.57 0.53
CA GLU A 124 23.59 -35.46 1.34
C GLU A 124 24.99 -34.86 1.30
N GLN A 125 26.02 -35.59 1.69
CA GLN A 125 27.37 -34.96 1.65
C GLN A 125 28.49 -35.95 1.97
N CYS A 126 29.56 -35.88 1.22
CA CYS A 126 30.75 -36.75 1.44
C CYS A 126 32.00 -35.86 1.50
N ALA A 127 32.33 -35.35 2.65
CA ALA A 127 33.50 -34.44 2.76
C ALA A 127 34.81 -35.20 2.48
N SER A 128 35.59 -34.72 1.54
CA SER A 128 36.88 -35.41 1.22
C SER A 128 38.00 -34.69 1.96
N GLY A 129 37.81 -34.37 3.20
CA GLY A 129 38.87 -33.67 3.98
C GLY A 129 39.82 -34.68 4.60
N VAL A 130 40.57 -35.40 3.81
CA VAL A 130 41.51 -36.40 4.37
C VAL A 130 42.52 -35.69 5.27
N HIS A 131 43.50 -35.04 4.68
CA HIS A 131 44.51 -34.34 5.49
C HIS A 131 43.98 -32.98 5.92
N GLY A 132 43.42 -32.24 5.01
CA GLY A 132 42.88 -30.90 5.37
C GLY A 132 42.81 -30.01 4.13
N PRO A 133 43.96 -29.64 3.63
CA PRO A 133 44.04 -28.79 2.43
C PRO A 133 43.38 -29.51 1.26
N GLU A 134 42.89 -30.70 1.50
CA GLU A 134 42.23 -31.48 0.44
C GLU A 134 40.98 -30.72 -0.04
N GLY A 135 39.83 -31.35 -0.07
CA GLY A 135 38.61 -30.62 -0.51
C GLY A 135 37.36 -31.25 0.11
N PHE A 136 36.23 -30.61 -0.02
CA PHE A 136 34.98 -31.16 0.56
C PHE A 136 34.00 -31.44 -0.57
N HIS A 137 33.62 -32.67 -0.75
CA HIS A 137 32.68 -33.01 -1.84
C HIS A 137 31.27 -33.15 -1.28
N TYR A 138 30.34 -32.40 -1.79
CA TYR A 138 28.94 -32.49 -1.29
C TYR A 138 28.07 -32.93 -2.45
N LYS A 139 26.84 -33.25 -2.20
CA LYS A 139 25.97 -33.68 -3.31
C LYS A 139 24.53 -33.32 -3.03
N CYS A 140 23.73 -33.21 -4.05
CA CYS A 140 22.30 -32.86 -3.85
C CYS A 140 21.49 -33.38 -5.03
N LYS A 141 20.29 -33.79 -4.80
CA LYS A 141 19.48 -34.32 -5.92
C LYS A 141 18.09 -33.70 -5.94
N MET A 142 17.39 -33.93 -7.00
CA MET A 142 16.01 -33.40 -7.13
C MET A 142 15.09 -34.53 -7.58
N GLY A 143 13.83 -34.29 -7.64
CA GLY A 143 12.89 -35.36 -8.06
C GLY A 143 13.12 -35.73 -9.51
N GLN A 144 12.17 -36.37 -10.11
CA GLN A 144 12.32 -36.78 -11.53
C GLN A 144 13.51 -37.75 -11.65
N LYS A 145 14.53 -37.41 -12.40
CA LYS A 145 15.70 -38.33 -12.52
C LYS A 145 16.98 -37.51 -12.69
N GLU A 146 17.31 -36.66 -11.75
CA GLU A 146 18.54 -35.84 -11.88
C GLU A 146 19.28 -35.77 -10.54
N TYR A 147 20.59 -35.71 -10.58
CA TYR A 147 21.39 -35.66 -9.32
C TYR A 147 22.28 -34.40 -9.31
N SER A 148 21.75 -33.30 -8.83
CA SER A 148 22.57 -32.05 -8.78
C SER A 148 23.75 -32.24 -7.82
N ILE A 149 24.69 -33.06 -8.18
CA ILE A 149 25.87 -33.28 -7.28
C ILE A 149 26.75 -32.03 -7.31
N GLY A 150 27.36 -31.67 -6.20
CA GLY A 150 28.21 -30.44 -6.20
C GLY A 150 29.47 -30.64 -5.34
N THR A 151 30.17 -29.56 -5.10
CA THR A 151 31.42 -29.63 -4.28
C THR A 151 31.51 -28.36 -3.42
N GLY A 152 32.60 -28.16 -2.74
CA GLY A 152 32.72 -26.93 -1.90
C GLY A 152 34.07 -26.89 -1.19
N SER A 153 34.56 -25.71 -0.93
CA SER A 153 35.87 -25.58 -0.23
C SER A 153 35.67 -25.89 1.25
N THR A 154 34.54 -25.51 1.78
CA THR A 154 34.25 -25.77 3.22
C THR A 154 32.85 -26.36 3.33
N LYS A 155 32.56 -26.98 4.43
CA LYS A 155 31.22 -27.58 4.61
C LYS A 155 30.13 -26.55 4.33
N GLN A 156 30.27 -25.39 4.89
CA GLN A 156 29.25 -24.34 4.69
C GLN A 156 29.30 -23.79 3.27
N GLU A 157 30.47 -23.53 2.75
CA GLU A 157 30.54 -22.99 1.36
C GLU A 157 29.89 -24.00 0.42
N ALA A 158 29.93 -25.25 0.78
CA ALA A 158 29.34 -26.30 -0.10
C ALA A 158 27.81 -26.16 -0.19
N LYS A 159 27.12 -26.38 0.91
CA LYS A 159 25.63 -26.31 0.89
C LYS A 159 25.12 -25.09 0.11
N GLN A 160 25.63 -23.92 0.36
CA GLN A 160 25.12 -22.72 -0.37
C GLN A 160 25.21 -22.95 -1.87
N LEU A 161 26.37 -23.27 -2.35
CA LEU A 161 26.52 -23.49 -3.81
C LEU A 161 25.77 -24.76 -4.22
N ALA A 162 25.63 -25.72 -3.33
CA ALA A 162 24.89 -26.94 -3.73
C ALA A 162 23.55 -26.50 -4.33
N ALA A 163 22.93 -25.51 -3.74
CA ALA A 163 21.65 -25.00 -4.29
C ALA A 163 21.91 -24.43 -5.68
N LYS A 164 22.70 -23.38 -5.77
CA LYS A 164 23.01 -22.78 -7.11
C LYS A 164 23.23 -23.89 -8.14
N LEU A 165 23.83 -24.98 -7.73
CA LEU A 165 24.09 -26.12 -8.67
C LEU A 165 22.75 -26.61 -9.27
N ALA A 166 21.89 -27.12 -8.43
CA ALA A 166 20.56 -27.62 -8.91
C ALA A 166 19.69 -26.46 -9.34
N TYR A 167 19.54 -25.52 -8.47
CA TYR A 167 18.70 -24.33 -8.74
C TYR A 167 18.89 -23.84 -10.18
N LEU A 168 20.06 -23.42 -10.54
CA LEU A 168 20.29 -22.94 -11.93
C LEU A 168 20.16 -24.09 -12.92
N GLN A 169 20.11 -25.31 -12.44
CA GLN A 169 20.00 -26.48 -13.36
C GLN A 169 18.55 -26.69 -13.74
N ILE A 170 17.67 -26.58 -12.80
CA ILE A 170 16.23 -26.76 -13.10
C ILE A 170 15.89 -25.78 -14.22
N LEU A 171 16.57 -24.67 -14.22
CA LEU A 171 16.31 -23.66 -15.28
C LEU A 171 16.75 -24.26 -16.61
N SER A 172 17.89 -24.88 -16.61
CA SER A 172 18.41 -25.52 -17.84
C SER A 172 17.67 -26.84 -18.09
N GLU A 173 17.05 -27.40 -17.08
CA GLU A 173 16.33 -28.68 -17.32
C GLU A 173 15.12 -28.44 -18.22
N GLU A 174 15.18 -28.92 -19.44
CA GLU A 174 14.02 -28.73 -20.35
C GLU A 174 13.00 -29.82 -20.05
N THR A 175 13.35 -30.74 -19.21
CA THR A 175 12.42 -31.85 -18.86
C THR A 175 11.57 -31.43 -17.66
N GLY A 176 10.36 -31.91 -17.59
CA GLY A 176 9.48 -31.54 -16.44
C GLY A 176 8.70 -30.26 -16.78
N SER A 177 8.80 -29.81 -18.01
CA SER A 177 8.07 -28.56 -18.40
C SER A 177 6.76 -28.94 -19.08
N GLY A 178 6.59 -30.19 -19.43
CA GLY A 178 5.33 -30.61 -20.10
C GLY A 178 5.45 -32.07 -20.54
N CYS A 179 6.61 -32.65 -20.41
CA CYS A 179 6.79 -34.07 -20.82
C CYS A 179 7.32 -34.88 -19.63
N GLY A 1 -36.54 35.42 19.06
CA GLY A 1 -36.55 34.48 20.22
C GLY A 1 -35.92 33.15 19.80
N SER A 2 -35.17 32.54 20.68
CA SER A 2 -34.53 31.24 20.34
C SER A 2 -33.75 31.38 19.02
N HIS A 3 -33.55 30.29 18.32
CA HIS A 3 -32.80 30.36 17.03
C HIS A 3 -33.55 31.26 16.03
N MET A 4 -33.08 32.45 15.80
CA MET A 4 -33.75 33.35 14.84
C MET A 4 -33.91 32.63 13.50
N GLU A 5 -33.05 32.95 12.57
CA GLU A 5 -33.13 32.28 11.24
C GLU A 5 -31.73 32.28 10.61
N MET A 6 -30.72 32.17 11.43
CA MET A 6 -29.32 32.17 10.90
C MET A 6 -28.44 31.34 11.84
N ALA A 7 -27.15 31.52 11.76
CA ALA A 7 -26.23 30.75 12.65
C ALA A 7 -26.22 31.40 14.04
N GLY A 8 -25.17 32.09 14.35
CA GLY A 8 -25.08 32.76 15.69
C GLY A 8 -23.61 32.82 16.12
N ASP A 9 -22.72 32.95 15.17
CA ASP A 9 -21.27 33.01 15.52
C ASP A 9 -20.87 34.44 15.86
N LEU A 10 -19.64 34.62 16.24
CA LEU A 10 -19.17 35.98 16.61
C LEU A 10 -17.71 36.12 16.15
N SER A 11 -17.26 35.22 15.32
CA SER A 11 -15.85 35.31 14.84
C SER A 11 -15.70 34.55 13.52
N ALA A 12 -16.17 35.12 12.45
CA ALA A 12 -16.05 34.45 11.11
C ALA A 12 -17.18 33.42 10.95
N GLY A 13 -17.03 32.29 11.58
CA GLY A 13 -18.08 31.23 11.48
C GLY A 13 -18.11 30.45 12.80
N PHE A 14 -18.13 29.14 12.71
CA PHE A 14 -18.16 28.34 13.96
C PHE A 14 -17.72 26.91 13.66
N PHE A 15 -18.54 26.18 12.96
CA PHE A 15 -18.17 24.79 12.60
C PHE A 15 -17.02 24.86 11.60
N MET A 16 -16.85 26.01 11.01
CA MET A 16 -15.75 26.22 10.04
C MET A 16 -14.46 26.43 10.83
N GLU A 17 -14.51 27.25 11.84
CA GLU A 17 -13.29 27.49 12.65
C GLU A 17 -12.83 26.16 13.22
N GLU A 18 -13.74 25.25 13.44
CA GLU A 18 -13.34 23.93 13.99
C GLU A 18 -12.87 23.04 12.85
N LEU A 19 -13.69 22.90 11.86
CA LEU A 19 -13.31 22.08 10.69
C LEU A 19 -11.97 22.59 10.17
N ASN A 20 -11.85 23.88 10.05
CA ASN A 20 -10.57 24.48 9.56
C ASN A 20 -9.44 24.11 10.52
N THR A 21 -9.76 23.58 11.67
CA THR A 21 -8.70 23.25 12.65
C THR A 21 -7.87 22.05 12.17
N TYR A 22 -8.45 20.89 12.07
CA TYR A 22 -7.65 19.70 11.64
C TYR A 22 -7.01 19.92 10.26
N ARG A 23 -7.74 20.36 9.30
CA ARG A 23 -7.15 20.54 7.94
C ARG A 23 -5.91 21.42 8.01
N GLN A 24 -5.96 22.46 8.77
CA GLN A 24 -4.77 23.35 8.87
C GLN A 24 -3.68 22.60 9.61
N LYS A 25 -4.05 21.66 10.44
CA LYS A 25 -3.03 20.87 11.16
C LYS A 25 -2.46 19.83 10.20
N GLN A 26 -3.08 19.69 9.05
CA GLN A 26 -2.61 18.70 8.04
C GLN A 26 -1.76 19.39 6.99
N GLY A 27 -1.70 20.69 7.03
CA GLY A 27 -0.90 21.42 6.01
C GLY A 27 -1.64 21.38 4.68
N VAL A 28 -2.94 21.53 4.72
CA VAL A 28 -3.74 21.50 3.47
C VAL A 28 -4.14 22.94 3.13
N VAL A 29 -5.16 23.13 2.35
CA VAL A 29 -5.56 24.53 2.00
C VAL A 29 -7.08 24.63 1.86
N LEU A 30 -7.68 25.51 2.61
CA LEU A 30 -9.16 25.67 2.55
C LEU A 30 -9.55 26.73 1.53
N LYS A 31 -10.34 26.36 0.57
CA LYS A 31 -10.81 27.36 -0.45
C LYS A 31 -12.34 27.31 -0.49
N TYR A 32 -12.97 28.33 0.02
CA TYR A 32 -14.46 28.35 0.05
C TYR A 32 -15.04 29.15 -1.11
N GLN A 33 -16.04 28.62 -1.76
CA GLN A 33 -16.70 29.34 -2.89
C GLN A 33 -18.17 29.53 -2.53
N GLU A 34 -18.92 30.26 -3.33
CA GLU A 34 -20.35 30.48 -2.98
C GLU A 34 -21.16 30.88 -4.21
N LEU A 35 -22.11 30.06 -4.60
CA LEU A 35 -22.96 30.37 -5.78
C LEU A 35 -24.39 30.72 -5.31
N PRO A 36 -24.64 31.96 -4.96
CA PRO A 36 -25.97 32.39 -4.49
C PRO A 36 -27.02 32.19 -5.59
N ASN A 37 -28.13 31.56 -5.26
CA ASN A 37 -29.20 31.33 -6.26
C ASN A 37 -28.62 30.77 -7.55
N SER A 38 -28.92 29.54 -7.83
CA SER A 38 -28.40 28.89 -9.08
C SER A 38 -29.46 27.99 -9.69
N GLY A 39 -30.54 27.75 -8.98
CA GLY A 39 -31.62 26.87 -9.54
C GLY A 39 -32.52 27.67 -10.49
N PRO A 40 -32.57 27.26 -11.74
CA PRO A 40 -33.41 27.94 -12.76
C PRO A 40 -34.90 28.01 -12.33
N PRO A 41 -35.44 26.93 -11.81
CA PRO A 41 -36.87 26.91 -11.41
C PRO A 41 -37.11 27.92 -10.28
N HIS A 42 -36.75 29.16 -10.50
CA HIS A 42 -36.97 30.20 -9.46
C HIS A 42 -36.56 29.67 -8.07
N ASP A 43 -35.78 28.61 -8.03
CA ASP A 43 -35.36 28.07 -6.73
C ASP A 43 -34.07 28.76 -6.30
N ARG A 44 -34.15 29.95 -5.78
CA ARG A 44 -32.93 30.66 -5.36
C ARG A 44 -32.26 29.90 -4.21
N ARG A 45 -31.92 28.65 -4.41
CA ARG A 45 -31.28 27.88 -3.33
C ARG A 45 -29.81 28.29 -3.25
N PHE A 46 -29.06 27.71 -2.36
CA PHE A 46 -27.63 28.07 -2.22
C PHE A 46 -26.77 26.86 -2.56
N THR A 47 -25.71 27.08 -3.28
CA THR A 47 -24.80 25.97 -3.65
C THR A 47 -23.36 26.42 -3.37
N PHE A 48 -22.79 25.95 -2.31
CA PHE A 48 -21.39 26.36 -1.98
C PHE A 48 -20.41 25.30 -2.43
N GLN A 49 -19.16 25.65 -2.50
CA GLN A 49 -18.11 24.69 -2.91
C GLN A 49 -16.93 24.86 -1.94
N VAL A 50 -16.26 23.80 -1.60
CA VAL A 50 -15.14 23.94 -0.62
C VAL A 50 -14.07 22.87 -0.84
N ILE A 51 -12.85 23.28 -1.03
CA ILE A 51 -11.74 22.30 -1.21
C ILE A 51 -10.97 22.23 0.11
N ILE A 52 -10.04 21.32 0.23
CA ILE A 52 -9.29 21.20 1.51
C ILE A 52 -7.78 21.33 1.26
N ASP A 53 -7.29 20.69 0.25
CA ASP A 53 -5.85 20.73 -0.07
C ASP A 53 -5.66 21.31 -1.47
N GLY A 54 -6.32 20.75 -2.44
CA GLY A 54 -6.18 21.24 -3.84
C GLY A 54 -6.41 20.08 -4.80
N ARG A 55 -7.28 19.16 -4.44
CA ARG A 55 -7.54 18.00 -5.35
C ARG A 55 -8.99 17.53 -5.24
N GLU A 56 -9.67 17.90 -4.20
CA GLU A 56 -11.08 17.47 -4.04
C GLU A 56 -12.01 18.53 -4.62
N PHE A 57 -13.29 18.26 -4.66
CA PHE A 57 -14.24 19.26 -5.22
C PHE A 57 -15.65 19.02 -4.65
N PRO A 58 -15.74 18.88 -3.35
CA PRO A 58 -17.04 18.64 -2.68
C PRO A 58 -17.95 19.87 -2.85
N GLU A 59 -19.20 19.74 -2.50
CA GLU A 59 -20.14 20.88 -2.63
C GLU A 59 -21.50 20.49 -2.05
N GLY A 60 -22.16 21.41 -1.41
CA GLY A 60 -23.51 21.09 -0.82
C GLY A 60 -24.39 22.34 -0.90
N GLU A 61 -25.65 22.20 -0.58
CA GLU A 61 -26.57 23.38 -0.64
C GLU A 61 -27.33 23.51 0.68
N GLY A 62 -27.95 24.63 0.92
CA GLY A 62 -28.71 24.81 2.18
C GLY A 62 -29.54 26.10 2.11
N ARG A 63 -29.83 26.57 0.93
CA ARG A 63 -30.63 27.82 0.81
C ARG A 63 -29.81 29.03 1.26
N SER A 64 -30.36 30.20 1.21
CA SER A 64 -29.56 31.40 1.61
C SER A 64 -29.51 31.52 3.14
N LYS A 65 -28.52 30.92 3.75
CA LYS A 65 -28.39 31.01 5.24
C LYS A 65 -27.23 30.13 5.72
N LYS A 66 -27.12 29.97 7.02
CA LYS A 66 -26.00 29.19 7.62
C LYS A 66 -25.93 27.75 7.07
N GLU A 67 -27.00 27.00 7.08
CA GLU A 67 -26.91 25.59 6.59
C GLU A 67 -26.23 25.55 5.23
N ALA A 68 -26.06 26.68 4.60
CA ALA A 68 -25.37 26.69 3.28
C ALA A 68 -23.87 26.49 3.52
N LYS A 69 -23.22 27.48 4.07
CA LYS A 69 -21.76 27.33 4.34
C LYS A 69 -21.52 26.13 5.24
N ASN A 70 -22.39 25.88 6.18
CA ASN A 70 -22.21 24.73 7.09
C ASN A 70 -22.35 23.44 6.31
N ALA A 71 -23.33 23.34 5.45
CA ALA A 71 -23.49 22.08 4.66
C ALA A 71 -22.23 21.87 3.83
N ALA A 72 -21.70 22.92 3.29
CA ALA A 72 -20.46 22.79 2.47
C ALA A 72 -19.33 22.28 3.35
N ALA A 73 -19.04 22.96 4.42
CA ALA A 73 -17.93 22.53 5.32
C ALA A 73 -18.35 21.28 6.10
N LYS A 74 -19.57 21.21 6.53
CA LYS A 74 -20.03 20.02 7.32
C LYS A 74 -19.80 18.73 6.54
N LEU A 75 -20.38 18.62 5.39
CA LEU A 75 -20.24 17.37 4.61
C LEU A 75 -18.76 17.12 4.28
N ALA A 76 -17.99 18.14 4.18
CA ALA A 76 -16.54 17.96 3.85
C ALA A 76 -15.88 17.14 4.96
N VAL A 77 -16.25 17.40 6.18
CA VAL A 77 -15.66 16.64 7.31
C VAL A 77 -16.01 15.16 7.15
N GLU A 78 -17.21 14.88 6.69
CA GLU A 78 -17.62 13.47 6.51
C GLU A 78 -16.72 12.78 5.47
N ILE A 79 -15.93 13.54 4.77
CA ILE A 79 -15.04 12.94 3.73
C ILE A 79 -13.91 12.17 4.36
N LEU A 80 -13.00 12.85 5.00
CA LEU A 80 -11.88 12.10 5.62
C LEU A 80 -12.48 11.15 6.63
N ASN A 81 -13.54 11.56 7.25
CA ASN A 81 -14.19 10.69 8.25
C ASN A 81 -14.36 9.31 7.63
N LYS A 82 -14.92 9.27 6.45
CA LYS A 82 -15.08 7.98 5.76
C LYS A 82 -13.71 7.56 5.22
N GLU A 83 -13.64 7.24 3.95
CA GLU A 83 -12.34 6.83 3.35
C GLU A 83 -11.64 5.84 4.27
N LYS A 84 -12.31 5.38 5.28
CA LYS A 84 -11.69 4.40 6.21
C LYS A 84 -11.67 3.03 5.55
N LYS A 85 -12.41 2.86 4.49
CA LYS A 85 -12.44 1.53 3.81
C LYS A 85 -11.25 1.42 2.86
N ALA A 86 -10.57 0.32 2.88
CA ALA A 86 -9.41 0.12 1.98
C ALA A 86 -9.92 -0.26 0.59
N VAL A 87 -10.07 0.69 -0.30
CA VAL A 87 -10.57 0.38 -1.65
C VAL A 87 -9.77 1.16 -2.69
N SER A 88 -8.98 2.11 -2.27
CA SER A 88 -8.17 2.91 -3.24
C SER A 88 -6.85 2.16 -3.54
N PRO A 89 -6.24 2.49 -4.66
CA PRO A 89 -4.98 1.84 -5.05
C PRO A 89 -3.87 2.18 -4.05
N LEU A 90 -3.16 3.25 -4.27
CA LEU A 90 -2.07 3.65 -3.34
C LEU A 90 -2.63 4.53 -2.21
N LEU A 91 -1.92 4.64 -1.12
CA LEU A 91 -2.42 5.48 0.00
C LEU A 91 -1.83 6.89 -0.13
N LEU A 92 -1.51 7.53 0.96
CA LEU A 92 -0.94 8.91 0.87
C LEU A 92 0.58 8.82 0.67
N THR A 93 1.26 9.92 0.84
CA THR A 93 2.75 9.93 0.64
C THR A 93 3.43 10.12 2.00
N THR A 94 3.42 9.12 2.83
CA THR A 94 4.07 9.23 4.16
C THR A 94 5.47 8.61 4.11
N THR A 95 5.94 8.11 5.21
CA THR A 95 7.30 7.50 5.25
C THR A 95 7.18 5.99 5.03
N ASN A 96 6.16 5.56 4.32
CA ASN A 96 5.97 4.10 4.08
C ASN A 96 6.05 3.35 5.40
N SER A 97 7.21 2.89 5.77
CA SER A 97 7.35 2.14 7.05
C SER A 97 6.40 0.95 7.05
N SER A 98 6.90 -0.21 6.72
CA SER A 98 6.02 -1.43 6.69
C SER A 98 6.89 -2.68 6.58
N GLU A 99 6.72 -3.61 7.47
CA GLU A 99 7.54 -4.85 7.43
C GLU A 99 6.96 -5.79 6.37
N GLY A 100 7.75 -6.73 5.91
CA GLY A 100 7.23 -7.69 4.88
C GLY A 100 7.93 -9.04 5.05
N LEU A 101 9.12 -9.04 5.61
CA LEU A 101 9.85 -10.32 5.81
C LEU A 101 9.90 -11.10 4.49
N SER A 102 8.90 -11.89 4.21
CA SER A 102 8.90 -12.67 2.94
C SER A 102 10.18 -13.51 2.85
N MET A 103 10.28 -14.34 1.85
CA MET A 103 11.50 -15.18 1.71
C MET A 103 12.74 -14.29 1.64
N GLY A 104 13.75 -14.61 2.40
CA GLY A 104 14.99 -13.78 2.37
C GLY A 104 16.21 -14.66 2.69
N ASN A 105 16.25 -15.84 2.14
CA ASN A 105 17.41 -16.75 2.41
C ASN A 105 17.76 -17.50 1.12
N TYR A 106 17.80 -18.81 1.18
CA TYR A 106 18.14 -19.59 -0.04
C TYR A 106 18.04 -21.08 0.25
N ILE A 107 19.08 -21.67 0.75
CA ILE A 107 19.04 -23.12 1.05
C ILE A 107 17.75 -23.43 1.83
N GLY A 108 17.29 -22.49 2.60
CA GLY A 108 16.04 -22.72 3.40
C GLY A 108 14.80 -22.42 2.55
N LEU A 109 14.79 -21.34 1.82
CA LEU A 109 13.59 -21.02 1.01
C LEU A 109 13.44 -22.04 -0.11
N ILE A 110 14.48 -22.76 -0.43
CA ILE A 110 14.35 -23.78 -1.49
C ILE A 110 13.41 -24.85 -0.97
N ASN A 111 13.54 -25.17 0.28
CA ASN A 111 12.63 -26.18 0.86
C ASN A 111 11.21 -25.63 0.85
N ARG A 112 11.08 -24.33 0.69
CA ARG A 112 9.73 -23.73 0.67
C ARG A 112 9.06 -24.03 -0.66
N ILE A 113 9.73 -23.71 -1.73
CA ILE A 113 9.14 -23.97 -3.07
C ILE A 113 8.95 -25.47 -3.23
N ALA A 114 9.70 -26.24 -2.49
CA ALA A 114 9.57 -27.71 -2.56
C ALA A 114 8.14 -28.10 -2.20
N GLN A 115 7.79 -27.89 -0.96
CA GLN A 115 6.42 -28.24 -0.51
C GLN A 115 5.41 -27.32 -1.19
N LYS A 116 5.85 -26.23 -1.76
CA LYS A 116 4.89 -25.33 -2.45
C LYS A 116 4.38 -26.05 -3.68
N LYS A 117 5.24 -26.25 -4.63
CA LYS A 117 4.85 -26.97 -5.86
C LYS A 117 5.22 -28.43 -5.66
N ARG A 118 5.03 -28.90 -4.46
CA ARG A 118 5.35 -30.31 -4.07
C ARG A 118 6.54 -30.87 -4.87
N LEU A 119 7.69 -30.91 -4.24
CA LEU A 119 8.90 -31.50 -4.89
C LEU A 119 9.78 -32.07 -3.77
N THR A 120 10.95 -32.54 -4.11
CA THR A 120 11.85 -33.10 -3.06
C THR A 120 13.08 -32.20 -2.93
N VAL A 121 13.62 -32.08 -1.75
CA VAL A 121 14.82 -31.20 -1.54
C VAL A 121 15.84 -31.91 -0.65
N ASN A 122 17.00 -32.19 -1.16
CA ASN A 122 18.05 -32.86 -0.34
C ASN A 122 19.41 -32.21 -0.61
N TYR A 123 20.35 -32.36 0.28
CA TYR A 123 21.69 -31.73 0.07
C TYR A 123 22.82 -32.65 0.54
N GLU A 124 23.71 -33.00 -0.35
CA GLU A 124 24.86 -33.86 0.03
C GLU A 124 26.13 -33.13 -0.44
N GLN A 125 27.28 -33.74 -0.36
CA GLN A 125 28.49 -33.01 -0.82
C GLN A 125 29.74 -33.90 -0.79
N CYS A 126 30.54 -33.81 -1.81
CA CYS A 126 31.80 -34.61 -1.87
C CYS A 126 32.97 -33.67 -2.24
N ALA A 127 33.72 -33.24 -1.26
CA ALA A 127 34.86 -32.32 -1.55
C ALA A 127 35.94 -33.05 -2.34
N SER A 128 36.46 -32.43 -3.37
CA SER A 128 37.52 -33.09 -4.19
C SER A 128 38.89 -32.66 -3.65
N GLY A 129 39.50 -33.47 -2.83
CA GLY A 129 40.84 -33.11 -2.28
C GLY A 129 41.94 -33.79 -3.10
N VAL A 130 41.92 -33.61 -4.39
CA VAL A 130 42.96 -34.25 -5.24
C VAL A 130 44.35 -33.69 -4.90
N HIS A 131 45.03 -33.13 -5.85
CA HIS A 131 46.38 -32.58 -5.58
C HIS A 131 46.29 -31.14 -5.07
N GLY A 132 46.59 -30.20 -5.92
CA GLY A 132 46.55 -28.76 -5.51
C GLY A 132 45.40 -28.04 -6.22
N PRO A 133 45.53 -27.91 -7.51
CA PRO A 133 44.50 -27.23 -8.32
C PRO A 133 43.16 -27.95 -8.16
N GLU A 134 43.06 -28.82 -7.22
CA GLU A 134 41.79 -29.56 -7.00
C GLU A 134 40.67 -28.54 -6.75
N GLY A 135 39.64 -28.95 -6.10
CA GLY A 135 38.52 -28.01 -5.81
C GLY A 135 37.51 -28.71 -4.89
N PHE A 136 36.32 -28.18 -4.77
CA PHE A 136 35.30 -28.82 -3.90
C PHE A 136 34.06 -29.12 -4.74
N HIS A 137 33.67 -30.37 -4.81
CA HIS A 137 32.48 -30.73 -5.62
C HIS A 137 31.30 -31.01 -4.69
N TYR A 138 30.20 -30.32 -4.88
CA TYR A 138 29.02 -30.53 -4.01
C TYR A 138 27.87 -31.03 -4.88
N LYS A 139 26.80 -31.45 -4.28
CA LYS A 139 25.66 -31.94 -5.06
C LYS A 139 24.36 -31.60 -4.33
N CYS A 140 23.28 -31.48 -5.04
CA CYS A 140 22.00 -31.15 -4.38
C CYS A 140 20.84 -31.69 -5.20
N LYS A 141 19.86 -32.25 -4.56
CA LYS A 141 18.71 -32.81 -5.32
C LYS A 141 17.58 -31.80 -5.25
N MET A 142 16.89 -31.61 -6.35
CA MET A 142 15.80 -30.60 -6.35
C MET A 142 14.75 -30.99 -7.39
N GLY A 143 13.51 -30.64 -7.17
CA GLY A 143 12.47 -30.99 -8.16
C GLY A 143 11.90 -32.36 -7.83
N GLN A 144 11.38 -33.04 -8.82
CA GLN A 144 10.81 -34.39 -8.57
C GLN A 144 11.41 -35.37 -9.58
N LYS A 145 12.23 -34.89 -10.49
CA LYS A 145 12.82 -35.82 -11.50
C LYS A 145 14.25 -35.39 -11.88
N GLU A 146 14.93 -34.61 -11.08
CA GLU A 146 16.32 -34.20 -11.47
C GLU A 146 17.19 -33.97 -10.25
N TYR A 147 18.49 -33.92 -10.45
CA TYR A 147 19.42 -33.72 -9.31
C TYR A 147 20.33 -32.52 -9.58
N SER A 148 20.00 -31.38 -9.02
CA SER A 148 20.83 -30.17 -9.23
C SER A 148 22.24 -30.37 -8.67
N ILE A 149 23.07 -31.13 -9.34
CA ILE A 149 24.45 -31.32 -8.82
C ILE A 149 25.23 -30.02 -9.04
N GLY A 150 26.13 -29.66 -8.15
CA GLY A 150 26.88 -28.38 -8.35
C GLY A 150 28.33 -28.51 -7.89
N THR A 151 29.04 -27.41 -7.91
CA THR A 151 30.47 -27.41 -7.49
C THR A 151 30.72 -26.21 -6.58
N GLY A 152 31.95 -25.95 -6.21
CA GLY A 152 32.21 -24.78 -5.32
C GLY A 152 33.72 -24.61 -5.10
N SER A 153 34.17 -23.38 -5.03
CA SER A 153 35.62 -23.13 -4.79
C SER A 153 35.95 -23.42 -3.33
N THR A 154 34.97 -23.31 -2.47
CA THR A 154 35.20 -23.58 -1.03
C THR A 154 34.01 -24.36 -0.49
N LYS A 155 34.22 -25.19 0.50
CA LYS A 155 33.10 -25.98 1.06
C LYS A 155 31.94 -25.05 1.39
N GLN A 156 32.23 -23.87 1.83
CA GLN A 156 31.17 -22.91 2.19
C GLN A 156 30.60 -22.27 0.92
N GLU A 157 31.44 -21.86 0.02
CA GLU A 157 30.93 -21.25 -1.23
C GLU A 157 30.03 -22.27 -1.94
N ALA A 158 30.34 -23.52 -1.77
CA ALA A 158 29.52 -24.57 -2.44
C ALA A 158 28.09 -24.57 -1.90
N LYS A 159 27.94 -24.72 -0.61
CA LYS A 159 26.58 -24.78 0.01
C LYS A 159 25.68 -23.62 -0.43
N GLN A 160 26.04 -22.40 -0.12
CA GLN A 160 25.16 -21.26 -0.48
C GLN A 160 24.84 -21.29 -1.97
N LEU A 161 25.83 -21.35 -2.80
CA LEU A 161 25.57 -21.36 -4.24
C LEU A 161 24.79 -22.64 -4.60
N ALA A 162 24.90 -23.67 -3.81
CA ALA A 162 24.13 -24.90 -4.12
C ALA A 162 22.66 -24.49 -4.29
N ALA A 163 22.14 -23.75 -3.35
CA ALA A 163 20.74 -23.29 -3.48
C ALA A 163 20.61 -22.44 -4.75
N LYS A 164 21.30 -21.34 -4.79
CA LYS A 164 21.25 -20.45 -5.98
C LYS A 164 21.17 -21.29 -7.25
N LEU A 165 21.82 -22.43 -7.27
CA LEU A 165 21.80 -23.30 -8.46
C LEU A 165 20.37 -23.80 -8.71
N ALA A 166 19.89 -24.65 -7.85
CA ALA A 166 18.52 -25.20 -7.99
C ALA A 166 17.48 -24.13 -7.72
N TYR A 167 17.69 -23.37 -6.70
CA TYR A 167 16.74 -22.31 -6.34
C TYR A 167 16.39 -21.47 -7.57
N LEU A 168 17.36 -20.86 -8.18
CA LEU A 168 17.07 -20.02 -9.37
C LEU A 168 16.61 -20.91 -10.52
N GLN A 169 16.71 -22.20 -10.38
CA GLN A 169 16.28 -23.12 -11.47
C GLN A 169 14.78 -23.37 -11.35
N ILE A 170 14.32 -23.60 -10.16
CA ILE A 170 12.87 -23.82 -9.96
C ILE A 170 12.16 -22.60 -10.53
N LEU A 171 12.81 -21.48 -10.43
CA LEU A 171 12.21 -20.23 -10.95
C LEU A 171 12.13 -20.32 -12.46
N SER A 172 13.21 -20.72 -13.07
CA SER A 172 13.23 -20.85 -14.55
C SER A 172 12.46 -22.10 -14.96
N GLU A 173 12.34 -23.07 -14.09
CA GLU A 173 11.60 -24.30 -14.46
C GLU A 173 10.10 -24.03 -14.44
N GLU A 174 9.46 -24.04 -15.58
CA GLU A 174 7.99 -23.79 -15.62
C GLU A 174 7.25 -25.10 -15.32
N THR A 175 7.98 -26.16 -15.08
CA THR A 175 7.32 -27.46 -14.79
C THR A 175 7.04 -27.56 -13.28
N GLY A 176 6.00 -28.23 -12.90
CA GLY A 176 5.67 -28.37 -11.46
C GLY A 176 4.70 -27.27 -11.06
N SER A 177 4.51 -26.29 -11.91
CA SER A 177 3.57 -25.17 -11.59
C SER A 177 2.22 -25.43 -12.27
N GLY A 178 2.18 -26.36 -13.18
CA GLY A 178 0.90 -26.65 -13.88
C GLY A 178 1.17 -27.54 -15.10
N CYS A 179 2.41 -27.92 -15.31
CA CYS A 179 2.75 -28.78 -16.47
C CYS A 179 3.65 -29.93 -16.01
N GLY A 1 -39.68 31.31 21.43
CA GLY A 1 -39.00 30.00 21.66
C GLY A 1 -37.49 30.21 21.79
N SER A 2 -36.79 29.24 22.33
CA SER A 2 -35.32 29.39 22.47
C SER A 2 -34.68 29.60 21.09
N HIS A 3 -35.11 28.84 20.12
CA HIS A 3 -34.55 29.00 18.75
C HIS A 3 -35.27 30.12 17.99
N MET A 4 -34.88 31.35 18.22
CA MET A 4 -35.54 32.50 17.51
C MET A 4 -35.44 32.28 16.00
N GLU A 5 -34.97 33.27 15.29
CA GLU A 5 -34.85 33.15 13.81
C GLU A 5 -33.73 34.06 13.32
N MET A 6 -32.75 34.26 14.15
CA MET A 6 -31.61 35.13 13.76
C MET A 6 -30.35 34.66 14.50
N ALA A 7 -29.20 34.91 13.94
CA ALA A 7 -27.94 34.47 14.61
C ALA A 7 -27.63 35.41 15.78
N GLY A 8 -27.52 34.89 16.97
CA GLY A 8 -27.23 35.77 18.14
C GLY A 8 -25.77 36.22 18.07
N ASP A 9 -25.06 35.80 17.05
CA ASP A 9 -23.63 36.21 16.92
C ASP A 9 -23.56 37.56 16.19
N LEU A 10 -22.48 38.26 16.36
CA LEU A 10 -22.34 39.57 15.69
C LEU A 10 -20.85 39.89 15.55
N SER A 11 -20.03 38.88 15.53
CA SER A 11 -18.57 39.09 15.38
C SER A 11 -17.93 37.84 14.77
N ALA A 12 -17.71 37.86 13.48
CA ALA A 12 -17.11 36.69 12.79
C ALA A 12 -18.21 35.72 12.37
N GLY A 13 -18.88 35.16 13.33
CA GLY A 13 -19.99 34.20 13.03
C GLY A 13 -20.16 33.24 14.20
N PHE A 14 -20.07 31.96 13.93
CA PHE A 14 -20.21 30.96 15.03
C PHE A 14 -19.66 29.62 14.57
N PHE A 15 -20.44 28.87 13.86
CA PHE A 15 -19.96 27.57 13.36
C PHE A 15 -18.89 27.88 12.33
N MET A 16 -18.87 29.09 11.87
CA MET A 16 -17.86 29.54 10.89
C MET A 16 -16.55 29.78 11.64
N GLU A 17 -16.61 30.46 12.76
CA GLU A 17 -15.37 30.71 13.52
C GLU A 17 -14.80 29.35 13.94
N GLU A 18 -15.65 28.38 14.09
CA GLU A 18 -15.17 27.02 14.47
C GLU A 18 -14.57 26.37 13.24
N LEU A 19 -15.35 26.25 12.21
CA LEU A 19 -14.85 25.65 10.96
C LEU A 19 -13.62 26.43 10.51
N ASN A 20 -13.69 27.73 10.60
CA ASN A 20 -12.54 28.58 10.18
C ASN A 20 -11.28 28.19 10.94
N THR A 21 -11.41 27.63 12.11
CA THR A 21 -10.21 27.25 12.89
C THR A 21 -9.56 25.99 12.29
N TYR A 22 -10.34 25.06 11.83
CA TYR A 22 -9.76 23.82 11.24
C TYR A 22 -8.83 24.16 10.07
N ARG A 23 -9.34 24.84 9.10
CA ARG A 23 -8.54 25.20 7.91
C ARG A 23 -7.16 25.71 8.31
N GLN A 24 -7.05 26.31 9.45
CA GLN A 24 -5.73 26.82 9.90
C GLN A 24 -4.87 25.62 10.28
N LYS A 25 -5.50 24.52 10.61
CA LYS A 25 -4.73 23.31 10.99
C LYS A 25 -4.27 22.57 9.73
N GLN A 26 -4.91 22.83 8.63
CA GLN A 26 -4.53 22.12 7.36
C GLN A 26 -3.76 23.06 6.43
N GLY A 27 -3.78 24.32 6.70
CA GLY A 27 -3.06 25.29 5.82
C GLY A 27 -3.81 25.43 4.51
N VAL A 28 -5.11 25.48 4.58
CA VAL A 28 -5.94 25.62 3.35
C VAL A 28 -6.54 27.02 3.36
N VAL A 29 -7.59 27.25 2.62
CA VAL A 29 -8.16 28.62 2.60
C VAL A 29 -9.67 28.57 2.33
N LEU A 30 -10.44 29.14 3.22
CA LEU A 30 -11.92 29.12 3.06
C LEU A 30 -12.37 30.33 2.23
N LYS A 31 -12.92 30.07 1.07
CA LYS A 31 -13.42 31.19 0.20
C LYS A 31 -14.96 31.16 0.23
N TYR A 32 -15.57 32.14 0.83
CA TYR A 32 -17.06 32.15 0.92
C TYR A 32 -17.68 32.99 -0.21
N GLN A 33 -18.79 32.54 -0.74
CA GLN A 33 -19.48 33.30 -1.83
C GLN A 33 -20.98 33.41 -1.48
N GLU A 34 -21.76 34.14 -2.25
CA GLU A 34 -23.20 34.27 -1.92
C GLU A 34 -24.02 34.62 -3.16
N LEU A 35 -24.88 33.73 -3.60
CA LEU A 35 -25.73 33.98 -4.80
C LEU A 35 -27.18 34.28 -4.36
N PRO A 36 -27.58 35.53 -4.34
CA PRO A 36 -28.95 35.90 -3.93
C PRO A 36 -29.99 35.34 -4.91
N ASN A 37 -31.08 34.83 -4.41
CA ASN A 37 -32.15 34.28 -5.29
C ASN A 37 -31.55 33.50 -6.46
N SER A 38 -31.57 32.20 -6.39
CA SER A 38 -31.01 31.37 -7.49
C SER A 38 -32.01 30.27 -7.89
N GLY A 39 -33.08 30.14 -7.16
CA GLY A 39 -34.10 29.09 -7.49
C GLY A 39 -35.10 29.64 -8.53
N PRO A 40 -35.14 29.04 -9.70
CA PRO A 40 -36.08 29.48 -10.76
C PRO A 40 -37.55 29.46 -10.32
N PRO A 41 -37.98 28.40 -9.64
CA PRO A 41 -39.38 28.29 -9.20
C PRO A 41 -39.72 29.40 -8.20
N HIS A 42 -39.56 30.63 -8.59
CA HIS A 42 -39.88 31.77 -7.68
C HIS A 42 -39.35 31.50 -6.28
N ASP A 43 -38.43 30.57 -6.14
CA ASP A 43 -37.90 30.27 -4.79
C ASP A 43 -36.67 31.14 -4.55
N ARG A 44 -36.88 32.39 -4.22
CA ARG A 44 -35.72 33.28 -3.97
C ARG A 44 -34.95 32.76 -2.76
N ARG A 45 -34.45 31.55 -2.82
CA ARG A 45 -33.70 31.03 -1.66
C ARG A 45 -32.29 31.60 -1.67
N PHE A 46 -31.48 31.20 -0.72
CA PHE A 46 -30.09 31.71 -0.65
C PHE A 46 -29.13 30.58 -0.99
N THR A 47 -28.51 30.65 -2.12
CA THR A 47 -27.56 29.58 -2.53
C THR A 47 -26.14 30.08 -2.31
N PHE A 48 -25.50 29.65 -1.24
CA PHE A 48 -24.12 30.13 -0.97
C PHE A 48 -23.11 29.10 -1.47
N GLN A 49 -21.91 29.54 -1.70
CA GLN A 49 -20.84 28.63 -2.17
C GLN A 49 -19.65 28.80 -1.22
N VAL A 50 -18.87 27.76 -1.01
CA VAL A 50 -17.73 27.90 -0.07
C VAL A 50 -16.64 26.87 -0.37
N ILE A 51 -15.42 27.31 -0.54
CA ILE A 51 -14.30 26.37 -0.81
C ILE A 51 -13.49 26.20 0.47
N ILE A 52 -12.47 25.37 0.46
CA ILE A 52 -11.66 25.17 1.69
C ILE A 52 -10.18 25.42 1.37
N ASP A 53 -9.76 25.03 0.21
CA ASP A 53 -8.34 25.21 -0.22
C ASP A 53 -8.30 26.05 -1.50
N GLY A 54 -9.20 25.80 -2.40
CA GLY A 54 -9.22 26.56 -3.69
C GLY A 54 -9.40 25.58 -4.85
N ARG A 55 -9.98 24.44 -4.59
CA ARG A 55 -10.18 23.43 -5.68
C ARG A 55 -11.53 22.73 -5.49
N GLU A 56 -12.13 22.89 -4.35
CA GLU A 56 -13.43 22.24 -4.08
C GLU A 56 -14.54 23.25 -4.41
N PHE A 57 -15.79 22.85 -4.33
CA PHE A 57 -16.88 23.81 -4.65
C PHE A 57 -18.19 23.41 -3.94
N PRO A 58 -18.11 23.02 -2.68
CA PRO A 58 -19.30 22.63 -1.91
C PRO A 58 -20.34 23.76 -1.97
N GLU A 59 -21.51 23.54 -1.44
CA GLU A 59 -22.55 24.60 -1.46
C GLU A 59 -23.79 24.12 -0.70
N GLY A 60 -24.73 24.99 -0.47
CA GLY A 60 -25.96 24.59 0.26
C GLY A 60 -27.00 25.72 0.16
N GLU A 61 -28.14 25.55 0.80
CA GLU A 61 -29.19 26.61 0.75
C GLU A 61 -29.60 26.99 2.17
N GLY A 62 -30.31 28.07 2.32
CA GLY A 62 -30.74 28.49 3.69
C GLY A 62 -31.69 29.70 3.61
N ARG A 63 -32.18 30.02 2.45
CA ARG A 63 -33.10 31.19 2.35
C ARG A 63 -32.37 32.46 2.77
N SER A 64 -33.04 33.58 2.74
CA SER A 64 -32.36 34.84 3.13
C SER A 64 -32.21 34.92 4.64
N LYS A 65 -31.21 34.28 5.18
CA LYS A 65 -30.98 34.31 6.66
C LYS A 65 -29.59 33.75 7.00
N LYS A 66 -29.29 33.71 8.26
CA LYS A 66 -27.98 33.18 8.71
C LYS A 66 -27.82 31.73 8.24
N GLU A 67 -28.88 30.97 8.28
CA GLU A 67 -28.78 29.54 7.87
C GLU A 67 -28.12 29.45 6.50
N ALA A 68 -28.06 30.53 5.78
CA ALA A 68 -27.40 30.50 4.45
C ALA A 68 -25.90 30.41 4.69
N LYS A 69 -25.31 31.44 5.23
CA LYS A 69 -23.86 31.43 5.51
C LYS A 69 -23.54 30.28 6.47
N ASN A 70 -24.38 30.05 7.44
CA ASN A 70 -24.11 28.96 8.40
C ASN A 70 -24.23 27.61 7.68
N ALA A 71 -25.14 27.49 6.76
CA ALA A 71 -25.29 26.20 6.02
C ALA A 71 -24.01 25.94 5.22
N ALA A 72 -23.52 26.95 4.54
CA ALA A 72 -22.27 26.77 3.76
C ALA A 72 -21.15 26.38 4.70
N ALA A 73 -21.05 27.06 5.81
CA ALA A 73 -19.98 26.73 6.79
C ALA A 73 -20.33 25.42 7.51
N LYS A 74 -21.57 25.24 7.84
CA LYS A 74 -21.99 23.98 8.55
C LYS A 74 -21.67 22.75 7.72
N LEU A 75 -22.18 22.71 6.52
CA LEU A 75 -21.97 21.51 5.68
C LEU A 75 -20.47 21.30 5.43
N ALA A 76 -19.71 22.34 5.49
CA ALA A 76 -18.24 22.18 5.26
C ALA A 76 -17.67 21.29 6.37
N VAL A 77 -18.17 21.43 7.56
CA VAL A 77 -17.67 20.59 8.69
C VAL A 77 -18.00 19.13 8.36
N GLU A 78 -19.13 18.90 7.75
CA GLU A 78 -19.53 17.50 7.41
C GLU A 78 -18.47 16.85 6.52
N ILE A 79 -17.66 17.63 5.89
CA ILE A 79 -16.60 17.07 5.01
C ILE A 79 -15.47 16.50 5.86
N LEU A 80 -14.98 17.28 6.78
CA LEU A 80 -13.88 16.76 7.65
C LEU A 80 -14.43 15.54 8.35
N ASN A 81 -15.65 15.64 8.80
CA ASN A 81 -16.29 14.49 9.50
C ASN A 81 -16.01 13.24 8.69
N LYS A 82 -16.33 13.28 7.43
CA LYS A 82 -16.03 12.11 6.56
C LYS A 82 -14.57 12.21 6.13
N GLU A 83 -14.28 11.78 4.94
CA GLU A 83 -12.87 11.83 4.41
C GLU A 83 -11.89 11.16 5.38
N LYS A 84 -12.32 10.76 6.55
CA LYS A 84 -11.38 10.11 7.51
C LYS A 84 -11.13 8.66 7.09
N LYS A 85 -11.81 8.18 6.08
CA LYS A 85 -11.63 6.77 5.65
C LYS A 85 -10.41 6.63 4.74
N ALA A 86 -9.64 5.59 4.93
CA ALA A 86 -8.45 5.37 4.07
C ALA A 86 -8.94 4.77 2.75
N VAL A 87 -8.94 5.54 1.70
CA VAL A 87 -9.42 5.02 0.39
C VAL A 87 -8.54 5.54 -0.74
N SER A 88 -7.37 6.03 -0.41
CA SER A 88 -6.45 6.55 -1.47
C SER A 88 -5.66 5.37 -2.05
N PRO A 89 -5.07 5.58 -3.20
CA PRO A 89 -4.28 4.52 -3.87
C PRO A 89 -3.10 4.12 -2.97
N LEU A 90 -2.10 3.50 -3.53
CA LEU A 90 -0.93 3.07 -2.72
C LEU A 90 0.03 4.25 -2.56
N LEU A 91 0.03 4.88 -1.41
CA LEU A 91 0.94 6.04 -1.19
C LEU A 91 2.25 5.54 -0.58
N LEU A 92 2.25 5.23 0.69
CA LEU A 92 3.50 4.74 1.35
C LEU A 92 3.56 3.22 1.23
N THR A 93 4.35 2.70 0.32
CA THR A 93 4.47 1.22 0.16
C THR A 93 5.94 0.81 0.09
N THR A 94 6.84 1.72 0.39
CA THR A 94 8.27 1.38 0.33
C THR A 94 8.74 0.97 1.73
N THR A 95 8.71 -0.31 2.02
CA THR A 95 9.16 -0.80 3.35
C THR A 95 10.25 -1.86 3.16
N ASN A 96 10.27 -2.51 2.03
CA ASN A 96 11.31 -3.55 1.79
C ASN A 96 11.59 -3.66 0.29
N SER A 97 11.06 -2.74 -0.48
CA SER A 97 11.29 -2.78 -1.96
C SER A 97 10.84 -4.14 -2.50
N SER A 98 11.56 -4.66 -3.47
CA SER A 98 11.17 -5.98 -4.04
C SER A 98 10.97 -7.00 -2.93
N GLU A 99 9.74 -7.35 -2.64
CA GLU A 99 9.47 -8.33 -1.57
C GLU A 99 9.74 -9.74 -2.09
N GLY A 100 10.40 -10.56 -1.32
CA GLY A 100 10.69 -11.94 -1.78
C GLY A 100 11.08 -12.82 -0.58
N LEU A 101 11.18 -12.23 0.59
CA LEU A 101 11.56 -13.02 1.79
C LEU A 101 12.77 -13.90 1.46
N SER A 102 13.14 -14.77 2.35
CA SER A 102 14.30 -15.67 2.09
C SER A 102 13.79 -17.09 1.86
N MET A 103 12.62 -17.38 2.34
CA MET A 103 12.04 -18.75 2.16
C MET A 103 12.12 -19.14 0.68
N GLY A 104 12.40 -20.38 0.40
CA GLY A 104 12.49 -20.83 -1.02
C GLY A 104 13.88 -20.50 -1.57
N ASN A 105 14.88 -20.52 -0.73
CA ASN A 105 16.26 -20.22 -1.23
C ASN A 105 16.67 -21.27 -2.26
N TYR A 106 17.90 -21.25 -2.68
CA TYR A 106 18.36 -22.24 -3.69
C TYR A 106 18.32 -23.63 -3.05
N ILE A 107 19.16 -23.87 -2.08
CA ILE A 107 19.15 -25.18 -1.40
C ILE A 107 17.73 -25.43 -0.88
N GLY A 108 17.00 -24.36 -0.69
CA GLY A 108 15.62 -24.48 -0.16
C GLY A 108 14.64 -24.88 -1.28
N LEU A 109 14.62 -24.17 -2.38
CA LEU A 109 13.66 -24.54 -3.46
C LEU A 109 13.98 -25.92 -4.02
N ILE A 110 15.15 -26.42 -3.78
CA ILE A 110 15.45 -27.77 -4.29
C ILE A 110 14.56 -28.75 -3.54
N ASN A 111 14.37 -28.50 -2.29
CA ASN A 111 13.49 -29.37 -1.48
C ASN A 111 12.05 -29.19 -1.95
N ARG A 112 11.79 -28.13 -2.67
CA ARG A 112 10.42 -27.88 -3.16
C ARG A 112 10.14 -28.79 -4.34
N ILE A 113 10.97 -28.74 -5.33
CA ILE A 113 10.74 -29.59 -6.52
C ILE A 113 10.78 -31.04 -6.05
N ALA A 114 11.38 -31.28 -4.92
CA ALA A 114 11.44 -32.66 -4.38
C ALA A 114 10.02 -33.16 -4.14
N GLN A 115 9.36 -32.58 -3.18
CA GLN A 115 7.96 -32.99 -2.86
C GLN A 115 7.03 -32.66 -4.01
N LYS A 116 7.45 -31.80 -4.92
CA LYS A 116 6.55 -31.48 -6.06
C LYS A 116 6.43 -32.71 -6.93
N LYS A 117 7.48 -33.05 -7.62
CA LYS A 117 7.47 -34.26 -8.47
C LYS A 117 8.08 -35.39 -7.65
N ARG A 118 7.75 -35.40 -6.38
CA ARG A 118 8.27 -36.43 -5.42
C ARG A 118 9.65 -36.95 -5.80
N LEU A 119 10.65 -36.51 -5.09
CA LEU A 119 12.06 -36.97 -5.32
C LEU A 119 12.79 -36.94 -3.98
N THR A 120 14.09 -37.18 -3.99
CA THR A 120 14.86 -37.15 -2.71
C THR A 120 15.82 -35.95 -2.73
N VAL A 121 16.16 -35.42 -1.57
CA VAL A 121 17.08 -34.25 -1.53
C VAL A 121 18.04 -34.39 -0.34
N ASN A 122 19.32 -34.52 -0.58
CA ASN A 122 20.31 -34.64 0.54
C ASN A 122 21.61 -33.92 0.17
N TYR A 123 22.39 -33.53 1.15
CA TYR A 123 23.66 -32.80 0.86
C TYR A 123 24.82 -33.32 1.72
N GLU A 124 25.90 -33.73 1.11
CA GLU A 124 27.07 -34.21 1.90
C GLU A 124 28.29 -33.40 1.42
N GLN A 125 29.48 -33.77 1.81
CA GLN A 125 30.64 -32.96 1.34
C GLN A 125 31.99 -33.58 1.70
N CYS A 126 32.92 -33.51 0.78
CA CYS A 126 34.29 -34.04 1.00
C CYS A 126 35.30 -32.99 0.52
N ALA A 127 35.57 -32.01 1.34
CA ALA A 127 36.52 -30.94 0.91
C ALA A 127 37.92 -31.52 0.65
N SER A 128 38.49 -31.21 -0.48
CA SER A 128 39.85 -31.73 -0.79
C SER A 128 40.90 -30.68 -0.40
N GLY A 129 40.84 -30.20 0.81
CA GLY A 129 41.81 -29.18 1.26
C GLY A 129 43.06 -29.89 1.79
N VAL A 130 43.41 -30.99 1.21
CA VAL A 130 44.61 -31.74 1.67
C VAL A 130 45.86 -30.88 1.50
N HIS A 131 46.35 -30.74 0.30
CA HIS A 131 47.55 -29.92 0.06
C HIS A 131 47.17 -28.44 -0.01
N GLY A 132 46.64 -28.02 -1.11
CA GLY A 132 46.25 -26.59 -1.26
C GLY A 132 45.70 -26.33 -2.66
N PRO A 133 46.52 -26.54 -3.65
CA PRO A 133 46.12 -26.33 -5.06
C PRO A 133 45.02 -27.32 -5.46
N GLU A 134 44.69 -28.23 -4.60
CA GLU A 134 43.61 -29.21 -4.95
C GLU A 134 42.29 -28.47 -5.14
N GLY A 135 41.50 -28.36 -4.10
CA GLY A 135 40.20 -27.63 -4.25
C GLY A 135 39.19 -28.18 -3.24
N PHE A 136 37.93 -27.90 -3.42
CA PHE A 136 36.90 -28.40 -2.48
C PHE A 136 35.95 -29.33 -3.23
N HIS A 137 35.92 -30.59 -2.88
CA HIS A 137 35.01 -31.54 -3.58
C HIS A 137 33.77 -31.76 -2.73
N TYR A 138 32.64 -31.33 -3.21
CA TYR A 138 31.38 -31.50 -2.44
C TYR A 138 30.46 -32.41 -3.24
N LYS A 139 29.35 -32.80 -2.67
CA LYS A 139 28.43 -33.67 -3.43
C LYS A 139 27.00 -33.40 -3.00
N CYS A 140 26.06 -33.75 -3.81
CA CYS A 140 24.64 -33.51 -3.45
C CYS A 140 23.76 -34.52 -4.17
N LYS A 141 22.75 -34.97 -3.51
CA LYS A 141 21.84 -35.96 -4.15
C LYS A 141 20.49 -35.31 -4.42
N MET A 142 19.98 -35.55 -5.60
CA MET A 142 18.66 -34.96 -5.96
C MET A 142 17.99 -35.90 -6.96
N GLY A 143 16.72 -35.80 -7.14
CA GLY A 143 16.03 -36.72 -8.09
C GLY A 143 15.76 -38.04 -7.38
N GLN A 144 15.16 -38.98 -8.03
CA GLN A 144 14.88 -40.29 -7.36
C GLN A 144 15.91 -41.32 -7.77
N LYS A 145 16.73 -41.02 -8.74
CA LYS A 145 17.76 -42.02 -9.19
C LYS A 145 19.03 -41.31 -9.70
N GLU A 146 19.39 -40.18 -9.16
CA GLU A 146 20.63 -39.49 -9.64
C GLU A 146 21.32 -38.75 -8.49
N TYR A 147 22.62 -38.91 -8.39
CA TYR A 147 23.37 -38.22 -7.30
C TYR A 147 24.07 -36.98 -7.89
N SER A 148 23.41 -35.85 -7.86
CA SER A 148 24.02 -34.62 -8.42
C SER A 148 25.25 -34.21 -7.62
N ILE A 149 26.38 -34.79 -7.91
CA ILE A 149 27.61 -34.41 -7.17
C ILE A 149 28.04 -33.01 -7.61
N GLY A 150 28.72 -32.26 -6.77
CA GLY A 150 29.12 -30.88 -7.18
C GLY A 150 30.48 -30.50 -6.57
N THR A 151 31.31 -29.85 -7.34
CA THR A 151 32.64 -29.42 -6.84
C THR A 151 32.74 -27.90 -6.94
N GLY A 152 33.52 -27.27 -6.09
CA GLY A 152 33.62 -25.79 -6.16
C GLY A 152 34.98 -25.31 -5.65
N SER A 153 35.33 -24.08 -5.95
CA SER A 153 36.62 -23.53 -5.48
C SER A 153 36.51 -23.16 -4.00
N THR A 154 35.31 -22.99 -3.52
CA THR A 154 35.13 -22.62 -2.08
C THR A 154 33.99 -23.44 -1.50
N LYS A 155 34.10 -23.79 -0.25
CA LYS A 155 33.02 -24.58 0.40
C LYS A 155 31.69 -23.90 0.16
N GLN A 156 31.71 -22.61 0.05
CA GLN A 156 30.47 -21.85 -0.18
C GLN A 156 30.06 -21.95 -1.65
N GLU A 157 30.99 -21.77 -2.55
CA GLU A 157 30.64 -21.87 -3.99
C GLU A 157 30.02 -23.24 -4.25
N ALA A 158 30.44 -24.21 -3.49
CA ALA A 158 29.91 -25.60 -3.68
C ALA A 158 28.40 -25.65 -3.39
N LYS A 159 28.04 -25.58 -2.14
CA LYS A 159 26.61 -25.68 -1.74
C LYS A 159 25.68 -24.89 -2.65
N GLN A 160 25.85 -23.61 -2.77
CA GLN A 160 24.92 -22.83 -3.63
C GLN A 160 24.85 -23.45 -5.02
N LEU A 161 25.95 -23.56 -5.67
CA LEU A 161 25.95 -24.15 -7.03
C LEU A 161 25.48 -25.60 -6.95
N ALA A 162 25.70 -26.27 -5.85
CA ALA A 162 25.22 -27.68 -5.75
C ALA A 162 23.72 -27.66 -6.06
N ALA A 163 23.02 -26.70 -5.53
CA ALA A 163 21.57 -26.59 -5.83
C ALA A 163 21.45 -26.28 -7.32
N LYS A 164 21.88 -25.11 -7.72
CA LYS A 164 21.83 -24.73 -9.16
C LYS A 164 22.19 -25.92 -10.03
N LEU A 165 23.19 -26.68 -9.63
CA LEU A 165 23.61 -27.86 -10.43
C LEU A 165 22.43 -28.84 -10.52
N ALA A 166 21.96 -29.31 -9.41
CA ALA A 166 20.80 -30.25 -9.40
C ALA A 166 19.53 -29.50 -9.77
N TYR A 167 19.25 -28.47 -9.05
CA TYR A 167 18.03 -27.67 -9.31
C TYR A 167 17.83 -27.46 -10.80
N LEU A 168 18.78 -26.88 -11.47
CA LEU A 168 18.62 -26.65 -12.93
C LEU A 168 18.61 -28.00 -13.66
N GLN A 169 18.93 -29.05 -12.97
CA GLN A 169 18.96 -30.39 -13.64
C GLN A 169 17.55 -30.97 -13.72
N ILE A 170 16.94 -31.22 -12.60
CA ILE A 170 15.56 -31.79 -12.64
C ILE A 170 14.69 -30.81 -13.41
N LEU A 171 15.12 -29.59 -13.50
CA LEU A 171 14.35 -28.57 -14.24
C LEU A 171 14.39 -28.95 -15.71
N SER A 172 15.56 -29.29 -16.16
CA SER A 172 15.75 -29.69 -17.58
C SER A 172 15.35 -31.15 -17.78
N GLU A 173 15.46 -31.97 -16.77
CA GLU A 173 15.08 -33.40 -16.96
C GLU A 173 13.56 -33.55 -16.99
N GLU A 174 13.04 -33.97 -18.12
CA GLU A 174 11.56 -34.16 -18.23
C GLU A 174 11.21 -35.54 -17.67
N THR A 175 12.11 -36.14 -16.95
CA THR A 175 11.84 -37.48 -16.37
C THR A 175 11.13 -37.32 -15.03
N GLY A 176 10.20 -38.18 -14.73
CA GLY A 176 9.46 -38.07 -13.43
C GLY A 176 8.22 -37.20 -13.63
N SER A 177 7.83 -36.97 -14.85
CA SER A 177 6.62 -36.13 -15.11
C SER A 177 5.42 -37.03 -15.36
N GLY A 178 5.66 -38.28 -15.67
CA GLY A 178 4.53 -39.21 -15.93
C GLY A 178 5.06 -40.46 -16.65
N CYS A 179 6.35 -40.69 -16.55
CA CYS A 179 6.95 -41.88 -17.23
C CYS A 179 7.78 -42.67 -16.21
N GLY A 1 -25.76 17.06 16.99
CA GLY A 1 -27.22 17.34 17.05
C GLY A 1 -27.49 18.77 16.60
N SER A 2 -28.73 19.18 16.61
CA SER A 2 -29.06 20.55 16.17
C SER A 2 -30.46 20.91 16.67
N HIS A 3 -30.66 20.84 17.96
CA HIS A 3 -31.99 21.18 18.52
C HIS A 3 -32.48 22.52 17.95
N MET A 4 -31.92 23.61 18.39
CA MET A 4 -32.38 24.93 17.86
C MET A 4 -32.29 24.93 16.33
N GLU A 5 -32.44 26.08 15.74
CA GLU A 5 -32.35 26.20 14.26
C GLU A 5 -31.75 27.56 13.95
N MET A 6 -30.79 27.94 14.74
CA MET A 6 -30.13 29.26 14.54
C MET A 6 -28.64 29.10 14.85
N ALA A 7 -27.80 29.76 14.11
CA ALA A 7 -26.33 29.64 14.35
C ALA A 7 -25.96 30.38 15.63
N GLY A 8 -25.82 29.68 16.73
CA GLY A 8 -25.46 30.35 18.01
C GLY A 8 -23.96 30.63 18.04
N ASP A 9 -23.27 30.35 16.96
CA ASP A 9 -21.80 30.60 16.91
C ASP A 9 -21.54 32.04 16.52
N LEU A 10 -20.49 32.63 17.03
CA LEU A 10 -20.17 34.04 16.70
C LEU A 10 -18.67 34.28 16.89
N SER A 11 -17.88 33.27 16.67
CA SER A 11 -16.42 33.42 16.83
C SER A 11 -15.69 32.46 15.91
N ALA A 12 -15.41 32.88 14.70
CA ALA A 12 -14.72 32.01 13.71
C ALA A 12 -15.75 31.17 12.98
N GLY A 13 -16.57 30.48 13.71
CA GLY A 13 -17.62 29.62 13.08
C GLY A 13 -17.91 28.44 14.00
N PHE A 14 -17.74 27.25 13.49
CA PHE A 14 -18.00 26.04 14.33
C PHE A 14 -17.48 24.81 13.60
N PHE A 15 -18.28 24.22 12.76
CA PHE A 15 -17.80 23.03 12.01
C PHE A 15 -16.77 23.52 11.01
N MET A 16 -16.75 24.81 10.82
CA MET A 16 -15.76 25.43 9.91
C MET A 16 -14.48 25.63 10.71
N GLU A 17 -14.63 26.03 11.96
CA GLU A 17 -13.45 26.25 12.83
C GLU A 17 -12.68 24.94 12.96
N GLU A 18 -13.36 23.83 13.02
CA GLU A 18 -12.62 22.54 13.13
C GLU A 18 -12.08 22.18 11.76
N LEU A 19 -12.91 22.23 10.76
CA LEU A 19 -12.45 21.94 9.40
C LEU A 19 -11.27 22.86 9.08
N ASN A 20 -11.45 24.13 9.32
CA ASN A 20 -10.39 25.13 9.05
C ASN A 20 -9.12 24.77 9.84
N THR A 21 -9.24 23.91 10.82
CA THR A 21 -8.06 23.57 11.64
C THR A 21 -7.07 22.68 10.87
N TYR A 22 -7.45 21.49 10.52
CA TYR A 22 -6.49 20.57 9.82
C TYR A 22 -5.97 21.18 8.51
N ARG A 23 -6.83 21.73 7.71
CA ARG A 23 -6.36 22.28 6.41
C ARG A 23 -5.28 23.34 6.66
N GLN A 24 -5.43 24.08 7.71
CA GLN A 24 -4.40 25.11 8.01
C GLN A 24 -3.13 24.40 8.44
N LYS A 25 -3.28 23.25 9.04
CA LYS A 25 -2.10 22.47 9.47
C LYS A 25 -1.49 21.80 8.24
N GLN A 26 -2.16 21.89 7.13
CA GLN A 26 -1.65 21.26 5.88
C GLN A 26 -0.99 22.32 5.00
N GLY A 27 -1.17 23.57 5.33
CA GLY A 27 -0.57 24.64 4.50
C GLY A 27 -1.38 24.76 3.21
N VAL A 28 -2.67 24.69 3.33
CA VAL A 28 -3.55 24.79 2.15
C VAL A 28 -4.25 26.15 2.18
N VAL A 29 -5.37 26.30 1.51
CA VAL A 29 -6.07 27.62 1.53
C VAL A 29 -7.57 27.39 1.47
N LEU A 30 -8.30 27.81 2.48
CA LEU A 30 -9.77 27.60 2.47
C LEU A 30 -10.43 28.77 1.76
N LYS A 31 -11.05 28.50 0.65
CA LYS A 31 -11.73 29.61 -0.09
C LYS A 31 -13.25 29.49 0.12
N TYR A 32 -13.77 30.19 1.09
CA TYR A 32 -15.23 30.11 1.34
C TYR A 32 -15.92 31.19 0.50
N GLN A 33 -16.83 30.82 -0.35
CA GLN A 33 -17.53 31.83 -1.20
C GLN A 33 -19.03 31.55 -1.20
N GLU A 34 -19.81 32.47 -0.69
CA GLU A 34 -21.29 32.26 -0.63
C GLU A 34 -21.98 32.68 -1.94
N LEU A 35 -22.92 31.90 -2.39
CA LEU A 35 -23.67 32.23 -3.65
C LEU A 35 -25.14 32.55 -3.29
N PRO A 36 -25.43 33.80 -2.97
CA PRO A 36 -26.80 34.22 -2.60
C PRO A 36 -27.74 34.12 -3.79
N ASN A 37 -28.98 33.80 -3.54
CA ASN A 37 -29.97 33.68 -4.66
C ASN A 37 -29.37 32.89 -5.80
N SER A 38 -29.77 31.65 -5.91
CA SER A 38 -29.22 30.79 -7.00
C SER A 38 -30.33 29.91 -7.59
N GLY A 39 -31.49 29.91 -6.97
CA GLY A 39 -32.62 29.08 -7.48
C GLY A 39 -33.71 30.00 -8.05
N PRO A 40 -33.71 30.20 -9.36
CA PRO A 40 -34.70 31.06 -10.02
C PRO A 40 -36.16 30.62 -9.73
N PRO A 41 -36.43 29.34 -9.78
CA PRO A 41 -37.80 28.83 -9.55
C PRO A 41 -38.26 29.16 -8.13
N HIS A 42 -38.41 30.42 -7.83
CA HIS A 42 -38.88 30.85 -6.47
C HIS A 42 -38.15 30.07 -5.38
N ASP A 43 -37.11 29.34 -5.72
CA ASP A 43 -36.40 28.57 -4.68
C ASP A 43 -35.24 29.42 -4.14
N ARG A 44 -35.53 30.41 -3.36
CA ARG A 44 -34.45 31.26 -2.80
C ARG A 44 -33.53 30.40 -1.94
N ARG A 45 -32.95 29.38 -2.50
CA ARG A 45 -32.05 28.53 -1.70
C ARG A 45 -30.70 29.22 -1.56
N PHE A 46 -29.86 28.68 -0.74
CA PHE A 46 -28.52 29.30 -0.52
C PHE A 46 -27.44 28.28 -0.88
N THR A 47 -26.58 28.62 -1.80
CA THR A 47 -25.50 27.66 -2.19
C THR A 47 -24.17 28.16 -1.65
N PHE A 48 -23.43 27.32 -0.97
CA PHE A 48 -22.12 27.73 -0.41
C PHE A 48 -21.00 27.08 -1.23
N GLN A 49 -19.81 27.56 -1.07
CA GLN A 49 -18.66 26.98 -1.81
C GLN A 49 -17.43 27.02 -0.90
N VAL A 50 -16.62 26.01 -0.94
CA VAL A 50 -15.42 26.02 -0.06
C VAL A 50 -14.33 25.13 -0.66
N ILE A 51 -13.16 25.68 -0.87
CA ILE A 51 -12.02 24.89 -1.42
C ILE A 51 -11.06 24.62 -0.27
N ILE A 52 -10.02 23.87 -0.51
CA ILE A 52 -9.04 23.58 0.58
C ILE A 52 -7.70 24.21 0.22
N ASP A 53 -7.26 23.98 -0.96
CA ASP A 53 -5.98 24.54 -1.45
C ASP A 53 -6.26 25.38 -2.68
N GLY A 54 -6.61 24.72 -3.74
CA GLY A 54 -6.92 25.42 -5.01
C GLY A 54 -7.03 24.38 -6.13
N ARG A 55 -7.67 23.28 -5.85
CA ARG A 55 -7.79 22.21 -6.89
C ARG A 55 -9.13 21.47 -6.74
N GLU A 56 -9.68 21.48 -5.58
CA GLU A 56 -10.98 20.78 -5.37
C GLU A 56 -12.12 21.79 -5.60
N PHE A 57 -13.35 21.37 -5.49
CA PHE A 57 -14.47 22.32 -5.70
C PHE A 57 -15.75 21.84 -4.98
N PRO A 58 -15.61 21.43 -3.74
CA PRO A 58 -16.77 20.97 -2.95
C PRO A 58 -17.79 22.09 -2.81
N GLU A 59 -19.02 21.75 -2.53
CA GLU A 59 -20.07 22.79 -2.37
C GLU A 59 -21.40 22.13 -1.97
N GLY A 60 -22.35 22.91 -1.53
CA GLY A 60 -23.66 22.32 -1.12
C GLY A 60 -24.66 23.44 -0.84
N GLU A 61 -25.91 23.10 -0.67
CA GLU A 61 -26.94 24.15 -0.39
C GLU A 61 -27.71 23.79 0.89
N GLY A 62 -28.58 24.66 1.31
CA GLY A 62 -29.37 24.39 2.55
C GLY A 62 -30.10 25.66 2.97
N ARG A 63 -30.67 26.36 2.02
CA ARG A 63 -31.40 27.62 2.36
C ARG A 63 -30.40 28.60 2.98
N SER A 64 -30.84 29.80 3.26
CA SER A 64 -29.89 30.82 3.82
C SER A 64 -29.76 30.69 5.33
N LYS A 65 -28.74 29.99 5.77
CA LYS A 65 -28.49 29.84 7.24
C LYS A 65 -27.32 28.87 7.46
N LYS A 66 -27.17 28.41 8.67
CA LYS A 66 -26.03 27.50 9.02
C LYS A 66 -25.94 26.28 8.09
N GLU A 67 -27.00 25.53 7.92
CA GLU A 67 -26.91 24.30 7.07
C GLU A 67 -26.24 24.64 5.74
N ALA A 68 -26.16 25.88 5.38
CA ALA A 68 -25.50 26.23 4.09
C ALA A 68 -23.99 26.11 4.25
N LYS A 69 -23.39 27.01 4.99
CA LYS A 69 -21.91 26.94 5.20
C LYS A 69 -21.54 25.58 5.80
N ASN A 70 -22.38 25.05 6.64
CA ASN A 70 -22.07 23.74 7.26
C ASN A 70 -22.05 22.67 6.19
N ALA A 71 -22.95 22.71 5.26
CA ALA A 71 -22.94 21.69 4.18
C ALA A 71 -21.61 21.80 3.43
N ALA A 72 -21.14 23.00 3.23
CA ALA A 72 -19.84 23.19 2.53
C ALA A 72 -18.73 22.55 3.37
N ALA A 73 -18.53 23.05 4.55
CA ALA A 73 -17.45 22.49 5.42
C ALA A 73 -17.78 21.04 5.81
N LYS A 74 -19.01 20.75 6.11
CA LYS A 74 -19.38 19.35 6.54
C LYS A 74 -18.98 18.33 5.48
N LEU A 75 -19.53 18.44 4.30
CA LEU A 75 -19.22 17.43 3.27
C LEU A 75 -17.73 17.46 2.95
N ALA A 76 -17.10 18.58 3.15
CA ALA A 76 -15.65 18.68 2.86
C ALA A 76 -14.87 17.73 3.79
N VAL A 77 -15.33 17.57 5.00
CA VAL A 77 -14.62 16.65 5.92
C VAL A 77 -14.69 15.24 5.31
N GLU A 78 -15.76 14.95 4.63
CA GLU A 78 -15.91 13.62 4.01
C GLU A 78 -14.78 13.38 2.98
N ILE A 79 -14.11 14.42 2.60
CA ILE A 79 -13.01 14.30 1.59
C ILE A 79 -11.76 13.71 2.25
N LEU A 80 -11.18 14.40 3.17
CA LEU A 80 -9.96 13.85 3.83
C LEU A 80 -10.32 12.53 4.44
N ASN A 81 -11.50 12.45 4.96
CA ASN A 81 -11.95 11.21 5.59
C ASN A 81 -11.62 10.06 4.64
N LYS A 82 -11.98 10.21 3.40
CA LYS A 82 -11.65 9.17 2.41
C LYS A 82 -10.17 9.29 2.07
N GLU A 83 -9.83 9.34 0.82
CA GLU A 83 -8.40 9.45 0.42
C GLU A 83 -7.55 8.49 1.25
N LYS A 84 -8.19 7.60 1.97
CA LYS A 84 -7.44 6.62 2.81
C LYS A 84 -6.85 5.54 1.91
N LYS A 85 -7.21 5.53 0.66
CA LYS A 85 -6.68 4.48 -0.26
C LYS A 85 -5.30 4.89 -0.78
N ALA A 86 -4.28 4.28 -0.28
CA ALA A 86 -2.91 4.59 -0.75
C ALA A 86 -2.69 3.87 -2.08
N VAL A 87 -3.25 4.38 -3.15
CA VAL A 87 -3.08 3.70 -4.46
C VAL A 87 -3.00 4.74 -5.58
N SER A 88 -3.24 5.98 -5.29
CA SER A 88 -3.16 7.03 -6.34
C SER A 88 -1.72 7.54 -6.48
N PRO A 89 -1.10 7.86 -5.37
CA PRO A 89 0.28 8.36 -5.37
C PRO A 89 1.25 7.19 -5.56
N LEU A 90 1.61 6.54 -4.48
CA LEU A 90 2.53 5.39 -4.55
C LEU A 90 1.72 4.13 -4.87
N LEU A 91 2.33 3.13 -5.46
CA LEU A 91 1.59 1.89 -5.78
C LEU A 91 1.68 0.91 -4.61
N LEU A 92 2.67 0.07 -4.60
CA LEU A 92 2.81 -0.90 -3.49
C LEU A 92 3.64 -0.27 -2.35
N THR A 93 2.99 0.03 -1.25
CA THR A 93 3.73 0.64 -0.10
C THR A 93 3.86 -0.39 1.02
N THR A 94 4.57 -1.46 0.79
CA THR A 94 4.72 -2.50 1.83
C THR A 94 6.09 -2.36 2.49
N THR A 95 6.45 -1.17 2.91
CA THR A 95 7.76 -0.97 3.57
C THR A 95 7.55 -0.81 5.07
N ASN A 96 6.35 -0.54 5.49
CA ASN A 96 6.08 -0.36 6.95
C ASN A 96 5.85 -1.73 7.59
N SER A 97 6.64 -2.07 8.58
CA SER A 97 6.47 -3.38 9.25
C SER A 97 6.64 -4.52 8.23
N SER A 98 7.76 -5.19 8.26
CA SER A 98 7.98 -6.29 7.28
C SER A 98 9.08 -7.21 7.81
N GLU A 99 8.70 -8.34 8.35
CA GLU A 99 9.73 -9.29 8.88
C GLU A 99 10.34 -10.09 7.72
N GLY A 100 11.61 -10.38 7.80
CA GLY A 100 12.27 -11.15 6.72
C GLY A 100 13.72 -11.45 7.12
N LEU A 101 14.16 -10.92 8.23
CA LEU A 101 15.55 -11.17 8.68
C LEU A 101 16.52 -11.01 7.49
N SER A 102 17.32 -12.00 7.23
CA SER A 102 18.28 -11.89 6.09
C SER A 102 17.52 -11.78 4.76
N MET A 103 17.90 -10.84 3.94
CA MET A 103 17.20 -10.68 2.63
C MET A 103 17.57 -11.84 1.70
N GLY A 104 17.25 -11.73 0.44
CA GLY A 104 17.58 -12.84 -0.51
C GLY A 104 17.04 -14.16 0.04
N ASN A 105 15.74 -14.27 0.19
CA ASN A 105 15.16 -15.54 0.72
C ASN A 105 14.68 -16.43 -0.43
N TYR A 106 14.88 -17.71 -0.32
CA TYR A 106 14.43 -18.65 -1.40
C TYR A 106 14.65 -20.09 -0.93
N ILE A 107 15.66 -20.32 -0.15
CA ILE A 107 15.92 -21.71 0.35
C ILE A 107 14.64 -22.23 1.02
N GLY A 108 13.83 -21.33 1.49
CA GLY A 108 12.57 -21.74 2.18
C GLY A 108 11.49 -22.15 1.17
N LEU A 109 11.24 -21.33 0.18
CA LEU A 109 10.17 -21.67 -0.80
C LEU A 109 10.57 -22.92 -1.58
N ILE A 110 11.82 -23.29 -1.58
CA ILE A 110 12.21 -24.51 -2.32
C ILE A 110 11.56 -25.68 -1.61
N ASN A 111 11.46 -25.58 -0.32
CA ASN A 111 10.80 -26.65 0.46
C ASN A 111 9.30 -26.63 0.14
N ARG A 112 8.83 -25.54 -0.42
CA ARG A 112 7.39 -25.45 -0.75
C ARG A 112 7.08 -26.29 -1.98
N ILE A 113 7.83 -26.09 -3.04
CA ILE A 113 7.57 -26.88 -4.27
C ILE A 113 7.78 -28.36 -3.94
N ALA A 114 8.57 -28.63 -2.94
CA ALA A 114 8.80 -30.03 -2.53
C ALA A 114 7.48 -30.64 -2.08
N GLN A 115 6.96 -30.17 -0.98
CA GLN A 115 5.68 -30.68 -0.44
C GLN A 115 4.55 -30.34 -1.41
N LYS A 116 4.77 -29.43 -2.31
CA LYS A 116 3.69 -29.10 -3.27
C LYS A 116 3.50 -30.30 -4.19
N LYS A 117 4.50 -30.59 -4.96
CA LYS A 117 4.44 -31.76 -5.87
C LYS A 117 5.16 -32.92 -5.18
N ARG A 118 5.05 -32.96 -3.87
CA ARG A 118 5.69 -34.02 -3.03
C ARG A 118 7.00 -34.52 -3.66
N LEU A 119 8.11 -34.09 -3.12
CA LEU A 119 9.45 -34.55 -3.63
C LEU A 119 10.44 -34.52 -2.46
N THR A 120 11.69 -34.77 -2.74
CA THR A 120 12.73 -34.72 -1.66
C THR A 120 13.42 -33.36 -1.73
N VAL A 121 13.67 -32.73 -0.61
CA VAL A 121 14.32 -31.39 -0.65
C VAL A 121 15.30 -31.21 0.49
N ASN A 122 16.57 -31.41 0.26
CA ASN A 122 17.56 -31.20 1.35
C ASN A 122 18.84 -30.61 0.77
N TYR A 123 19.75 -30.18 1.60
CA TYR A 123 21.01 -29.56 1.07
C TYR A 123 22.23 -30.06 1.82
N GLU A 124 23.28 -30.33 1.08
CA GLU A 124 24.55 -30.77 1.68
C GLU A 124 25.64 -29.89 1.07
N GLN A 125 26.87 -30.01 1.48
CA GLN A 125 27.90 -29.11 0.85
C GLN A 125 29.32 -29.43 1.32
N CYS A 126 30.25 -29.39 0.41
CA CYS A 126 31.68 -29.64 0.75
C CYS A 126 32.52 -28.51 0.13
N ALA A 127 32.85 -27.52 0.89
CA ALA A 127 33.65 -26.38 0.35
C ALA A 127 35.01 -26.89 -0.13
N SER A 128 35.40 -26.55 -1.33
CA SER A 128 36.72 -27.01 -1.84
C SER A 128 37.75 -25.91 -1.61
N GLY A 129 37.91 -25.49 -0.38
CA GLY A 129 38.90 -24.41 -0.08
C GLY A 129 40.26 -25.04 0.25
N VAL A 130 40.70 -25.95 -0.56
CA VAL A 130 42.02 -26.59 -0.30
C VAL A 130 43.12 -25.52 -0.33
N HIS A 131 43.49 -25.07 -1.50
CA HIS A 131 44.55 -24.04 -1.59
C HIS A 131 43.93 -22.67 -1.37
N GLY A 132 43.22 -22.16 -2.34
CA GLY A 132 42.59 -20.82 -2.19
C GLY A 132 41.85 -20.45 -3.48
N PRO A 133 42.61 -20.26 -4.53
CA PRO A 133 42.04 -19.90 -5.84
C PRO A 133 41.12 -21.02 -6.34
N GLU A 134 41.00 -22.08 -5.58
CA GLU A 134 40.12 -23.20 -6.01
C GLU A 134 38.67 -22.71 -6.05
N GLY A 135 37.84 -23.14 -5.13
CA GLY A 135 36.43 -22.68 -5.13
C GLY A 135 35.63 -23.41 -4.05
N PHE A 136 34.35 -23.21 -4.02
CA PHE A 136 33.50 -23.87 -3.00
C PHE A 136 32.57 -24.85 -3.72
N HIS A 137 32.64 -26.12 -3.36
CA HIS A 137 31.77 -27.12 -4.03
C HIS A 137 30.58 -27.47 -3.13
N TYR A 138 29.39 -27.21 -3.59
CA TYR A 138 28.19 -27.52 -2.79
C TYR A 138 27.37 -28.57 -3.53
N LYS A 139 26.49 -29.21 -2.85
CA LYS A 139 25.65 -30.22 -3.50
C LYS A 139 24.26 -30.18 -2.89
N CYS A 140 23.25 -30.40 -3.69
CA CYS A 140 21.86 -30.38 -3.15
C CYS A 140 21.01 -31.27 -4.02
N LYS A 141 20.02 -31.88 -3.45
CA LYS A 141 19.16 -32.78 -4.25
C LYS A 141 17.70 -32.35 -4.17
N MET A 142 17.04 -32.34 -5.28
CA MET A 142 15.61 -31.95 -5.31
C MET A 142 14.93 -32.81 -6.37
N GLY A 143 13.64 -33.01 -6.27
CA GLY A 143 12.96 -33.87 -7.28
C GLY A 143 13.07 -35.32 -6.83
N GLN A 144 12.06 -36.10 -7.05
CA GLN A 144 12.12 -37.51 -6.60
C GLN A 144 13.12 -38.28 -7.47
N LYS A 145 13.72 -37.64 -8.44
CA LYS A 145 14.70 -38.36 -9.31
C LYS A 145 15.77 -37.39 -9.84
N GLU A 146 16.05 -36.31 -9.16
CA GLU A 146 17.08 -35.36 -9.68
C GLU A 146 18.01 -34.90 -8.55
N TYR A 147 19.25 -34.66 -8.89
CA TYR A 147 20.24 -34.21 -7.87
C TYR A 147 20.73 -32.80 -8.20
N SER A 148 20.11 -31.80 -7.66
CA SER A 148 20.52 -30.40 -7.94
C SER A 148 21.91 -30.11 -7.34
N ILE A 149 22.95 -30.61 -7.93
CA ILE A 149 24.31 -30.32 -7.40
C ILE A 149 24.62 -28.86 -7.73
N GLY A 150 25.27 -28.12 -6.85
CA GLY A 150 25.55 -26.69 -7.17
C GLY A 150 26.93 -26.27 -6.65
N THR A 151 27.59 -25.42 -7.39
CA THR A 151 28.93 -24.92 -6.98
C THR A 151 28.87 -23.39 -6.89
N GLY A 152 29.67 -22.80 -6.04
CA GLY A 152 29.61 -21.30 -5.92
C GLY A 152 31.00 -20.74 -5.57
N SER A 153 31.17 -19.46 -5.77
CA SER A 153 32.48 -18.82 -5.45
C SER A 153 32.61 -18.65 -3.94
N THR A 154 31.52 -18.64 -3.23
CA THR A 154 31.58 -18.48 -1.75
C THR A 154 30.54 -19.38 -1.09
N LYS A 155 30.77 -19.73 0.14
CA LYS A 155 29.83 -20.60 0.88
C LYS A 155 28.41 -20.05 0.77
N GLN A 156 28.28 -18.77 0.91
CA GLN A 156 26.95 -18.14 0.86
C GLN A 156 26.46 -18.08 -0.58
N GLU A 157 27.32 -17.73 -1.51
CA GLU A 157 26.88 -17.68 -2.91
C GLU A 157 26.45 -19.10 -3.31
N ALA A 158 27.08 -20.08 -2.74
CA ALA A 158 26.74 -21.48 -3.07
C ALA A 158 25.33 -21.83 -2.56
N LYS A 159 25.19 -22.01 -1.28
CA LYS A 159 23.87 -22.37 -0.69
C LYS A 159 22.73 -21.56 -1.30
N GLN A 160 22.85 -20.26 -1.27
CA GLN A 160 21.76 -19.41 -1.80
C GLN A 160 21.44 -19.82 -3.23
N LEU A 161 22.41 -19.77 -4.10
CA LEU A 161 22.15 -20.12 -5.49
C LEU A 161 21.78 -21.60 -5.56
N ALA A 162 22.17 -22.38 -4.59
CA ALA A 162 21.82 -23.83 -4.61
C ALA A 162 20.31 -23.95 -4.85
N ALA A 163 19.54 -23.16 -4.16
CA ALA A 163 18.08 -23.20 -4.37
C ALA A 163 17.81 -22.83 -5.83
N LYS A 164 18.17 -21.63 -6.20
CA LYS A 164 17.98 -21.17 -7.60
C LYS A 164 18.35 -22.30 -8.58
N LEU A 165 19.35 -23.08 -8.25
CA LEU A 165 19.77 -24.19 -9.15
C LEU A 165 18.60 -25.18 -9.32
N ALA A 166 18.21 -25.81 -8.26
CA ALA A 166 17.09 -26.80 -8.33
C ALA A 166 15.79 -26.06 -8.58
N TYR A 167 15.56 -25.06 -7.82
CA TYR A 167 14.32 -24.27 -7.94
C TYR A 167 14.04 -23.98 -9.41
N LEU A 168 14.91 -23.29 -10.09
CA LEU A 168 14.69 -22.98 -11.52
C LEU A 168 14.73 -24.28 -12.34
N GLN A 169 15.13 -25.36 -11.74
CA GLN A 169 15.22 -26.65 -12.48
C GLN A 169 13.86 -27.35 -12.45
N ILE A 170 13.23 -27.36 -11.33
CA ILE A 170 11.90 -28.01 -11.24
C ILE A 170 11.03 -27.37 -12.31
N LEU A 171 11.26 -26.10 -12.54
CA LEU A 171 10.48 -25.37 -13.56
C LEU A 171 10.85 -25.89 -14.94
N SER A 172 12.11 -26.06 -15.16
CA SER A 172 12.58 -26.57 -16.48
C SER A 172 12.27 -28.06 -16.56
N GLU A 173 12.03 -28.69 -15.43
CA GLU A 173 11.72 -30.15 -15.48
C GLU A 173 10.31 -30.35 -16.05
N GLU A 174 10.20 -31.09 -17.11
CA GLU A 174 8.86 -31.33 -17.71
C GLU A 174 8.15 -32.43 -16.94
N THR A 175 8.77 -32.90 -15.88
CA THR A 175 8.14 -33.98 -15.08
C THR A 175 7.23 -33.36 -14.01
N GLY A 176 7.54 -33.56 -12.76
CA GLY A 176 6.69 -32.98 -11.69
C GLY A 176 5.24 -33.42 -11.90
N SER A 177 5.03 -34.37 -12.77
CA SER A 177 3.65 -34.86 -13.03
C SER A 177 3.37 -36.10 -12.18
N GLY A 178 4.17 -36.33 -11.18
CA GLY A 178 3.97 -37.53 -10.32
C GLY A 178 4.63 -38.75 -10.97
N CYS A 179 5.48 -38.54 -11.93
CA CYS A 179 6.17 -39.68 -12.60
C CYS A 179 7.67 -39.40 -12.70
N GLY A 1 -28.98 27.19 18.41
CA GLY A 1 -29.61 25.95 18.95
C GLY A 1 -30.61 25.38 17.94
N SER A 2 -31.06 24.18 18.18
CA SER A 2 -32.05 23.53 17.26
C SER A 2 -33.41 24.20 17.44
N HIS A 3 -33.56 24.91 18.52
CA HIS A 3 -34.84 25.61 18.79
C HIS A 3 -34.90 26.88 17.95
N MET A 4 -33.98 27.78 18.16
CA MET A 4 -33.98 29.05 17.38
C MET A 4 -33.91 28.72 15.88
N GLU A 5 -33.33 29.61 15.12
CA GLU A 5 -33.22 29.38 13.65
C GLU A 5 -31.96 30.07 13.14
N MET A 6 -30.88 29.95 13.87
CA MET A 6 -29.60 30.60 13.45
C MET A 6 -28.43 29.75 13.96
N ALA A 7 -27.30 29.84 13.33
CA ALA A 7 -26.13 29.05 13.78
C ALA A 7 -25.54 29.70 15.05
N GLY A 8 -25.63 29.04 16.16
CA GLY A 8 -25.11 29.63 17.42
C GLY A 8 -23.57 29.64 17.40
N ASP A 9 -22.98 30.28 16.44
CA ASP A 9 -21.50 30.33 16.37
C ASP A 9 -20.99 31.46 17.26
N LEU A 10 -19.71 31.47 17.52
CA LEU A 10 -19.15 32.53 18.40
C LEU A 10 -17.65 32.65 18.16
N SER A 11 -17.18 32.11 17.07
CA SER A 11 -15.72 32.19 16.78
C SER A 11 -15.48 32.10 15.28
N ALA A 12 -16.02 33.03 14.53
CA ALA A 12 -15.85 33.00 13.06
C ALA A 12 -16.84 32.01 12.46
N GLY A 13 -17.20 31.01 13.21
CA GLY A 13 -18.18 30.00 12.71
C GLY A 13 -18.38 28.92 13.76
N PHE A 14 -18.30 27.68 13.38
CA PHE A 14 -18.50 26.57 14.36
C PHE A 14 -18.01 25.25 13.76
N PHE A 15 -18.75 24.70 12.83
CA PHE A 15 -18.30 23.44 12.20
C PHE A 15 -17.09 23.80 11.33
N MET A 16 -16.96 25.06 11.03
CA MET A 16 -15.81 25.54 10.23
C MET A 16 -14.60 25.61 11.15
N GLU A 17 -14.76 26.19 12.31
CA GLU A 17 -13.62 26.29 13.25
C GLU A 17 -13.09 24.88 13.50
N GLU A 18 -13.94 23.90 13.38
CA GLU A 18 -13.48 22.50 13.61
C GLU A 18 -12.88 21.97 12.31
N LEU A 19 -13.65 21.99 11.28
CA LEU A 19 -13.15 21.52 9.96
C LEU A 19 -11.87 22.31 9.65
N ASN A 20 -11.93 23.59 9.89
CA ASN A 20 -10.76 24.47 9.64
C ASN A 20 -9.60 24.10 10.57
N THR A 21 -9.82 23.31 11.57
CA THR A 21 -8.72 22.97 12.51
C THR A 21 -7.69 22.07 11.83
N TYR A 22 -8.07 20.87 11.44
CA TYR A 22 -7.09 19.96 10.79
C TYR A 22 -6.51 20.63 9.53
N ARG A 23 -7.35 21.26 8.77
CA ARG A 23 -6.89 21.91 7.51
C ARG A 23 -5.70 22.82 7.80
N GLN A 24 -5.62 23.35 8.99
CA GLN A 24 -4.45 24.19 9.34
C GLN A 24 -3.25 23.26 9.58
N LYS A 25 -3.52 22.05 9.99
CA LYS A 25 -2.43 21.07 10.23
C LYS A 25 -2.02 20.46 8.90
N GLN A 26 -2.83 20.63 7.88
CA GLN A 26 -2.50 20.06 6.54
C GLN A 26 -1.88 21.14 5.66
N GLY A 27 -2.09 22.37 6.03
CA GLY A 27 -1.51 23.48 5.22
C GLY A 27 -2.35 23.70 3.96
N VAL A 28 -3.65 23.64 4.09
CA VAL A 28 -4.53 23.85 2.92
C VAL A 28 -5.23 25.20 3.09
N VAL A 29 -6.22 25.51 2.28
CA VAL A 29 -6.89 26.84 2.45
C VAL A 29 -8.35 26.75 2.03
N LEU A 30 -9.23 27.27 2.86
CA LEU A 30 -10.68 27.21 2.56
C LEU A 30 -11.11 28.45 1.77
N LYS A 31 -11.63 28.25 0.59
CA LYS A 31 -12.12 29.40 -0.22
C LYS A 31 -13.63 29.23 -0.43
N TYR A 32 -14.41 30.03 0.24
CA TYR A 32 -15.89 29.91 0.12
C TYR A 32 -16.41 30.84 -0.99
N GLN A 33 -17.23 30.33 -1.85
CA GLN A 33 -17.80 31.17 -2.94
C GLN A 33 -19.33 30.97 -2.93
N GLU A 34 -20.05 31.90 -2.40
CA GLU A 34 -21.52 31.75 -2.31
C GLU A 34 -22.20 32.02 -3.66
N LEU A 35 -23.18 31.21 -3.98
CA LEU A 35 -23.93 31.38 -5.27
C LEU A 35 -25.44 31.41 -4.92
N PRO A 36 -25.92 32.55 -4.49
CA PRO A 36 -27.33 32.71 -4.09
C PRO A 36 -28.24 32.71 -5.33
N ASN A 37 -29.53 32.80 -5.13
CA ASN A 37 -30.48 32.80 -6.27
C ASN A 37 -30.01 31.79 -7.33
N SER A 38 -30.42 30.57 -7.18
CA SER A 38 -30.03 29.51 -8.14
C SER A 38 -31.25 28.64 -8.46
N GLY A 39 -32.36 28.89 -7.80
CA GLY A 39 -33.59 28.09 -8.05
C GLY A 39 -34.79 29.04 -8.22
N PRO A 40 -34.87 29.67 -9.38
CA PRO A 40 -35.97 30.61 -9.68
C PRO A 40 -37.36 29.97 -9.51
N PRO A 41 -37.55 28.75 -9.99
CA PRO A 41 -38.87 28.08 -9.88
C PRO A 41 -39.28 27.91 -8.40
N HIS A 42 -39.58 29.00 -7.75
CA HIS A 42 -40.00 28.96 -6.31
C HIS A 42 -39.00 28.19 -5.45
N ASP A 43 -38.00 27.57 -6.05
CA ASP A 43 -37.01 26.84 -5.24
C ASP A 43 -35.83 27.77 -4.95
N ARG A 44 -36.11 28.99 -4.56
CA ARG A 44 -35.02 29.96 -4.28
C ARG A 44 -34.10 29.42 -3.19
N ARG A 45 -33.32 28.41 -3.49
CA ARG A 45 -32.41 27.86 -2.46
C ARG A 45 -31.13 28.69 -2.39
N PHE A 46 -30.17 28.20 -1.68
CA PHE A 46 -28.87 28.89 -1.54
C PHE A 46 -27.78 27.94 -2.02
N THR A 47 -27.27 28.15 -3.19
CA THR A 47 -26.22 27.22 -3.72
C THR A 47 -24.84 27.79 -3.41
N PHE A 48 -24.14 27.16 -2.49
CA PHE A 48 -22.79 27.66 -2.10
C PHE A 48 -21.71 26.74 -2.66
N GLN A 49 -20.49 27.19 -2.67
CA GLN A 49 -19.35 26.36 -3.18
C GLN A 49 -18.18 26.56 -2.21
N VAL A 50 -17.32 25.59 -2.05
CA VAL A 50 -16.20 25.77 -1.09
C VAL A 50 -15.02 24.84 -1.44
N ILE A 51 -13.84 25.39 -1.44
CA ILE A 51 -12.62 24.59 -1.75
C ILE A 51 -11.88 24.33 -0.43
N ILE A 52 -10.81 23.57 -0.46
CA ILE A 52 -10.07 23.28 0.80
C ILE A 52 -8.59 23.61 0.63
N ASP A 53 -8.04 23.33 -0.51
CA ASP A 53 -6.60 23.58 -0.78
C ASP A 53 -6.42 24.52 -1.97
N GLY A 54 -7.15 24.31 -3.03
CA GLY A 54 -7.01 25.18 -4.24
C GLY A 54 -7.08 24.35 -5.51
N ARG A 55 -7.73 23.20 -5.46
CA ARG A 55 -7.82 22.36 -6.68
C ARG A 55 -9.11 21.56 -6.68
N GLU A 56 -9.80 21.51 -5.58
CA GLU A 56 -11.06 20.74 -5.52
C GLU A 56 -12.22 21.66 -5.93
N PHE A 57 -13.42 21.14 -5.96
CA PHE A 57 -14.57 21.99 -6.34
C PHE A 57 -15.88 21.45 -5.76
N PRO A 58 -15.83 20.96 -4.53
CA PRO A 58 -17.05 20.44 -3.88
C PRO A 58 -18.09 21.55 -3.78
N GLU A 59 -19.30 21.23 -3.42
CA GLU A 59 -20.34 22.27 -3.31
C GLU A 59 -21.64 21.65 -2.80
N GLY A 60 -22.49 22.44 -2.24
CA GLY A 60 -23.79 21.91 -1.72
C GLY A 60 -24.78 23.07 -1.62
N GLU A 61 -26.02 22.77 -1.32
CA GLU A 61 -27.04 23.86 -1.23
C GLU A 61 -27.79 23.76 0.10
N GLY A 62 -28.61 24.72 0.37
CA GLY A 62 -29.42 24.73 1.62
C GLY A 62 -30.63 25.64 1.42
N ARG A 63 -30.53 26.86 1.85
CA ARG A 63 -31.66 27.82 1.66
C ARG A 63 -31.22 29.21 2.14
N SER A 64 -32.13 30.11 2.32
CA SER A 64 -31.74 31.48 2.75
C SER A 64 -31.34 31.49 4.23
N LYS A 65 -30.32 30.75 4.59
CA LYS A 65 -29.88 30.75 6.02
C LYS A 65 -28.60 29.93 6.21
N LYS A 66 -28.29 29.65 7.45
CA LYS A 66 -27.07 28.88 7.80
C LYS A 66 -26.98 27.58 6.99
N GLU A 67 -28.10 26.95 6.73
CA GLU A 67 -28.08 25.68 5.95
C GLU A 67 -27.15 25.84 4.76
N ALA A 68 -26.96 27.05 4.32
CA ALA A 68 -26.04 27.30 3.18
C ALA A 68 -24.60 27.19 3.68
N LYS A 69 -24.19 28.11 4.50
CA LYS A 69 -22.81 28.07 5.05
C LYS A 69 -22.59 26.73 5.73
N ASN A 70 -23.57 26.25 6.45
CA ASN A 70 -23.42 24.95 7.15
C ASN A 70 -23.31 23.82 6.12
N ALA A 71 -24.15 23.81 5.13
CA ALA A 71 -24.07 22.72 4.11
C ALA A 71 -22.69 22.75 3.46
N ALA A 72 -22.22 23.92 3.12
CA ALA A 72 -20.88 24.03 2.48
C ALA A 72 -19.81 23.47 3.41
N ALA A 73 -19.72 23.97 4.60
CA ALA A 73 -18.68 23.46 5.54
C ALA A 73 -19.05 22.05 6.02
N LYS A 74 -20.30 21.80 6.27
CA LYS A 74 -20.72 20.44 6.75
C LYS A 74 -20.31 19.36 5.76
N LEU A 75 -20.76 19.47 4.55
CA LEU A 75 -20.45 18.43 3.56
C LEU A 75 -18.95 18.33 3.33
N ALA A 76 -18.24 19.39 3.56
CA ALA A 76 -16.76 19.34 3.35
C ALA A 76 -16.17 18.30 4.33
N VAL A 77 -16.73 18.18 5.49
CA VAL A 77 -16.23 17.17 6.45
C VAL A 77 -16.44 15.79 5.84
N GLU A 78 -17.54 15.62 5.16
CA GLU A 78 -17.86 14.32 4.52
C GLU A 78 -16.73 13.92 3.56
N ILE A 79 -15.88 14.85 3.21
CA ILE A 79 -14.76 14.56 2.28
C ILE A 79 -13.65 13.80 3.01
N LEU A 80 -13.06 14.43 3.99
CA LEU A 80 -11.96 13.75 4.74
C LEU A 80 -12.52 12.46 5.30
N ASN A 81 -13.74 12.53 5.74
CA ASN A 81 -14.41 11.34 6.30
C ASN A 81 -14.31 10.21 5.28
N LYS A 82 -14.50 10.52 4.02
CA LYS A 82 -14.36 9.49 2.97
C LYS A 82 -12.87 9.16 2.83
N GLU A 83 -12.35 9.17 1.63
CA GLU A 83 -10.91 8.84 1.45
C GLU A 83 -10.55 7.59 2.25
N LYS A 84 -11.54 6.93 2.77
CA LYS A 84 -11.30 5.69 3.56
C LYS A 84 -11.06 4.51 2.61
N LYS A 85 -11.27 4.71 1.34
CA LYS A 85 -11.08 3.59 0.37
C LYS A 85 -9.61 3.46 -0.01
N ALA A 86 -9.14 2.27 -0.20
CA ALA A 86 -7.73 2.06 -0.61
C ALA A 86 -7.59 2.35 -2.10
N VAL A 87 -7.01 3.47 -2.45
CA VAL A 87 -6.87 3.82 -3.89
C VAL A 87 -5.42 4.19 -4.18
N SER A 88 -4.68 4.53 -3.16
CA SER A 88 -3.24 4.88 -3.34
C SER A 88 -2.41 3.59 -3.29
N PRO A 89 -1.73 3.24 -4.35
CA PRO A 89 -0.92 2.00 -4.36
C PRO A 89 0.14 2.09 -3.27
N LEU A 90 1.26 1.46 -3.44
CA LEU A 90 2.32 1.51 -2.38
C LEU A 90 3.18 2.76 -2.59
N LEU A 91 2.80 3.86 -2.00
CA LEU A 91 3.60 5.11 -2.16
C LEU A 91 4.56 5.25 -0.98
N LEU A 92 4.44 4.40 0.01
CA LEU A 92 5.35 4.48 1.19
C LEU A 92 6.60 3.63 0.94
N THR A 93 7.75 4.24 0.95
CA THR A 93 9.01 3.47 0.74
C THR A 93 9.96 3.72 1.91
N THR A 94 9.49 3.52 3.11
CA THR A 94 10.34 3.76 4.30
C THR A 94 11.03 2.45 4.70
N THR A 95 12.19 2.21 4.17
CA THR A 95 12.93 0.95 4.51
C THR A 95 14.14 1.30 5.39
N ASN A 96 14.76 2.42 5.14
CA ASN A 96 15.94 2.82 5.96
C ASN A 96 17.00 1.71 5.91
N SER A 97 16.93 0.86 4.92
CA SER A 97 17.94 -0.24 4.81
C SER A 97 17.82 -1.16 6.02
N SER A 98 18.90 -1.78 6.42
CA SER A 98 18.85 -2.70 7.59
C SER A 98 17.79 -3.77 7.33
N GLU A 99 17.66 -4.21 6.11
CA GLU A 99 16.66 -5.25 5.80
C GLU A 99 17.19 -6.63 6.20
N GLY A 100 16.32 -7.52 6.59
CA GLY A 100 16.78 -8.88 6.98
C GLY A 100 15.71 -9.90 6.59
N LEU A 101 14.55 -9.83 7.20
CA LEU A 101 13.46 -10.78 6.86
C LEU A 101 14.04 -12.20 6.73
N SER A 102 13.68 -12.90 5.70
CA SER A 102 14.21 -14.29 5.53
C SER A 102 15.74 -14.24 5.53
N MET A 103 16.36 -15.04 6.37
CA MET A 103 17.84 -15.05 6.42
C MET A 103 18.42 -15.65 5.14
N GLY A 104 19.06 -14.86 4.33
CA GLY A 104 19.65 -15.39 3.06
C GLY A 104 18.53 -15.63 2.05
N ASN A 105 17.46 -16.22 2.49
CA ASN A 105 16.31 -16.50 1.56
C ASN A 105 16.79 -17.37 0.39
N TYR A 106 16.79 -18.67 0.56
CA TYR A 106 17.21 -19.57 -0.55
C TYR A 106 17.05 -21.03 -0.15
N ILE A 107 18.07 -21.66 0.38
CA ILE A 107 17.92 -23.08 0.78
C ILE A 107 16.64 -23.22 1.60
N GLY A 108 16.20 -22.12 2.18
CA GLY A 108 14.97 -22.14 3.00
C GLY A 108 13.72 -22.07 2.10
N LEU A 109 13.66 -21.10 1.23
CA LEU A 109 12.46 -20.98 0.34
C LEU A 109 12.40 -22.14 -0.64
N ILE A 110 13.50 -22.80 -0.90
CA ILE A 110 13.44 -23.92 -1.85
C ILE A 110 12.56 -24.99 -1.23
N ASN A 111 12.61 -25.11 0.06
CA ASN A 111 11.73 -26.08 0.75
C ASN A 111 10.28 -25.58 0.66
N ARG A 112 10.11 -24.32 0.37
CA ARG A 112 8.76 -23.74 0.27
C ARG A 112 8.12 -24.14 -1.06
N ILE A 113 8.78 -23.84 -2.14
CA ILE A 113 8.21 -24.18 -3.47
C ILE A 113 8.07 -25.70 -3.53
N ALA A 114 8.90 -26.38 -2.81
CA ALA A 114 8.84 -27.86 -2.79
C ALA A 114 7.44 -28.29 -2.34
N GLN A 115 7.12 -27.99 -1.11
CA GLN A 115 5.79 -28.37 -0.58
C GLN A 115 4.71 -27.62 -1.34
N LYS A 116 5.06 -26.54 -1.99
CA LYS A 116 4.04 -25.78 -2.76
C LYS A 116 3.60 -26.65 -3.93
N LYS A 117 4.49 -26.87 -4.85
CA LYS A 117 4.17 -27.71 -6.02
C LYS A 117 4.61 -29.13 -5.69
N ARG A 118 4.45 -29.49 -4.44
CA ARG A 118 4.83 -30.85 -3.92
C ARG A 118 6.02 -31.43 -4.68
N LEU A 119 7.18 -31.36 -4.06
CA LEU A 119 8.43 -31.94 -4.66
C LEU A 119 9.33 -32.39 -3.51
N THR A 120 10.54 -32.78 -3.78
CA THR A 120 11.45 -33.24 -2.68
C THR A 120 12.62 -32.25 -2.50
N VAL A 121 13.18 -32.18 -1.31
CA VAL A 121 14.33 -31.25 -1.06
C VAL A 121 15.41 -31.96 -0.25
N ASN A 122 16.63 -32.00 -0.75
CA ASN A 122 17.73 -32.65 0.04
C ASN A 122 19.05 -31.94 -0.24
N TYR A 123 19.96 -31.96 0.71
CA TYR A 123 21.27 -31.27 0.51
C TYR A 123 22.42 -32.09 1.14
N GLU A 124 23.38 -32.48 0.34
CA GLU A 124 24.54 -33.25 0.88
C GLU A 124 25.80 -32.45 0.58
N GLN A 125 26.97 -33.00 0.78
CA GLN A 125 28.19 -32.19 0.49
C GLN A 125 29.46 -33.05 0.48
N CYS A 126 30.26 -32.88 -0.55
CA CYS A 126 31.54 -33.64 -0.66
C CYS A 126 32.66 -32.66 -1.02
N ALA A 127 33.20 -31.98 -0.05
CA ALA A 127 34.28 -30.99 -0.33
C ALA A 127 35.48 -31.69 -0.98
N SER A 128 35.98 -31.14 -2.06
CA SER A 128 37.16 -31.77 -2.74
C SER A 128 38.43 -31.08 -2.22
N GLY A 129 38.69 -31.18 -0.95
CA GLY A 129 39.90 -30.51 -0.38
C GLY A 129 41.05 -31.53 -0.28
N VAL A 130 41.20 -32.36 -1.26
CA VAL A 130 42.30 -33.37 -1.22
C VAL A 130 43.65 -32.65 -1.21
N HIS A 131 44.01 -32.03 -2.30
CA HIS A 131 45.30 -31.31 -2.36
C HIS A 131 45.14 -29.94 -1.71
N GLY A 132 44.27 -29.14 -2.23
CA GLY A 132 44.06 -27.77 -1.65
C GLY A 132 43.55 -26.82 -2.73
N PRO A 133 44.40 -26.52 -3.68
CA PRO A 133 44.05 -25.61 -4.77
C PRO A 133 42.89 -26.22 -5.58
N GLU A 134 42.47 -27.40 -5.24
CA GLU A 134 41.35 -28.05 -5.97
C GLU A 134 40.08 -27.21 -5.85
N GLY A 135 39.12 -27.64 -5.08
CA GLY A 135 37.86 -26.84 -4.94
C GLY A 135 36.90 -27.52 -3.96
N PHE A 136 35.66 -27.10 -3.96
CA PHE A 136 34.67 -27.72 -3.03
C PHE A 136 33.52 -28.26 -3.86
N HIS A 137 33.32 -29.55 -3.87
CA HIS A 137 32.20 -30.12 -4.67
C HIS A 137 31.03 -30.46 -3.75
N TYR A 138 29.92 -29.79 -3.94
CA TYR A 138 28.74 -30.05 -3.09
C TYR A 138 27.64 -30.60 -3.99
N LYS A 139 26.56 -31.05 -3.43
CA LYS A 139 25.48 -31.59 -4.30
C LYS A 139 24.14 -31.33 -3.65
N CYS A 140 23.08 -31.33 -4.42
CA CYS A 140 21.75 -31.06 -3.83
C CYS A 140 20.64 -31.64 -4.72
N LYS A 141 19.56 -32.04 -4.11
CA LYS A 141 18.43 -32.60 -4.90
C LYS A 141 17.23 -31.68 -4.80
N MET A 142 16.55 -31.48 -5.88
CA MET A 142 15.35 -30.60 -5.89
C MET A 142 14.41 -31.09 -6.98
N GLY A 143 13.15 -30.84 -6.87
CA GLY A 143 12.23 -31.33 -7.93
C GLY A 143 11.72 -32.71 -7.54
N GLN A 144 11.38 -33.53 -8.49
CA GLN A 144 10.87 -34.89 -8.15
C GLN A 144 11.70 -35.95 -8.87
N LYS A 145 12.46 -35.57 -9.86
CA LYS A 145 13.28 -36.58 -10.60
C LYS A 145 14.59 -35.97 -11.10
N GLU A 146 15.07 -34.91 -10.50
CA GLU A 146 16.35 -34.29 -10.97
C GLU A 146 17.23 -33.95 -9.77
N TYR A 147 18.48 -34.37 -9.80
CA TYR A 147 19.40 -34.10 -8.67
C TYR A 147 20.28 -32.88 -8.99
N SER A 148 19.86 -31.72 -8.57
CA SER A 148 20.63 -30.46 -8.84
C SER A 148 21.98 -30.50 -8.11
N ILE A 149 23.03 -30.97 -8.76
CA ILE A 149 24.36 -30.98 -8.07
C ILE A 149 24.87 -29.53 -7.99
N GLY A 150 25.71 -29.22 -7.04
CA GLY A 150 26.21 -27.81 -6.93
C GLY A 150 27.67 -27.79 -6.46
N THR A 151 28.52 -27.15 -7.22
CA THR A 151 29.97 -27.07 -6.84
C THR A 151 30.35 -25.59 -6.70
N GLY A 152 31.21 -25.26 -5.76
CA GLY A 152 31.59 -23.82 -5.59
C GLY A 152 33.02 -23.71 -5.09
N SER A 153 33.56 -22.52 -5.10
CA SER A 153 34.96 -22.31 -4.63
C SER A 153 35.01 -22.36 -3.11
N THR A 154 33.95 -21.96 -2.46
CA THR A 154 33.93 -21.98 -0.98
C THR A 154 32.69 -22.73 -0.49
N LYS A 155 32.81 -23.39 0.63
CA LYS A 155 31.65 -24.15 1.17
C LYS A 155 30.42 -23.26 1.19
N GLN A 156 30.61 -22.02 1.49
CA GLN A 156 29.46 -21.09 1.56
C GLN A 156 29.05 -20.69 0.14
N GLU A 157 29.98 -20.39 -0.71
CA GLU A 157 29.62 -20.02 -2.10
C GLU A 157 28.79 -21.15 -2.70
N ALA A 158 29.08 -22.36 -2.30
CA ALA A 158 28.34 -23.53 -2.85
C ALA A 158 26.87 -23.51 -2.39
N LYS A 159 26.63 -23.59 -1.12
CA LYS A 159 25.22 -23.62 -0.61
C LYS A 159 24.34 -22.57 -1.29
N GLN A 160 24.72 -21.33 -1.25
CA GLN A 160 23.87 -20.27 -1.88
C GLN A 160 23.59 -20.65 -3.32
N LEU A 161 24.61 -20.96 -4.07
CA LEU A 161 24.42 -21.34 -5.48
C LEU A 161 23.69 -22.67 -5.55
N ALA A 162 23.91 -23.55 -4.61
CA ALA A 162 23.19 -24.84 -4.65
C ALA A 162 21.70 -24.55 -4.79
N ALA A 163 21.19 -23.66 -3.97
CA ALA A 163 19.75 -23.31 -4.07
C ALA A 163 19.49 -22.57 -5.39
N LYS A 164 20.08 -21.41 -5.57
CA LYS A 164 19.87 -20.65 -6.83
C LYS A 164 19.86 -21.58 -8.04
N LEU A 165 20.85 -22.44 -8.14
CA LEU A 165 20.91 -23.37 -9.30
C LEU A 165 19.63 -24.21 -9.36
N ALA A 166 19.29 -24.84 -8.28
CA ALA A 166 18.04 -25.66 -8.23
C ALA A 166 16.82 -24.76 -8.23
N TYR A 167 16.76 -23.90 -7.27
CA TYR A 167 15.61 -22.96 -7.15
C TYR A 167 15.24 -22.39 -8.51
N LEU A 168 16.16 -21.82 -9.21
CA LEU A 168 15.84 -21.26 -10.55
C LEU A 168 15.56 -22.40 -11.54
N GLN A 169 15.83 -23.61 -11.15
CA GLN A 169 15.59 -24.77 -12.06
C GLN A 169 14.15 -25.22 -11.98
N ILE A 170 13.74 -25.59 -10.82
CA ILE A 170 12.37 -26.06 -10.62
C ILE A 170 11.44 -24.94 -11.08
N LEU A 171 11.92 -23.73 -11.04
CA LEU A 171 11.11 -22.58 -11.50
C LEU A 171 10.86 -22.74 -12.99
N SER A 172 11.89 -23.10 -13.71
CA SER A 172 11.77 -23.31 -15.17
C SER A 172 11.09 -24.64 -15.43
N GLU A 173 11.15 -25.57 -14.51
CA GLU A 173 10.49 -26.89 -14.76
C GLU A 173 8.97 -26.74 -14.60
N GLU A 174 8.25 -26.87 -15.68
CA GLU A 174 6.77 -26.77 -15.61
C GLU A 174 6.20 -28.12 -15.21
N THR A 175 7.05 -29.04 -14.85
CA THR A 175 6.59 -30.39 -14.45
C THR A 175 6.22 -30.38 -12.97
N GLY A 176 5.43 -31.34 -12.54
CA GLY A 176 5.02 -31.38 -11.11
C GLY A 176 3.65 -30.71 -10.97
N SER A 177 2.95 -30.56 -12.06
CA SER A 177 1.61 -29.92 -12.02
C SER A 177 0.53 -31.00 -12.09
N GLY A 178 0.87 -32.14 -12.64
CA GLY A 178 -0.13 -33.25 -12.73
C GLY A 178 0.54 -34.46 -13.40
N CYS A 179 1.56 -34.23 -14.17
CA CYS A 179 2.25 -35.37 -14.85
C CYS A 179 3.59 -35.66 -14.15
N GLY A 1 -30.20 17.38 17.85
CA GLY A 1 -30.99 17.58 16.60
C GLY A 1 -31.85 18.86 16.63
N SER A 2 -32.09 19.44 15.46
CA SER A 2 -32.91 20.67 15.39
C SER A 2 -32.47 21.69 16.43
N HIS A 3 -31.34 22.30 16.22
CA HIS A 3 -30.88 23.31 17.20
C HIS A 3 -31.95 24.39 17.34
N MET A 4 -31.73 25.36 18.17
CA MET A 4 -32.75 26.43 18.35
C MET A 4 -33.06 27.07 16.99
N GLU A 5 -32.57 28.25 16.77
CA GLU A 5 -32.81 28.94 15.46
C GLU A 5 -31.68 29.92 15.23
N MET A 6 -30.56 29.66 15.85
CA MET A 6 -29.38 30.54 15.69
C MET A 6 -28.11 29.72 15.93
N ALA A 7 -27.01 30.12 15.34
CA ALA A 7 -25.75 29.37 15.54
C ALA A 7 -25.19 29.67 16.93
N GLY A 8 -25.04 28.68 17.75
CA GLY A 8 -24.51 28.91 19.12
C GLY A 8 -23.02 29.30 19.06
N ASP A 9 -22.68 30.21 18.20
CA ASP A 9 -21.25 30.63 18.10
C ASP A 9 -20.97 31.70 19.16
N LEU A 10 -19.75 32.20 19.19
CA LEU A 10 -19.41 33.24 20.19
C LEU A 10 -18.51 34.28 19.54
N SER A 11 -18.28 34.14 18.27
CA SER A 11 -17.43 35.12 17.55
C SER A 11 -17.64 35.00 16.05
N ALA A 12 -18.75 34.47 15.64
CA ALA A 12 -19.04 34.32 14.19
C ALA A 12 -18.25 33.14 13.62
N GLY A 13 -16.96 33.29 13.48
CA GLY A 13 -16.12 32.20 12.93
C GLY A 13 -15.94 31.10 13.98
N PHE A 14 -16.90 30.22 14.10
CA PHE A 14 -16.78 29.11 15.10
C PHE A 14 -16.37 27.83 14.39
N PHE A 15 -17.29 27.16 13.77
CA PHE A 15 -16.97 25.92 13.05
C PHE A 15 -16.10 26.31 11.85
N MET A 16 -16.12 27.56 11.52
CA MET A 16 -15.29 28.06 10.39
C MET A 16 -13.85 28.21 10.86
N GLU A 17 -13.65 28.79 12.03
CA GLU A 17 -12.27 28.95 12.53
C GLU A 17 -11.62 27.57 12.70
N GLU A 18 -12.40 26.56 12.95
CA GLU A 18 -11.82 25.20 13.12
C GLU A 18 -11.67 24.56 11.74
N LEU A 19 -12.73 24.55 11.00
CA LEU A 19 -12.70 23.99 9.64
C LEU A 19 -11.59 24.70 8.86
N ASN A 20 -11.57 26.00 8.96
CA ASN A 20 -10.53 26.81 8.26
C ASN A 20 -9.11 26.48 8.77
N THR A 21 -9.00 25.84 9.91
CA THR A 21 -7.65 25.57 10.47
C THR A 21 -6.92 24.46 9.69
N TYR A 22 -7.43 23.26 9.67
CA TYR A 22 -6.71 22.16 8.97
C TYR A 22 -6.39 22.55 7.52
N ARG A 23 -7.34 23.05 6.80
CA ARG A 23 -7.08 23.41 5.37
C ARG A 23 -5.84 24.31 5.27
N GLN A 24 -5.63 25.16 6.24
CA GLN A 24 -4.43 26.03 6.20
C GLN A 24 -3.20 25.19 6.51
N LYS A 25 -3.38 24.11 7.21
CA LYS A 25 -2.23 23.23 7.52
C LYS A 25 -1.89 22.41 6.28
N GLN A 26 -2.77 22.41 5.32
CA GLN A 26 -2.53 21.62 4.07
C GLN A 26 -2.02 22.53 2.96
N GLY A 27 -2.03 23.81 3.19
CA GLY A 27 -1.55 24.74 2.13
C GLY A 27 -2.56 24.75 0.99
N VAL A 28 -3.82 24.80 1.32
CA VAL A 28 -4.89 24.81 0.30
C VAL A 28 -5.51 26.21 0.26
N VAL A 29 -6.70 26.34 -0.24
CA VAL A 29 -7.29 27.71 -0.28
C VAL A 29 -8.82 27.64 -0.12
N LEU A 30 -9.34 28.38 0.81
CA LEU A 30 -10.80 28.37 1.07
C LEU A 30 -11.50 29.41 0.18
N LYS A 31 -12.31 28.96 -0.74
CA LYS A 31 -13.04 29.93 -1.62
C LYS A 31 -14.56 29.75 -1.41
N TYR A 32 -15.17 30.64 -0.69
CA TYR A 32 -16.64 30.52 -0.43
C TYR A 32 -17.41 31.33 -1.47
N GLN A 33 -18.42 30.73 -2.07
CA GLN A 33 -19.24 31.46 -3.09
C GLN A 33 -20.72 31.31 -2.71
N GLU A 34 -21.29 32.32 -2.12
CA GLU A 34 -22.72 32.24 -1.71
C GLU A 34 -23.64 32.55 -2.89
N LEU A 35 -24.66 31.73 -3.09
CA LEU A 35 -25.63 31.96 -4.20
C LEU A 35 -27.01 32.28 -3.59
N PRO A 36 -27.26 33.55 -3.28
CA PRO A 36 -28.55 33.94 -2.67
C PRO A 36 -29.73 33.71 -3.62
N ASN A 37 -30.89 33.44 -3.09
CA ASN A 37 -32.11 33.20 -3.92
C ASN A 37 -31.75 32.43 -5.21
N SER A 38 -31.98 31.14 -5.21
CA SER A 38 -31.67 30.33 -6.42
C SER A 38 -32.81 29.36 -6.73
N GLY A 39 -33.70 29.12 -5.80
CA GLY A 39 -34.83 28.18 -6.05
C GLY A 39 -35.98 28.92 -6.77
N PRO A 40 -36.32 28.51 -7.98
CA PRO A 40 -37.41 29.16 -8.73
C PRO A 40 -38.76 29.17 -7.97
N PRO A 41 -39.14 28.06 -7.36
CA PRO A 41 -40.42 27.98 -6.63
C PRO A 41 -40.42 28.96 -5.43
N HIS A 42 -40.19 30.21 -5.69
CA HIS A 42 -40.19 31.24 -4.60
C HIS A 42 -39.46 30.70 -3.37
N ASP A 43 -38.65 29.69 -3.51
CA ASP A 43 -37.92 29.15 -2.35
C ASP A 43 -36.59 29.89 -2.21
N ARG A 44 -36.59 31.02 -1.57
CA ARG A 44 -35.33 31.77 -1.42
C ARG A 44 -34.37 30.99 -0.53
N ARG A 45 -34.00 29.79 -0.92
CA ARG A 45 -33.07 29.03 -0.07
C ARG A 45 -31.65 29.59 -0.26
N PHE A 46 -30.74 29.22 0.59
CA PHE A 46 -29.35 29.72 0.46
C PHE A 46 -28.48 28.57 -0.03
N THR A 47 -28.01 28.66 -1.24
CA THR A 47 -27.16 27.59 -1.80
C THR A 47 -25.70 28.02 -1.70
N PHE A 48 -25.02 27.63 -0.66
CA PHE A 48 -23.61 28.06 -0.50
C PHE A 48 -22.66 27.05 -1.16
N GLN A 49 -21.46 27.47 -1.43
CA GLN A 49 -20.46 26.57 -2.05
C GLN A 49 -19.11 26.87 -1.41
N VAL A 50 -18.23 25.92 -1.33
CA VAL A 50 -16.92 26.19 -0.70
C VAL A 50 -15.87 25.23 -1.22
N ILE A 51 -14.81 25.76 -1.76
CA ILE A 51 -13.72 24.90 -2.29
C ILE A 51 -12.66 24.79 -1.19
N ILE A 52 -11.73 23.89 -1.34
CA ILE A 52 -10.68 23.75 -0.29
C ILE A 52 -9.32 24.12 -0.90
N ASP A 53 -9.03 23.59 -2.04
CA ASP A 53 -7.74 23.86 -2.73
C ASP A 53 -7.99 24.44 -4.13
N GLY A 54 -8.71 23.72 -4.93
CA GLY A 54 -8.99 24.20 -6.32
C GLY A 54 -9.41 23.02 -7.19
N ARG A 55 -10.06 22.04 -6.62
CA ARG A 55 -10.47 20.86 -7.43
C ARG A 55 -11.77 20.28 -6.89
N GLU A 56 -12.01 20.44 -5.63
CA GLU A 56 -13.26 19.91 -5.01
C GLU A 56 -14.33 21.01 -5.02
N PHE A 57 -15.58 20.66 -5.22
CA PHE A 57 -16.66 21.71 -5.25
C PHE A 57 -17.82 21.34 -4.32
N PRO A 58 -17.53 21.01 -3.09
CA PRO A 58 -18.58 20.66 -2.10
C PRO A 58 -19.62 21.80 -2.02
N GLU A 59 -20.76 21.55 -1.42
CA GLU A 59 -21.81 22.60 -1.32
C GLU A 59 -23.01 22.07 -0.53
N GLY A 60 -23.82 22.95 0.01
CA GLY A 60 -25.01 22.49 0.79
C GLY A 60 -26.02 23.66 0.89
N GLU A 61 -27.13 23.44 1.57
CA GLU A 61 -28.15 24.53 1.70
C GLU A 61 -28.45 24.77 3.18
N GLY A 62 -28.98 25.92 3.52
CA GLY A 62 -29.31 26.21 4.95
C GLY A 62 -30.36 27.32 5.07
N ARG A 63 -30.79 27.89 3.98
CA ARG A 63 -31.82 28.98 4.03
C ARG A 63 -31.13 30.32 4.32
N SER A 64 -31.88 31.40 4.36
CA SER A 64 -31.25 32.73 4.57
C SER A 64 -30.87 32.97 6.03
N LYS A 65 -29.65 32.62 6.39
CA LYS A 65 -29.15 32.86 7.77
C LYS A 65 -27.82 32.14 7.99
N LYS A 66 -27.36 32.13 9.21
CA LYS A 66 -26.07 31.47 9.53
C LYS A 66 -26.07 30.01 9.05
N GLU A 67 -27.20 29.37 9.12
CA GLU A 67 -27.28 27.95 8.68
C GLU A 67 -26.57 27.78 7.35
N ALA A 68 -26.59 28.79 6.53
CA ALA A 68 -25.90 28.70 5.22
C ALA A 68 -24.39 28.70 5.44
N LYS A 69 -23.86 29.76 5.98
CA LYS A 69 -22.39 29.79 6.24
C LYS A 69 -22.03 28.57 7.07
N ASN A 70 -22.83 28.25 8.05
CA ASN A 70 -22.54 27.08 8.91
C ASN A 70 -22.67 25.79 8.07
N ALA A 71 -23.70 25.68 7.30
CA ALA A 71 -23.88 24.45 6.46
C ALA A 71 -22.70 24.35 5.48
N ALA A 72 -22.32 25.44 4.90
CA ALA A 72 -21.19 25.41 3.94
C ALA A 72 -19.91 24.97 4.65
N ALA A 73 -19.61 25.58 5.75
CA ALA A 73 -18.37 25.19 6.50
C ALA A 73 -18.57 23.81 7.14
N LYS A 74 -19.74 23.55 7.67
CA LYS A 74 -20.01 22.24 8.33
C LYS A 74 -19.84 21.08 7.35
N LEU A 75 -20.54 21.12 6.26
CA LEU A 75 -20.43 19.99 5.31
C LEU A 75 -19.01 19.89 4.79
N ALA A 76 -18.27 20.95 4.88
CA ALA A 76 -16.86 20.92 4.40
C ALA A 76 -16.05 19.95 5.28
N VAL A 77 -16.31 19.94 6.54
CA VAL A 77 -15.59 19.01 7.44
C VAL A 77 -15.93 17.57 7.05
N GLU A 78 -17.06 17.38 6.43
CA GLU A 78 -17.50 16.00 6.05
C GLU A 78 -16.71 15.42 4.87
N ILE A 79 -16.20 16.23 3.98
CA ILE A 79 -15.49 15.67 2.79
C ILE A 79 -14.10 15.16 3.16
N LEU A 80 -13.30 15.94 3.82
CA LEU A 80 -11.95 15.42 4.19
C LEU A 80 -12.17 14.25 5.13
N ASN A 81 -13.22 14.32 5.90
CA ASN A 81 -13.53 13.21 6.83
C ASN A 81 -13.54 11.91 6.03
N LYS A 82 -14.13 11.96 4.87
CA LYS A 82 -14.12 10.77 3.99
C LYS A 82 -12.74 10.66 3.34
N GLU A 83 -12.69 10.45 2.06
CA GLU A 83 -11.37 10.33 1.37
C GLU A 83 -10.49 9.33 2.13
N LYS A 84 -11.04 8.70 3.11
CA LYS A 84 -10.27 7.70 3.91
C LYS A 84 -10.17 6.41 3.11
N LYS A 85 -10.65 6.42 1.89
CA LYS A 85 -10.59 5.19 1.05
C LYS A 85 -9.17 4.98 0.54
N ALA A 86 -8.97 4.01 -0.31
CA ALA A 86 -7.61 3.76 -0.84
C ALA A 86 -7.30 4.79 -1.93
N VAL A 87 -6.34 5.64 -1.69
CA VAL A 87 -5.99 6.68 -2.68
C VAL A 87 -4.48 6.95 -2.64
N SER A 88 -3.69 5.93 -2.38
CA SER A 88 -2.21 6.12 -2.31
C SER A 88 -1.63 6.00 -3.73
N PRO A 89 -0.40 6.44 -3.91
CA PRO A 89 0.25 6.36 -5.23
C PRO A 89 0.37 4.90 -5.67
N LEU A 90 1.42 4.23 -5.29
CA LEU A 90 1.58 2.80 -5.67
C LEU A 90 0.87 1.90 -4.65
N LEU A 91 -0.16 1.20 -5.07
CA LEU A 91 -0.89 0.30 -4.13
C LEU A 91 -0.31 -1.12 -4.22
N LEU A 92 -0.57 -1.81 -5.30
CA LEU A 92 -0.04 -3.20 -5.45
C LEU A 92 1.36 -3.13 -6.07
N THR A 93 2.35 -3.62 -5.37
CA THR A 93 3.75 -3.59 -5.92
C THR A 93 4.16 -5.00 -6.34
N THR A 94 4.55 -5.18 -7.57
CA THR A 94 4.97 -6.52 -8.05
C THR A 94 6.49 -6.65 -7.95
N THR A 95 7.04 -6.32 -6.81
CA THR A 95 8.52 -6.42 -6.63
C THR A 95 8.84 -7.73 -5.90
N ASN A 96 8.69 -8.84 -6.57
CA ASN A 96 8.99 -10.14 -5.92
C ASN A 96 8.21 -10.25 -4.59
N SER A 97 7.09 -9.58 -4.52
CA SER A 97 6.27 -9.63 -3.27
C SER A 97 7.14 -9.32 -2.06
N SER A 98 7.62 -10.33 -1.39
CA SER A 98 8.47 -10.10 -0.18
C SER A 98 9.52 -9.02 -0.50
N GLU A 99 9.91 -8.26 0.49
CA GLU A 99 10.93 -7.20 0.26
C GLU A 99 12.32 -7.83 0.20
N GLY A 100 13.15 -7.34 -0.69
CA GLY A 100 14.53 -7.92 -0.80
C GLY A 100 15.31 -7.66 0.48
N LEU A 101 16.49 -7.11 0.37
CA LEU A 101 17.30 -6.82 1.58
C LEU A 101 17.39 -8.09 2.45
N SER A 102 17.19 -9.24 1.86
CA SER A 102 17.26 -10.51 2.65
C SER A 102 17.79 -11.64 1.76
N MET A 103 18.76 -11.36 0.94
CA MET A 103 19.30 -12.42 0.04
C MET A 103 18.16 -13.11 -0.70
N GLY A 104 16.97 -12.56 -0.63
CA GLY A 104 15.82 -13.19 -1.33
C GLY A 104 15.76 -14.67 -0.96
N ASN A 105 16.38 -15.05 0.14
CA ASN A 105 16.36 -16.47 0.57
C ASN A 105 16.73 -17.38 -0.61
N TYR A 106 16.64 -18.66 -0.43
CA TYR A 106 16.97 -19.60 -1.54
C TYR A 106 16.63 -21.04 -1.11
N ILE A 107 17.46 -21.67 -0.34
CA ILE A 107 17.13 -23.07 0.08
C ILE A 107 15.70 -23.09 0.64
N GLY A 108 15.17 -21.94 0.96
CA GLY A 108 13.79 -21.89 1.49
C GLY A 108 12.80 -22.03 0.33
N LEU A 109 12.93 -21.19 -0.66
CA LEU A 109 12.00 -21.26 -1.82
C LEU A 109 12.26 -22.53 -2.63
N ILE A 110 13.39 -23.16 -2.43
CA ILE A 110 13.63 -24.39 -3.22
C ILE A 110 12.60 -25.43 -2.80
N ASN A 111 12.25 -25.41 -1.55
CA ASN A 111 11.21 -26.34 -1.06
C ASN A 111 9.86 -25.91 -1.65
N ARG A 112 9.78 -24.69 -2.11
CA ARG A 112 8.50 -24.18 -2.68
C ARG A 112 8.31 -24.77 -4.08
N ILE A 113 9.25 -24.57 -4.95
CA ILE A 113 9.12 -25.11 -6.32
C ILE A 113 9.03 -26.63 -6.22
N ALA A 114 9.56 -27.16 -5.15
CA ALA A 114 9.51 -28.62 -4.95
C ALA A 114 8.05 -29.08 -4.99
N GLN A 115 7.29 -28.70 -4.00
CA GLN A 115 5.86 -29.11 -3.94
C GLN A 115 5.07 -28.40 -5.05
N LYS A 116 5.59 -27.35 -5.62
CA LYS A 116 4.82 -26.67 -6.70
C LYS A 116 4.74 -27.63 -7.87
N LYS A 117 5.86 -27.89 -8.49
CA LYS A 117 5.89 -28.83 -9.62
C LYS A 117 6.19 -30.22 -9.03
N ARG A 118 5.65 -30.44 -7.86
CA ARG A 118 5.85 -31.73 -7.11
C ARG A 118 7.20 -32.40 -7.41
N LEU A 119 8.15 -32.23 -6.51
CA LEU A 119 9.50 -32.87 -6.66
C LEU A 119 10.05 -33.17 -5.26
N THR A 120 11.29 -33.57 -5.18
CA THR A 120 11.92 -33.87 -3.86
C THR A 120 13.04 -32.85 -3.55
N VAL A 121 13.25 -32.53 -2.30
CA VAL A 121 14.31 -31.54 -1.92
C VAL A 121 15.11 -32.10 -0.72
N ASN A 122 16.40 -32.30 -0.87
CA ASN A 122 17.22 -32.83 0.27
C ASN A 122 18.58 -32.13 0.34
N TYR A 123 19.29 -32.28 1.42
CA TYR A 123 20.62 -31.61 1.55
C TYR A 123 21.60 -32.47 2.36
N GLU A 124 22.74 -32.78 1.80
CA GLU A 124 23.76 -33.58 2.53
C GLU A 124 25.09 -32.82 2.44
N GLN A 125 26.19 -33.40 2.82
CA GLN A 125 27.46 -32.59 2.72
C GLN A 125 28.72 -33.43 2.98
N CYS A 126 29.74 -33.21 2.18
CA CYS A 126 31.03 -33.94 2.33
C CYS A 126 32.20 -32.93 2.26
N ALA A 127 32.43 -32.21 3.32
CA ALA A 127 33.54 -31.20 3.30
C ALA A 127 34.84 -31.87 2.80
N SER A 128 35.51 -31.26 1.85
CA SER A 128 36.77 -31.87 1.34
C SER A 128 37.96 -31.23 2.05
N GLY A 129 38.32 -31.74 3.19
CA GLY A 129 39.48 -31.17 3.94
C GLY A 129 40.71 -32.03 3.69
N VAL A 130 41.05 -32.24 2.44
CA VAL A 130 42.24 -33.08 2.13
C VAL A 130 43.48 -32.43 2.76
N HIS A 131 44.23 -31.69 2.00
CA HIS A 131 45.44 -31.03 2.56
C HIS A 131 45.01 -29.75 3.26
N GLY A 132 44.68 -28.74 2.50
CA GLY A 132 44.25 -27.46 3.11
C GLY A 132 43.63 -26.56 2.04
N PRO A 133 44.44 -26.12 1.11
CA PRO A 133 43.97 -25.24 0.02
C PRO A 133 42.87 -25.93 -0.81
N GLU A 134 42.51 -27.13 -0.44
CA GLU A 134 41.45 -27.84 -1.21
C GLU A 134 40.14 -27.03 -1.17
N GLY A 135 39.18 -27.44 -0.40
CA GLY A 135 37.89 -26.68 -0.35
C GLY A 135 36.83 -27.46 0.44
N PHE A 136 35.58 -27.12 0.27
CA PHE A 136 34.51 -27.83 0.99
C PHE A 136 33.55 -28.40 -0.06
N HIS A 137 33.43 -29.70 -0.13
CA HIS A 137 32.53 -30.28 -1.16
C HIS A 137 31.20 -30.64 -0.52
N TYR A 138 30.13 -30.06 -1.00
CA TYR A 138 28.80 -30.35 -0.42
C TYR A 138 27.96 -31.01 -1.51
N LYS A 139 26.84 -31.55 -1.15
CA LYS A 139 25.99 -32.21 -2.16
C LYS A 139 24.53 -31.91 -1.85
N CYS A 140 23.70 -31.87 -2.87
CA CYS A 140 22.27 -31.56 -2.64
C CYS A 140 21.42 -32.17 -3.74
N LYS A 141 20.25 -32.62 -3.39
CA LYS A 141 19.35 -33.25 -4.40
C LYS A 141 18.15 -32.35 -4.67
N MET A 142 17.71 -32.30 -5.90
CA MET A 142 16.54 -31.45 -6.25
C MET A 142 15.86 -32.07 -7.47
N GLY A 143 14.56 -31.99 -7.55
CA GLY A 143 13.87 -32.60 -8.73
C GLY A 143 13.38 -34.00 -8.35
N GLN A 144 13.35 -34.91 -9.29
CA GLN A 144 12.89 -36.28 -8.98
C GLN A 144 13.80 -37.29 -9.68
N LYS A 145 14.76 -36.81 -10.44
CA LYS A 145 15.68 -37.75 -11.15
C LYS A 145 17.10 -37.16 -11.26
N GLU A 146 17.40 -36.10 -10.56
CA GLU A 146 18.77 -35.51 -10.66
C GLU A 146 19.31 -35.10 -9.28
N TYR A 147 20.57 -35.35 -9.05
CA TYR A 147 21.20 -35.00 -7.73
C TYR A 147 22.08 -33.74 -7.91
N SER A 148 21.53 -32.58 -7.62
CA SER A 148 22.31 -31.31 -7.79
C SER A 148 23.48 -31.23 -6.80
N ILE A 149 24.62 -31.75 -7.18
CA ILE A 149 25.79 -31.65 -6.26
C ILE A 149 26.34 -30.22 -6.28
N GLY A 150 26.82 -29.72 -5.16
CA GLY A 150 27.35 -28.32 -5.15
C GLY A 150 28.62 -28.24 -4.30
N THR A 151 29.59 -27.48 -4.75
CA THR A 151 30.87 -27.34 -3.98
C THR A 151 31.07 -25.86 -3.63
N GLY A 152 31.45 -25.57 -2.43
CA GLY A 152 31.65 -24.14 -2.03
C GLY A 152 32.95 -23.99 -1.25
N SER A 153 33.43 -22.79 -1.11
CA SER A 153 34.69 -22.57 -0.34
C SER A 153 34.41 -22.72 1.14
N THR A 154 33.21 -22.40 1.55
CA THR A 154 32.86 -22.51 3.00
C THR A 154 31.51 -23.20 3.15
N LYS A 155 31.27 -23.78 4.29
CA LYS A 155 29.98 -24.47 4.53
C LYS A 155 28.83 -23.56 4.17
N GLN A 156 28.99 -22.29 4.40
CA GLN A 156 27.91 -21.32 4.10
C GLN A 156 27.83 -21.07 2.60
N GLU A 157 28.91 -20.72 1.96
CA GLU A 157 28.85 -20.48 0.50
C GLU A 157 28.27 -21.72 -0.17
N ALA A 158 28.49 -22.87 0.41
CA ALA A 158 27.95 -24.11 -0.19
C ALA A 158 26.43 -24.11 -0.16
N LYS A 159 25.86 -24.06 1.02
CA LYS A 159 24.37 -24.10 1.16
C LYS A 159 23.66 -23.08 0.26
N GLN A 160 23.93 -21.81 0.44
CA GLN A 160 23.22 -20.79 -0.41
C GLN A 160 23.37 -21.15 -1.87
N LEU A 161 24.57 -21.28 -2.33
CA LEU A 161 24.79 -21.61 -3.75
C LEU A 161 24.22 -23.01 -4.04
N ALA A 162 24.24 -23.91 -3.09
CA ALA A 162 23.67 -25.26 -3.37
C ALA A 162 22.27 -25.06 -3.95
N ALA A 163 21.54 -24.16 -3.37
CA ALA A 163 20.18 -23.86 -3.89
C ALA A 163 20.35 -23.25 -5.28
N LYS A 164 20.89 -22.05 -5.35
CA LYS A 164 21.10 -21.38 -6.67
C LYS A 164 21.52 -22.41 -7.73
N LEU A 165 22.40 -23.30 -7.36
CA LEU A 165 22.88 -24.35 -8.31
C LEU A 165 21.67 -25.12 -8.84
N ALA A 166 21.01 -25.83 -7.97
CA ALA A 166 19.81 -26.62 -8.39
C ALA A 166 18.63 -25.70 -8.73
N TYR A 167 18.30 -24.83 -7.83
CA TYR A 167 17.17 -23.89 -8.03
C TYR A 167 17.13 -23.38 -9.48
N LEU A 168 18.15 -22.74 -9.95
CA LEU A 168 18.13 -22.24 -11.35
C LEU A 168 18.13 -23.44 -12.32
N GLN A 169 18.34 -24.61 -11.81
CA GLN A 169 18.38 -25.82 -12.67
C GLN A 169 16.98 -26.38 -12.88
N ILE A 170 16.31 -26.67 -11.81
CA ILE A 170 14.95 -27.23 -11.91
C ILE A 170 14.09 -26.26 -12.71
N LEU A 171 14.46 -25.01 -12.72
CA LEU A 171 13.71 -24.02 -13.54
C LEU A 171 13.86 -24.41 -15.00
N SER A 172 15.08 -24.71 -15.37
CA SER A 172 15.35 -25.10 -16.77
C SER A 172 14.86 -26.52 -17.01
N GLU A 173 14.66 -27.31 -15.97
CA GLU A 173 14.17 -28.70 -16.21
C GLU A 173 12.70 -28.66 -16.64
N GLU A 174 12.41 -29.00 -17.87
CA GLU A 174 11.02 -28.98 -18.33
C GLU A 174 10.34 -30.29 -17.91
N THR A 175 11.11 -31.21 -17.38
CA THR A 175 10.54 -32.51 -16.94
C THR A 175 10.06 -32.38 -15.48
N GLY A 176 8.80 -32.54 -15.25
CA GLY A 176 8.28 -32.42 -13.85
C GLY A 176 6.94 -33.17 -13.75
N SER A 177 6.18 -33.21 -14.82
CA SER A 177 4.87 -33.91 -14.78
C SER A 177 5.05 -35.34 -15.30
N GLY A 178 6.27 -35.74 -15.53
CA GLY A 178 6.52 -37.13 -16.04
C GLY A 178 6.06 -37.23 -17.49
N CYS A 179 5.78 -36.13 -18.13
CA CYS A 179 5.33 -36.16 -19.55
C CYS A 179 6.39 -35.55 -20.45
N GLY A 1 -36.24 36.12 18.77
CA GLY A 1 -34.75 36.04 18.70
C GLY A 1 -34.24 34.96 19.66
N SER A 2 -35.09 34.49 20.52
CA SER A 2 -34.67 33.43 21.49
C SER A 2 -34.47 32.11 20.74
N HIS A 3 -34.55 32.12 19.44
CA HIS A 3 -34.37 30.84 18.68
C HIS A 3 -34.07 31.15 17.22
N MET A 4 -33.14 32.04 16.97
CA MET A 4 -32.80 32.37 15.56
C MET A 4 -32.44 31.09 14.80
N GLU A 5 -31.86 31.21 13.64
CA GLU A 5 -31.49 30.00 12.86
C GLU A 5 -30.27 30.33 11.98
N MET A 6 -29.24 30.87 12.56
CA MET A 6 -28.03 31.22 11.76
C MET A 6 -26.79 31.09 12.65
N ALA A 7 -25.63 31.09 12.07
CA ALA A 7 -24.38 30.97 12.87
C ALA A 7 -24.07 32.33 13.53
N GLY A 8 -24.00 32.37 14.82
CA GLY A 8 -23.72 33.67 15.51
C GLY A 8 -22.22 33.97 15.47
N ASP A 9 -21.63 33.98 14.31
CA ASP A 9 -20.17 34.29 14.21
C ASP A 9 -19.98 35.80 14.13
N LEU A 10 -18.78 36.25 14.31
CA LEU A 10 -18.52 37.73 14.26
C LEU A 10 -17.04 37.96 13.95
N SER A 11 -16.37 36.97 13.45
CA SER A 11 -14.93 37.13 13.14
C SER A 11 -14.50 36.10 12.09
N ALA A 12 -14.81 36.33 10.85
CA ALA A 12 -14.41 35.37 9.77
C ALA A 12 -15.46 34.28 9.63
N GLY A 13 -15.38 33.27 10.45
CA GLY A 13 -16.38 32.16 10.37
C GLY A 13 -16.27 31.30 11.64
N PHE A 14 -16.16 30.01 11.49
CA PHE A 14 -16.05 29.14 12.68
C PHE A 14 -15.52 27.77 12.28
N PHE A 15 -16.37 26.92 11.80
CA PHE A 15 -15.90 25.57 11.39
C PHE A 15 -14.99 25.76 10.19
N MET A 16 -14.99 26.95 9.65
CA MET A 16 -14.10 27.27 8.51
C MET A 16 -12.71 27.55 9.06
N GLU A 17 -12.63 28.35 10.09
CA GLU A 17 -11.31 28.65 10.69
C GLU A 17 -10.66 27.34 11.14
N GLU A 18 -11.47 26.39 11.53
CA GLU A 18 -10.90 25.09 11.98
C GLU A 18 -10.43 24.32 10.76
N LEU A 19 -11.34 23.94 9.90
CA LEU A 19 -10.94 23.20 8.69
C LEU A 19 -9.85 24.01 7.98
N ASN A 20 -10.02 25.30 7.91
CA ASN A 20 -8.99 26.15 7.25
C ASN A 20 -7.66 26.01 7.99
N THR A 21 -7.68 25.47 9.18
CA THR A 21 -6.42 25.35 9.95
C THR A 21 -5.53 24.26 9.34
N TYR A 22 -5.97 23.02 9.36
CA TYR A 22 -5.11 21.93 8.81
C TYR A 22 -4.79 22.19 7.33
N ARG A 23 -5.73 22.73 6.60
CA ARG A 23 -5.48 23.00 5.16
C ARG A 23 -4.15 23.76 5.02
N GLN A 24 -3.85 24.58 5.97
CA GLN A 24 -2.56 25.34 5.92
C GLN A 24 -1.44 24.38 6.27
N LYS A 25 -1.73 23.41 7.11
CA LYS A 25 -0.70 22.42 7.50
C LYS A 25 -0.54 21.39 6.39
N GLN A 26 -1.47 21.33 5.47
CA GLN A 26 -1.39 20.35 4.37
C GLN A 26 -0.93 21.04 3.09
N GLY A 27 -0.99 22.34 3.07
CA GLY A 27 -0.56 23.09 1.85
C GLY A 27 -1.58 22.87 0.74
N VAL A 28 -2.85 22.96 1.06
CA VAL A 28 -3.90 22.78 0.04
C VAL A 28 -4.55 24.15 -0.24
N VAL A 29 -5.72 24.18 -0.82
CA VAL A 29 -6.35 25.51 -1.09
C VAL A 29 -7.87 25.41 -0.97
N LEU A 30 -8.45 26.28 -0.18
CA LEU A 30 -9.93 26.25 0.01
C LEU A 30 -10.62 27.09 -1.06
N LYS A 31 -11.53 26.50 -1.79
CA LYS A 31 -12.27 27.27 -2.85
C LYS A 31 -13.76 27.07 -2.61
N TYR A 32 -14.43 28.10 -2.15
CA TYR A 32 -15.89 27.99 -1.85
C TYR A 32 -16.73 28.56 -3.01
N GLN A 33 -17.69 27.81 -3.48
CA GLN A 33 -18.58 28.29 -4.56
C GLN A 33 -20.03 28.12 -4.10
N GLU A 34 -20.79 29.17 -4.13
CA GLU A 34 -22.21 29.09 -3.67
C GLU A 34 -23.15 28.66 -4.81
N LEU A 35 -24.16 27.90 -4.49
CA LEU A 35 -25.15 27.45 -5.52
C LEU A 35 -26.56 27.55 -4.91
N PRO A 36 -27.00 28.77 -4.67
CA PRO A 36 -28.31 29.03 -4.04
C PRO A 36 -29.49 28.46 -4.87
N ASN A 37 -30.53 28.07 -4.19
CA ASN A 37 -31.75 27.52 -4.84
C ASN A 37 -31.41 26.73 -6.12
N SER A 38 -31.30 25.45 -6.00
CA SER A 38 -31.01 24.60 -7.20
C SER A 38 -31.80 23.28 -7.08
N GLY A 39 -32.28 22.98 -5.91
CA GLY A 39 -33.05 21.71 -5.72
C GLY A 39 -34.17 21.62 -6.77
N PRO A 40 -34.11 20.59 -7.61
CA PRO A 40 -35.14 20.41 -8.65
C PRO A 40 -36.56 20.33 -8.07
N PRO A 41 -36.74 19.59 -6.99
CA PRO A 41 -38.08 19.46 -6.37
C PRO A 41 -38.55 20.81 -5.80
N HIS A 42 -38.48 21.84 -6.59
CA HIS A 42 -38.93 23.18 -6.11
C HIS A 42 -38.37 23.45 -4.71
N ASP A 43 -37.33 22.77 -4.34
CA ASP A 43 -36.74 23.00 -3.01
C ASP A 43 -35.66 24.07 -3.11
N ARG A 44 -36.05 25.31 -3.07
CA ARG A 44 -35.06 26.41 -3.17
C ARG A 44 -34.12 26.34 -1.97
N ARG A 45 -33.49 25.21 -1.75
CA ARG A 45 -32.57 25.09 -0.60
C ARG A 45 -31.23 25.74 -0.93
N PHE A 46 -30.28 25.64 -0.07
CA PHE A 46 -28.95 26.25 -0.34
C PHE A 46 -27.91 25.17 -0.53
N THR A 47 -27.39 25.05 -1.72
CA THR A 47 -26.37 24.01 -2.01
C THR A 47 -25.00 24.68 -2.22
N PHE A 48 -24.05 24.35 -1.40
CA PHE A 48 -22.70 24.98 -1.55
C PHE A 48 -21.71 23.95 -2.11
N GLN A 49 -20.59 24.42 -2.55
CA GLN A 49 -19.54 23.52 -3.11
C GLN A 49 -18.19 24.00 -2.57
N VAL A 50 -17.31 23.09 -2.22
CA VAL A 50 -16.01 23.54 -1.66
C VAL A 50 -14.91 22.52 -1.98
N ILE A 51 -13.81 22.99 -2.52
CA ILE A 51 -12.67 22.09 -2.83
C ILE A 51 -11.64 22.26 -1.72
N ILE A 52 -10.59 21.48 -1.72
CA ILE A 52 -9.58 21.61 -0.62
C ILE A 52 -8.22 21.95 -1.23
N ASP A 53 -7.86 21.30 -2.28
CA ASP A 53 -6.56 21.53 -2.94
C ASP A 53 -6.80 22.02 -4.37
N GLY A 54 -7.42 21.19 -5.17
CA GLY A 54 -7.70 21.57 -6.58
C GLY A 54 -7.95 20.31 -7.40
N ARG A 55 -8.54 19.31 -6.80
CA ARG A 55 -8.80 18.05 -7.57
C ARG A 55 -10.06 17.36 -7.05
N GLU A 56 -10.53 17.72 -5.90
CA GLU A 56 -11.74 17.08 -5.35
C GLU A 56 -12.98 17.89 -5.73
N PHE A 57 -14.14 17.49 -5.27
CA PHE A 57 -15.36 18.25 -5.62
C PHE A 57 -16.49 17.97 -4.60
N PRO A 58 -16.16 17.98 -3.33
CA PRO A 58 -17.15 17.75 -2.28
C PRO A 58 -18.28 18.77 -2.37
N GLU A 59 -19.39 18.52 -1.73
CA GLU A 59 -20.53 19.48 -1.79
C GLU A 59 -21.67 18.98 -0.89
N GLY A 60 -22.63 19.82 -0.63
CA GLY A 60 -23.77 19.41 0.25
C GLY A 60 -24.74 20.58 0.40
N GLU A 61 -25.92 20.33 0.91
CA GLU A 61 -26.91 21.43 1.07
C GLU A 61 -27.48 21.43 2.48
N GLY A 62 -28.06 22.52 2.89
CA GLY A 62 -28.66 22.61 4.25
C GLY A 62 -29.72 23.70 4.24
N ARG A 63 -30.39 23.87 3.13
CA ARG A 63 -31.43 24.93 3.03
C ARG A 63 -30.77 26.29 3.17
N SER A 64 -31.53 27.35 3.15
CA SER A 64 -30.92 28.70 3.25
C SER A 64 -30.55 29.03 4.69
N LYS A 65 -29.37 28.63 5.11
CA LYS A 65 -28.91 28.95 6.49
C LYS A 65 -27.53 28.33 6.75
N LYS A 66 -27.12 28.35 7.98
CA LYS A 66 -25.77 27.81 8.35
C LYS A 66 -25.54 26.37 7.87
N GLU A 67 -26.42 25.46 8.18
CA GLU A 67 -26.18 24.04 7.77
C GLU A 67 -25.78 23.97 6.29
N ALA A 68 -25.99 25.01 5.55
CA ALA A 68 -25.59 24.97 4.11
C ALA A 68 -24.07 25.12 4.03
N LYS A 69 -23.57 26.30 4.33
CA LYS A 69 -22.10 26.52 4.29
C LYS A 69 -21.41 25.54 5.24
N ASN A 70 -22.01 25.27 6.36
CA ASN A 70 -21.38 24.33 7.32
C ASN A 70 -21.36 22.93 6.72
N ALA A 71 -22.45 22.50 6.12
CA ALA A 71 -22.46 21.14 5.51
C ALA A 71 -21.37 21.08 4.44
N ALA A 72 -21.18 22.17 3.74
CA ALA A 72 -20.14 22.21 2.68
C ALA A 72 -18.77 21.99 3.32
N ALA A 73 -18.38 22.87 4.19
CA ALA A 73 -17.03 22.72 4.83
C ALA A 73 -17.03 21.54 5.81
N LYS A 74 -18.11 21.33 6.51
CA LYS A 74 -18.16 20.21 7.51
C LYS A 74 -17.85 18.87 6.85
N LEU A 75 -18.60 18.50 5.85
CA LEU A 75 -18.38 17.18 5.22
C LEU A 75 -16.97 17.10 4.66
N ALA A 76 -16.38 18.22 4.37
CA ALA A 76 -14.99 18.21 3.82
C ALA A 76 -14.04 17.63 4.87
N VAL A 77 -14.26 17.95 6.11
CA VAL A 77 -13.39 17.41 7.19
C VAL A 77 -13.54 15.88 7.23
N GLU A 78 -14.73 15.40 7.03
CA GLU A 78 -14.94 13.92 7.06
C GLU A 78 -14.07 13.25 5.99
N ILE A 79 -13.54 14.02 5.09
CA ILE A 79 -12.68 13.44 4.01
C ILE A 79 -11.30 13.10 4.56
N LEU A 80 -10.56 14.09 5.00
CA LEU A 80 -9.22 13.81 5.55
C LEU A 80 -9.40 12.85 6.71
N ASN A 81 -10.41 13.10 7.49
CA ASN A 81 -10.68 12.23 8.65
C ASN A 81 -10.61 10.78 8.18
N LYS A 82 -11.33 10.47 7.14
CA LYS A 82 -11.28 9.10 6.60
C LYS A 82 -9.97 8.97 5.82
N GLU A 83 -10.03 8.35 4.67
CA GLU A 83 -8.80 8.19 3.84
C GLU A 83 -7.71 7.43 4.63
N LYS A 84 -7.63 7.66 5.91
CA LYS A 84 -6.61 6.96 6.73
C LYS A 84 -6.99 5.48 6.84
N LYS A 85 -8.01 5.07 6.14
CA LYS A 85 -8.44 3.65 6.19
C LYS A 85 -7.47 2.78 5.40
N ALA A 86 -7.73 1.51 5.31
CA ALA A 86 -6.83 0.61 4.56
C ALA A 86 -7.09 0.75 3.06
N VAL A 87 -6.12 1.18 2.32
CA VAL A 87 -6.30 1.36 0.85
C VAL A 87 -5.00 1.02 0.13
N SER A 88 -3.93 1.67 0.49
CA SER A 88 -2.63 1.39 -0.17
C SER A 88 -1.92 0.23 0.57
N PRO A 89 -1.71 -0.88 -0.10
CA PRO A 89 -1.05 -2.04 0.51
C PRO A 89 0.37 -1.66 0.96
N LEU A 90 1.06 -2.56 1.59
CA LEU A 90 2.45 -2.26 2.05
C LEU A 90 3.44 -2.52 0.92
N LEU A 91 4.71 -2.60 1.23
CA LEU A 91 5.73 -2.85 0.16
C LEU A 91 6.01 -4.35 0.05
N LEU A 92 6.73 -4.91 0.98
CA LEU A 92 7.04 -6.37 0.91
C LEU A 92 5.92 -7.17 1.57
N THR A 93 6.19 -8.40 1.91
CA THR A 93 5.15 -9.26 2.54
C THR A 93 5.46 -9.41 4.04
N THR A 94 5.58 -10.62 4.51
CA THR A 94 5.89 -10.82 5.96
C THR A 94 7.39 -11.04 6.13
N THR A 95 8.18 -10.27 5.44
CA THR A 95 9.67 -10.41 5.55
C THR A 95 10.26 -9.05 5.92
N ASN A 96 9.69 -8.39 6.90
CA ASN A 96 10.22 -7.06 7.31
C ASN A 96 11.15 -7.22 8.52
N SER A 97 10.83 -6.58 9.62
CA SER A 97 11.68 -6.70 10.82
C SER A 97 13.12 -6.32 10.47
N SER A 98 14.07 -7.17 10.77
CA SER A 98 15.49 -6.84 10.45
C SER A 98 15.67 -6.78 8.93
N GLU A 99 15.96 -5.62 8.41
CA GLU A 99 16.15 -5.49 6.94
C GLU A 99 17.55 -5.97 6.56
N GLY A 100 17.91 -5.88 5.31
CA GLY A 100 19.26 -6.34 4.89
C GLY A 100 19.60 -5.72 3.52
N LEU A 101 18.61 -5.48 2.71
CA LEU A 101 18.87 -4.89 1.37
C LEU A 101 19.92 -5.72 0.63
N SER A 102 20.13 -6.95 1.04
CA SER A 102 21.15 -7.79 0.35
C SER A 102 20.99 -9.25 0.79
N MET A 103 19.91 -9.58 1.44
CA MET A 103 19.70 -10.99 1.89
C MET A 103 18.25 -11.18 2.35
N GLY A 104 17.52 -12.04 1.69
CA GLY A 104 16.10 -12.27 2.08
C GLY A 104 15.25 -12.44 0.83
N ASN A 105 15.81 -12.99 -0.21
CA ASN A 105 15.02 -13.18 -1.46
C ASN A 105 15.62 -14.32 -2.29
N TYR A 106 15.38 -15.54 -1.90
CA TYR A 106 15.93 -16.70 -2.68
C TYR A 106 15.44 -18.02 -2.10
N ILE A 107 16.16 -18.62 -1.20
CA ILE A 107 15.69 -19.90 -0.62
C ILE A 107 14.25 -19.69 -0.13
N GLY A 108 13.83 -18.46 0.00
CA GLY A 108 12.45 -18.19 0.44
C GLY A 108 11.51 -18.29 -0.77
N LEU A 109 11.82 -17.59 -1.82
CA LEU A 109 10.96 -17.65 -3.03
C LEU A 109 11.08 -19.03 -3.67
N ILE A 110 12.09 -19.78 -3.34
CA ILE A 110 12.23 -21.13 -3.93
C ILE A 110 11.05 -21.97 -3.46
N ASN A 111 10.71 -21.84 -2.23
CA ASN A 111 9.54 -22.59 -1.70
C ASN A 111 8.28 -22.04 -2.36
N ARG A 112 8.38 -20.87 -2.94
CA ARG A 112 7.21 -20.27 -3.59
C ARG A 112 6.95 -20.95 -4.93
N ILE A 113 7.94 -21.00 -5.77
CA ILE A 113 7.75 -21.65 -7.09
C ILE A 113 7.40 -23.11 -6.85
N ALA A 114 7.81 -23.63 -5.74
CA ALA A 114 7.50 -25.04 -5.41
C ALA A 114 5.98 -25.23 -5.45
N GLN A 115 5.32 -24.65 -4.49
CA GLN A 115 3.84 -24.77 -4.43
C GLN A 115 3.19 -24.06 -5.62
N LYS A 116 3.93 -23.24 -6.33
CA LYS A 116 3.32 -22.55 -7.50
C LYS A 116 3.02 -23.59 -8.55
N LYS A 117 4.04 -24.10 -9.17
CA LYS A 117 3.86 -25.13 -10.19
C LYS A 117 4.08 -26.48 -9.51
N ARG A 118 3.58 -26.59 -8.32
CA ARG A 118 3.72 -27.83 -7.49
C ARG A 118 5.01 -28.59 -7.79
N LEU A 119 5.97 -28.48 -6.90
CA LEU A 119 7.26 -29.22 -7.04
C LEU A 119 7.79 -29.54 -5.64
N THR A 120 8.96 -30.10 -5.57
CA THR A 120 9.55 -30.41 -4.24
C THR A 120 10.63 -29.37 -3.93
N VAL A 121 10.84 -29.07 -2.68
CA VAL A 121 11.89 -28.06 -2.34
C VAL A 121 12.61 -28.46 -1.04
N ASN A 122 13.78 -29.05 -1.14
CA ASN A 122 14.52 -29.45 0.10
C ASN A 122 16.01 -29.30 -0.15
N TYR A 123 16.74 -28.84 0.83
CA TYR A 123 18.22 -28.64 0.64
C TYR A 123 19.02 -29.47 1.63
N GLU A 124 20.09 -30.08 1.16
CA GLU A 124 20.98 -30.86 2.05
C GLU A 124 22.39 -30.28 1.90
N GLN A 125 23.41 -30.93 2.36
CA GLN A 125 24.76 -30.31 2.20
C GLN A 125 25.88 -31.23 2.65
N CYS A 126 26.95 -31.26 1.88
CA CYS A 126 28.14 -32.09 2.22
C CYS A 126 29.39 -31.20 2.06
N ALA A 127 29.86 -30.62 3.13
CA ALA A 127 31.06 -29.73 3.02
C ALA A 127 32.30 -30.55 2.61
N SER A 128 33.08 -30.04 1.71
CA SER A 128 34.31 -30.78 1.27
C SER A 128 35.51 -30.24 2.04
N GLY A 129 35.82 -30.84 3.17
CA GLY A 129 36.98 -30.35 3.98
C GLY A 129 38.03 -31.46 4.09
N VAL A 130 38.22 -32.24 3.06
CA VAL A 130 39.25 -33.32 3.12
C VAL A 130 40.62 -32.68 3.35
N HIS A 131 41.22 -32.15 2.31
CA HIS A 131 42.55 -31.51 2.47
C HIS A 131 42.36 -30.08 2.98
N GLY A 132 41.78 -29.24 2.18
CA GLY A 132 41.57 -27.83 2.61
C GLY A 132 41.17 -26.96 1.41
N PRO A 133 42.08 -26.79 0.49
CA PRO A 133 41.83 -25.98 -0.71
C PRO A 133 40.66 -26.55 -1.53
N GLU A 134 40.06 -27.60 -1.07
CA GLU A 134 38.91 -28.19 -1.82
C GLU A 134 37.78 -27.17 -1.86
N GLY A 135 37.03 -27.02 -0.79
CA GLY A 135 35.92 -26.03 -0.78
C GLY A 135 34.71 -26.62 -0.07
N PHE A 136 33.55 -26.06 -0.29
CA PHE A 136 32.32 -26.58 0.37
C PHE A 136 31.35 -27.06 -0.70
N HIS A 137 30.94 -28.31 -0.63
CA HIS A 137 30.00 -28.82 -1.67
C HIS A 137 28.60 -28.92 -1.07
N TYR A 138 27.63 -28.31 -1.69
CA TYR A 138 26.24 -28.37 -1.17
C TYR A 138 25.37 -29.07 -2.19
N LYS A 139 24.20 -29.48 -1.80
CA LYS A 139 23.30 -30.18 -2.74
C LYS A 139 21.86 -29.72 -2.50
N CYS A 140 21.07 -29.67 -3.54
CA CYS A 140 19.66 -29.25 -3.36
C CYS A 140 18.82 -29.87 -4.47
N LYS A 141 17.64 -30.32 -4.15
CA LYS A 141 16.79 -30.95 -5.20
C LYS A 141 15.45 -30.24 -5.26
N MET A 142 15.05 -29.86 -6.42
CA MET A 142 13.74 -29.16 -6.57
C MET A 142 13.19 -29.45 -7.97
N GLY A 143 12.12 -28.82 -8.33
CA GLY A 143 11.56 -29.04 -9.70
C GLY A 143 10.78 -30.36 -9.74
N GLN A 144 10.87 -31.15 -8.70
CA GLN A 144 10.14 -32.44 -8.68
C GLN A 144 10.73 -33.42 -9.70
N LYS A 145 11.70 -32.99 -10.47
CA LYS A 145 12.28 -33.92 -11.50
C LYS A 145 13.79 -33.73 -11.66
N GLU A 146 14.37 -32.71 -11.08
CA GLU A 146 15.84 -32.51 -11.26
C GLU A 146 16.54 -32.29 -9.92
N TYR A 147 17.81 -32.59 -9.87
CA TYR A 147 18.58 -32.43 -8.61
C TYR A 147 19.51 -31.22 -8.70
N SER A 148 19.05 -30.07 -8.29
CA SER A 148 19.91 -28.86 -8.36
C SER A 148 21.12 -29.01 -7.43
N ILE A 149 22.02 -29.90 -7.75
CA ILE A 149 23.22 -30.07 -6.88
C ILE A 149 24.17 -28.89 -7.17
N GLY A 150 24.78 -28.32 -6.17
CA GLY A 150 25.68 -27.15 -6.45
C GLY A 150 26.89 -27.14 -5.51
N THR A 151 27.71 -26.13 -5.63
CA THR A 151 28.92 -26.02 -4.76
C THR A 151 29.04 -24.57 -4.28
N GLY A 152 29.87 -24.31 -3.31
CA GLY A 152 30.00 -22.90 -2.82
C GLY A 152 31.38 -22.69 -2.18
N SER A 153 31.90 -21.50 -2.26
CA SER A 153 33.22 -21.20 -1.65
C SER A 153 33.05 -21.11 -0.15
N THR A 154 31.88 -20.74 0.30
CA THR A 154 31.62 -20.64 1.75
C THR A 154 30.28 -21.31 2.05
N LYS A 155 30.14 -21.89 3.21
CA LYS A 155 28.88 -22.57 3.55
C LYS A 155 27.70 -21.64 3.27
N GLN A 156 27.89 -20.37 3.49
CA GLN A 156 26.81 -19.40 3.27
C GLN A 156 26.68 -19.10 1.78
N GLU A 157 27.78 -18.86 1.10
CA GLU A 157 27.69 -18.58 -0.35
C GLU A 157 27.00 -19.75 -1.04
N ALA A 158 27.18 -20.93 -0.51
CA ALA A 158 26.56 -22.14 -1.13
C ALA A 158 25.02 -22.07 -1.07
N LYS A 159 24.48 -22.13 0.11
CA LYS A 159 23.00 -22.13 0.29
C LYS A 159 22.29 -21.08 -0.57
N GLN A 160 22.58 -19.83 -0.37
CA GLN A 160 21.88 -18.78 -1.12
C GLN A 160 21.98 -19.03 -2.62
N LEU A 161 23.15 -19.27 -3.11
CA LEU A 161 23.29 -19.52 -4.55
C LEU A 161 22.59 -20.84 -4.90
N ALA A 162 22.52 -21.75 -3.97
CA ALA A 162 21.81 -23.03 -4.27
C ALA A 162 20.42 -22.69 -4.78
N ALA A 163 19.77 -21.76 -4.13
CA ALA A 163 18.42 -21.34 -4.58
C ALA A 163 18.54 -20.72 -5.97
N LYS A 164 19.18 -19.57 -6.06
CA LYS A 164 19.35 -18.91 -7.39
C LYS A 164 19.72 -19.96 -8.44
N LEU A 165 20.54 -20.91 -8.07
CA LEU A 165 20.95 -21.97 -9.05
C LEU A 165 19.71 -22.76 -9.47
N ALA A 166 19.03 -23.35 -8.54
CA ALA A 166 17.80 -24.14 -8.87
C ALA A 166 16.69 -23.19 -9.31
N TYR A 167 16.41 -22.23 -8.50
CA TYR A 167 15.35 -21.26 -8.81
C TYR A 167 15.46 -20.79 -10.26
N LEU A 168 16.59 -20.27 -10.65
CA LEU A 168 16.74 -19.82 -12.06
C LEU A 168 16.71 -21.03 -12.99
N GLN A 169 16.76 -22.21 -12.43
CA GLN A 169 16.75 -23.44 -13.28
C GLN A 169 15.32 -23.78 -13.68
N ILE A 170 14.47 -24.04 -12.73
CA ILE A 170 13.07 -24.37 -13.08
C ILE A 170 12.48 -23.20 -13.84
N LEU A 171 13.07 -22.05 -13.67
CA LEU A 171 12.61 -20.85 -14.40
C LEU A 171 12.87 -21.07 -15.88
N SER A 172 14.03 -21.57 -16.18
CA SER A 172 14.41 -21.83 -17.59
C SER A 172 13.79 -23.15 -18.06
N GLU A 173 13.51 -24.05 -17.14
CA GLU A 173 12.91 -25.35 -17.58
C GLU A 173 11.45 -25.15 -17.99
N GLU A 174 11.17 -25.30 -19.26
CA GLU A 174 9.80 -25.12 -19.75
C GLU A 174 9.00 -26.40 -19.51
N THR A 175 9.50 -27.26 -18.66
CA THR A 175 8.78 -28.54 -18.37
C THR A 175 7.76 -28.31 -17.26
N GLY A 176 6.56 -28.80 -17.44
CA GLY A 176 5.51 -28.61 -16.40
C GLY A 176 4.14 -29.00 -16.97
N SER A 177 3.95 -28.81 -18.25
CA SER A 177 2.64 -29.17 -18.86
C SER A 177 2.73 -30.56 -19.50
N GLY A 178 3.70 -31.33 -19.09
CA GLY A 178 3.85 -32.70 -19.67
C GLY A 178 4.61 -32.62 -20.99
N CYS A 179 5.14 -31.47 -21.30
CA CYS A 179 5.91 -31.31 -22.58
C CYS A 179 7.40 -31.24 -22.27
N GLY A 1 -32.22 34.54 23.14
CA GLY A 1 -31.41 34.10 24.32
C GLY A 1 -30.26 33.21 23.84
N SER A 2 -30.21 32.92 22.58
CA SER A 2 -29.12 32.05 22.05
C SER A 2 -28.85 32.41 20.59
N HIS A 3 -27.99 33.38 20.36
CA HIS A 3 -27.67 33.77 18.96
C HIS A 3 -28.94 34.25 18.24
N MET A 4 -28.86 35.39 17.59
CA MET A 4 -30.04 35.93 16.85
C MET A 4 -30.52 34.90 15.82
N GLU A 5 -30.60 35.30 14.59
CA GLU A 5 -31.05 34.37 13.51
C GLU A 5 -30.36 34.79 12.22
N MET A 6 -29.18 35.30 12.35
CA MET A 6 -28.42 35.78 11.16
C MET A 6 -26.93 35.49 11.37
N ALA A 7 -26.47 35.71 12.56
CA ALA A 7 -25.02 35.47 12.85
C ALA A 7 -24.78 33.99 13.12
N GLY A 8 -25.02 33.56 14.33
CA GLY A 8 -24.81 32.13 14.68
C GLY A 8 -23.43 31.99 15.32
N ASP A 9 -22.49 32.80 14.92
CA ASP A 9 -21.12 32.73 15.49
C ASP A 9 -21.05 33.58 16.75
N LEU A 10 -19.88 33.73 17.29
CA LEU A 10 -19.71 34.55 18.51
C LEU A 10 -18.25 34.97 18.62
N SER A 11 -17.48 34.66 17.63
CA SER A 11 -16.04 35.03 17.66
C SER A 11 -15.46 35.02 16.25
N ALA A 12 -16.26 35.28 15.26
CA ALA A 12 -15.77 35.29 13.86
C ALA A 12 -15.55 33.85 13.38
N GLY A 13 -16.35 33.39 12.47
CA GLY A 13 -16.17 32.00 11.97
C GLY A 13 -16.31 31.02 13.13
N PHE A 14 -17.34 30.21 13.13
CA PHE A 14 -17.55 29.24 14.23
C PHE A 14 -17.14 27.86 13.75
N PHE A 15 -18.05 27.15 13.16
CA PHE A 15 -17.72 25.80 12.65
C PHE A 15 -16.73 26.02 11.52
N MET A 16 -16.65 27.24 11.07
CA MET A 16 -15.71 27.61 10.01
C MET A 16 -14.33 27.77 10.61
N GLU A 17 -14.24 28.48 11.71
CA GLU A 17 -12.92 28.67 12.36
C GLU A 17 -12.38 27.29 12.75
N GLU A 18 -13.25 26.36 12.99
CA GLU A 18 -12.79 24.99 13.35
C GLU A 18 -12.46 24.24 12.08
N LEU A 19 -13.38 24.20 11.17
CA LEU A 19 -13.15 23.51 9.88
C LEU A 19 -11.88 24.10 9.25
N ASN A 20 -11.76 25.40 9.24
CA ASN A 20 -10.56 26.05 8.65
C ASN A 20 -9.29 25.65 9.41
N THR A 21 -9.42 25.15 10.61
CA THR A 21 -8.20 24.78 11.38
C THR A 21 -7.58 23.51 10.79
N TYR A 22 -8.36 22.51 10.50
CA TYR A 22 -7.79 21.26 9.92
C TYR A 22 -7.05 21.60 8.63
N ARG A 23 -7.68 22.34 7.79
CA ARG A 23 -7.06 22.73 6.49
C ARG A 23 -5.58 23.06 6.68
N GLN A 24 -5.24 23.65 7.78
CA GLN A 24 -3.82 24.01 8.04
C GLN A 24 -3.07 22.72 8.41
N LYS A 25 -3.77 21.75 8.89
CA LYS A 25 -3.10 20.47 9.26
C LYS A 25 -2.80 19.69 7.99
N GLN A 26 -3.49 19.99 6.93
CA GLN A 26 -3.25 19.25 5.65
C GLN A 26 -2.53 20.16 4.66
N GLY A 27 -2.48 21.44 4.94
CA GLY A 27 -1.80 22.37 4.01
C GLY A 27 -2.64 22.50 2.74
N VAL A 28 -3.93 22.63 2.89
CA VAL A 28 -4.82 22.77 1.72
C VAL A 28 -5.31 24.20 1.65
N VAL A 29 -6.35 24.46 0.91
CA VAL A 29 -6.82 25.86 0.82
C VAL A 29 -8.32 25.88 0.57
N LEU A 30 -9.03 26.63 1.37
CA LEU A 30 -10.49 26.70 1.22
C LEU A 30 -10.89 27.81 0.25
N LYS A 31 -11.47 27.45 -0.86
CA LYS A 31 -11.91 28.48 -1.84
C LYS A 31 -13.43 28.60 -1.75
N TYR A 32 -13.93 29.69 -1.22
CA TYR A 32 -15.40 29.84 -1.07
C TYR A 32 -15.99 30.56 -2.28
N GLN A 33 -17.04 30.03 -2.84
CA GLN A 33 -17.70 30.67 -4.02
C GLN A 33 -19.22 30.66 -3.78
N GLU A 34 -19.78 31.78 -3.42
CA GLU A 34 -21.25 31.85 -3.12
C GLU A 34 -22.10 32.01 -4.39
N LEU A 35 -23.21 31.31 -4.45
CA LEU A 35 -24.14 31.41 -5.61
C LEU A 35 -25.46 32.02 -5.12
N PRO A 36 -25.55 33.34 -5.12
CA PRO A 36 -26.76 34.05 -4.66
C PRO A 36 -27.94 33.81 -5.59
N ASN A 37 -29.14 33.93 -5.07
CA ASN A 37 -30.36 33.71 -5.92
C ASN A 37 -30.15 32.51 -6.84
N SER A 38 -30.70 31.39 -6.48
CA SER A 38 -30.54 30.18 -7.33
C SER A 38 -31.87 29.42 -7.41
N GLY A 39 -32.84 29.83 -6.64
CA GLY A 39 -34.17 29.17 -6.66
C GLY A 39 -35.21 30.12 -7.26
N PRO A 40 -35.43 30.04 -8.55
CA PRO A 40 -36.39 30.91 -9.24
C PRO A 40 -37.81 30.82 -8.64
N PRO A 41 -38.27 29.62 -8.32
CA PRO A 41 -39.62 29.44 -7.76
C PRO A 41 -39.76 30.18 -6.42
N HIS A 42 -39.64 31.49 -6.45
CA HIS A 42 -39.77 32.29 -5.20
C HIS A 42 -38.94 31.67 -4.08
N ASP A 43 -38.12 30.69 -4.37
CA ASP A 43 -37.30 30.07 -3.30
C ASP A 43 -35.95 30.79 -3.23
N ARG A 44 -35.95 32.02 -2.78
CA ARG A 44 -34.67 32.78 -2.69
C ARG A 44 -33.71 32.05 -1.75
N ARG A 45 -33.38 30.83 -2.06
CA ARG A 45 -32.45 30.09 -1.17
C ARG A 45 -31.02 30.55 -1.43
N PHE A 46 -30.10 30.08 -0.66
CA PHE A 46 -28.69 30.50 -0.84
C PHE A 46 -27.84 29.25 -1.03
N THR A 47 -27.14 29.16 -2.13
CA THR A 47 -26.30 27.96 -2.40
C THR A 47 -24.83 28.35 -2.32
N PHE A 48 -24.07 27.63 -1.55
CA PHE A 48 -22.62 27.94 -1.42
C PHE A 48 -21.80 26.85 -2.11
N GLN A 49 -20.56 27.14 -2.35
CA GLN A 49 -19.66 26.15 -2.99
C GLN A 49 -18.27 26.35 -2.38
N VAL A 50 -17.60 25.30 -1.98
CA VAL A 50 -16.28 25.50 -1.35
C VAL A 50 -15.37 24.28 -1.55
N ILE A 51 -14.17 24.52 -1.98
CA ILE A 51 -13.18 23.42 -2.17
C ILE A 51 -12.26 23.41 -0.97
N ILE A 52 -11.37 22.45 -0.85
CA ILE A 52 -10.46 22.42 0.35
C ILE A 52 -9.02 22.62 -0.10
N ASP A 53 -8.66 22.04 -1.20
CA ASP A 53 -7.29 22.16 -1.74
C ASP A 53 -7.36 22.76 -3.14
N GLY A 54 -7.94 22.04 -4.04
CA GLY A 54 -8.08 22.54 -5.43
C GLY A 54 -8.44 21.38 -6.36
N ARG A 55 -9.20 20.43 -5.87
CA ARG A 55 -9.56 19.27 -6.72
C ARG A 55 -10.95 18.73 -6.36
N GLU A 56 -11.46 19.09 -5.22
CA GLU A 56 -12.79 18.60 -4.80
C GLU A 56 -13.85 19.60 -5.25
N PHE A 57 -15.11 19.31 -5.01
CA PHE A 57 -16.18 20.26 -5.43
C PHE A 57 -17.41 20.13 -4.53
N PRO A 58 -17.20 20.03 -3.24
CA PRO A 58 -18.31 19.92 -2.28
C PRO A 58 -19.18 21.17 -2.34
N GLU A 59 -20.33 21.16 -1.72
CA GLU A 59 -21.22 22.37 -1.75
C GLU A 59 -22.43 22.12 -0.87
N GLY A 60 -23.18 23.16 -0.56
CA GLY A 60 -24.39 22.98 0.30
C GLY A 60 -25.16 24.29 0.35
N GLU A 61 -26.42 24.24 0.73
CA GLU A 61 -27.25 25.48 0.81
C GLU A 61 -27.91 25.58 2.19
N GLY A 62 -28.58 26.67 2.47
CA GLY A 62 -29.24 26.81 3.79
C GLY A 62 -29.90 28.19 3.91
N ARG A 63 -30.50 28.66 2.85
CA ARG A 63 -31.17 29.99 2.90
C ARG A 63 -30.13 31.10 2.97
N SER A 64 -30.56 32.34 2.93
CA SER A 64 -29.59 33.48 2.95
C SER A 64 -29.18 33.87 4.37
N LYS A 65 -28.00 33.50 4.77
CA LYS A 65 -27.48 33.86 6.11
C LYS A 65 -26.31 32.94 6.47
N LYS A 66 -25.88 32.99 7.70
CA LYS A 66 -24.74 32.13 8.12
C LYS A 66 -24.96 30.69 7.69
N GLU A 67 -26.18 30.24 7.74
CA GLU A 67 -26.48 28.82 7.36
C GLU A 67 -25.79 28.47 6.04
N ALA A 68 -25.59 29.44 5.19
CA ALA A 68 -24.93 29.16 3.89
C ALA A 68 -23.44 28.92 4.12
N LYS A 69 -22.71 29.95 4.46
CA LYS A 69 -21.25 29.77 4.69
C LYS A 69 -21.03 28.69 5.76
N ASN A 70 -21.90 28.63 6.73
CA ASN A 70 -21.74 27.59 7.78
C ASN A 70 -21.97 26.21 7.17
N ALA A 71 -23.00 26.07 6.39
CA ALA A 71 -23.25 24.73 5.76
C ALA A 71 -22.09 24.38 4.84
N ALA A 72 -21.55 25.35 4.18
CA ALA A 72 -20.40 25.09 3.27
C ALA A 72 -19.23 24.53 4.07
N ALA A 73 -18.82 25.25 5.07
CA ALA A 73 -17.67 24.79 5.91
C ALA A 73 -18.10 23.61 6.80
N LYS A 74 -19.29 23.64 7.30
CA LYS A 74 -19.76 22.52 8.19
C LYS A 74 -19.69 21.18 7.47
N LEU A 75 -20.39 21.07 6.37
CA LEU A 75 -20.41 19.78 5.65
C LEU A 75 -19.01 19.37 5.22
N ALA A 76 -18.12 20.31 5.11
CA ALA A 76 -16.73 19.97 4.71
C ALA A 76 -16.11 19.03 5.75
N VAL A 77 -16.37 19.29 7.00
CA VAL A 77 -15.82 18.41 8.06
C VAL A 77 -16.37 16.99 7.89
N GLU A 78 -17.63 16.89 7.52
CA GLU A 78 -18.24 15.55 7.34
C GLU A 78 -17.45 14.75 6.28
N ILE A 79 -16.64 15.43 5.51
CA ILE A 79 -15.83 14.72 4.47
C ILE A 79 -14.66 14.02 5.14
N LEU A 80 -13.92 14.74 5.95
CA LEU A 80 -12.77 14.10 6.64
C LEU A 80 -13.33 12.99 7.49
N ASN A 81 -14.50 13.20 8.01
CA ASN A 81 -15.14 12.17 8.85
C ASN A 81 -15.08 10.85 8.09
N LYS A 82 -15.41 10.87 6.83
CA LYS A 82 -15.31 9.64 6.02
C LYS A 82 -13.84 9.39 5.74
N GLU A 83 -13.48 9.19 4.50
CA GLU A 83 -12.05 8.95 4.15
C GLU A 83 -11.44 7.94 5.14
N LYS A 84 -12.24 7.32 5.96
CA LYS A 84 -11.72 6.34 6.92
C LYS A 84 -11.39 5.03 6.20
N LYS A 85 -11.89 4.88 5.00
CA LYS A 85 -11.62 3.64 4.24
C LYS A 85 -10.27 3.73 3.53
N ALA A 86 -9.44 2.74 3.69
CA ALA A 86 -8.11 2.75 3.02
C ALA A 86 -8.28 2.31 1.57
N VAL A 87 -8.49 3.24 0.67
CA VAL A 87 -8.69 2.89 -0.75
C VAL A 87 -7.98 3.91 -1.65
N SER A 88 -7.79 5.10 -1.16
CA SER A 88 -7.11 6.14 -1.98
C SER A 88 -5.59 6.06 -1.81
N PRO A 89 -5.15 5.88 -0.58
CA PRO A 89 -3.71 5.81 -0.29
C PRO A 89 -3.16 4.45 -0.75
N LEU A 90 -3.13 3.48 0.13
CA LEU A 90 -2.60 2.15 -0.24
C LEU A 90 -3.72 1.31 -0.85
N LEU A 91 -3.42 0.56 -1.87
CA LEU A 91 -4.47 -0.29 -2.51
C LEU A 91 -4.44 -1.68 -1.88
N LEU A 92 -4.56 -2.72 -2.67
CA LEU A 92 -4.54 -4.09 -2.11
C LEU A 92 -3.10 -4.56 -2.01
N THR A 93 -2.20 -3.66 -1.73
CA THR A 93 -0.76 -4.04 -1.62
C THR A 93 -0.33 -3.89 -0.16
N THR A 94 0.00 -4.98 0.48
CA THR A 94 0.43 -4.91 1.90
C THR A 94 1.96 -4.95 1.98
N THR A 95 2.59 -3.81 1.81
CA THR A 95 4.07 -3.77 1.88
C THR A 95 4.50 -3.08 3.17
N ASN A 96 3.68 -2.21 3.68
CA ASN A 96 4.01 -1.49 4.94
C ASN A 96 5.50 -1.07 4.93
N SER A 97 6.09 -1.03 3.78
CA SER A 97 7.53 -0.62 3.71
C SER A 97 8.35 -1.44 4.71
N SER A 98 9.48 -0.94 5.11
CA SER A 98 10.32 -1.69 6.09
C SER A 98 10.53 -3.12 5.60
N GLU A 99 11.61 -3.37 4.92
CA GLU A 99 11.88 -4.74 4.41
C GLU A 99 12.43 -5.62 5.55
N GLY A 100 11.77 -6.71 5.84
CA GLY A 100 12.26 -7.59 6.94
C GLY A 100 13.34 -8.52 6.40
N LEU A 101 13.86 -8.22 5.24
CA LEU A 101 14.94 -9.08 4.66
C LEU A 101 14.48 -10.55 4.70
N SER A 102 13.21 -10.77 4.87
CA SER A 102 12.71 -12.17 4.91
C SER A 102 13.27 -12.96 3.71
N MET A 103 14.27 -13.76 3.93
CA MET A 103 14.86 -14.54 2.80
C MET A 103 15.43 -15.85 3.35
N GLY A 104 14.65 -16.89 3.35
CA GLY A 104 15.14 -18.20 3.87
C GLY A 104 14.18 -19.31 3.47
N ASN A 105 14.03 -19.55 2.19
CA ASN A 105 13.10 -20.62 1.74
C ASN A 105 13.56 -21.14 0.37
N TYR A 106 14.08 -22.34 0.33
CA TYR A 106 14.54 -22.91 -0.97
C TYR A 106 14.86 -24.40 -0.77
N ILE A 107 15.73 -24.71 0.16
CA ILE A 107 16.07 -26.13 0.41
C ILE A 107 14.78 -26.91 0.70
N GLY A 108 13.77 -26.22 1.17
CA GLY A 108 12.49 -26.90 1.49
C GLY A 108 11.65 -27.11 0.23
N LEU A 109 11.49 -26.10 -0.59
CA LEU A 109 10.67 -26.26 -1.81
C LEU A 109 11.32 -27.27 -2.75
N ILE A 110 12.60 -27.50 -2.61
CA ILE A 110 13.23 -28.50 -3.50
C ILE A 110 12.65 -29.86 -3.16
N ASN A 111 12.37 -30.05 -1.91
CA ASN A 111 11.75 -31.33 -1.49
C ASN A 111 10.34 -31.40 -2.05
N ARG A 112 9.81 -30.28 -2.47
CA ARG A 112 8.44 -30.25 -3.01
C ARG A 112 8.44 -30.84 -4.41
N ILE A 113 9.25 -30.32 -5.28
CA ILE A 113 9.29 -30.85 -6.67
C ILE A 113 9.75 -32.30 -6.60
N ALA A 114 10.44 -32.64 -5.57
CA ALA A 114 10.92 -34.05 -5.43
C ALA A 114 9.72 -34.98 -5.47
N GLN A 115 8.92 -34.93 -4.44
CA GLN A 115 7.71 -35.82 -4.39
C GLN A 115 6.72 -35.40 -5.48
N LYS A 116 6.85 -34.22 -6.02
CA LYS A 116 5.90 -33.82 -7.09
C LYS A 116 6.19 -34.67 -8.32
N LYS A 117 7.31 -34.44 -8.94
CA LYS A 117 7.69 -35.22 -10.12
C LYS A 117 8.60 -36.36 -9.64
N ARG A 118 8.27 -36.88 -8.49
CA ARG A 118 9.06 -38.00 -7.88
C ARG A 118 10.54 -37.93 -8.27
N LEU A 119 11.37 -37.44 -7.36
CA LEU A 119 12.84 -37.36 -7.63
C LEU A 119 13.59 -37.52 -6.31
N THR A 120 14.89 -37.39 -6.34
CA THR A 120 15.70 -37.53 -5.10
C THR A 120 16.19 -36.16 -4.64
N VAL A 121 16.37 -35.96 -3.36
CA VAL A 121 16.84 -34.64 -2.86
C VAL A 121 17.85 -34.84 -1.71
N ASN A 122 19.11 -34.55 -1.95
CA ASN A 122 20.13 -34.70 -0.86
C ASN A 122 21.20 -33.62 -1.01
N TYR A 123 21.86 -33.24 0.06
CA TYR A 123 22.90 -32.18 -0.04
C TYR A 123 24.15 -32.55 0.75
N GLU A 124 25.30 -32.43 0.13
CA GLU A 124 26.58 -32.72 0.84
C GLU A 124 27.45 -31.47 0.71
N GLN A 125 28.70 -31.54 1.03
CA GLN A 125 29.52 -30.29 0.91
C GLN A 125 31.01 -30.54 1.16
N CYS A 126 31.84 -29.92 0.37
CA CYS A 126 33.31 -30.05 0.55
C CYS A 126 33.92 -28.65 0.54
N ALA A 127 34.09 -28.05 1.68
CA ALA A 127 34.65 -26.67 1.73
C ALA A 127 36.10 -26.67 1.23
N SER A 128 36.44 -25.75 0.36
CA SER A 128 37.83 -25.69 -0.17
C SER A 128 38.63 -24.64 0.61
N GLY A 129 39.25 -25.03 1.70
CA GLY A 129 40.04 -24.07 2.51
C GLY A 129 41.52 -24.43 2.42
N VAL A 130 41.97 -24.86 1.27
CA VAL A 130 43.40 -25.23 1.12
C VAL A 130 44.29 -24.00 1.37
N HIS A 131 44.49 -23.19 0.38
CA HIS A 131 45.33 -21.98 0.56
C HIS A 131 44.50 -20.86 1.19
N GLY A 132 43.42 -20.49 0.57
CA GLY A 132 42.56 -19.42 1.15
C GLY A 132 41.66 -18.81 0.07
N PRO A 133 42.27 -18.18 -0.90
CA PRO A 133 41.52 -17.53 -2.00
C PRO A 133 40.69 -18.56 -2.77
N GLU A 134 40.77 -19.81 -2.43
CA GLU A 134 39.99 -20.84 -3.16
C GLU A 134 38.50 -20.53 -2.99
N GLY A 135 37.93 -20.86 -1.86
CA GLY A 135 36.48 -20.59 -1.63
C GLY A 135 35.82 -21.82 -1.00
N PHE A 136 34.52 -21.89 -1.06
CA PHE A 136 33.81 -23.05 -0.47
C PHE A 136 33.13 -23.84 -1.59
N HIS A 137 33.44 -25.10 -1.71
CA HIS A 137 32.81 -25.92 -2.79
C HIS A 137 31.70 -26.77 -2.18
N TYR A 138 30.52 -26.69 -2.71
CA TYR A 138 29.39 -27.49 -2.17
C TYR A 138 28.86 -28.39 -3.26
N LYS A 139 28.02 -29.31 -2.92
CA LYS A 139 27.47 -30.20 -3.96
C LYS A 139 26.07 -30.63 -3.56
N CYS A 140 25.25 -30.95 -4.51
CA CYS A 140 23.88 -31.39 -4.17
C CYS A 140 23.33 -32.23 -5.30
N LYS A 141 22.61 -33.26 -4.96
CA LYS A 141 22.05 -34.15 -6.01
C LYS A 141 20.54 -33.94 -6.07
N MET A 142 20.00 -33.80 -7.24
CA MET A 142 18.53 -33.59 -7.37
C MET A 142 18.07 -34.27 -8.66
N GLY A 143 16.79 -34.45 -8.83
CA GLY A 143 16.32 -35.11 -10.07
C GLY A 143 16.66 -36.59 -9.97
N GLN A 144 15.98 -37.43 -10.69
CA GLN A 144 16.28 -38.88 -10.62
C GLN A 144 17.47 -39.20 -11.53
N LYS A 145 17.99 -38.22 -12.23
CA LYS A 145 19.14 -38.50 -13.15
C LYS A 145 20.04 -37.25 -13.27
N GLU A 146 20.14 -36.44 -12.25
CA GLU A 146 21.01 -35.22 -12.36
C GLU A 146 21.74 -34.96 -11.03
N TYR A 147 22.87 -34.30 -11.11
CA TYR A 147 23.67 -34.00 -9.88
C TYR A 147 23.96 -32.50 -9.81
N SER A 148 23.11 -31.75 -9.17
CA SER A 148 23.33 -30.28 -9.06
C SER A 148 24.59 -29.98 -8.22
N ILE A 149 25.73 -30.40 -8.67
CA ILE A 149 26.97 -30.10 -7.90
C ILE A 149 27.30 -28.62 -8.14
N GLY A 150 27.64 -27.86 -7.11
CA GLY A 150 27.91 -26.41 -7.35
C GLY A 150 28.98 -25.87 -6.39
N THR A 151 29.04 -24.56 -6.27
CA THR A 151 30.05 -23.92 -5.38
C THR A 151 29.37 -22.85 -4.52
N GLY A 152 30.11 -22.15 -3.71
CA GLY A 152 29.50 -21.10 -2.85
C GLY A 152 30.60 -20.23 -2.21
N SER A 153 30.32 -18.97 -2.02
CA SER A 153 31.32 -18.07 -1.40
C SER A 153 31.40 -18.34 0.10
N THR A 154 30.28 -18.62 0.70
CA THR A 154 30.26 -18.91 2.16
C THR A 154 29.48 -20.20 2.38
N LYS A 155 29.77 -20.89 3.45
CA LYS A 155 29.05 -22.16 3.73
C LYS A 155 27.54 -21.93 3.66
N GLN A 156 27.09 -20.79 4.09
CA GLN A 156 25.63 -20.52 4.07
C GLN A 156 25.20 -20.14 2.66
N GLU A 157 25.90 -19.27 2.00
CA GLU A 157 25.51 -18.88 0.63
C GLU A 157 25.52 -20.12 -0.27
N ALA A 158 26.36 -21.06 0.05
CA ALA A 158 26.46 -22.30 -0.78
C ALA A 158 25.15 -23.10 -0.70
N LYS A 159 24.86 -23.64 0.45
CA LYS A 159 23.64 -24.49 0.62
C LYS A 159 22.37 -23.85 0.02
N GLN A 160 22.05 -22.64 0.37
CA GLN A 160 20.81 -22.04 -0.17
C GLN A 160 20.79 -22.09 -1.68
N LEU A 161 21.78 -21.53 -2.30
CA LEU A 161 21.81 -21.51 -3.78
C LEU A 161 21.89 -22.94 -4.31
N ALA A 162 22.38 -23.88 -3.52
CA ALA A 162 22.45 -25.27 -4.00
C ALA A 162 21.06 -25.65 -4.52
N ALA A 163 20.05 -25.33 -3.76
CA ALA A 163 18.67 -25.63 -4.21
C ALA A 163 18.42 -24.82 -5.49
N LYS A 164 18.42 -23.52 -5.37
CA LYS A 164 18.23 -22.64 -6.56
C LYS A 164 18.96 -23.22 -7.78
N LEU A 165 20.13 -23.74 -7.57
CA LEU A 165 20.91 -24.32 -8.71
C LEU A 165 20.14 -25.50 -9.30
N ALA A 166 19.92 -26.51 -8.52
CA ALA A 166 19.18 -27.72 -9.01
C ALA A 166 17.73 -27.36 -9.27
N TYR A 167 17.10 -26.82 -8.30
CA TYR A 167 15.68 -26.43 -8.42
C TYR A 167 15.43 -25.74 -9.76
N LEU A 168 16.12 -24.65 -10.02
CA LEU A 168 15.91 -23.95 -11.30
C LEU A 168 16.38 -24.84 -12.45
N GLN A 169 17.03 -25.93 -12.14
CA GLN A 169 17.53 -26.84 -13.21
C GLN A 169 16.42 -27.79 -13.66
N ILE A 170 15.93 -28.59 -12.78
CA ILE A 170 14.86 -29.55 -13.17
C ILE A 170 13.67 -28.73 -13.65
N LEU A 171 13.62 -27.49 -13.26
CA LEU A 171 12.53 -26.61 -13.72
C LEU A 171 12.68 -26.44 -15.22
N SER A 172 13.89 -26.21 -15.63
CA SER A 172 14.17 -26.03 -17.08
C SER A 172 14.22 -27.38 -17.78
N GLU A 173 14.34 -28.46 -17.03
CA GLU A 173 14.41 -29.79 -17.70
C GLU A 173 13.04 -30.15 -18.29
N GLU A 174 12.87 -29.90 -19.56
CA GLU A 174 11.58 -30.24 -20.22
C GLU A 174 11.62 -31.69 -20.68
N THR A 175 12.28 -32.53 -19.94
CA THR A 175 12.38 -33.97 -20.33
C THR A 175 11.11 -34.72 -19.92
N GLY A 176 10.90 -35.87 -20.49
CA GLY A 176 9.67 -36.66 -20.14
C GLY A 176 9.85 -37.31 -18.77
N SER A 177 10.84 -36.89 -18.03
CA SER A 177 11.07 -37.48 -16.68
C SER A 177 10.51 -36.53 -15.62
N GLY A 178 10.18 -35.33 -16.02
CA GLY A 178 9.62 -34.33 -15.06
C GLY A 178 8.33 -33.76 -15.63
N CYS A 179 8.17 -33.81 -16.93
CA CYS A 179 6.93 -33.28 -17.57
C CYS A 179 6.11 -34.45 -18.15
N GLY A 1 -38.98 21.76 16.42
CA GLY A 1 -37.83 21.45 15.53
C GLY A 1 -37.30 22.74 14.90
N SER A 2 -36.02 22.78 14.60
CA SER A 2 -35.40 23.98 13.97
C SER A 2 -35.83 25.27 14.68
N HIS A 3 -35.88 26.36 13.95
CA HIS A 3 -36.28 27.65 14.57
C HIS A 3 -36.82 28.59 13.48
N MET A 4 -36.46 29.84 13.54
CA MET A 4 -36.96 30.79 12.51
C MET A 4 -36.50 30.34 11.11
N GLU A 5 -35.87 31.20 10.38
CA GLU A 5 -35.38 30.82 9.02
C GLU A 5 -34.16 31.68 8.67
N MET A 6 -33.39 32.03 9.65
CA MET A 6 -32.17 32.85 9.42
C MET A 6 -31.13 32.54 10.48
N ALA A 7 -29.87 32.52 10.14
CA ALA A 7 -28.82 32.22 11.15
C ALA A 7 -28.65 33.44 12.05
N GLY A 8 -29.26 33.41 13.21
CA GLY A 8 -29.16 34.58 14.13
C GLY A 8 -27.75 34.66 14.72
N ASP A 9 -26.77 34.90 13.90
CA ASP A 9 -25.38 35.01 14.41
C ASP A 9 -25.14 36.44 14.89
N LEU A 10 -24.03 36.67 15.54
CA LEU A 10 -23.74 38.03 16.04
C LEU A 10 -22.25 38.30 15.90
N SER A 11 -21.58 37.51 15.11
CA SER A 11 -20.12 37.69 14.93
C SER A 11 -19.70 37.17 13.55
N ALA A 12 -20.17 37.79 12.50
CA ALA A 12 -19.81 37.33 11.13
C ALA A 12 -20.65 36.10 10.79
N GLY A 13 -20.49 35.04 11.54
CA GLY A 13 -21.27 33.81 11.28
C GLY A 13 -21.42 33.03 12.59
N PHE A 14 -21.19 31.74 12.57
CA PHE A 14 -21.32 30.94 13.81
C PHE A 14 -20.57 29.61 13.66
N PHE A 15 -21.03 28.78 12.78
CA PHE A 15 -20.35 27.49 12.56
C PHE A 15 -19.03 27.78 11.85
N MET A 16 -18.95 28.92 11.23
CA MET A 16 -17.70 29.33 10.54
C MET A 16 -16.74 29.82 11.61
N GLU A 17 -17.23 30.58 12.55
CA GLU A 17 -16.34 31.06 13.63
C GLU A 17 -15.73 29.83 14.30
N GLU A 18 -16.44 28.74 14.24
CA GLU A 18 -15.93 27.48 14.84
C GLU A 18 -14.97 26.83 13.84
N LEU A 19 -15.43 26.61 12.65
CA LEU A 19 -14.54 26.02 11.61
C LEU A 19 -13.31 26.92 11.49
N ASN A 20 -13.54 28.20 11.39
CA ASN A 20 -12.42 29.18 11.27
C ASN A 20 -11.44 29.01 12.44
N THR A 21 -11.89 28.47 13.54
CA THR A 21 -10.98 28.33 14.71
C THR A 21 -9.96 27.18 14.47
N TYR A 22 -10.43 25.98 14.28
CA TYR A 22 -9.47 24.84 14.07
C TYR A 22 -8.59 25.11 12.84
N ARG A 23 -9.18 25.57 11.78
CA ARG A 23 -8.40 25.85 10.53
C ARG A 23 -7.10 26.57 10.89
N GLN A 24 -7.15 27.42 11.87
CA GLN A 24 -5.92 28.16 12.29
C GLN A 24 -5.03 27.22 13.09
N LYS A 25 -5.63 26.25 13.73
CA LYS A 25 -4.82 25.28 14.54
C LYS A 25 -4.11 24.31 13.60
N GLN A 26 -4.61 24.17 12.40
CA GLN A 26 -3.97 23.23 11.43
C GLN A 26 -3.16 24.03 10.40
N GLY A 27 -3.41 25.31 10.32
CA GLY A 27 -2.68 26.14 9.34
C GLY A 27 -3.23 25.89 7.93
N VAL A 28 -4.53 25.80 7.80
CA VAL A 28 -5.13 25.56 6.48
C VAL A 28 -5.77 26.86 5.97
N VAL A 29 -6.65 26.80 5.00
CA VAL A 29 -7.27 28.07 4.49
C VAL A 29 -8.72 27.80 4.05
N LEU A 30 -9.65 28.59 4.54
CA LEU A 30 -11.07 28.39 4.15
C LEU A 30 -11.36 29.18 2.87
N LYS A 31 -11.77 28.50 1.82
CA LYS A 31 -12.10 29.23 0.54
C LYS A 31 -13.55 28.93 0.17
N TYR A 32 -14.43 29.90 0.29
CA TYR A 32 -15.87 29.67 -0.04
C TYR A 32 -16.17 30.12 -1.48
N GLN A 33 -16.89 29.31 -2.23
CA GLN A 33 -17.25 29.68 -3.63
C GLN A 33 -18.76 29.44 -3.84
N GLU A 34 -19.52 30.48 -4.04
CA GLU A 34 -21.00 30.32 -4.20
C GLU A 34 -21.38 29.90 -5.63
N LEU A 35 -22.24 28.93 -5.76
CA LEU A 35 -22.71 28.47 -7.12
C LEU A 35 -24.25 28.35 -7.08
N PRO A 36 -24.95 29.46 -7.15
CA PRO A 36 -26.43 29.48 -7.09
C PRO A 36 -27.04 28.79 -8.32
N ASN A 37 -28.31 28.46 -8.24
CA ASN A 37 -29.01 27.77 -9.37
C ASN A 37 -28.09 26.75 -10.04
N SER A 38 -28.17 25.52 -9.62
CA SER A 38 -27.29 24.48 -10.23
C SER A 38 -28.01 23.11 -10.30
N GLY A 39 -29.13 22.97 -9.62
CA GLY A 39 -29.85 21.64 -9.64
C GLY A 39 -30.81 21.57 -10.84
N PRO A 40 -30.78 20.47 -11.57
CA PRO A 40 -31.67 20.29 -12.74
C PRO A 40 -33.18 20.37 -12.40
N PRO A 41 -33.63 19.73 -11.34
CA PRO A 41 -35.06 19.73 -10.98
C PRO A 41 -35.62 21.14 -10.71
N HIS A 42 -35.23 22.10 -11.49
CA HIS A 42 -35.75 23.50 -11.31
C HIS A 42 -35.82 23.86 -9.82
N ASP A 43 -35.13 23.15 -8.98
CA ASP A 43 -35.17 23.49 -7.54
C ASP A 43 -34.08 24.53 -7.30
N ARG A 44 -34.30 25.75 -7.72
CA ARG A 44 -33.28 26.81 -7.57
C ARG A 44 -32.65 26.75 -6.18
N ARG A 45 -31.78 25.81 -5.99
CA ARG A 45 -31.12 25.64 -4.69
C ARG A 45 -29.83 26.47 -4.63
N PHE A 46 -29.11 26.35 -3.56
CA PHE A 46 -27.84 27.10 -3.40
C PHE A 46 -26.70 26.08 -3.30
N THR A 47 -25.97 25.91 -4.36
CA THR A 47 -24.84 24.93 -4.33
C THR A 47 -23.54 25.69 -4.07
N PHE A 48 -23.02 25.58 -2.89
CA PHE A 48 -21.76 26.31 -2.57
C PHE A 48 -20.58 25.33 -2.57
N GLN A 49 -19.40 25.85 -2.65
CA GLN A 49 -18.18 25.02 -2.63
C GLN A 49 -17.32 25.50 -1.47
N VAL A 50 -16.57 24.65 -0.83
CA VAL A 50 -15.77 25.12 0.33
C VAL A 50 -14.49 24.29 0.48
N ILE A 51 -13.35 24.94 0.44
CA ILE A 51 -12.06 24.20 0.60
C ILE A 51 -11.59 24.41 2.04
N ILE A 52 -10.59 23.68 2.46
CA ILE A 52 -10.09 23.83 3.85
C ILE A 52 -8.63 24.30 3.80
N ASP A 53 -7.86 23.69 2.96
CA ASP A 53 -6.42 24.03 2.82
C ASP A 53 -6.12 24.44 1.38
N GLY A 54 -6.27 23.52 0.48
CA GLY A 54 -5.99 23.80 -0.96
C GLY A 54 -5.82 22.47 -1.68
N ARG A 55 -6.57 21.48 -1.27
CA ARG A 55 -6.45 20.14 -1.93
C ARG A 55 -7.80 19.42 -1.89
N GLU A 56 -8.56 19.67 -0.86
CA GLU A 56 -9.88 19.01 -0.74
C GLU A 56 -10.94 19.89 -1.41
N PHE A 57 -11.97 19.29 -1.97
CA PHE A 57 -13.02 20.09 -2.66
C PHE A 57 -14.42 19.73 -2.12
N PRO A 58 -14.58 19.70 -0.82
CA PRO A 58 -15.89 19.39 -0.21
C PRO A 58 -16.95 20.35 -0.78
N GLU A 59 -18.21 20.04 -0.62
CA GLU A 59 -19.27 20.92 -1.16
C GLU A 59 -20.65 20.37 -0.79
N GLY A 60 -21.66 21.22 -0.78
CA GLY A 60 -23.02 20.74 -0.41
C GLY A 60 -24.08 21.69 -1.01
N GLU A 61 -25.32 21.53 -0.61
CA GLU A 61 -26.39 22.43 -1.16
C GLU A 61 -27.25 22.98 -0.02
N GLY A 62 -28.22 23.78 -0.36
CA GLY A 62 -29.13 24.37 0.64
C GLY A 62 -30.25 25.10 -0.08
N ARG A 63 -30.24 26.39 -0.06
CA ARG A 63 -31.29 27.18 -0.77
C ARG A 63 -30.94 28.66 -0.71
N SER A 64 -31.91 29.52 -0.89
CA SER A 64 -31.60 30.99 -0.88
C SER A 64 -31.35 31.49 0.55
N LYS A 65 -30.56 30.80 1.33
CA LYS A 65 -30.29 31.30 2.71
C LYS A 65 -29.16 30.53 3.41
N LYS A 66 -29.19 30.56 4.71
CA LYS A 66 -28.13 29.89 5.53
C LYS A 66 -27.88 28.44 5.13
N GLU A 67 -28.91 27.69 4.85
CA GLU A 67 -28.70 26.26 4.48
C GLU A 67 -27.54 26.19 3.49
N ALA A 68 -27.29 27.26 2.81
CA ALA A 68 -26.16 27.30 1.84
C ALA A 68 -24.85 27.42 2.61
N LYS A 69 -24.60 28.58 3.17
CA LYS A 69 -23.36 28.78 3.93
C LYS A 69 -23.27 27.74 5.06
N ASN A 70 -24.36 27.44 5.69
CA ASN A 70 -24.33 26.44 6.80
C ASN A 70 -23.97 25.07 6.23
N ALA A 71 -24.64 24.62 5.21
CA ALA A 71 -24.31 23.29 4.64
C ALA A 71 -22.85 23.29 4.20
N ALA A 72 -22.42 24.35 3.58
CA ALA A 72 -21.01 24.42 3.13
C ALA A 72 -20.07 24.31 4.32
N ALA A 73 -20.22 25.17 5.29
CA ALA A 73 -19.33 25.13 6.47
C ALA A 73 -19.66 23.91 7.35
N LYS A 74 -20.93 23.62 7.50
CA LYS A 74 -21.33 22.46 8.35
C LYS A 74 -20.72 21.15 7.85
N LEU A 75 -20.93 20.82 6.62
CA LEU A 75 -20.42 19.54 6.10
C LEU A 75 -18.89 19.51 6.14
N ALA A 76 -18.26 20.64 6.07
CA ALA A 76 -16.77 20.65 6.11
C ALA A 76 -16.31 20.08 7.46
N VAL A 77 -16.99 20.46 8.51
CA VAL A 77 -16.62 19.94 9.85
C VAL A 77 -16.83 18.42 9.87
N GLU A 78 -17.79 17.95 9.14
CA GLU A 78 -18.07 16.49 9.10
C GLU A 78 -16.82 15.74 8.61
N ILE A 79 -15.91 16.46 8.03
CA ILE A 79 -14.64 15.83 7.52
C ILE A 79 -13.70 15.55 8.68
N LEU A 80 -13.44 16.53 9.52
CA LEU A 80 -12.54 16.28 10.66
C LEU A 80 -13.14 15.13 11.46
N ASN A 81 -14.44 15.13 11.52
CA ASN A 81 -15.15 14.05 12.25
C ASN A 81 -14.58 12.71 11.79
N LYS A 82 -14.42 12.54 10.51
CA LYS A 82 -13.82 11.29 10.00
C LYS A 82 -12.30 11.37 10.19
N GLU A 83 -11.55 10.98 9.20
CA GLU A 83 -10.07 11.03 9.31
C GLU A 83 -9.62 10.44 10.65
N LYS A 84 -10.52 9.85 11.38
CA LYS A 84 -10.16 9.24 12.68
C LYS A 84 -9.55 7.87 12.43
N LYS A 85 -9.79 7.31 11.27
CA LYS A 85 -9.22 5.96 10.97
C LYS A 85 -7.77 6.11 10.51
N ALA A 86 -7.24 5.07 9.94
CA ALA A 86 -5.84 5.13 9.46
C ALA A 86 -5.81 5.75 8.06
N VAL A 87 -5.97 7.05 7.97
CA VAL A 87 -5.94 7.71 6.65
C VAL A 87 -5.33 9.11 6.80
N SER A 88 -4.07 9.17 7.09
CA SER A 88 -3.39 10.49 7.26
C SER A 88 -2.95 10.98 5.87
N PRO A 89 -2.65 12.25 5.76
CA PRO A 89 -2.22 12.82 4.48
C PRO A 89 -0.96 12.11 4.00
N LEU A 90 -0.12 12.76 3.25
CA LEU A 90 1.12 12.11 2.77
C LEU A 90 2.22 12.26 3.84
N LEU A 91 2.26 11.40 4.81
CA LEU A 91 3.30 11.51 5.88
C LEU A 91 4.52 10.68 5.49
N LEU A 92 5.67 11.31 5.42
CA LEU A 92 6.92 10.58 5.06
C LEU A 92 7.51 9.94 6.32
N THR A 93 7.75 8.65 6.30
CA THR A 93 8.31 7.97 7.49
C THR A 93 9.59 7.20 7.09
N THR A 94 9.62 5.92 7.34
CA THR A 94 10.82 5.12 6.97
C THR A 94 10.61 4.46 5.61
N THR A 95 11.17 5.01 4.57
CA THR A 95 10.98 4.43 3.21
C THR A 95 12.23 3.64 2.82
N ASN A 96 13.28 3.74 3.60
CA ASN A 96 14.52 2.99 3.27
C ASN A 96 14.30 1.49 3.51
N SER A 97 15.35 0.70 3.40
CA SER A 97 15.21 -0.77 3.63
C SER A 97 14.02 -1.32 2.84
N SER A 98 13.46 -0.53 1.96
CA SER A 98 12.30 -1.01 1.17
C SER A 98 12.61 -2.41 0.60
N GLU A 99 11.59 -3.16 0.25
CA GLU A 99 11.83 -4.51 -0.32
C GLU A 99 12.22 -4.39 -1.79
N GLY A 100 13.33 -4.97 -2.17
CA GLY A 100 13.77 -4.88 -3.59
C GLY A 100 13.65 -6.24 -4.26
N LEU A 101 13.50 -7.29 -3.50
CA LEU A 101 13.39 -8.65 -4.12
C LEU A 101 14.55 -8.84 -5.09
N SER A 102 15.59 -8.06 -4.96
CA SER A 102 16.75 -8.19 -5.87
C SER A 102 17.57 -9.42 -5.48
N MET A 103 17.06 -10.22 -4.59
CA MET A 103 17.82 -11.44 -4.16
C MET A 103 16.87 -12.38 -3.40
N GLY A 104 16.24 -13.29 -4.10
CA GLY A 104 15.31 -14.24 -3.42
C GLY A 104 16.07 -15.49 -3.00
N ASN A 105 17.31 -15.36 -2.63
CA ASN A 105 18.11 -16.55 -2.21
C ASN A 105 17.99 -17.66 -3.27
N TYR A 106 17.99 -18.90 -2.85
CA TYR A 106 17.89 -20.01 -3.82
C TYR A 106 17.63 -21.32 -3.08
N ILE A 107 18.50 -21.71 -2.20
CA ILE A 107 18.27 -22.97 -1.45
C ILE A 107 16.95 -22.85 -0.67
N GLY A 108 16.48 -21.64 -0.48
CA GLY A 108 15.21 -21.44 0.26
C GLY A 108 14.02 -21.69 -0.68
N LEU A 109 14.00 -21.05 -1.83
CA LEU A 109 12.87 -21.25 -2.76
C LEU A 109 12.93 -22.65 -3.37
N ILE A 110 14.05 -23.31 -3.30
CA ILE A 110 14.11 -24.67 -3.86
C ILE A 110 13.18 -25.55 -3.04
N ASN A 111 13.09 -25.29 -1.79
CA ASN A 111 12.16 -26.06 -0.92
C ASN A 111 10.73 -25.68 -1.31
N ARG A 112 10.57 -24.57 -1.98
CA ARG A 112 9.22 -24.13 -2.39
C ARG A 112 8.75 -24.96 -3.57
N ILE A 113 9.49 -24.95 -4.64
CA ILE A 113 9.06 -25.73 -5.82
C ILE A 113 8.95 -27.20 -5.40
N ALA A 114 9.70 -27.58 -4.42
CA ALA A 114 9.63 -28.98 -3.94
C ALA A 114 8.21 -29.28 -3.49
N GLN A 115 7.80 -28.69 -2.41
CA GLN A 115 6.43 -28.93 -1.88
C GLN A 115 5.39 -28.35 -2.85
N LYS A 116 5.80 -27.60 -3.84
CA LYS A 116 4.81 -27.04 -4.79
C LYS A 116 4.28 -28.19 -5.67
N LYS A 117 5.11 -28.69 -6.53
CA LYS A 117 4.71 -29.81 -7.40
C LYS A 117 5.16 -31.10 -6.70
N ARG A 118 4.91 -31.15 -5.43
CA ARG A 118 5.29 -32.32 -4.58
C ARG A 118 6.54 -33.04 -5.10
N LEU A 119 7.66 -32.79 -4.45
CA LEU A 119 8.95 -33.47 -4.82
C LEU A 119 9.79 -33.61 -3.54
N THR A 120 11.02 -34.03 -3.68
CA THR A 120 11.91 -34.15 -2.48
C THR A 120 12.95 -33.04 -2.51
N VAL A 121 13.45 -32.63 -1.38
CA VAL A 121 14.47 -31.54 -1.37
C VAL A 121 15.51 -31.78 -0.25
N ASN A 122 16.72 -32.13 -0.61
CA ASN A 122 17.76 -32.37 0.45
C ASN A 122 19.13 -31.94 -0.06
N TYR A 123 20.08 -31.75 0.83
CA TYR A 123 21.44 -31.34 0.39
C TYR A 123 22.52 -31.94 1.31
N GLU A 124 23.40 -32.73 0.78
CA GLU A 124 24.51 -33.31 1.60
C GLU A 124 25.82 -32.74 1.04
N GLN A 125 26.95 -33.29 1.38
CA GLN A 125 28.19 -32.69 0.81
C GLN A 125 29.43 -33.52 1.15
N CYS A 126 30.30 -33.67 0.18
CA CYS A 126 31.57 -34.43 0.38
C CYS A 126 32.73 -33.55 -0.11
N ALA A 127 33.34 -32.80 0.77
CA ALA A 127 34.46 -31.92 0.32
C ALA A 127 35.59 -32.78 -0.26
N SER A 128 36.17 -32.37 -1.36
CA SER A 128 37.26 -33.16 -1.98
C SER A 128 38.61 -32.56 -1.57
N GLY A 129 39.09 -32.90 -0.41
CA GLY A 129 40.40 -32.35 0.05
C GLY A 129 41.51 -33.36 -0.25
N VAL A 130 41.65 -33.77 -1.49
CA VAL A 130 42.71 -34.74 -1.83
C VAL A 130 44.08 -34.12 -1.54
N HIS A 131 44.69 -33.52 -2.51
CA HIS A 131 46.00 -32.88 -2.31
C HIS A 131 45.80 -31.46 -1.78
N GLY A 132 45.75 -30.51 -2.67
CA GLY A 132 45.56 -29.10 -2.23
C GLY A 132 44.70 -28.34 -3.25
N PRO A 133 45.25 -28.14 -4.43
CA PRO A 133 44.56 -27.42 -5.50
C PRO A 133 43.29 -28.17 -5.92
N GLU A 134 42.92 -29.19 -5.21
CA GLU A 134 41.70 -29.96 -5.56
C GLU A 134 40.48 -29.03 -5.52
N GLY A 135 39.45 -29.41 -4.83
CA GLY A 135 38.24 -28.52 -4.77
C GLY A 135 37.25 -29.05 -3.72
N PHE A 136 36.01 -28.70 -3.85
CA PHE A 136 34.99 -29.17 -2.89
C PHE A 136 33.83 -29.79 -3.66
N HIS A 137 33.53 -31.03 -3.42
CA HIS A 137 32.43 -31.69 -4.16
C HIS A 137 31.17 -31.70 -3.30
N TYR A 138 30.06 -31.24 -3.83
CA TYR A 138 28.81 -31.23 -3.05
C TYR A 138 27.78 -32.09 -3.76
N LYS A 139 26.74 -32.45 -3.08
CA LYS A 139 25.71 -33.30 -3.73
C LYS A 139 24.34 -32.89 -3.23
N CYS A 140 23.36 -32.99 -4.07
CA CYS A 140 21.99 -32.61 -3.65
C CYS A 140 20.98 -33.33 -4.54
N LYS A 141 19.86 -33.69 -3.98
CA LYS A 141 18.83 -34.39 -4.80
C LYS A 141 17.54 -33.57 -4.78
N MET A 142 16.87 -33.52 -5.89
CA MET A 142 15.61 -32.73 -5.94
C MET A 142 14.75 -33.30 -7.07
N GLY A 143 13.51 -32.95 -7.11
CA GLY A 143 12.65 -33.49 -8.20
C GLY A 143 12.09 -34.82 -7.75
N GLN A 144 11.80 -35.70 -8.65
CA GLN A 144 11.24 -37.02 -8.26
C GLN A 144 11.95 -38.12 -9.04
N LYS A 145 12.95 -37.78 -9.79
CA LYS A 145 13.65 -38.83 -10.58
C LYS A 145 15.13 -38.49 -10.82
N GLU A 146 15.62 -37.35 -10.36
CA GLU A 146 17.06 -37.02 -10.63
C GLU A 146 17.80 -36.57 -9.37
N TYR A 147 19.07 -36.93 -9.30
CA TYR A 147 19.92 -36.55 -8.12
C TYR A 147 20.82 -35.37 -8.53
N SER A 148 20.45 -34.17 -8.18
CA SER A 148 21.27 -32.97 -8.56
C SER A 148 22.67 -33.02 -7.91
N ILE A 149 23.50 -33.95 -8.30
CA ILE A 149 24.87 -34.02 -7.72
C ILE A 149 25.74 -32.93 -8.38
N GLY A 150 26.31 -32.02 -7.60
CA GLY A 150 27.13 -30.93 -8.24
C GLY A 150 28.50 -30.78 -7.55
N THR A 151 29.16 -29.69 -7.82
CA THR A 151 30.50 -29.45 -7.21
C THR A 151 30.59 -27.97 -6.79
N GLY A 152 31.71 -27.54 -6.27
CA GLY A 152 31.81 -26.12 -5.86
C GLY A 152 33.26 -25.74 -5.56
N SER A 153 33.64 -24.55 -5.92
CA SER A 153 35.04 -24.10 -5.65
C SER A 153 35.19 -23.89 -4.15
N THR A 154 34.14 -23.47 -3.50
CA THR A 154 34.20 -23.25 -2.04
C THR A 154 32.91 -23.78 -1.41
N LYS A 155 32.96 -24.03 -0.13
CA LYS A 155 31.75 -24.56 0.57
C LYS A 155 30.54 -23.67 0.27
N GLN A 156 30.75 -22.40 0.23
CA GLN A 156 29.63 -21.45 -0.01
C GLN A 156 29.25 -21.44 -1.49
N GLU A 157 30.21 -21.40 -2.38
CA GLU A 157 29.87 -21.39 -3.82
C GLU A 157 29.15 -22.69 -4.16
N ALA A 158 29.43 -23.75 -3.46
CA ALA A 158 28.78 -25.06 -3.77
C ALA A 158 27.26 -24.99 -3.50
N LYS A 159 26.90 -24.78 -2.27
CA LYS A 159 25.45 -24.75 -1.90
C LYS A 159 24.61 -23.89 -2.86
N GLN A 160 25.00 -22.66 -3.09
CA GLN A 160 24.18 -21.79 -3.99
C GLN A 160 23.96 -22.48 -5.32
N LEU A 161 25.01 -22.91 -5.95
CA LEU A 161 24.87 -23.58 -7.25
C LEU A 161 24.13 -24.90 -7.06
N ALA A 162 24.28 -25.52 -5.92
CA ALA A 162 23.55 -26.80 -5.70
C ALA A 162 22.07 -26.55 -5.98
N ALA A 163 21.55 -25.43 -5.53
CA ALA A 163 20.12 -25.12 -5.79
C ALA A 163 19.93 -24.92 -7.30
N LYS A 164 20.55 -23.91 -7.86
CA LYS A 164 20.42 -23.67 -9.33
C LYS A 164 20.41 -25.00 -10.09
N LEU A 165 21.34 -25.86 -9.79
CA LEU A 165 21.43 -27.17 -10.48
C LEU A 165 20.08 -27.90 -10.41
N ALA A 166 19.65 -28.24 -9.24
CA ALA A 166 18.33 -28.96 -9.10
C ALA A 166 17.22 -28.05 -9.56
N TYR A 167 17.21 -26.87 -9.06
CA TYR A 167 16.18 -25.88 -9.43
C TYR A 167 16.05 -25.83 -10.96
N LEU A 168 17.08 -25.47 -11.65
CA LEU A 168 17.01 -25.42 -13.13
C LEU A 168 16.67 -26.82 -13.67
N GLN A 169 16.71 -27.82 -12.83
CA GLN A 169 16.39 -29.18 -13.30
C GLN A 169 14.89 -29.39 -13.33
N ILE A 170 14.26 -29.27 -12.20
CA ILE A 170 12.78 -29.43 -12.17
C ILE A 170 12.19 -28.35 -13.07
N LEU A 171 12.94 -27.30 -13.27
CA LEU A 171 12.49 -26.20 -14.15
C LEU A 171 12.49 -26.71 -15.58
N SER A 172 13.58 -27.29 -15.97
CA SER A 172 13.72 -27.84 -17.35
C SER A 172 13.03 -29.19 -17.46
N GLU A 173 13.00 -29.96 -16.41
CA GLU A 173 12.34 -31.30 -16.50
C GLU A 173 10.81 -31.12 -16.50
N GLU A 174 10.16 -31.51 -17.56
CA GLU A 174 8.68 -31.38 -17.62
C GLU A 174 8.05 -32.61 -16.95
N THR A 175 8.87 -33.44 -16.34
CA THR A 175 8.34 -34.65 -15.67
C THR A 175 7.91 -34.30 -14.24
N GLY A 176 6.68 -34.58 -13.91
CA GLY A 176 6.20 -34.27 -12.53
C GLY A 176 4.96 -35.10 -12.22
N SER A 177 3.80 -34.52 -12.34
CA SER A 177 2.55 -35.29 -12.07
C SER A 177 1.93 -35.74 -13.40
N GLY A 178 2.67 -35.65 -14.47
CA GLY A 178 2.13 -36.08 -15.79
C GLY A 178 1.51 -34.88 -16.50
N CYS A 179 1.71 -33.70 -15.98
CA CYS A 179 1.13 -32.49 -16.62
C CYS A 179 2.19 -31.38 -16.65
N GLY A 1 -40.30 30.26 18.14
CA GLY A 1 -40.08 30.19 19.62
C GLY A 1 -38.81 29.40 19.99
N SER A 2 -38.15 28.74 19.05
CA SER A 2 -36.93 27.97 19.44
C SER A 2 -36.06 27.69 18.22
N HIS A 3 -36.62 27.06 17.23
CA HIS A 3 -35.84 26.73 16.01
C HIS A 3 -35.72 27.98 15.13
N MET A 4 -34.86 28.90 15.51
CA MET A 4 -34.68 30.14 14.69
C MET A 4 -34.25 29.77 13.27
N GLU A 5 -33.38 30.54 12.70
CA GLU A 5 -32.90 30.24 11.32
C GLU A 5 -31.50 30.84 11.13
N MET A 6 -30.65 30.68 12.11
CA MET A 6 -29.27 31.22 12.01
C MET A 6 -28.31 30.31 12.78
N ALA A 7 -27.03 30.46 12.55
CA ALA A 7 -26.04 29.63 13.29
C ALA A 7 -25.83 30.21 14.70
N GLY A 8 -26.49 31.30 14.99
CA GLY A 8 -26.35 31.93 16.33
C GLY A 8 -25.02 32.69 16.42
N ASP A 9 -24.14 32.47 15.49
CA ASP A 9 -22.82 33.17 15.52
C ASP A 9 -22.94 34.51 14.79
N LEU A 10 -22.00 35.40 15.02
CA LEU A 10 -22.03 36.71 14.34
C LEU A 10 -20.60 37.15 14.03
N SER A 11 -19.67 36.25 14.19
CA SER A 11 -18.25 36.58 13.91
C SER A 11 -17.47 35.29 13.62
N ALA A 12 -17.05 35.12 12.40
CA ALA A 12 -16.30 33.87 12.01
C ALA A 12 -17.28 32.77 11.65
N GLY A 13 -17.91 32.18 12.62
CA GLY A 13 -18.90 31.10 12.33
C GLY A 13 -18.98 30.14 13.53
N PHE A 14 -18.64 28.90 13.32
CA PHE A 14 -18.71 27.90 14.42
C PHE A 14 -18.06 26.59 13.98
N PHE A 15 -18.76 25.84 13.17
CA PHE A 15 -18.19 24.57 12.67
C PHE A 15 -16.99 24.93 11.79
N MET A 16 -16.91 26.19 11.43
CA MET A 16 -15.77 26.68 10.63
C MET A 16 -14.56 26.82 11.55
N GLU A 17 -14.76 27.46 12.69
CA GLU A 17 -13.62 27.59 13.63
C GLU A 17 -13.14 26.19 13.97
N GLU A 18 -14.03 25.24 13.88
CA GLU A 18 -13.66 23.83 14.17
C GLU A 18 -12.88 23.28 12.98
N LEU A 19 -13.47 23.34 11.82
CA LEU A 19 -12.77 22.86 10.61
C LEU A 19 -11.43 23.58 10.52
N ASN A 20 -11.48 24.88 10.63
CA ASN A 20 -10.25 25.72 10.59
C ASN A 20 -9.26 25.24 11.66
N THR A 21 -9.69 24.46 12.60
CA THR A 21 -8.77 24.01 13.67
C THR A 21 -7.78 22.97 13.12
N TYR A 22 -8.26 21.79 12.79
CA TYR A 22 -7.32 20.75 12.28
C TYR A 22 -6.63 21.24 10.99
N ARG A 23 -7.30 22.00 10.18
CA ARG A 23 -6.68 22.48 8.92
C ARG A 23 -5.29 23.05 9.22
N GLN A 24 -5.10 23.61 10.37
CA GLN A 24 -3.77 24.16 10.73
C GLN A 24 -2.87 22.99 11.14
N LYS A 25 -3.45 21.90 11.54
CA LYS A 25 -2.64 20.73 11.95
C LYS A 25 -2.12 19.99 10.72
N GLN A 26 -2.77 20.14 9.58
CA GLN A 26 -2.30 19.44 8.35
C GLN A 26 -1.55 20.40 7.44
N GLY A 27 -1.71 21.67 7.63
CA GLY A 27 -1.03 22.65 6.76
C GLY A 27 -1.81 22.80 5.46
N VAL A 28 -3.12 22.85 5.56
CA VAL A 28 -3.96 23.00 4.34
C VAL A 28 -4.57 24.39 4.32
N VAL A 29 -5.54 24.63 3.50
CA VAL A 29 -6.14 26.00 3.45
C VAL A 29 -7.62 25.91 3.09
N LEU A 30 -8.45 26.58 3.85
CA LEU A 30 -9.91 26.54 3.59
C LEU A 30 -10.29 27.64 2.59
N LYS A 31 -10.57 27.29 1.37
CA LYS A 31 -10.97 28.32 0.36
C LYS A 31 -12.47 28.16 0.07
N TYR A 32 -13.26 29.07 0.56
CA TYR A 32 -14.74 28.98 0.38
C TYR A 32 -15.19 29.76 -0.88
N GLN A 33 -16.04 29.16 -1.67
CA GLN A 33 -16.57 29.83 -2.89
C GLN A 33 -18.10 29.66 -2.91
N GLU A 34 -18.82 30.71 -2.65
CA GLU A 34 -20.30 30.61 -2.61
C GLU A 34 -20.90 30.63 -4.03
N LEU A 35 -21.87 29.78 -4.28
CA LEU A 35 -22.52 29.73 -5.63
C LEU A 35 -24.05 29.92 -5.44
N PRO A 36 -24.48 31.17 -5.31
CA PRO A 36 -25.91 31.49 -5.09
C PRO A 36 -26.75 31.23 -6.36
N ASN A 37 -28.04 31.06 -6.20
CA ASN A 37 -28.94 30.81 -7.36
C ASN A 37 -28.30 29.82 -8.33
N SER A 38 -28.71 28.59 -8.24
CA SER A 38 -28.14 27.54 -9.13
C SER A 38 -29.23 26.56 -9.58
N GLY A 39 -30.45 26.73 -9.11
CA GLY A 39 -31.55 25.81 -9.49
C GLY A 39 -32.54 26.52 -10.44
N PRO A 40 -32.40 26.32 -11.74
CA PRO A 40 -33.31 26.95 -12.72
C PRO A 40 -34.79 26.60 -12.43
N PRO A 41 -35.10 25.35 -12.13
CA PRO A 41 -36.49 24.95 -11.86
C PRO A 41 -37.02 25.66 -10.61
N HIS A 42 -37.01 26.97 -10.63
CA HIS A 42 -37.50 27.77 -9.48
C HIS A 42 -36.98 27.22 -8.15
N ASP A 43 -36.03 26.33 -8.18
CA ASP A 43 -35.49 25.79 -6.92
C ASP A 43 -34.35 26.70 -6.46
N ARG A 44 -34.69 27.83 -5.90
CA ARG A 44 -33.64 28.78 -5.44
C ARG A 44 -32.80 28.13 -4.35
N ARG A 45 -32.16 27.03 -4.66
CA ARG A 45 -31.33 26.37 -3.63
C ARG A 45 -30.02 27.12 -3.48
N PHE A 46 -29.31 26.87 -2.44
CA PHE A 46 -28.04 27.59 -2.18
C PHE A 46 -26.88 26.59 -2.27
N THR A 47 -26.06 26.72 -3.27
CA THR A 47 -24.91 25.76 -3.44
C THR A 47 -23.59 26.44 -3.08
N PHE A 48 -22.94 25.95 -2.06
CA PHE A 48 -21.63 26.54 -1.66
C PHE A 48 -20.53 25.55 -2.04
N GLN A 49 -19.32 26.00 -2.07
CA GLN A 49 -18.18 25.12 -2.43
C GLN A 49 -17.04 25.42 -1.46
N VAL A 50 -16.22 24.47 -1.14
CA VAL A 50 -15.12 24.75 -0.19
C VAL A 50 -13.98 23.75 -0.37
N ILE A 51 -12.78 24.24 -0.48
CA ILE A 51 -11.62 23.33 -0.64
C ILE A 51 -10.94 23.20 0.72
N ILE A 52 -10.00 22.31 0.83
CA ILE A 52 -9.30 22.14 2.13
C ILE A 52 -7.83 22.53 1.98
N ASP A 53 -7.23 22.11 0.90
CA ASP A 53 -5.79 22.41 0.65
C ASP A 53 -5.62 23.18 -0.66
N GLY A 54 -6.21 22.69 -1.72
CA GLY A 54 -6.08 23.35 -3.04
C GLY A 54 -6.11 22.27 -4.12
N ARG A 55 -6.83 21.21 -3.87
CA ARG A 55 -6.91 20.10 -4.85
C ARG A 55 -8.29 19.46 -4.80
N GLU A 56 -8.89 19.46 -3.65
CA GLU A 56 -10.23 18.85 -3.50
C GLU A 56 -11.29 19.92 -3.75
N PHE A 57 -12.39 19.58 -4.37
CA PHE A 57 -13.46 20.58 -4.65
C PHE A 57 -14.81 20.11 -4.12
N PRO A 58 -14.85 19.65 -2.88
CA PRO A 58 -16.10 19.20 -2.27
C PRO A 58 -17.17 20.28 -2.41
N GLU A 59 -18.43 19.93 -2.23
CA GLU A 59 -19.50 20.94 -2.36
C GLU A 59 -20.85 20.31 -2.04
N GLY A 60 -21.81 21.11 -1.64
CA GLY A 60 -23.15 20.57 -1.32
C GLY A 60 -24.17 21.71 -1.32
N GLU A 61 -25.43 21.41 -1.11
CA GLU A 61 -26.47 22.49 -1.10
C GLU A 61 -27.29 22.42 0.19
N GLY A 62 -28.20 23.35 0.36
CA GLY A 62 -29.05 23.34 1.59
C GLY A 62 -29.85 24.64 1.69
N ARG A 63 -30.56 25.00 0.65
CA ARG A 63 -31.39 26.25 0.66
C ARG A 63 -30.55 27.43 1.14
N SER A 64 -31.11 28.62 1.08
CA SER A 64 -30.35 29.84 1.46
C SER A 64 -30.34 30.06 2.98
N LYS A 65 -29.19 29.89 3.57
CA LYS A 65 -29.05 30.13 5.04
C LYS A 65 -27.78 29.43 5.55
N LYS A 66 -27.59 29.46 6.85
CA LYS A 66 -26.38 28.86 7.49
C LYS A 66 -26.17 27.39 7.08
N GLU A 67 -27.21 26.61 7.00
CA GLU A 67 -27.01 25.18 6.65
C GLU A 67 -26.18 25.07 5.37
N ALA A 68 -26.21 26.05 4.52
CA ALA A 68 -25.39 25.99 3.28
C ALA A 68 -23.91 26.15 3.68
N LYS A 69 -23.56 27.26 4.28
CA LYS A 69 -22.15 27.45 4.71
C LYS A 69 -21.76 26.29 5.61
N ASN A 70 -22.61 25.92 6.52
CA ASN A 70 -22.29 24.78 7.42
C ASN A 70 -22.26 23.49 6.59
N ALA A 71 -23.15 23.32 5.65
CA ALA A 71 -23.13 22.09 4.82
C ALA A 71 -21.80 22.02 4.07
N ALA A 72 -21.35 23.13 3.56
CA ALA A 72 -20.06 23.15 2.83
C ALA A 72 -18.93 22.76 3.77
N ALA A 73 -18.82 23.42 4.88
CA ALA A 73 -17.73 23.07 5.84
C ALA A 73 -18.01 21.70 6.47
N LYS A 74 -19.24 21.47 6.84
CA LYS A 74 -19.62 20.17 7.47
C LYS A 74 -19.25 18.99 6.58
N LEU A 75 -19.69 18.99 5.37
CA LEU A 75 -19.42 17.83 4.51
C LEU A 75 -17.92 17.68 4.26
N ALA A 76 -17.19 18.74 4.30
CA ALA A 76 -15.71 18.64 4.08
C ALA A 76 -15.11 17.76 5.18
N VAL A 77 -15.56 17.93 6.39
CA VAL A 77 -15.05 17.11 7.52
C VAL A 77 -15.37 15.64 7.25
N GLU A 78 -16.45 15.39 6.55
CA GLU A 78 -16.86 13.99 6.26
C GLU A 78 -15.76 13.28 5.44
N ILE A 79 -14.93 14.03 4.79
CA ILE A 79 -13.84 13.43 3.97
C ILE A 79 -12.75 12.88 4.89
N LEU A 80 -12.26 13.69 5.80
CA LEU A 80 -11.21 13.18 6.72
C LEU A 80 -11.78 11.97 7.42
N ASN A 81 -13.04 12.03 7.70
CA ASN A 81 -13.74 10.90 8.37
C ASN A 81 -13.40 9.63 7.61
N LYS A 82 -13.48 9.67 6.32
CA LYS A 82 -13.12 8.49 5.51
C LYS A 82 -11.60 8.33 5.58
N GLU A 83 -10.95 8.15 4.47
CA GLU A 83 -9.47 7.98 4.49
C GLU A 83 -9.13 6.90 5.53
N LYS A 84 -10.13 6.26 6.06
CA LYS A 84 -9.89 5.19 7.06
C LYS A 84 -9.47 3.91 6.35
N LYS A 85 -9.23 4.00 5.06
CA LYS A 85 -8.83 2.80 4.28
C LYS A 85 -7.33 2.55 4.45
N ALA A 86 -6.85 2.65 5.64
CA ALA A 86 -5.41 2.40 5.87
C ALA A 86 -5.14 0.91 5.69
N VAL A 87 -5.74 0.32 4.68
CA VAL A 87 -5.54 -1.13 4.43
C VAL A 87 -5.64 -1.41 2.93
N SER A 88 -4.61 -1.11 2.18
CA SER A 88 -4.65 -1.38 0.70
C SER A 88 -4.24 -2.84 0.46
N PRO A 89 -4.47 -3.33 -0.73
CA PRO A 89 -4.11 -4.73 -1.06
C PRO A 89 -2.62 -4.95 -0.84
N LEU A 90 -2.00 -5.82 -1.59
CA LEU A 90 -0.55 -6.06 -1.40
C LEU A 90 0.25 -4.97 -2.13
N LEU A 91 0.52 -3.88 -1.46
CA LEU A 91 1.28 -2.75 -2.09
C LEU A 91 2.77 -2.91 -1.76
N LEU A 92 3.62 -3.02 -2.76
CA LEU A 92 5.07 -3.19 -2.50
C LEU A 92 5.72 -1.80 -2.31
N THR A 93 6.31 -1.57 -1.17
CA THR A 93 6.97 -0.25 -0.90
C THR A 93 8.48 -0.45 -0.79
N THR A 94 9.07 -1.13 -1.75
CA THR A 94 10.53 -1.38 -1.70
C THR A 94 11.25 -0.32 -2.55
N THR A 95 11.38 0.88 -2.03
CA THR A 95 12.08 1.96 -2.80
C THR A 95 13.49 2.15 -2.25
N ASN A 96 13.62 2.32 -0.97
CA ASN A 96 14.96 2.52 -0.35
C ASN A 96 14.81 2.62 1.17
N SER A 97 15.68 2.00 1.91
CA SER A 97 15.60 2.07 3.40
C SER A 97 14.26 1.50 3.88
N SER A 98 13.43 1.02 2.98
CA SER A 98 12.12 0.44 3.42
C SER A 98 12.35 -0.86 4.18
N GLU A 99 11.51 -1.17 5.13
CA GLU A 99 11.68 -2.43 5.90
C GLU A 99 11.20 -3.61 5.05
N GLY A 100 11.88 -4.73 5.13
CA GLY A 100 11.47 -5.92 4.33
C GLY A 100 10.90 -7.00 5.27
N LEU A 101 11.09 -6.85 6.54
CA LEU A 101 10.57 -7.87 7.50
C LEU A 101 10.99 -9.27 7.04
N SER A 102 10.16 -9.92 6.26
CA SER A 102 10.53 -11.29 5.80
C SER A 102 11.96 -11.30 5.27
N MET A 103 12.75 -12.25 5.68
CA MET A 103 14.16 -12.32 5.21
C MET A 103 14.21 -12.88 3.79
N GLY A 104 14.48 -12.06 2.81
CA GLY A 104 14.55 -12.55 1.41
C GLY A 104 15.91 -13.20 1.16
N ASN A 105 16.23 -14.25 1.87
CA ASN A 105 17.54 -14.93 1.68
C ASN A 105 17.54 -15.77 0.40
N TYR A 106 17.49 -17.07 0.55
CA TYR A 106 17.47 -17.98 -0.63
C TYR A 106 17.23 -19.41 -0.18
N ILE A 107 18.22 -20.07 0.35
CA ILE A 107 18.02 -21.46 0.82
C ILE A 107 16.75 -21.53 1.68
N GLY A 108 16.32 -20.41 2.20
CA GLY A 108 15.10 -20.39 3.04
C GLY A 108 13.86 -20.28 2.16
N LEU A 109 13.83 -19.33 1.27
CA LEU A 109 12.65 -19.18 0.38
C LEU A 109 12.57 -20.38 -0.56
N ILE A 110 13.62 -21.15 -0.66
CA ILE A 110 13.56 -22.32 -1.55
C ILE A 110 12.55 -23.30 -0.97
N ASN A 111 12.54 -23.42 0.32
CA ASN A 111 11.53 -24.31 0.95
C ASN A 111 10.14 -23.69 0.76
N ARG A 112 10.10 -22.43 0.39
CA ARG A 112 8.79 -21.76 0.19
C ARG A 112 8.19 -22.20 -1.14
N ILE A 113 8.92 -22.04 -2.22
CA ILE A 113 8.38 -22.46 -3.54
C ILE A 113 8.12 -23.95 -3.49
N ALA A 114 8.80 -24.63 -2.62
CA ALA A 114 8.59 -26.10 -2.48
C ALA A 114 7.13 -26.37 -2.14
N GLN A 115 6.73 -26.00 -0.97
CA GLN A 115 5.32 -26.21 -0.54
C GLN A 115 4.37 -25.39 -1.41
N LYS A 116 4.88 -24.40 -2.10
CA LYS A 116 3.98 -23.60 -2.96
C LYS A 116 3.52 -24.49 -4.10
N LYS A 117 4.42 -24.81 -4.98
CA LYS A 117 4.08 -25.69 -6.12
C LYS A 117 4.47 -27.13 -5.75
N ARG A 118 4.27 -27.47 -4.50
CA ARG A 118 4.61 -28.83 -3.97
C ARG A 118 5.80 -29.45 -4.71
N LEU A 119 6.96 -29.44 -4.07
CA LEU A 119 8.18 -30.06 -4.67
C LEU A 119 9.06 -30.58 -3.52
N THR A 120 10.23 -31.06 -3.85
CA THR A 120 11.16 -31.57 -2.80
C THR A 120 12.25 -30.51 -2.57
N VAL A 121 12.76 -30.40 -1.37
CA VAL A 121 13.82 -29.37 -1.12
C VAL A 121 14.84 -29.93 -0.09
N ASN A 122 15.95 -30.46 -0.55
CA ASN A 122 16.97 -30.99 0.43
C ASN A 122 18.36 -30.77 -0.15
N TYR A 123 19.32 -30.44 0.68
CA TYR A 123 20.69 -30.16 0.18
C TYR A 123 21.73 -31.09 0.84
N GLU A 124 22.64 -31.59 0.05
CA GLU A 124 23.72 -32.46 0.59
C GLU A 124 25.04 -31.85 0.11
N GLN A 125 26.14 -32.54 0.18
CA GLN A 125 27.39 -31.88 -0.29
C GLN A 125 28.59 -32.83 -0.31
N CYS A 126 29.43 -32.67 -1.30
CA CYS A 126 30.66 -33.50 -1.41
C CYS A 126 31.83 -32.59 -1.83
N ALA A 127 32.51 -32.02 -0.88
CA ALA A 127 33.65 -31.11 -1.22
C ALA A 127 34.71 -31.85 -2.04
N SER A 128 35.12 -31.28 -3.15
CA SER A 128 36.16 -31.95 -3.99
C SER A 128 37.54 -31.38 -3.61
N GLY A 129 37.81 -31.27 -2.34
CA GLY A 129 39.12 -30.72 -1.90
C GLY A 129 40.16 -31.84 -1.84
N VAL A 130 40.20 -32.68 -2.84
CA VAL A 130 41.18 -33.79 -2.82
C VAL A 130 42.61 -33.22 -2.77
N HIS A 131 43.04 -32.58 -3.82
CA HIS A 131 44.39 -31.98 -3.83
C HIS A 131 44.35 -30.63 -3.14
N GLY A 132 43.51 -29.76 -3.62
CA GLY A 132 43.39 -28.42 -3.00
C GLY A 132 42.91 -27.41 -4.06
N PRO A 133 43.75 -27.15 -5.03
CA PRO A 133 43.41 -26.20 -6.10
C PRO A 133 42.17 -26.70 -6.86
N GLU A 134 41.70 -27.87 -6.54
CA GLU A 134 40.51 -28.43 -7.23
C GLU A 134 39.30 -27.52 -6.97
N GLY A 135 38.45 -27.88 -6.04
CA GLY A 135 37.25 -27.01 -5.77
C GLY A 135 36.30 -27.71 -4.79
N PHE A 136 35.17 -27.12 -4.52
CA PHE A 136 34.21 -27.75 -3.58
C PHE A 136 32.94 -28.10 -4.35
N HIS A 137 32.61 -29.36 -4.43
CA HIS A 137 31.41 -29.77 -5.20
C HIS A 137 30.25 -30.00 -4.23
N TYR A 138 29.14 -29.37 -4.48
CA TYR A 138 27.97 -29.55 -3.61
C TYR A 138 26.85 -30.15 -4.45
N LYS A 139 25.86 -30.68 -3.83
CA LYS A 139 24.75 -31.28 -4.60
C LYS A 139 23.43 -30.97 -3.92
N CYS A 140 22.41 -30.75 -4.68
CA CYS A 140 21.10 -30.42 -4.08
C CYS A 140 20.01 -30.85 -5.04
N LYS A 141 18.91 -31.32 -4.54
CA LYS A 141 17.81 -31.75 -5.45
C LYS A 141 16.57 -30.92 -5.16
N MET A 142 15.88 -30.56 -6.19
CA MET A 142 14.66 -29.73 -6.01
C MET A 142 13.61 -30.17 -7.02
N GLY A 143 12.48 -29.54 -7.03
CA GLY A 143 11.44 -29.93 -8.00
C GLY A 143 10.87 -31.28 -7.59
N GLN A 144 10.47 -32.07 -8.55
CA GLN A 144 9.91 -33.41 -8.22
C GLN A 144 10.58 -34.46 -9.12
N LYS A 145 11.37 -34.02 -10.08
CA LYS A 145 12.07 -34.99 -10.98
C LYS A 145 13.41 -34.43 -11.46
N GLU A 146 14.10 -33.63 -10.66
CA GLU A 146 15.41 -33.07 -11.12
C GLU A 146 16.41 -32.98 -9.95
N TYR A 147 17.68 -33.11 -10.25
CA TYR A 147 18.74 -33.04 -9.20
C TYR A 147 19.55 -31.73 -9.38
N SER A 148 19.14 -30.68 -8.72
CA SER A 148 19.88 -29.38 -8.84
C SER A 148 21.31 -29.52 -8.29
N ILE A 149 22.16 -30.23 -8.96
CA ILE A 149 23.56 -30.40 -8.48
C ILE A 149 24.39 -29.15 -8.83
N GLY A 150 25.10 -28.58 -7.87
CA GLY A 150 25.91 -27.36 -8.18
C GLY A 150 27.29 -27.42 -7.51
N THR A 151 28.24 -26.68 -8.04
CA THR A 151 29.62 -26.67 -7.48
C THR A 151 29.99 -25.22 -7.09
N GLY A 152 30.75 -25.03 -6.03
CA GLY A 152 31.10 -23.65 -5.62
C GLY A 152 32.58 -23.57 -5.20
N SER A 153 33.10 -22.37 -5.10
CA SER A 153 34.52 -22.17 -4.71
C SER A 153 34.71 -22.39 -3.21
N THR A 154 33.69 -22.12 -2.43
CA THR A 154 33.81 -22.28 -0.96
C THR A 154 32.57 -23.00 -0.41
N LYS A 155 32.72 -23.68 0.68
CA LYS A 155 31.57 -24.40 1.28
C LYS A 155 30.38 -23.44 1.39
N GLN A 156 30.64 -22.21 1.73
CA GLN A 156 29.55 -21.23 1.87
C GLN A 156 29.10 -20.75 0.49
N GLU A 157 30.01 -20.42 -0.38
CA GLU A 157 29.60 -19.97 -1.73
C GLU A 157 28.75 -21.07 -2.37
N ALA A 158 29.04 -22.30 -2.03
CA ALA A 158 28.27 -23.42 -2.62
C ALA A 158 26.81 -23.37 -2.16
N LYS A 159 26.59 -23.35 -0.86
CA LYS A 159 25.20 -23.35 -0.32
C LYS A 159 24.30 -22.32 -1.01
N GLN A 160 24.60 -21.06 -0.87
CA GLN A 160 23.74 -20.01 -1.50
C GLN A 160 23.48 -20.34 -2.96
N LEU A 161 24.51 -20.64 -3.68
CA LEU A 161 24.33 -20.97 -5.11
C LEU A 161 23.47 -22.22 -5.22
N ALA A 162 23.56 -23.14 -4.30
CA ALA A 162 22.70 -24.34 -4.40
C ALA A 162 21.25 -23.86 -4.55
N ALA A 163 20.86 -22.91 -3.72
CA ALA A 163 19.48 -22.36 -3.85
C ALA A 163 19.33 -21.76 -5.25
N LYS A 164 20.05 -20.69 -5.51
CA LYS A 164 19.98 -20.02 -6.85
C LYS A 164 19.86 -21.07 -7.95
N LEU A 165 20.73 -22.04 -7.95
CA LEU A 165 20.69 -23.10 -8.99
C LEU A 165 19.29 -23.71 -9.07
N ALA A 166 18.85 -24.28 -7.99
CA ALA A 166 17.49 -24.91 -7.94
C ALA A 166 16.42 -23.85 -8.07
N TYR A 167 16.45 -22.91 -7.20
CA TYR A 167 15.44 -21.81 -7.21
C TYR A 167 15.27 -21.26 -8.62
N LEU A 168 16.33 -20.85 -9.24
CA LEU A 168 16.22 -20.31 -10.61
C LEU A 168 15.82 -21.40 -11.60
N GLN A 169 15.83 -22.64 -11.17
CA GLN A 169 15.46 -23.74 -12.08
C GLN A 169 13.95 -23.93 -12.12
N ILE A 170 13.36 -24.13 -11.00
CA ILE A 170 11.88 -24.32 -10.98
C ILE A 170 11.22 -23.10 -11.60
N LEU A 171 11.90 -21.98 -11.60
CA LEU A 171 11.30 -20.78 -12.25
C LEU A 171 11.27 -21.05 -13.75
N SER A 172 12.33 -21.62 -14.24
CA SER A 172 12.42 -21.94 -15.69
C SER A 172 11.54 -23.15 -15.98
N GLU A 173 11.44 -24.08 -15.06
CA GLU A 173 10.60 -25.27 -15.33
C GLU A 173 9.13 -24.89 -15.19
N GLU A 174 8.38 -24.98 -16.24
CA GLU A 174 6.93 -24.62 -16.15
C GLU A 174 6.17 -25.81 -15.56
N THR A 175 6.87 -26.84 -15.17
CA THR A 175 6.18 -28.03 -14.59
C THR A 175 6.00 -27.80 -13.08
N GLY A 176 4.89 -28.21 -12.55
CA GLY A 176 4.64 -28.01 -11.09
C GLY A 176 3.27 -28.57 -10.71
N SER A 177 2.37 -28.65 -11.66
CA SER A 177 1.01 -29.18 -11.36
C SER A 177 0.95 -30.66 -11.72
N GLY A 178 1.09 -30.97 -12.98
CA GLY A 178 1.05 -32.40 -13.42
C GLY A 178 1.19 -32.46 -14.94
N CYS A 179 1.72 -31.44 -15.53
CA CYS A 179 1.89 -31.42 -17.02
C CYS A 179 3.37 -31.63 -17.36
N GLY A 1 -31.35 29.11 16.04
CA GLY A 1 -32.59 28.53 16.63
C GLY A 1 -33.77 28.78 15.70
N SER A 2 -34.82 28.03 15.87
CA SER A 2 -36.03 28.21 14.99
C SER A 2 -36.63 29.60 15.25
N HIS A 3 -36.66 29.98 16.49
CA HIS A 3 -37.22 31.32 16.85
C HIS A 3 -36.36 32.40 16.18
N MET A 4 -35.21 32.70 16.75
CA MET A 4 -34.34 33.73 16.15
C MET A 4 -34.11 33.40 14.68
N GLU A 5 -33.31 34.19 14.01
CA GLU A 5 -33.05 33.93 12.56
C GLU A 5 -31.68 34.51 12.19
N MET A 6 -30.69 34.29 13.02
CA MET A 6 -29.33 34.82 12.74
C MET A 6 -28.30 33.85 13.32
N ALA A 7 -27.10 33.89 12.82
CA ALA A 7 -26.06 32.97 13.35
C ALA A 7 -25.58 33.49 14.71
N GLY A 8 -26.30 34.41 15.29
CA GLY A 8 -25.90 34.96 16.60
C GLY A 8 -24.43 35.38 16.54
N ASP A 9 -23.92 35.57 15.35
CA ASP A 9 -22.49 35.96 15.21
C ASP A 9 -22.37 37.48 15.35
N LEU A 10 -21.16 37.98 15.41
CA LEU A 10 -20.97 39.45 15.55
C LEU A 10 -19.58 39.82 15.05
N SER A 11 -18.78 38.84 14.76
CA SER A 11 -17.41 39.11 14.26
C SER A 11 -16.88 37.87 13.54
N ALA A 12 -16.76 37.93 12.24
CA ALA A 12 -16.26 36.76 11.47
C ALA A 12 -17.40 35.75 11.31
N GLY A 13 -17.14 34.48 11.51
CA GLY A 13 -18.21 33.46 11.38
C GLY A 13 -18.38 32.71 12.70
N PHE A 14 -18.39 31.42 12.67
CA PHE A 14 -18.54 30.62 13.92
C PHE A 14 -18.11 29.18 13.66
N PHE A 15 -18.91 28.45 12.95
CA PHE A 15 -18.53 27.06 12.63
C PHE A 15 -17.36 27.13 11.65
N MET A 16 -17.18 28.28 11.07
CA MET A 16 -16.05 28.49 10.13
C MET A 16 -14.76 28.59 10.93
N GLU A 17 -14.76 29.39 11.96
CA GLU A 17 -13.54 29.51 12.78
C GLU A 17 -13.23 28.12 13.33
N GLU A 18 -14.24 27.29 13.43
CA GLU A 18 -14.02 25.90 13.93
C GLU A 18 -13.55 25.06 12.76
N LEU A 19 -14.23 25.14 11.66
CA LEU A 19 -13.81 24.38 10.45
C LEU A 19 -12.38 24.77 10.14
N ASN A 20 -12.13 26.05 10.15
CA ASN A 20 -10.78 26.59 9.83
C ASN A 20 -9.73 26.03 10.80
N THR A 21 -10.13 25.59 11.96
CA THR A 21 -9.12 25.08 12.93
C THR A 21 -8.59 23.70 12.47
N TYR A 22 -9.45 22.77 12.20
CA TYR A 22 -8.97 21.43 11.76
C TYR A 22 -8.13 21.58 10.48
N ARG A 23 -8.69 22.20 9.50
CA ARG A 23 -8.00 22.42 8.19
C ARG A 23 -6.54 22.79 8.41
N GLN A 24 -6.24 23.49 9.45
CA GLN A 24 -4.83 23.89 9.70
C GLN A 24 -4.07 22.69 10.25
N LYS A 25 -4.78 21.76 10.84
CA LYS A 25 -4.11 20.56 11.40
C LYS A 25 -3.76 19.59 10.27
N GLN A 26 -4.39 19.73 9.13
CA GLN A 26 -4.10 18.81 8.00
C GLN A 26 -3.27 19.52 6.93
N GLY A 27 -3.29 20.81 6.93
CA GLY A 27 -2.53 21.56 5.89
C GLY A 27 -3.35 21.58 4.61
N VAL A 28 -4.62 21.81 4.72
CA VAL A 28 -5.51 21.85 3.53
C VAL A 28 -5.95 23.30 3.31
N VAL A 29 -6.92 23.55 2.48
CA VAL A 29 -7.35 24.96 2.26
C VAL A 29 -8.85 25.02 2.00
N LEU A 30 -9.56 25.82 2.76
CA LEU A 30 -11.03 25.93 2.58
C LEU A 30 -11.33 27.00 1.53
N LYS A 31 -11.92 26.62 0.42
CA LYS A 31 -12.25 27.64 -0.63
C LYS A 31 -13.77 27.76 -0.71
N TYR A 32 -14.33 28.85 -0.24
CA TYR A 32 -15.80 29.02 -0.28
C TYR A 32 -16.21 29.78 -1.55
N GLN A 33 -17.17 29.26 -2.27
CA GLN A 33 -17.64 29.95 -3.52
C GLN A 33 -19.15 30.15 -3.44
N GLU A 34 -19.58 31.37 -3.25
CA GLU A 34 -21.03 31.66 -3.13
C GLU A 34 -21.69 31.89 -4.50
N LEU A 35 -22.74 31.16 -4.78
CA LEU A 35 -23.49 31.34 -6.08
C LEU A 35 -24.91 31.86 -5.76
N PRO A 36 -25.05 33.16 -5.61
CA PRO A 36 -26.38 33.75 -5.29
C PRO A 36 -27.33 33.60 -6.48
N ASN A 37 -28.62 33.59 -6.21
CA ASN A 37 -29.62 33.46 -7.30
C ASN A 37 -29.17 32.38 -8.28
N SER A 38 -29.69 31.21 -8.11
CA SER A 38 -29.32 30.07 -9.00
C SER A 38 -30.57 29.25 -9.37
N GLY A 39 -31.70 29.61 -8.85
CA GLY A 39 -32.96 28.87 -9.16
C GLY A 39 -33.87 29.72 -10.07
N PRO A 40 -33.89 29.40 -11.35
CA PRO A 40 -34.71 30.14 -12.33
C PRO A 40 -36.20 30.19 -11.95
N PRO A 41 -36.77 29.08 -11.50
CA PRO A 41 -38.20 29.05 -11.13
C PRO A 41 -38.48 30.00 -9.95
N HIS A 42 -38.23 31.26 -10.15
CA HIS A 42 -38.47 32.27 -9.07
C HIS A 42 -37.97 31.76 -7.73
N ASP A 43 -37.16 30.73 -7.73
CA ASP A 43 -36.63 30.19 -6.45
C ASP A 43 -35.29 30.88 -6.14
N ARG A 44 -35.33 32.08 -5.64
CA ARG A 44 -34.07 32.79 -5.31
C ARG A 44 -33.32 32.02 -4.21
N ARG A 45 -33.02 30.77 -4.44
CA ARG A 45 -32.31 29.99 -3.40
C ARG A 45 -30.82 30.31 -3.40
N PHE A 46 -30.10 29.73 -2.48
CA PHE A 46 -28.65 29.98 -2.37
C PHE A 46 -27.90 28.67 -2.60
N THR A 47 -26.82 28.74 -3.33
CA THR A 47 -26.01 27.51 -3.61
C THR A 47 -24.56 27.78 -3.26
N PHE A 48 -24.14 27.47 -2.08
CA PHE A 48 -22.72 27.73 -1.72
C PHE A 48 -21.88 26.49 -2.01
N GLN A 49 -20.64 26.70 -2.29
CA GLN A 49 -19.70 25.58 -2.57
C GLN A 49 -18.57 25.66 -1.57
N VAL A 50 -17.84 24.60 -1.38
CA VAL A 50 -16.74 24.67 -0.38
C VAL A 50 -15.73 23.53 -0.60
N ILE A 51 -14.48 23.87 -0.75
CA ILE A 51 -13.43 22.83 -0.92
C ILE A 51 -12.70 22.70 0.41
N ILE A 52 -11.84 21.74 0.54
CA ILE A 52 -11.09 21.59 1.83
C ILE A 52 -9.59 21.67 1.52
N ASP A 53 -9.18 21.04 0.48
CA ASP A 53 -7.75 21.04 0.07
C ASP A 53 -7.63 21.65 -1.32
N GLY A 54 -8.08 20.93 -2.32
CA GLY A 54 -7.99 21.45 -3.71
C GLY A 54 -8.42 20.37 -4.71
N ARG A 55 -9.30 19.49 -4.33
CA ARG A 55 -9.73 18.42 -5.28
C ARG A 55 -11.17 17.98 -4.99
N GLU A 56 -11.72 18.37 -3.89
CA GLU A 56 -13.09 17.96 -3.55
C GLU A 56 -14.09 19.00 -4.08
N PHE A 57 -15.36 18.78 -3.90
CA PHE A 57 -16.35 19.77 -4.41
C PHE A 57 -17.70 19.68 -3.67
N PRO A 58 -17.67 19.50 -2.38
CA PRO A 58 -18.91 19.43 -1.59
C PRO A 58 -19.73 20.71 -1.83
N GLU A 59 -20.91 20.79 -1.30
CA GLU A 59 -21.74 22.01 -1.52
C GLU A 59 -23.03 21.92 -0.71
N GLY A 60 -23.87 22.92 -0.83
CA GLY A 60 -25.15 22.91 -0.07
C GLY A 60 -25.90 24.20 -0.34
N GLU A 61 -27.15 24.27 0.03
CA GLU A 61 -27.94 25.51 -0.19
C GLU A 61 -28.64 25.90 1.11
N GLY A 62 -29.29 27.03 1.12
CA GLY A 62 -29.98 27.45 2.38
C GLY A 62 -30.68 28.79 2.19
N ARG A 63 -31.08 29.12 1.00
CA ARG A 63 -31.76 30.42 0.79
C ARG A 63 -30.77 31.56 1.06
N SER A 64 -31.15 32.78 0.85
CA SER A 64 -30.18 33.90 1.06
C SER A 64 -30.01 34.22 2.55
N LYS A 65 -29.04 33.60 3.19
CA LYS A 65 -28.77 33.88 4.63
C LYS A 65 -27.74 32.89 5.20
N LYS A 66 -27.60 32.89 6.50
CA LYS A 66 -26.60 32.01 7.17
C LYS A 66 -26.71 30.52 6.80
N GLU A 67 -27.87 29.93 6.89
CA GLU A 67 -27.96 28.47 6.59
C GLU A 67 -27.26 28.15 5.26
N ALA A 68 -26.96 29.14 4.47
CA ALA A 68 -26.25 28.86 3.19
C ALA A 68 -24.79 28.59 3.53
N LYS A 69 -24.09 29.60 3.98
CA LYS A 69 -22.66 29.42 4.36
C LYS A 69 -22.55 28.35 5.45
N ASN A 70 -23.45 28.34 6.37
CA ASN A 70 -23.39 27.31 7.45
C ASN A 70 -23.63 25.93 6.83
N ALA A 71 -24.52 25.84 5.88
CA ALA A 71 -24.79 24.52 5.23
C ALA A 71 -23.51 24.03 4.56
N ALA A 72 -22.87 24.88 3.80
CA ALA A 72 -21.61 24.46 3.14
C ALA A 72 -20.59 24.07 4.19
N ALA A 73 -20.45 24.86 5.21
CA ALA A 73 -19.48 24.53 6.29
C ALA A 73 -20.00 23.34 7.08
N LYS A 74 -21.28 23.31 7.33
CA LYS A 74 -21.89 22.20 8.11
C LYS A 74 -21.51 20.84 7.51
N LEU A 75 -22.02 20.55 6.34
CA LEU A 75 -21.76 19.24 5.70
C LEU A 75 -20.27 19.02 5.40
N ALA A 76 -19.53 20.06 5.23
CA ALA A 76 -18.08 19.87 4.92
C ALA A 76 -17.46 19.02 6.04
N VAL A 77 -17.71 19.39 7.26
CA VAL A 77 -17.16 18.63 8.41
C VAL A 77 -17.73 17.20 8.42
N GLU A 78 -18.98 17.06 8.09
CA GLU A 78 -19.61 15.71 8.11
C GLU A 78 -18.87 14.74 7.17
N ILE A 79 -18.08 15.27 6.28
CA ILE A 79 -17.34 14.38 5.33
C ILE A 79 -16.12 13.76 6.03
N LEU A 80 -15.22 14.59 6.50
CA LEU A 80 -14.02 14.02 7.16
C LEU A 80 -14.50 13.18 8.33
N ASN A 81 -15.56 13.61 8.94
CA ASN A 81 -16.13 12.85 10.09
C ASN A 81 -16.23 11.38 9.66
N LYS A 82 -16.84 11.12 8.55
CA LYS A 82 -16.95 9.74 8.06
C LYS A 82 -15.60 9.32 7.49
N GLU A 83 -15.58 8.78 6.31
CA GLU A 83 -14.28 8.33 5.71
C GLU A 83 -13.51 7.51 6.75
N LYS A 84 -14.15 7.22 7.85
CA LYS A 84 -13.50 6.41 8.91
C LYS A 84 -13.54 4.94 8.49
N LYS A 85 -14.00 4.68 7.29
CA LYS A 85 -14.10 3.27 6.83
C LYS A 85 -12.72 2.72 6.45
N ALA A 86 -12.63 1.43 6.32
CA ALA A 86 -11.33 0.81 5.95
C ALA A 86 -11.16 0.84 4.43
N VAL A 87 -10.43 1.78 3.91
CA VAL A 87 -10.24 1.85 2.45
C VAL A 87 -8.78 2.25 2.16
N SER A 88 -8.58 3.43 1.62
CA SER A 88 -7.20 3.90 1.32
C SER A 88 -6.68 4.75 2.48
N PRO A 89 -5.67 4.29 3.18
CA PRO A 89 -5.12 5.06 4.31
C PRO A 89 -4.49 6.36 3.77
N LEU A 90 -3.52 6.90 4.45
CA LEU A 90 -2.88 8.15 3.96
C LEU A 90 -1.79 7.77 2.95
N LEU A 91 -0.55 8.02 3.26
CA LEU A 91 0.55 7.68 2.32
C LEU A 91 1.03 6.25 2.62
N LEU A 92 0.86 5.34 1.69
CA LEU A 92 1.29 3.93 1.94
C LEU A 92 2.78 3.77 1.61
N THR A 93 3.41 2.77 2.16
CA THR A 93 4.87 2.55 1.90
C THR A 93 5.09 1.11 1.41
N THR A 94 5.98 0.93 0.48
CA THR A 94 6.25 -0.45 -0.04
C THR A 94 7.46 -1.03 0.71
N THR A 95 7.50 -0.84 2.00
CA THR A 95 8.62 -1.38 2.82
C THR A 95 8.13 -2.56 3.65
N ASN A 96 6.84 -2.63 3.87
CA ASN A 96 6.28 -3.76 4.68
C ASN A 96 6.18 -5.01 3.82
N SER A 97 5.16 -5.80 4.05
CA SER A 97 4.99 -7.06 3.26
C SER A 97 6.30 -7.86 3.28
N SER A 98 6.78 -8.25 2.14
CA SER A 98 8.05 -9.04 2.11
C SER A 98 9.11 -8.31 2.94
N GLU A 99 9.71 -8.99 3.88
CA GLU A 99 10.75 -8.35 4.73
C GLU A 99 12.06 -8.28 3.93
N GLY A 100 12.91 -7.33 4.24
CA GLY A 100 14.19 -7.22 3.50
C GLY A 100 15.03 -8.47 3.75
N LEU A 101 16.31 -8.31 3.98
CA LEU A 101 17.17 -9.49 4.24
C LEU A 101 17.00 -10.51 3.10
N SER A 102 17.93 -10.55 2.19
CA SER A 102 17.81 -11.53 1.07
C SER A 102 19.21 -11.81 0.49
N MET A 103 19.81 -12.89 0.90
CA MET A 103 21.16 -13.24 0.39
C MET A 103 21.45 -14.71 0.69
N GLY A 104 22.24 -14.97 1.70
CA GLY A 104 22.53 -16.39 2.06
C GLY A 104 21.26 -17.03 2.61
N ASN A 105 20.29 -17.25 1.75
CA ASN A 105 19.02 -17.86 2.22
C ASN A 105 18.26 -18.46 1.05
N TYR A 106 18.36 -19.75 0.84
CA TYR A 106 17.62 -20.37 -0.29
C TYR A 106 17.77 -21.89 -0.26
N ILE A 107 18.75 -22.40 0.43
CA ILE A 107 18.89 -23.89 0.51
C ILE A 107 17.58 -24.45 1.08
N GLY A 108 16.87 -23.66 1.84
CA GLY A 108 15.60 -24.12 2.46
C GLY A 108 14.43 -24.08 1.46
N LEU A 109 14.38 -23.11 0.59
CA LEU A 109 13.24 -23.06 -0.37
C LEU A 109 13.34 -24.25 -1.31
N ILE A 110 14.48 -24.87 -1.39
CA ILE A 110 14.61 -26.04 -2.27
C ILE A 110 13.75 -27.14 -1.67
N ASN A 111 13.68 -27.17 -0.38
CA ASN A 111 12.81 -28.16 0.30
C ASN A 111 11.34 -27.80 0.02
N ARG A 112 11.10 -26.58 -0.39
CA ARG A 112 9.72 -26.13 -0.67
C ARG A 112 9.25 -26.71 -2.00
N ILE A 113 10.01 -26.50 -3.02
CA ILE A 113 9.62 -27.05 -4.35
C ILE A 113 9.60 -28.57 -4.22
N ALA A 114 10.38 -29.07 -3.30
CA ALA A 114 10.41 -30.54 -3.06
C ALA A 114 9.02 -31.00 -2.65
N GLN A 115 8.57 -30.57 -1.51
CA GLN A 115 7.22 -30.97 -1.02
C GLN A 115 6.16 -30.39 -1.94
N LYS A 116 6.51 -29.45 -2.78
CA LYS A 116 5.51 -28.88 -3.72
C LYS A 116 5.16 -29.95 -4.74
N LYS A 117 6.08 -30.25 -5.61
CA LYS A 117 5.84 -31.29 -6.62
C LYS A 117 6.38 -32.60 -6.05
N ARG A 118 6.14 -32.77 -4.78
CA ARG A 118 6.58 -34.00 -4.03
C ARG A 118 7.90 -34.58 -4.57
N LEU A 119 8.99 -34.30 -3.89
CA LEU A 119 10.33 -34.86 -4.28
C LEU A 119 11.18 -34.99 -3.02
N THR A 120 12.37 -35.49 -3.16
CA THR A 120 13.29 -35.61 -1.99
C THR A 120 14.37 -34.54 -2.11
N VAL A 121 14.97 -34.15 -1.02
CA VAL A 121 16.03 -33.10 -1.09
C VAL A 121 17.18 -33.49 -0.17
N ASN A 122 18.36 -33.72 -0.71
CA ASN A 122 19.51 -34.11 0.17
C ASN A 122 20.79 -33.47 -0.34
N TYR A 123 21.65 -33.03 0.56
CA TYR A 123 22.92 -32.39 0.12
C TYR A 123 24.15 -33.14 0.64
N GLU A 124 25.11 -33.36 -0.21
CA GLU A 124 26.37 -34.04 0.21
C GLU A 124 27.51 -33.03 -0.03
N GLN A 125 28.74 -33.42 0.09
CA GLN A 125 29.82 -32.41 -0.11
C GLN A 125 31.21 -33.04 -0.22
N CYS A 126 31.94 -32.66 -1.25
CA CYS A 126 33.33 -33.18 -1.44
C CYS A 126 34.29 -31.99 -1.57
N ALA A 127 35.54 -32.23 -1.87
CA ALA A 127 36.49 -31.09 -2.01
C ALA A 127 37.74 -31.53 -2.76
N SER A 128 38.06 -30.85 -3.84
CA SER A 128 39.27 -31.22 -4.63
C SER A 128 40.41 -30.27 -4.25
N GLY A 129 41.02 -30.50 -3.12
CA GLY A 129 42.14 -29.62 -2.67
C GLY A 129 43.48 -30.32 -2.95
N VAL A 130 43.60 -30.96 -4.07
CA VAL A 130 44.87 -31.66 -4.40
C VAL A 130 46.02 -30.64 -4.46
N HIS A 131 46.11 -29.90 -5.53
CA HIS A 131 47.20 -28.92 -5.68
C HIS A 131 46.85 -27.65 -4.89
N GLY A 132 45.79 -27.00 -5.26
CA GLY A 132 45.40 -25.74 -4.55
C GLY A 132 44.49 -24.90 -5.43
N PRO A 133 45.04 -24.39 -6.50
CA PRO A 133 44.27 -23.54 -7.44
C PRO A 133 43.12 -24.34 -8.05
N GLU A 134 43.01 -25.60 -7.71
CA GLU A 134 41.91 -26.43 -8.26
C GLU A 134 40.57 -25.84 -7.81
N GLY A 135 39.98 -26.37 -6.76
CA GLY A 135 38.68 -25.80 -6.30
C GLY A 135 37.99 -26.75 -5.33
N PHE A 136 36.78 -26.44 -4.96
CA PHE A 136 36.03 -27.31 -4.01
C PHE A 136 34.87 -27.95 -4.77
N HIS A 137 34.48 -29.14 -4.40
CA HIS A 137 33.38 -29.83 -5.13
C HIS A 137 32.25 -30.14 -4.17
N TYR A 138 31.06 -29.66 -4.44
CA TYR A 138 29.92 -29.95 -3.56
C TYR A 138 28.82 -30.51 -4.43
N LYS A 139 27.80 -31.08 -3.86
CA LYS A 139 26.74 -31.63 -4.72
C LYS A 139 25.38 -31.63 -4.04
N CYS A 140 24.35 -31.86 -4.80
CA CYS A 140 22.99 -31.90 -4.22
C CYS A 140 22.09 -32.72 -5.13
N LYS A 141 21.24 -33.51 -4.56
CA LYS A 141 20.35 -34.39 -5.37
C LYS A 141 18.89 -33.98 -5.22
N MET A 142 18.06 -34.44 -6.12
CA MET A 142 16.60 -34.13 -6.03
C MET A 142 15.82 -35.43 -6.25
N GLY A 143 14.55 -35.42 -6.00
CA GLY A 143 13.74 -36.67 -6.19
C GLY A 143 13.21 -36.74 -7.62
N GLN A 144 13.16 -35.64 -8.31
CA GLN A 144 12.64 -35.66 -9.70
C GLN A 144 13.45 -36.65 -10.54
N LYS A 145 14.36 -36.18 -11.33
CA LYS A 145 15.13 -37.12 -12.20
C LYS A 145 16.55 -36.61 -12.48
N GLU A 146 17.05 -35.66 -11.73
CA GLU A 146 18.43 -35.15 -11.99
C GLU A 146 19.23 -34.96 -10.70
N TYR A 147 20.52 -35.04 -10.82
CA TYR A 147 21.43 -34.88 -9.65
C TYR A 147 22.07 -33.49 -9.70
N SER A 148 21.52 -32.53 -9.00
CA SER A 148 22.10 -31.16 -9.03
C SER A 148 23.52 -31.15 -8.44
N ILE A 149 24.41 -31.92 -9.00
CA ILE A 149 25.81 -31.92 -8.48
C ILE A 149 26.50 -30.63 -8.93
N GLY A 150 27.06 -29.87 -8.01
CA GLY A 150 27.70 -28.58 -8.43
C GLY A 150 29.15 -28.46 -7.91
N THR A 151 29.71 -27.29 -8.06
CA THR A 151 31.10 -27.04 -7.61
C THR A 151 31.19 -25.61 -7.09
N GLY A 152 32.07 -25.33 -6.15
CA GLY A 152 32.16 -23.93 -5.63
C GLY A 152 33.61 -23.55 -5.37
N SER A 153 33.91 -22.27 -5.44
CA SER A 153 35.31 -21.82 -5.18
C SER A 153 35.58 -21.88 -3.69
N THR A 154 34.56 -21.71 -2.89
CA THR A 154 34.72 -21.77 -1.42
C THR A 154 33.66 -22.71 -0.85
N LYS A 155 33.92 -23.33 0.25
CA LYS A 155 32.93 -24.25 0.83
C LYS A 155 31.57 -23.55 0.92
N GLN A 156 31.60 -22.26 1.09
CA GLN A 156 30.33 -21.51 1.21
C GLN A 156 29.74 -21.25 -0.18
N GLU A 157 30.48 -20.67 -1.08
CA GLU A 157 29.93 -20.41 -2.43
C GLU A 157 29.35 -21.70 -2.98
N ALA A 158 29.92 -22.82 -2.59
CA ALA A 158 29.40 -24.12 -3.08
C ALA A 158 27.97 -24.36 -2.57
N LYS A 159 27.82 -24.39 -1.28
CA LYS A 159 26.48 -24.65 -0.66
C LYS A 159 25.39 -23.73 -1.21
N GLN A 160 25.57 -22.44 -1.11
CA GLN A 160 24.51 -21.50 -1.57
C GLN A 160 24.09 -21.83 -3.00
N LEU A 161 25.01 -21.80 -3.91
CA LEU A 161 24.64 -22.08 -5.31
C LEU A 161 24.13 -23.52 -5.42
N ALA A 162 24.46 -24.36 -4.48
CA ALA A 162 23.95 -25.75 -4.57
C ALA A 162 22.45 -25.68 -4.77
N ALA A 163 21.76 -24.91 -3.96
CA ALA A 163 20.29 -24.78 -4.17
C ALA A 163 20.06 -24.24 -5.58
N LYS A 164 20.56 -23.06 -5.85
CA LYS A 164 20.41 -22.45 -7.20
C LYS A 164 20.60 -23.52 -8.29
N LEU A 165 21.57 -24.38 -8.13
CA LEU A 165 21.83 -25.44 -9.15
C LEU A 165 20.55 -26.24 -9.42
N ALA A 166 20.05 -26.91 -8.42
CA ALA A 166 18.80 -27.71 -8.59
C ALA A 166 17.59 -26.79 -8.72
N TYR A 167 17.46 -25.92 -7.80
CA TYR A 167 16.31 -24.97 -7.80
C TYR A 167 16.06 -24.43 -9.20
N LEU A 168 17.02 -23.79 -9.81
CA LEU A 168 16.82 -23.25 -11.18
C LEU A 168 16.67 -24.40 -12.19
N GLN A 169 17.00 -25.59 -11.80
CA GLN A 169 16.90 -26.74 -12.74
C GLN A 169 15.48 -27.26 -12.76
N ILE A 170 14.88 -27.35 -11.63
CA ILE A 170 13.48 -27.83 -11.57
C ILE A 170 12.66 -26.94 -12.48
N LEU A 171 13.02 -25.70 -12.56
CA LEU A 171 12.27 -24.75 -13.42
C LEU A 171 12.45 -25.20 -14.86
N SER A 172 13.64 -25.58 -15.19
CA SER A 172 13.93 -26.05 -16.57
C SER A 172 13.40 -27.47 -16.74
N GLU A 173 13.19 -28.18 -15.66
CA GLU A 173 12.69 -29.57 -15.80
C GLU A 173 11.22 -29.55 -16.23
N GLU A 174 10.95 -29.91 -17.47
CA GLU A 174 9.54 -29.92 -17.96
C GLU A 174 8.87 -31.23 -17.53
N THR A 175 9.60 -32.10 -16.90
CA THR A 175 9.01 -33.41 -16.47
C THR A 175 8.35 -33.23 -15.09
N GLY A 176 7.48 -34.13 -14.73
CA GLY A 176 6.81 -34.02 -13.39
C GLY A 176 5.86 -32.83 -13.39
N SER A 177 5.59 -32.27 -14.55
CA SER A 177 4.67 -31.09 -14.62
C SER A 177 3.29 -31.56 -15.07
N GLY A 178 3.05 -31.58 -16.35
CA GLY A 178 1.72 -32.02 -16.86
C GLY A 178 1.65 -33.55 -16.84
N CYS A 179 2.71 -34.19 -16.41
CA CYS A 179 2.72 -35.68 -16.36
C CYS A 179 2.91 -36.13 -14.92
N GLY A 1 -35.24 31.68 23.25
CA GLY A 1 -34.81 33.02 22.79
C GLY A 1 -35.19 33.20 21.31
N SER A 2 -35.33 32.13 20.57
CA SER A 2 -35.69 32.26 19.11
C SER A 2 -34.68 33.18 18.43
N HIS A 3 -33.62 32.61 17.94
CA HIS A 3 -32.58 33.45 17.29
C HIS A 3 -33.22 34.37 16.25
N MET A 4 -32.63 35.52 16.01
CA MET A 4 -33.20 36.46 15.00
C MET A 4 -33.37 35.73 13.66
N GLU A 5 -32.55 36.05 12.70
CA GLU A 5 -32.66 35.38 11.37
C GLU A 5 -31.28 35.37 10.70
N MET A 6 -30.25 35.29 11.50
CA MET A 6 -28.87 35.27 10.92
C MET A 6 -27.96 34.47 11.84
N ALA A 7 -26.66 34.63 11.70
CA ALA A 7 -25.71 33.88 12.57
C ALA A 7 -25.60 34.55 13.94
N GLY A 8 -25.62 33.78 14.99
CA GLY A 8 -25.51 34.37 16.35
C GLY A 8 -24.04 34.72 16.63
N ASP A 9 -23.25 34.81 15.59
CA ASP A 9 -21.81 35.14 15.78
C ASP A 9 -21.64 36.66 15.87
N LEU A 10 -20.44 37.10 16.13
CA LEU A 10 -20.19 38.56 16.24
C LEU A 10 -18.71 38.83 16.01
N SER A 11 -17.98 37.85 15.54
CA SER A 11 -16.53 38.05 15.30
C SER A 11 -16.00 37.02 14.30
N ALA A 12 -16.06 37.33 13.03
CA ALA A 12 -15.55 36.39 11.99
C ALA A 12 -16.64 35.39 11.61
N GLY A 13 -16.84 34.40 12.44
CA GLY A 13 -17.89 33.38 12.15
C GLY A 13 -17.95 32.38 13.31
N PHE A 14 -17.87 31.12 13.02
CA PHE A 14 -17.91 30.11 14.12
C PHE A 14 -17.48 28.74 13.60
N PHE A 15 -18.31 28.10 12.82
CA PHE A 15 -17.94 26.76 12.30
C PHE A 15 -16.82 26.97 11.28
N MET A 16 -16.66 28.18 10.83
CA MET A 16 -15.57 28.48 9.87
C MET A 16 -14.27 28.56 10.68
N GLU A 17 -14.31 29.21 11.82
CA GLU A 17 -13.10 29.29 12.65
C GLU A 17 -12.68 27.87 12.99
N GLU A 18 -13.63 26.96 12.98
CA GLU A 18 -13.31 25.54 13.29
C GLU A 18 -12.69 24.92 12.03
N LEU A 19 -13.42 24.99 10.95
CA LEU A 19 -12.88 24.45 9.67
C LEU A 19 -11.51 25.10 9.42
N ASN A 20 -11.45 26.38 9.57
CA ASN A 20 -10.18 27.12 9.37
C ASN A 20 -9.11 26.61 10.34
N THR A 21 -9.50 25.90 11.35
CA THR A 21 -8.49 25.42 12.32
C THR A 21 -7.61 24.31 11.71
N TYR A 22 -8.17 23.16 11.46
CA TYR A 22 -7.33 22.06 10.88
C TYR A 22 -6.77 22.46 9.52
N ARG A 23 -7.53 23.17 8.74
CA ARG A 23 -7.04 23.57 7.38
C ARG A 23 -5.66 24.21 7.51
N GLN A 24 -5.42 24.88 8.59
CA GLN A 24 -4.08 25.51 8.79
C GLN A 24 -3.11 24.40 9.18
N LYS A 25 -3.62 23.36 9.79
CA LYS A 25 -2.74 22.22 10.19
C LYS A 25 -2.46 21.33 8.98
N GLN A 26 -3.26 21.46 7.96
CA GLN A 26 -3.06 20.61 6.75
C GLN A 26 -2.41 21.44 5.63
N GLY A 27 -2.36 22.72 5.80
CA GLY A 27 -1.74 23.58 4.75
C GLY A 27 -2.63 23.57 3.51
N VAL A 28 -3.91 23.71 3.70
CA VAL A 28 -4.86 23.72 2.55
C VAL A 28 -5.41 25.12 2.39
N VAL A 29 -6.45 25.31 1.62
CA VAL A 29 -6.97 26.69 1.46
C VAL A 29 -8.49 26.69 1.33
N LEU A 30 -9.13 27.51 2.14
CA LEU A 30 -10.62 27.60 2.12
C LEU A 30 -11.07 28.64 1.10
N LYS A 31 -11.68 28.22 0.02
CA LYS A 31 -12.18 29.20 -0.99
C LYS A 31 -13.71 29.15 -1.03
N TYR A 32 -14.36 30.18 -0.58
CA TYR A 32 -15.85 30.19 -0.56
C TYR A 32 -16.41 30.90 -1.79
N GLN A 33 -17.37 30.30 -2.44
CA GLN A 33 -17.98 30.94 -3.65
C GLN A 33 -19.50 30.82 -3.52
N GLU A 34 -20.15 31.88 -3.09
CA GLU A 34 -21.63 31.84 -2.93
C GLU A 34 -22.33 32.06 -4.28
N LEU A 35 -23.40 31.35 -4.51
CA LEU A 35 -24.15 31.50 -5.80
C LEU A 35 -25.66 31.55 -5.53
N PRO A 36 -26.11 32.65 -4.98
CA PRO A 36 -27.53 32.85 -4.65
C PRO A 36 -28.40 32.88 -5.91
N ASN A 37 -29.70 32.94 -5.74
CA ASN A 37 -30.64 32.98 -6.89
C ASN A 37 -30.14 32.06 -8.01
N SER A 38 -30.41 30.79 -7.89
CA SER A 38 -29.96 29.83 -8.92
C SER A 38 -31.07 28.81 -9.21
N GLY A 39 -32.11 28.79 -8.41
CA GLY A 39 -33.22 27.83 -8.64
C GLY A 39 -34.22 28.42 -9.65
N PRO A 40 -34.38 27.75 -10.78
CA PRO A 40 -35.29 28.23 -11.83
C PRO A 40 -36.74 28.43 -11.33
N PRO A 41 -37.25 27.48 -10.57
CA PRO A 41 -38.64 27.58 -10.06
C PRO A 41 -38.75 28.72 -9.04
N HIS A 42 -38.33 29.91 -9.41
CA HIS A 42 -38.41 31.07 -8.48
C HIS A 42 -37.93 30.66 -7.09
N ASP A 43 -37.17 29.60 -6.98
CA ASP A 43 -36.67 29.18 -5.66
C ASP A 43 -35.34 29.87 -5.39
N ARG A 44 -35.37 31.09 -4.92
CA ARG A 44 -34.11 31.80 -4.66
C ARG A 44 -33.33 31.06 -3.57
N ARG A 45 -32.95 29.83 -3.82
CA ARG A 45 -32.19 29.08 -2.79
C ARG A 45 -30.74 29.55 -2.80
N PHE A 46 -29.96 29.11 -1.86
CA PHE A 46 -28.54 29.54 -1.79
C PHE A 46 -27.64 28.38 -2.18
N THR A 47 -27.15 28.39 -3.39
CA THR A 47 -26.25 27.30 -3.86
C THR A 47 -24.82 27.79 -3.75
N PHE A 48 -24.10 27.32 -2.77
CA PHE A 48 -22.70 27.79 -2.57
C PHE A 48 -21.70 26.70 -2.93
N GLN A 49 -20.49 27.11 -3.15
CA GLN A 49 -19.39 26.17 -3.46
C GLN A 49 -18.28 26.41 -2.45
N VAL A 50 -17.52 25.41 -2.13
CA VAL A 50 -16.45 25.62 -1.12
C VAL A 50 -15.33 24.59 -1.33
N ILE A 51 -14.12 25.03 -1.54
CA ILE A 51 -12.99 24.09 -1.72
C ILE A 51 -12.17 24.07 -0.44
N ILE A 52 -11.25 23.15 -0.30
CA ILE A 52 -10.44 23.10 0.94
C ILE A 52 -8.96 23.26 0.61
N ASP A 53 -8.50 22.58 -0.40
CA ASP A 53 -7.08 22.64 -0.80
C ASP A 53 -6.96 23.13 -2.24
N GLY A 54 -7.63 22.46 -3.13
CA GLY A 54 -7.56 22.86 -4.57
C GLY A 54 -7.66 21.59 -5.41
N ARG A 55 -8.48 20.66 -4.99
CA ARG A 55 -8.61 19.38 -5.76
C ARG A 55 -10.03 18.86 -5.65
N GLU A 56 -10.65 19.03 -4.53
CA GLU A 56 -12.04 18.54 -4.37
C GLU A 56 -13.03 19.68 -4.60
N PHE A 57 -14.28 19.38 -4.81
CA PHE A 57 -15.29 20.45 -5.06
C PHE A 57 -16.60 20.20 -4.31
N PRO A 58 -16.55 20.23 -3.00
CA PRO A 58 -17.75 20.03 -2.16
C PRO A 58 -18.72 21.19 -2.36
N GLU A 59 -19.96 21.04 -1.97
CA GLU A 59 -20.94 22.15 -2.13
C GLU A 59 -22.30 21.75 -1.54
N GLY A 60 -23.18 22.68 -1.30
CA GLY A 60 -24.51 22.33 -0.72
C GLY A 60 -25.49 23.50 -0.88
N GLU A 61 -26.71 23.32 -0.41
CA GLU A 61 -27.74 24.41 -0.52
C GLU A 61 -28.30 24.69 0.89
N GLY A 62 -28.76 25.89 1.14
CA GLY A 62 -29.30 26.19 2.49
C GLY A 62 -30.14 27.47 2.47
N ARG A 63 -30.81 27.75 1.40
CA ARG A 63 -31.64 28.99 1.34
C ARG A 63 -30.82 30.22 1.74
N SER A 64 -31.42 31.38 1.69
CA SER A 64 -30.68 32.63 2.03
C SER A 64 -30.56 32.87 3.54
N LYS A 65 -29.38 32.66 4.09
CA LYS A 65 -29.12 32.93 5.53
C LYS A 65 -27.88 32.16 6.02
N LYS A 66 -27.61 32.24 7.30
CA LYS A 66 -26.40 31.56 7.86
C LYS A 66 -26.31 30.09 7.46
N GLU A 67 -27.36 29.34 7.56
CA GLU A 67 -27.29 27.89 7.22
C GLU A 67 -26.58 27.71 5.88
N ALA A 68 -26.57 28.71 5.05
CA ALA A 68 -25.87 28.56 3.73
C ALA A 68 -24.36 28.58 3.98
N LYS A 69 -23.85 29.67 4.48
CA LYS A 69 -22.40 29.74 4.77
C LYS A 69 -22.03 28.59 5.70
N ASN A 70 -22.85 28.33 6.68
CA ASN A 70 -22.56 27.21 7.61
C ASN A 70 -22.69 25.90 6.84
N ALA A 71 -23.67 25.78 5.98
CA ALA A 71 -23.83 24.53 5.21
C ALA A 71 -22.58 24.31 4.37
N ALA A 72 -22.11 25.33 3.72
CA ALA A 72 -20.89 25.19 2.89
C ALA A 72 -19.73 24.75 3.76
N ALA A 73 -19.50 25.44 4.85
CA ALA A 73 -18.37 25.05 5.74
C ALA A 73 -18.72 23.76 6.47
N LYS A 74 -19.96 23.61 6.89
CA LYS A 74 -20.36 22.37 7.61
C LYS A 74 -20.16 21.13 6.76
N LEU A 75 -20.78 21.09 5.62
CA LEU A 75 -20.69 19.89 4.77
C LEU A 75 -19.24 19.63 4.38
N ALA A 76 -18.42 20.63 4.38
CA ALA A 76 -17.00 20.44 4.01
C ALA A 76 -16.35 19.54 5.09
N VAL A 77 -16.67 19.78 6.32
CA VAL A 77 -16.10 18.95 7.43
C VAL A 77 -16.57 17.49 7.27
N GLU A 78 -17.76 17.31 6.77
CA GLU A 78 -18.31 15.93 6.61
C GLU A 78 -17.41 15.10 5.68
N ILE A 79 -16.73 15.73 4.78
CA ILE A 79 -15.85 15.00 3.84
C ILE A 79 -14.61 14.52 4.58
N LEU A 80 -14.10 15.34 5.46
CA LEU A 80 -12.92 14.92 6.25
C LEU A 80 -13.37 13.73 7.06
N ASN A 81 -14.59 13.81 7.53
CA ASN A 81 -15.14 12.69 8.34
C ASN A 81 -14.97 11.41 7.53
N LYS A 82 -15.14 11.50 6.24
CA LYS A 82 -14.94 10.30 5.39
C LYS A 82 -13.44 10.07 5.27
N GLU A 83 -12.93 9.92 4.08
CA GLU A 83 -11.47 9.70 3.92
C GLU A 83 -10.98 8.66 4.92
N LYS A 84 -11.89 8.03 5.62
CA LYS A 84 -11.49 6.99 6.60
C LYS A 84 -11.07 5.75 5.83
N LYS A 85 -11.07 5.83 4.53
CA LYS A 85 -10.67 4.65 3.71
C LYS A 85 -9.16 4.50 3.74
N ALA A 86 -8.62 3.57 3.00
CA ALA A 86 -7.15 3.37 3.00
C ALA A 86 -6.48 4.44 2.13
N VAL A 87 -6.00 5.49 2.74
CA VAL A 87 -5.33 6.57 1.96
C VAL A 87 -4.25 7.23 2.82
N SER A 88 -3.64 6.47 3.70
CA SER A 88 -2.58 7.05 4.58
C SER A 88 -1.23 7.02 3.83
N PRO A 89 -0.32 7.87 4.23
CA PRO A 89 1.01 7.95 3.59
C PRO A 89 1.82 6.68 3.91
N LEU A 90 2.68 6.73 4.89
CA LEU A 90 3.50 5.54 5.24
C LEU A 90 2.78 4.68 6.27
N LEU A 91 1.68 5.14 6.80
CA LEU A 91 0.95 4.34 7.82
C LEU A 91 -0.02 3.38 7.14
N LEU A 92 0.39 2.76 6.06
CA LEU A 92 -0.52 1.82 5.35
C LEU A 92 -0.40 0.43 5.98
N THR A 93 -1.34 -0.44 5.72
CA THR A 93 -1.28 -1.81 6.31
C THR A 93 -0.89 -2.82 5.21
N THR A 94 0.27 -3.41 5.33
CA THR A 94 0.71 -4.39 4.30
C THR A 94 0.45 -5.82 4.81
N THR A 95 -0.54 -6.48 4.27
CA THR A 95 -0.85 -7.87 4.72
C THR A 95 -0.29 -8.86 3.70
N ASN A 96 0.49 -8.40 2.76
CA ASN A 96 1.06 -9.32 1.74
C ASN A 96 2.29 -10.03 2.33
N SER A 97 2.21 -11.32 2.49
CA SER A 97 3.37 -12.07 3.04
C SER A 97 3.81 -11.41 4.36
N SER A 98 3.05 -10.47 4.84
CA SER A 98 3.44 -9.78 6.11
C SER A 98 4.91 -9.39 6.05
N GLU A 99 5.59 -9.43 7.16
CA GLU A 99 7.03 -9.07 7.16
C GLU A 99 7.86 -10.26 6.69
N GLY A 100 7.23 -11.40 6.53
CA GLY A 100 7.96 -12.61 6.08
C GLY A 100 8.66 -13.26 7.27
N LEU A 101 9.93 -12.98 7.45
CA LEU A 101 10.68 -13.58 8.59
C LEU A 101 10.67 -15.11 8.48
N SER A 102 9.52 -15.70 8.28
CA SER A 102 9.47 -17.19 8.18
C SER A 102 10.40 -17.66 7.07
N MET A 103 9.86 -17.95 5.91
CA MET A 103 10.71 -18.43 4.79
C MET A 103 11.92 -17.51 4.60
N GLY A 104 13.05 -18.06 4.23
CA GLY A 104 14.27 -17.23 4.03
C GLY A 104 15.23 -17.98 3.10
N ASN A 105 15.49 -19.24 3.38
CA ASN A 105 16.42 -20.03 2.51
C ASN A 105 15.62 -20.68 1.38
N TYR A 106 15.91 -21.91 1.07
CA TYR A 106 15.17 -22.60 -0.02
C TYR A 106 15.59 -24.08 -0.10
N ILE A 107 16.75 -24.42 0.37
CA ILE A 107 17.16 -25.85 0.31
C ILE A 107 16.09 -26.68 1.02
N GLY A 108 15.24 -26.04 1.76
CA GLY A 108 14.15 -26.78 2.48
C GLY A 108 13.07 -27.17 1.47
N LEU A 109 12.62 -26.25 0.67
CA LEU A 109 11.57 -26.56 -0.33
C LEU A 109 12.11 -27.51 -1.40
N ILE A 110 13.40 -27.63 -1.53
CA ILE A 110 13.90 -28.56 -2.57
C ILE A 110 13.46 -29.96 -2.18
N ASN A 111 13.51 -30.24 -0.92
CA ASN A 111 13.05 -31.57 -0.43
C ASN A 111 11.54 -31.65 -0.61
N ARG A 112 10.89 -30.52 -0.77
CA ARG A 112 9.42 -30.51 -0.93
C ARG A 112 9.06 -30.96 -2.35
N ILE A 113 9.60 -30.29 -3.32
CA ILE A 113 9.29 -30.68 -4.72
C ILE A 113 9.74 -32.13 -4.90
N ALA A 114 10.66 -32.56 -4.08
CA ALA A 114 11.14 -33.96 -4.17
C ALA A 114 9.97 -34.90 -3.90
N GLN A 115 9.48 -34.88 -2.69
CA GLN A 115 8.35 -35.76 -2.32
C GLN A 115 7.12 -35.39 -3.15
N LYS A 116 7.11 -34.22 -3.73
CA LYS A 116 5.93 -33.84 -4.55
C LYS A 116 5.94 -34.70 -5.80
N LYS A 117 6.90 -34.50 -6.65
CA LYS A 117 7.03 -35.30 -7.88
C LYS A 117 8.06 -36.40 -7.62
N ARG A 118 8.04 -36.92 -6.42
CA ARG A 118 8.98 -38.00 -5.99
C ARG A 118 10.34 -37.91 -6.69
N LEU A 119 11.34 -37.46 -5.97
CA LEU A 119 12.73 -37.37 -6.53
C LEU A 119 13.72 -37.60 -5.39
N THR A 120 14.98 -37.45 -5.66
CA THR A 120 16.01 -37.66 -4.59
C THR A 120 16.64 -36.32 -4.18
N VAL A 121 17.08 -36.20 -2.95
CA VAL A 121 17.70 -34.93 -2.48
C VAL A 121 18.98 -35.23 -1.68
N ASN A 122 20.14 -34.94 -2.23
CA ASN A 122 21.39 -35.22 -1.46
C ASN A 122 22.43 -34.14 -1.76
N TYR A 123 23.26 -33.80 -0.79
CA TYR A 123 24.27 -32.73 -1.02
C TYR A 123 25.67 -33.19 -0.61
N GLU A 124 26.65 -32.91 -1.45
CA GLU A 124 28.05 -33.25 -1.14
C GLU A 124 28.86 -32.00 -1.47
N GLN A 125 30.15 -32.00 -1.31
CA GLN A 125 30.90 -30.75 -1.65
C GLN A 125 32.41 -30.89 -1.50
N CYS A 126 33.13 -30.17 -2.32
CA CYS A 126 34.62 -30.17 -2.27
C CYS A 126 35.10 -28.72 -2.15
N ALA A 127 36.37 -28.47 -2.19
CA ALA A 127 36.83 -27.05 -2.07
C ALA A 127 38.24 -26.89 -2.61
N SER A 128 38.39 -26.11 -3.65
CA SER A 128 39.75 -25.88 -4.24
C SER A 128 40.38 -24.64 -3.59
N GLY A 129 40.49 -24.64 -2.29
CA GLY A 129 41.09 -23.46 -1.59
C GLY A 129 42.59 -23.67 -1.43
N VAL A 130 43.31 -23.74 -2.52
CA VAL A 130 44.79 -23.95 -2.41
C VAL A 130 45.41 -22.78 -1.64
N HIS A 131 45.56 -21.65 -2.29
CA HIS A 131 46.14 -20.48 -1.60
C HIS A 131 45.06 -19.79 -0.79
N GLY A 132 43.90 -19.63 -1.34
CA GLY A 132 42.80 -18.98 -0.60
C GLY A 132 41.79 -18.34 -1.57
N PRO A 133 42.20 -17.27 -2.19
CA PRO A 133 41.33 -16.54 -3.14
C PRO A 133 40.95 -17.43 -4.31
N GLU A 134 41.37 -18.67 -4.29
CA GLU A 134 41.04 -19.58 -5.42
C GLU A 134 39.51 -19.70 -5.55
N GLY A 135 38.95 -20.86 -5.27
CA GLY A 135 37.48 -21.01 -5.39
C GLY A 135 37.00 -22.26 -4.63
N PHE A 136 35.71 -22.42 -4.49
CA PHE A 136 35.17 -23.60 -3.76
C PHE A 136 34.36 -24.46 -4.73
N HIS A 137 34.56 -25.75 -4.72
CA HIS A 137 33.81 -26.63 -5.65
C HIS A 137 32.76 -27.40 -4.85
N TYR A 138 31.51 -27.11 -5.09
CA TYR A 138 30.43 -27.82 -4.37
C TYR A 138 29.61 -28.59 -5.38
N LYS A 139 28.81 -29.49 -4.92
CA LYS A 139 27.97 -30.25 -5.86
C LYS A 139 26.67 -30.65 -5.17
N CYS A 140 25.66 -30.92 -5.90
CA CYS A 140 24.37 -31.30 -5.27
C CYS A 140 23.54 -32.14 -6.24
N LYS A 141 22.84 -33.10 -5.72
CA LYS A 141 22.02 -33.96 -6.60
C LYS A 141 20.54 -33.68 -6.34
N MET A 142 19.78 -33.54 -7.38
CA MET A 142 18.33 -33.30 -7.21
C MET A 142 17.64 -33.84 -8.45
N GLY A 143 16.41 -34.24 -8.33
CA GLY A 143 15.71 -34.80 -9.53
C GLY A 143 15.81 -36.31 -9.47
N GLN A 144 15.72 -36.96 -10.60
CA GLN A 144 15.83 -38.45 -10.59
C GLN A 144 16.88 -38.89 -11.60
N LYS A 145 17.38 -37.97 -12.39
CA LYS A 145 18.42 -38.34 -13.38
C LYS A 145 19.37 -37.16 -13.63
N GLU A 146 19.50 -36.23 -12.71
CA GLU A 146 20.42 -35.07 -12.96
C GLU A 146 21.19 -34.68 -11.70
N TYR A 147 22.46 -34.44 -11.84
CA TYR A 147 23.30 -34.04 -10.66
C TYR A 147 23.59 -32.54 -10.74
N SER A 148 22.77 -31.73 -10.14
CA SER A 148 22.98 -30.25 -10.18
C SER A 148 24.29 -29.87 -9.48
N ILE A 149 25.39 -29.88 -10.18
CA ILE A 149 26.67 -29.48 -9.53
C ILE A 149 26.71 -27.96 -9.36
N GLY A 150 27.21 -27.46 -8.25
CA GLY A 150 27.24 -25.97 -8.05
C GLY A 150 28.59 -25.54 -7.48
N THR A 151 29.10 -24.43 -7.97
CA THR A 151 30.41 -23.92 -7.46
C THR A 151 30.16 -22.52 -6.88
N GLY A 152 30.84 -22.17 -5.82
CA GLY A 152 30.60 -20.81 -5.22
C GLY A 152 31.90 -20.17 -4.74
N SER A 153 31.88 -18.87 -4.56
CA SER A 153 33.09 -18.15 -4.09
C SER A 153 33.29 -18.41 -2.60
N THR A 154 32.24 -18.75 -1.91
CA THR A 154 32.35 -19.00 -0.45
C THR A 154 31.57 -20.27 -0.10
N LYS A 155 31.99 -20.97 0.90
CA LYS A 155 31.30 -22.22 1.29
C LYS A 155 29.80 -21.93 1.43
N GLN A 156 29.47 -20.75 1.86
CA GLN A 156 28.04 -20.40 2.04
C GLN A 156 27.40 -20.13 0.68
N GLU A 157 27.99 -19.29 -0.12
CA GLU A 157 27.40 -19.01 -1.45
C GLU A 157 27.29 -20.33 -2.20
N ALA A 158 28.16 -21.24 -1.91
CA ALA A 158 28.15 -22.56 -2.60
C ALA A 158 26.85 -23.33 -2.27
N LYS A 159 26.75 -23.84 -1.08
CA LYS A 159 25.56 -24.64 -0.68
C LYS A 159 24.24 -23.93 -0.99
N GLN A 160 24.11 -22.71 -0.58
CA GLN A 160 22.83 -21.99 -0.81
C GLN A 160 22.47 -21.96 -2.28
N LEU A 161 23.39 -21.58 -3.11
CA LEU A 161 23.05 -21.53 -4.55
C LEU A 161 22.76 -22.94 -5.03
N ALA A 162 23.27 -23.94 -4.35
CA ALA A 162 22.97 -25.33 -4.79
C ALA A 162 21.46 -25.44 -4.93
N ALA A 163 20.74 -24.84 -4.02
CA ALA A 163 19.26 -24.88 -4.11
C ALA A 163 18.83 -24.18 -5.40
N LYS A 164 18.97 -22.88 -5.43
CA LYS A 164 18.60 -22.11 -6.65
C LYS A 164 18.98 -22.89 -7.92
N LEU A 165 20.14 -23.47 -7.94
CA LEU A 165 20.59 -24.24 -9.13
C LEU A 165 19.60 -25.35 -9.46
N ALA A 166 19.45 -26.29 -8.57
CA ALA A 166 18.49 -27.42 -8.81
C ALA A 166 17.06 -26.94 -8.73
N TYR A 167 16.73 -26.30 -7.66
CA TYR A 167 15.36 -25.79 -7.48
C TYR A 167 14.86 -25.15 -8.78
N LEU A 168 15.61 -24.24 -9.34
CA LEU A 168 15.19 -23.60 -10.61
C LEU A 168 15.29 -24.62 -11.75
N GLN A 169 15.92 -25.73 -11.50
CA GLN A 169 16.07 -26.77 -12.55
C GLN A 169 14.82 -27.63 -12.61
N ILE A 170 14.33 -28.03 -11.48
CA ILE A 170 13.09 -28.84 -11.45
C ILE A 170 12.02 -28.04 -12.18
N LEU A 171 12.12 -26.74 -12.08
CA LEU A 171 11.14 -25.86 -12.73
C LEU A 171 11.27 -26.02 -14.24
N SER A 172 12.48 -25.93 -14.70
CA SER A 172 12.72 -26.05 -16.16
C SER A 172 12.61 -27.51 -16.57
N GLU A 173 12.85 -28.44 -15.67
CA GLU A 173 12.74 -29.87 -16.07
C GLU A 173 11.27 -30.29 -16.12
N GLU A 174 10.73 -30.43 -17.31
CA GLU A 174 9.31 -30.85 -17.43
C GLU A 174 9.21 -32.37 -17.33
N THR A 175 10.30 -33.02 -17.01
CA THR A 175 10.27 -34.50 -16.91
C THR A 175 9.79 -34.90 -15.50
N GLY A 176 9.61 -36.17 -15.27
CA GLY A 176 9.14 -36.60 -13.93
C GLY A 176 7.67 -36.24 -13.79
N SER A 177 7.09 -35.72 -14.84
CA SER A 177 5.65 -35.32 -14.79
C SER A 177 4.80 -36.41 -15.46
N GLY A 178 5.39 -37.53 -15.78
CA GLY A 178 4.62 -38.62 -16.43
C GLY A 178 5.57 -39.64 -17.04
N CYS A 179 6.81 -39.27 -17.25
CA CYS A 179 7.80 -40.22 -17.83
C CYS A 179 9.09 -40.18 -17.02
N GLY A 1 -38.30 26.66 22.17
CA GLY A 1 -37.14 26.86 21.25
C GLY A 1 -36.93 28.35 21.00
N SER A 2 -35.74 28.73 20.59
CA SER A 2 -35.41 30.17 20.32
C SER A 2 -34.08 30.25 19.56
N HIS A 3 -33.72 29.20 18.88
CA HIS A 3 -32.44 29.23 18.10
C HIS A 3 -32.42 30.48 17.21
N MET A 4 -31.31 31.17 17.17
CA MET A 4 -31.22 32.40 16.32
C MET A 4 -31.51 32.06 14.86
N GLU A 5 -30.70 32.53 13.96
CA GLU A 5 -30.92 32.23 12.52
C GLU A 5 -29.59 32.27 11.78
N MET A 6 -28.55 31.78 12.41
CA MET A 6 -27.20 31.78 11.77
C MET A 6 -26.43 30.54 12.23
N ALA A 7 -25.14 30.52 12.03
CA ALA A 7 -24.34 29.35 12.46
C ALA A 7 -24.11 29.41 13.98
N GLY A 8 -24.38 28.34 14.67
CA GLY A 8 -24.18 28.34 16.14
C GLY A 8 -22.73 27.98 16.47
N ASP A 9 -21.79 28.59 15.80
CA ASP A 9 -20.36 28.30 16.06
C ASP A 9 -19.87 29.13 17.23
N LEU A 10 -18.65 28.94 17.63
CA LEU A 10 -18.10 29.70 18.77
C LEU A 10 -16.66 30.10 18.44
N SER A 11 -16.30 30.02 17.19
CA SER A 11 -14.92 30.40 16.80
C SER A 11 -14.89 30.79 15.32
N ALA A 12 -15.99 31.25 14.81
CA ALA A 12 -16.05 31.69 13.38
C ALA A 12 -16.09 30.46 12.46
N GLY A 13 -16.28 29.29 13.00
CA GLY A 13 -16.32 28.08 12.13
C GLY A 13 -16.45 26.82 12.99
N PHE A 14 -17.49 26.07 12.81
CA PHE A 14 -17.68 24.82 13.63
C PHE A 14 -17.16 23.62 12.85
N PHE A 15 -17.92 23.15 11.91
CA PHE A 15 -17.47 21.99 11.11
C PHE A 15 -16.30 22.48 10.26
N MET A 16 -16.16 23.76 10.14
CA MET A 16 -15.03 24.35 9.37
C MET A 16 -13.78 24.24 10.23
N GLU A 17 -13.89 24.59 11.49
CA GLU A 17 -12.70 24.49 12.37
C GLU A 17 -12.24 23.03 12.34
N GLU A 18 -13.17 22.15 12.07
CA GLU A 18 -12.83 20.71 12.00
C GLU A 18 -12.30 20.39 10.60
N LEU A 19 -13.00 20.83 9.60
CA LEU A 19 -12.53 20.60 8.21
C LEU A 19 -11.13 21.18 8.08
N ASN A 20 -10.97 22.39 8.53
CA ASN A 20 -9.64 23.06 8.45
C ASN A 20 -8.59 22.21 9.21
N THR A 21 -9.04 21.28 10.01
CA THR A 21 -8.07 20.46 10.79
C THR A 21 -7.34 19.45 9.89
N TYR A 22 -8.03 18.46 9.38
CA TYR A 22 -7.34 17.44 8.53
C TYR A 22 -6.71 18.09 7.30
N ARG A 23 -7.30 19.13 6.80
CA ARG A 23 -6.75 19.79 5.59
C ARG A 23 -5.28 20.13 5.83
N GLN A 24 -4.94 20.45 7.04
CA GLN A 24 -3.53 20.76 7.37
C GLN A 24 -2.74 19.46 7.42
N LYS A 25 -3.36 18.38 7.83
CA LYS A 25 -2.63 17.09 7.89
C LYS A 25 -2.49 16.55 6.47
N GLN A 26 -3.21 17.12 5.53
CA GLN A 26 -3.13 16.66 4.12
C GLN A 26 -2.34 17.66 3.28
N GLY A 27 -2.19 18.86 3.76
CA GLY A 27 -1.46 19.89 2.99
C GLY A 27 -2.31 20.36 1.80
N VAL A 28 -3.57 20.56 2.02
CA VAL A 28 -4.49 21.00 0.93
C VAL A 28 -4.94 22.42 1.21
N VAL A 29 -6.00 22.86 0.59
CA VAL A 29 -6.45 24.27 0.83
C VAL A 29 -7.96 24.38 0.65
N LEU A 30 -8.61 25.05 1.56
CA LEU A 30 -10.09 25.20 1.49
C LEU A 30 -10.45 26.43 0.64
N LYS A 31 -11.02 26.23 -0.53
CA LYS A 31 -11.42 27.40 -1.37
C LYS A 31 -12.94 27.52 -1.37
N TYR A 32 -13.47 28.39 -0.56
CA TYR A 32 -14.95 28.55 -0.47
C TYR A 32 -15.43 29.66 -1.41
N GLN A 33 -16.41 29.37 -2.25
CA GLN A 33 -16.94 30.40 -3.19
C GLN A 33 -18.46 30.52 -2.96
N GLU A 34 -18.89 31.60 -2.36
CA GLU A 34 -20.34 31.80 -2.06
C GLU A 34 -21.11 32.37 -3.26
N LEU A 35 -22.24 31.77 -3.58
CA LEU A 35 -23.09 32.26 -4.71
C LEU A 35 -24.52 32.53 -4.18
N PRO A 36 -24.72 33.66 -3.54
CA PRO A 36 -26.04 34.02 -2.94
C PRO A 36 -27.03 34.52 -4.01
N ASN A 37 -28.30 34.59 -3.65
CA ASN A 37 -29.35 35.08 -4.59
C ASN A 37 -29.10 34.60 -6.01
N SER A 38 -29.78 33.57 -6.44
CA SER A 38 -29.58 33.07 -7.83
C SER A 38 -30.90 32.54 -8.43
N GLY A 39 -31.91 32.35 -7.63
CA GLY A 39 -33.20 31.83 -8.17
C GLY A 39 -34.14 32.99 -8.56
N PRO A 40 -34.47 33.10 -9.84
CA PRO A 40 -35.36 34.18 -10.30
C PRO A 40 -36.73 34.18 -9.59
N PRO A 41 -37.35 33.03 -9.43
CA PRO A 41 -38.68 32.96 -8.78
C PRO A 41 -38.62 33.42 -7.32
N HIS A 42 -38.18 34.62 -7.08
CA HIS A 42 -38.09 35.15 -5.69
C HIS A 42 -37.56 34.07 -4.74
N ASP A 43 -36.86 33.10 -5.26
CA ASP A 43 -36.32 32.03 -4.38
C ASP A 43 -34.96 32.44 -3.84
N ARG A 44 -34.94 33.15 -2.75
CA ARG A 44 -33.64 33.56 -2.17
C ARG A 44 -32.90 32.29 -1.72
N ARG A 45 -32.64 31.38 -2.63
CA ARG A 45 -31.93 30.14 -2.24
C ARG A 45 -30.46 30.48 -2.01
N PHE A 46 -29.66 29.53 -1.60
CA PHE A 46 -28.22 29.82 -1.34
C PHE A 46 -27.35 28.70 -1.90
N THR A 47 -26.46 29.02 -2.78
CA THR A 47 -25.56 27.97 -3.36
C THR A 47 -24.13 28.21 -2.88
N PHE A 48 -23.61 27.34 -2.08
CA PHE A 48 -22.21 27.53 -1.59
C PHE A 48 -21.31 26.54 -2.33
N GLN A 49 -20.05 26.81 -2.38
CA GLN A 49 -19.10 25.90 -3.09
C GLN A 49 -17.85 25.76 -2.23
N VAL A 50 -17.16 24.66 -2.35
CA VAL A 50 -15.95 24.49 -1.52
C VAL A 50 -15.02 23.43 -2.09
N ILE A 51 -13.76 23.76 -2.24
CA ILE A 51 -12.76 22.78 -2.74
C ILE A 51 -11.89 22.37 -1.56
N ILE A 52 -11.01 21.43 -1.73
CA ILE A 52 -10.14 21.01 -0.59
C ILE A 52 -8.68 21.29 -0.92
N ASP A 53 -8.30 21.00 -2.13
CA ASP A 53 -6.90 21.21 -2.57
C ASP A 53 -6.86 22.15 -3.79
N GLY A 54 -7.55 21.80 -4.83
CA GLY A 54 -7.55 22.65 -6.06
C GLY A 54 -7.89 21.78 -7.27
N ARG A 55 -8.70 20.77 -7.08
CA ARG A 55 -9.05 19.88 -8.24
C ARG A 55 -10.48 19.34 -8.06
N GLU A 56 -10.98 19.33 -6.87
CA GLU A 56 -12.35 18.82 -6.62
C GLU A 56 -13.35 19.97 -6.74
N PHE A 57 -14.62 19.70 -6.59
CA PHE A 57 -15.63 20.79 -6.71
C PHE A 57 -16.92 20.46 -5.94
N PRO A 58 -16.79 19.93 -4.74
CA PRO A 58 -17.98 19.60 -3.92
C PRO A 58 -18.85 20.85 -3.76
N GLU A 59 -20.09 20.68 -3.37
CA GLU A 59 -20.98 21.87 -3.21
C GLU A 59 -22.34 21.44 -2.66
N GLY A 60 -23.20 22.38 -2.40
CA GLY A 60 -24.55 22.05 -1.85
C GLY A 60 -25.32 23.35 -1.60
N GLU A 61 -26.57 23.25 -1.24
CA GLU A 61 -27.38 24.48 -0.96
C GLU A 61 -27.86 24.45 0.48
N GLY A 62 -28.50 25.51 0.91
CA GLY A 62 -29.00 25.54 2.31
C GLY A 62 -29.76 26.85 2.58
N ARG A 63 -30.58 27.27 1.65
CA ARG A 63 -31.34 28.52 1.87
C ARG A 63 -30.39 29.63 2.32
N SER A 64 -30.91 30.81 2.58
CA SER A 64 -30.03 31.94 2.97
C SER A 64 -29.61 31.85 4.45
N LYS A 65 -28.62 31.04 4.77
CA LYS A 65 -28.15 30.96 6.18
C LYS A 65 -27.03 29.92 6.35
N LYS A 66 -26.73 29.57 7.57
CA LYS A 66 -25.64 28.61 7.86
C LYS A 66 -25.79 27.32 7.05
N GLU A 67 -26.97 26.78 6.98
CA GLU A 67 -27.17 25.50 6.23
C GLU A 67 -26.39 25.57 4.90
N ALA A 68 -26.15 26.74 4.41
CA ALA A 68 -25.40 26.87 3.13
C ALA A 68 -23.92 26.59 3.38
N LYS A 69 -23.23 27.48 4.06
CA LYS A 69 -21.78 27.24 4.32
C LYS A 69 -21.59 25.91 5.05
N ASN A 70 -22.47 25.58 5.94
CA ASN A 70 -22.33 24.29 6.67
C ASN A 70 -22.47 23.13 5.68
N ALA A 71 -23.44 23.19 4.82
CA ALA A 71 -23.63 22.09 3.83
C ALA A 71 -22.33 21.90 3.05
N ALA A 72 -21.79 22.95 2.54
CA ALA A 72 -20.53 22.83 1.76
C ALA A 72 -19.44 22.22 2.63
N ALA A 73 -19.23 22.76 3.78
CA ALA A 73 -18.17 22.21 4.68
C ALA A 73 -18.57 20.81 5.17
N LYS A 74 -19.83 20.62 5.44
CA LYS A 74 -20.30 19.29 5.94
C LYS A 74 -19.99 18.17 4.93
N LEU A 75 -20.65 18.18 3.82
CA LEU A 75 -20.45 17.11 2.80
C LEU A 75 -19.00 17.03 2.36
N ALA A 76 -18.27 18.10 2.48
CA ALA A 76 -16.83 18.06 2.07
C ALA A 76 -16.11 16.98 2.88
N VAL A 77 -16.31 16.98 4.16
CA VAL A 77 -15.66 15.95 5.01
C VAL A 77 -16.08 14.56 4.56
N GLU A 78 -17.31 14.43 4.13
CA GLU A 78 -17.82 13.10 3.69
C GLU A 78 -17.09 12.57 2.46
N ILE A 79 -16.47 13.40 1.66
CA ILE A 79 -15.79 12.89 0.43
C ILE A 79 -14.46 12.20 0.77
N LEU A 80 -13.55 12.87 1.43
CA LEU A 80 -12.27 12.18 1.76
C LEU A 80 -12.60 11.02 2.68
N ASN A 81 -13.66 11.15 3.42
CA ASN A 81 -14.05 10.04 4.33
C ASN A 81 -14.12 8.77 3.48
N LYS A 82 -14.60 8.90 2.28
CA LYS A 82 -14.63 7.74 1.37
C LYS A 82 -13.19 7.48 0.92
N GLU A 83 -12.96 7.31 -0.35
CA GLU A 83 -11.57 7.05 -0.83
C GLU A 83 -10.93 5.97 0.04
N LYS A 84 -11.70 5.36 0.90
CA LYS A 84 -11.17 4.30 1.78
C LYS A 84 -11.01 3.02 0.96
N LYS A 85 -11.15 3.12 -0.34
CA LYS A 85 -11.03 1.90 -1.19
C LYS A 85 -9.56 1.57 -1.41
N ALA A 86 -8.94 0.99 -0.44
CA ALA A 86 -7.51 0.61 -0.58
C ALA A 86 -7.42 -0.58 -1.53
N VAL A 87 -6.72 -0.41 -2.62
CA VAL A 87 -6.59 -1.51 -3.62
C VAL A 87 -5.11 -1.74 -3.94
N SER A 88 -4.24 -1.04 -3.26
CA SER A 88 -2.78 -1.22 -3.50
C SER A 88 -2.26 -2.36 -2.62
N PRO A 89 -1.09 -2.87 -2.93
CA PRO A 89 -0.49 -3.97 -2.16
C PRO A 89 -0.32 -3.55 -0.70
N LEU A 90 0.72 -2.82 -0.39
CA LEU A 90 0.93 -2.37 1.02
C LEU A 90 0.12 -1.10 1.27
N LEU A 91 -0.85 -1.16 2.15
CA LEU A 91 -1.66 0.05 2.46
C LEU A 91 -1.07 0.76 3.68
N LEU A 92 -0.14 0.13 4.34
CA LEU A 92 0.49 0.77 5.54
C LEU A 92 1.67 1.63 5.10
N THR A 93 2.00 2.64 5.86
CA THR A 93 3.15 3.52 5.49
C THR A 93 4.34 3.22 6.40
N THR A 94 5.45 2.81 5.85
CA THR A 94 6.63 2.51 6.69
C THR A 94 7.54 3.75 6.76
N THR A 95 7.78 4.25 7.93
CA THR A 95 8.65 5.45 8.08
C THR A 95 10.08 5.02 8.44
N ASN A 96 10.45 3.82 8.08
CA ASN A 96 11.82 3.33 8.40
C ASN A 96 12.31 2.42 7.27
N SER A 97 11.63 1.33 7.04
CA SER A 97 12.06 0.40 5.95
C SER A 97 13.52 0.03 6.14
N SER A 98 14.00 0.04 7.36
CA SER A 98 15.43 -0.29 7.62
C SER A 98 15.82 -1.54 6.83
N GLU A 99 16.93 -1.48 6.12
CA GLU A 99 17.38 -2.64 5.32
C GLU A 99 18.09 -3.65 6.23
N GLY A 100 17.95 -4.92 5.96
CA GLY A 100 18.61 -5.96 6.80
C GLY A 100 18.66 -7.28 6.02
N LEU A 101 17.53 -7.81 5.66
CA LEU A 101 17.50 -9.10 4.90
C LEU A 101 18.44 -10.10 5.55
N SER A 102 18.75 -11.17 4.87
CA SER A 102 19.67 -12.20 5.44
C SER A 102 19.17 -12.61 6.83
N MET A 103 19.98 -13.30 7.58
CA MET A 103 19.55 -13.73 8.94
C MET A 103 18.17 -14.39 8.85
N GLY A 104 17.72 -14.68 7.66
CA GLY A 104 16.38 -15.33 7.49
C GLY A 104 16.55 -16.66 6.77
N ASN A 105 17.74 -17.00 6.39
CA ASN A 105 17.99 -18.29 5.67
C ASN A 105 16.88 -18.55 4.64
N TYR A 106 16.80 -19.74 4.11
CA TYR A 106 15.75 -20.03 3.08
C TYR A 106 15.82 -21.49 2.64
N ILE A 107 16.88 -22.20 2.95
CA ILE A 107 16.96 -23.63 2.52
C ILE A 107 15.73 -24.37 3.04
N GLY A 108 15.09 -23.84 4.06
CA GLY A 108 13.89 -24.51 4.61
C GLY A 108 12.71 -24.36 3.64
N LEU A 109 12.56 -23.21 3.03
CA LEU A 109 11.42 -23.01 2.09
C LEU A 109 11.59 -23.88 0.84
N ILE A 110 12.77 -24.32 0.54
CA ILE A 110 12.93 -25.16 -0.67
C ILE A 110 12.17 -26.46 -0.42
N ASN A 111 12.18 -26.90 0.79
CA ASN A 111 11.40 -28.13 1.13
C ASN A 111 9.92 -27.79 1.05
N ARG A 112 9.59 -26.53 1.09
CA ARG A 112 8.16 -26.12 1.03
C ARG A 112 7.66 -26.21 -0.41
N ILE A 113 8.30 -25.54 -1.32
CA ILE A 113 7.84 -25.58 -2.72
C ILE A 113 7.85 -27.04 -3.17
N ALA A 114 8.61 -27.85 -2.49
CA ALA A 114 8.68 -29.29 -2.83
C ALA A 114 7.29 -29.90 -2.66
N GLN A 115 6.80 -29.92 -1.45
CA GLN A 115 5.46 -30.52 -1.19
C GLN A 115 4.36 -29.66 -1.82
N LYS A 116 4.64 -28.43 -2.16
CA LYS A 116 3.57 -27.59 -2.79
C LYS A 116 3.31 -28.13 -4.20
N LYS A 117 4.26 -27.91 -5.07
CA LYS A 117 4.12 -28.40 -6.45
C LYS A 117 4.77 -29.79 -6.53
N ARG A 118 4.57 -30.54 -5.48
CA ARG A 118 5.12 -31.92 -5.38
C ARG A 118 6.45 -32.08 -6.13
N LEU A 119 7.55 -32.08 -5.40
CA LEU A 119 8.90 -32.29 -6.02
C LEU A 119 9.80 -32.97 -4.99
N THR A 120 11.04 -33.21 -5.33
CA THR A 120 11.99 -33.85 -4.37
C THR A 120 12.97 -32.80 -3.86
N VAL A 121 13.55 -33.00 -2.71
CA VAL A 121 14.52 -31.99 -2.18
C VAL A 121 15.65 -32.68 -1.39
N ASN A 122 16.86 -32.69 -1.92
CA ASN A 122 17.98 -33.32 -1.18
C ASN A 122 19.23 -32.46 -1.35
N TYR A 123 20.22 -32.61 -0.50
CA TYR A 123 21.43 -31.76 -0.63
C TYR A 123 22.70 -32.59 -0.54
N GLU A 124 23.61 -32.38 -1.45
CA GLU A 124 24.90 -33.13 -1.43
C GLU A 124 26.02 -32.10 -1.61
N GLN A 125 27.26 -32.51 -1.58
CA GLN A 125 28.34 -31.48 -1.74
C GLN A 125 29.73 -32.12 -1.86
N CYS A 126 30.52 -31.61 -2.78
CA CYS A 126 31.91 -32.13 -2.99
C CYS A 126 32.88 -30.94 -3.04
N ALA A 127 33.54 -30.65 -1.94
CA ALA A 127 34.50 -29.51 -1.93
C ALA A 127 35.62 -29.75 -2.95
N SER A 128 35.99 -28.74 -3.70
CA SER A 128 37.08 -28.91 -4.70
C SER A 128 38.39 -28.36 -4.13
N GLY A 129 39.14 -29.19 -3.44
CA GLY A 129 40.44 -28.72 -2.85
C GLY A 129 41.61 -29.40 -3.56
N VAL A 130 41.53 -29.54 -4.85
CA VAL A 130 42.64 -30.19 -5.59
C VAL A 130 43.92 -29.37 -5.43
N HIS A 131 43.99 -28.24 -6.08
CA HIS A 131 45.20 -27.39 -5.99
C HIS A 131 45.13 -26.53 -4.73
N GLY A 132 44.07 -25.80 -4.57
CA GLY A 132 43.95 -24.93 -3.36
C GLY A 132 43.11 -23.69 -3.69
N PRO A 133 43.66 -22.82 -4.48
CA PRO A 133 42.95 -21.58 -4.88
C PRO A 133 41.73 -21.93 -5.73
N GLU A 134 41.46 -23.19 -5.91
CA GLU A 134 40.28 -23.61 -6.73
C GLU A 134 39.00 -23.08 -6.09
N GLY A 135 38.39 -23.83 -5.20
CA GLY A 135 37.14 -23.34 -4.57
C GLY A 135 36.35 -24.52 -3.98
N PHE A 136 35.08 -24.33 -3.72
CA PHE A 136 34.26 -25.42 -3.15
C PHE A 136 33.13 -25.74 -4.13
N HIS A 137 33.03 -26.97 -4.58
CA HIS A 137 31.95 -27.33 -5.53
C HIS A 137 30.82 -28.03 -4.79
N TYR A 138 29.62 -27.52 -4.91
CA TYR A 138 28.47 -28.15 -4.20
C TYR A 138 27.44 -28.60 -5.23
N LYS A 139 26.50 -29.39 -4.81
CA LYS A 139 25.47 -29.87 -5.76
C LYS A 139 24.13 -29.96 -5.03
N CYS A 140 23.04 -29.76 -5.72
CA CYS A 140 21.73 -29.84 -5.04
C CYS A 140 20.70 -30.38 -6.03
N LYS A 141 19.87 -31.28 -5.59
CA LYS A 141 18.88 -31.88 -6.51
C LYS A 141 17.46 -31.58 -6.07
N MET A 142 16.66 -31.07 -6.96
CA MET A 142 15.25 -30.77 -6.62
C MET A 142 14.44 -30.68 -7.92
N GLY A 143 13.15 -30.48 -7.81
CA GLY A 143 12.33 -30.35 -9.06
C GLY A 143 11.94 -31.73 -9.60
N GLN A 144 11.85 -32.71 -8.75
CA GLN A 144 11.47 -34.08 -9.19
C GLN A 144 12.47 -34.64 -10.21
N LYS A 145 12.71 -33.94 -11.29
CA LYS A 145 13.66 -34.47 -12.32
C LYS A 145 14.65 -33.37 -12.76
N GLU A 146 15.11 -32.56 -11.83
CA GLU A 146 16.10 -31.49 -12.18
C GLU A 146 17.27 -31.55 -11.20
N TYR A 147 18.43 -31.09 -11.61
CA TYR A 147 19.63 -31.15 -10.71
C TYR A 147 20.27 -29.75 -10.57
N SER A 148 19.79 -28.95 -9.67
CA SER A 148 20.39 -27.59 -9.48
C SER A 148 21.83 -27.74 -8.95
N ILE A 149 22.73 -28.21 -9.77
CA ILE A 149 24.14 -28.36 -9.30
C ILE A 149 24.83 -27.00 -9.36
N GLY A 150 25.53 -26.58 -8.32
CA GLY A 150 26.17 -25.24 -8.37
C GLY A 150 27.55 -25.24 -7.70
N THR A 151 28.07 -24.07 -7.43
CA THR A 151 29.41 -23.93 -6.79
C THR A 151 29.32 -22.93 -5.63
N GLY A 152 30.35 -22.78 -4.85
CA GLY A 152 30.29 -21.82 -3.72
C GLY A 152 31.69 -21.38 -3.29
N SER A 153 31.81 -20.16 -2.85
CA SER A 153 33.13 -19.63 -2.40
C SER A 153 33.46 -20.27 -1.06
N THR A 154 32.48 -20.48 -0.24
CA THR A 154 32.69 -21.11 1.09
C THR A 154 31.69 -22.23 1.26
N LYS A 155 32.01 -23.20 2.06
CA LYS A 155 31.08 -24.33 2.28
C LYS A 155 29.69 -23.83 2.61
N GLN A 156 29.60 -22.78 3.38
CA GLN A 156 28.27 -22.26 3.77
C GLN A 156 27.66 -21.46 2.62
N GLU A 157 28.43 -20.61 1.99
CA GLU A 157 27.87 -19.83 0.85
C GLU A 157 27.37 -20.82 -0.19
N ALA A 158 28.03 -21.94 -0.30
CA ALA A 158 27.62 -22.96 -1.30
C ALA A 158 26.23 -23.50 -0.97
N LYS A 159 26.14 -24.29 0.08
CA LYS A 159 24.83 -24.89 0.46
C LYS A 159 23.71 -23.85 0.48
N GLN A 160 23.88 -22.78 1.21
CA GLN A 160 22.82 -21.76 1.29
C GLN A 160 22.40 -21.31 -0.11
N LEU A 161 23.32 -20.78 -0.85
CA LEU A 161 22.97 -20.31 -2.20
C LEU A 161 22.48 -21.49 -3.04
N ALA A 162 22.87 -22.69 -2.70
CA ALA A 162 22.38 -23.85 -3.50
C ALA A 162 20.87 -23.75 -3.57
N ALA A 163 20.24 -23.40 -2.48
CA ALA A 163 18.76 -23.25 -2.50
C ALA A 163 18.41 -22.12 -3.47
N LYS A 164 18.77 -20.91 -3.13
CA LYS A 164 18.48 -19.76 -4.03
C LYS A 164 18.73 -20.16 -5.50
N LEU A 165 19.82 -20.86 -5.76
CA LEU A 165 20.11 -21.30 -7.16
C LEU A 165 18.93 -22.11 -7.70
N ALA A 166 18.62 -23.19 -7.05
CA ALA A 166 17.49 -24.06 -7.47
C ALA A 166 16.16 -23.37 -7.18
N TYR A 167 15.95 -23.03 -5.95
CA TYR A 167 14.68 -22.38 -5.54
C TYR A 167 14.25 -21.35 -6.57
N LEU A 168 15.04 -20.36 -6.85
CA LEU A 168 14.64 -19.34 -7.85
C LEU A 168 14.54 -19.98 -9.23
N GLN A 169 15.01 -21.19 -9.37
CA GLN A 169 14.94 -21.87 -10.69
C GLN A 169 13.55 -22.47 -10.89
N ILE A 170 13.16 -23.36 -10.03
CA ILE A 170 11.82 -23.98 -10.15
C ILE A 170 10.79 -22.86 -10.09
N LEU A 171 11.17 -21.75 -9.53
CA LEU A 171 10.25 -20.59 -9.44
C LEU A 171 10.01 -20.07 -10.85
N SER A 172 11.08 -19.90 -11.58
CA SER A 172 10.97 -19.40 -12.98
C SER A 172 10.58 -20.54 -13.91
N GLU A 173 11.00 -21.75 -13.62
CA GLU A 173 10.63 -22.88 -14.53
C GLU A 173 9.19 -23.30 -14.27
N GLU A 174 8.36 -23.22 -15.27
CA GLU A 174 6.94 -23.64 -15.07
C GLU A 174 6.84 -25.15 -15.20
N THR A 175 7.97 -25.82 -15.12
CA THR A 175 7.96 -27.30 -15.23
C THR A 175 7.73 -27.90 -13.83
N GLY A 176 7.16 -29.08 -13.76
CA GLY A 176 6.90 -29.71 -12.44
C GLY A 176 5.60 -29.14 -11.86
N SER A 177 4.68 -28.77 -12.71
CA SER A 177 3.38 -28.22 -12.23
C SER A 177 2.33 -29.33 -12.19
N GLY A 178 2.59 -30.44 -12.83
CA GLY A 178 1.60 -31.54 -12.83
C GLY A 178 1.94 -32.55 -13.93
N CYS A 179 2.59 -32.11 -14.98
CA CYS A 179 2.95 -33.03 -16.09
C CYS A 179 4.44 -33.37 -16.01
N GLY A 1 -31.73 21.90 23.77
CA GLY A 1 -31.60 23.03 22.82
C GLY A 1 -32.64 22.90 21.68
N SER A 2 -33.23 21.73 21.48
CA SER A 2 -34.22 21.59 20.36
C SER A 2 -33.59 22.14 19.07
N HIS A 3 -32.33 21.86 18.86
CA HIS A 3 -31.62 22.36 17.65
C HIS A 3 -31.95 23.83 17.42
N MET A 4 -31.13 24.71 17.91
CA MET A 4 -31.39 26.17 17.72
C MET A 4 -31.60 26.46 16.23
N GLU A 5 -31.77 27.71 15.88
CA GLU A 5 -31.99 28.06 14.45
C GLU A 5 -31.52 29.49 14.20
N MET A 6 -30.37 29.84 14.74
CA MET A 6 -29.84 31.22 14.55
C MET A 6 -28.32 31.18 14.65
N ALA A 7 -27.64 32.09 14.02
CA ALA A 7 -26.16 32.10 14.10
C ALA A 7 -25.74 32.63 15.48
N GLY A 8 -25.26 31.76 16.33
CA GLY A 8 -24.85 32.21 17.69
C GLY A 8 -23.45 32.83 17.63
N ASP A 9 -22.96 33.10 16.46
CA ASP A 9 -21.60 33.70 16.34
C ASP A 9 -21.70 35.21 16.48
N LEU A 10 -20.57 35.86 16.62
CA LEU A 10 -20.57 37.35 16.75
C LEU A 10 -19.20 37.89 16.39
N SER A 11 -18.34 37.05 15.87
CA SER A 11 -16.98 37.52 15.48
C SER A 11 -16.38 36.58 14.43
N ALA A 12 -16.50 36.93 13.17
CA ALA A 12 -15.93 36.08 12.08
C ALA A 12 -16.89 34.94 11.73
N GLY A 13 -16.87 33.89 12.49
CA GLY A 13 -17.77 32.74 12.21
C GLY A 13 -17.71 31.76 13.37
N PHE A 14 -17.69 30.49 13.09
CA PHE A 14 -17.63 29.47 14.17
C PHE A 14 -17.17 28.14 13.61
N PHE A 15 -18.03 27.45 12.91
CA PHE A 15 -17.63 26.16 12.31
C PHE A 15 -16.63 26.45 11.21
N MET A 16 -16.60 27.67 10.76
CA MET A 16 -15.65 28.09 9.72
C MET A 16 -14.29 28.28 10.38
N GLU A 17 -14.27 28.90 11.53
CA GLU A 17 -12.98 29.09 12.24
C GLU A 17 -12.39 27.72 12.54
N GLU A 18 -13.24 26.73 12.65
CA GLU A 18 -12.76 25.36 12.93
C GLU A 18 -12.27 24.74 11.62
N LEU A 19 -13.10 24.75 10.63
CA LEU A 19 -12.69 24.19 9.32
C LEU A 19 -11.40 24.91 8.90
N ASN A 20 -11.43 26.21 8.95
CA ASN A 20 -10.24 27.02 8.57
C ASN A 20 -9.04 26.62 9.43
N THR A 21 -9.22 25.84 10.47
CA THR A 21 -8.07 25.47 11.32
C THR A 21 -7.19 24.43 10.61
N TYR A 22 -7.76 23.34 10.16
CA TYR A 22 -6.93 22.31 9.46
C TYR A 22 -6.27 22.94 8.21
N ARG A 23 -7.07 23.57 7.41
CA ARG A 23 -6.57 24.20 6.15
C ARG A 23 -5.21 24.86 6.36
N GLN A 24 -5.00 25.46 7.50
CA GLN A 24 -3.69 26.12 7.75
C GLN A 24 -2.65 25.04 8.01
N LYS A 25 -3.07 23.90 8.47
CA LYS A 25 -2.11 22.80 8.74
C LYS A 25 -1.67 22.18 7.41
N GLN A 26 -2.44 22.39 6.38
CA GLN A 26 -2.09 21.80 5.05
C GLN A 26 -1.62 22.91 4.11
N GLY A 27 -1.99 24.12 4.38
CA GLY A 27 -1.59 25.23 3.50
C GLY A 27 -2.50 25.27 2.27
N VAL A 28 -3.77 25.11 2.46
CA VAL A 28 -4.72 25.13 1.33
C VAL A 28 -5.48 26.46 1.37
N VAL A 29 -6.55 26.60 0.63
CA VAL A 29 -7.28 27.90 0.66
C VAL A 29 -8.78 27.67 0.48
N LEU A 30 -9.58 28.21 1.36
CA LEU A 30 -11.05 28.04 1.25
C LEU A 30 -11.62 29.19 0.42
N LYS A 31 -12.16 28.89 -0.73
CA LYS A 31 -12.76 29.97 -1.57
C LYS A 31 -14.28 29.88 -1.45
N TYR A 32 -14.88 30.83 -0.79
CA TYR A 32 -16.35 30.79 -0.61
C TYR A 32 -17.05 31.58 -1.71
N GLN A 33 -17.92 30.94 -2.43
CA GLN A 33 -18.67 31.63 -3.52
C GLN A 33 -20.16 31.29 -3.37
N GLU A 34 -20.94 32.21 -2.88
CA GLU A 34 -22.39 31.94 -2.69
C GLU A 34 -23.16 32.01 -4.01
N LEU A 35 -24.09 31.10 -4.20
CA LEU A 35 -24.91 31.09 -5.46
C LEU A 35 -26.39 31.00 -5.04
N PRO A 36 -26.96 32.13 -4.67
CA PRO A 36 -28.37 32.20 -4.21
C PRO A 36 -29.33 31.95 -5.37
N ASN A 37 -30.61 31.91 -5.08
CA ASN A 37 -31.63 31.67 -6.14
C ASN A 37 -31.12 30.62 -7.12
N SER A 38 -31.33 29.37 -6.81
CA SER A 38 -30.86 28.27 -7.69
C SER A 38 -31.95 27.21 -7.88
N GLY A 39 -33.06 27.36 -7.20
CA GLY A 39 -34.16 26.36 -7.32
C GLY A 39 -35.37 26.99 -8.03
N PRO A 40 -35.49 26.78 -9.33
CA PRO A 40 -36.62 27.32 -10.10
C PRO A 40 -38.00 26.89 -9.54
N PRO A 41 -38.15 25.63 -9.18
CA PRO A 41 -39.43 25.14 -8.65
C PRO A 41 -39.78 25.82 -7.31
N HIS A 42 -39.94 27.12 -7.33
CA HIS A 42 -40.30 27.89 -6.10
C HIS A 42 -39.44 27.45 -4.91
N ASP A 43 -38.43 26.66 -5.12
CA ASP A 43 -37.57 26.22 -3.99
C ASP A 43 -36.40 27.21 -3.85
N ARG A 44 -36.65 28.38 -3.35
CA ARG A 44 -35.56 29.37 -3.20
C ARG A 44 -34.50 28.87 -2.22
N ARG A 45 -33.83 27.79 -2.53
CA ARG A 45 -32.80 27.28 -1.59
C ARG A 45 -31.53 28.12 -1.75
N PHE A 46 -30.50 27.74 -1.05
CA PHE A 46 -29.22 28.48 -1.14
C PHE A 46 -28.15 27.52 -1.64
N THR A 47 -27.65 27.75 -2.82
CA THR A 47 -26.60 26.82 -3.36
C THR A 47 -25.23 27.47 -3.21
N PHE A 48 -24.45 27.02 -2.24
CA PHE A 48 -23.11 27.63 -2.02
C PHE A 48 -22.03 26.72 -2.61
N GLN A 49 -20.87 27.28 -2.84
CA GLN A 49 -19.74 26.50 -3.41
C GLN A 49 -18.51 26.78 -2.54
N VAL A 50 -17.65 25.81 -2.33
CA VAL A 50 -16.48 26.06 -1.48
C VAL A 50 -15.32 25.15 -1.90
N ILE A 51 -14.20 25.72 -2.23
CA ILE A 51 -13.01 24.90 -2.61
C ILE A 51 -12.14 24.81 -1.36
N ILE A 52 -11.10 24.04 -1.39
CA ILE A 52 -10.23 23.93 -0.18
C ILE A 52 -8.82 24.39 -0.53
N ASP A 53 -8.36 24.00 -1.67
CA ASP A 53 -7.01 24.38 -2.15
C ASP A 53 -7.12 25.13 -3.47
N GLY A 54 -7.54 24.44 -4.49
CA GLY A 54 -7.68 25.07 -5.82
C GLY A 54 -7.81 23.98 -6.89
N ARG A 55 -8.41 22.86 -6.55
CA ARG A 55 -8.56 21.76 -7.55
C ARG A 55 -9.81 20.92 -7.25
N GLU A 56 -10.32 21.00 -6.06
CA GLU A 56 -11.53 20.22 -5.72
C GLU A 56 -12.77 21.05 -6.02
N PHE A 57 -13.95 20.56 -5.71
CA PHE A 57 -15.16 21.35 -6.00
C PHE A 57 -16.33 20.95 -5.08
N PRO A 58 -16.06 20.80 -3.80
CA PRO A 58 -17.12 20.45 -2.84
C PRO A 58 -18.22 21.52 -2.89
N GLU A 59 -19.41 21.20 -2.48
CA GLU A 59 -20.51 22.20 -2.52
C GLU A 59 -21.78 21.60 -1.92
N GLY A 60 -22.62 22.41 -1.34
CA GLY A 60 -23.87 21.87 -0.73
C GLY A 60 -24.95 22.95 -0.70
N GLU A 61 -26.01 22.73 0.04
CA GLU A 61 -27.10 23.75 0.12
C GLU A 61 -27.43 24.04 1.59
N GLY A 62 -28.26 25.01 1.86
CA GLY A 62 -28.61 25.32 3.28
C GLY A 62 -29.65 26.44 3.35
N ARG A 63 -30.62 26.43 2.47
CA ARG A 63 -31.68 27.49 2.49
C ARG A 63 -31.09 28.88 2.74
N SER A 64 -31.93 29.87 2.92
CA SER A 64 -31.43 31.27 3.11
C SER A 64 -31.06 31.56 4.57
N LYS A 65 -29.81 31.35 4.93
CA LYS A 65 -29.35 31.66 6.33
C LYS A 65 -28.00 30.97 6.60
N LYS A 66 -27.60 30.95 7.85
CA LYS A 66 -26.29 30.32 8.21
C LYS A 66 -26.22 28.91 7.63
N GLU A 67 -27.33 28.23 7.62
CA GLU A 67 -27.37 26.84 7.08
C GLU A 67 -26.57 26.79 5.78
N ALA A 68 -26.54 27.88 5.07
CA ALA A 68 -25.79 27.93 3.80
C ALA A 68 -24.29 28.02 4.07
N LYS A 69 -23.82 29.12 4.62
CA LYS A 69 -22.35 29.21 4.90
C LYS A 69 -21.94 28.03 5.77
N ASN A 70 -22.80 27.60 6.64
CA ASN A 70 -22.47 26.43 7.50
C ASN A 70 -22.44 25.16 6.66
N ALA A 71 -23.44 24.95 5.84
CA ALA A 71 -23.46 23.73 4.99
C ALA A 71 -22.21 23.73 4.11
N ALA A 72 -21.85 24.87 3.60
CA ALA A 72 -20.64 24.97 2.74
C ALA A 72 -19.41 24.57 3.53
N ALA A 73 -19.17 25.22 4.64
CA ALA A 73 -17.98 24.89 5.46
C ALA A 73 -18.17 23.54 6.14
N LYS A 74 -19.35 23.25 6.59
CA LYS A 74 -19.60 21.95 7.27
C LYS A 74 -19.24 20.78 6.37
N LEU A 75 -19.87 20.68 5.25
CA LEU A 75 -19.61 19.55 4.35
C LEU A 75 -18.16 19.56 3.89
N ALA A 76 -17.56 20.71 3.80
CA ALA A 76 -16.15 20.78 3.36
C ALA A 76 -15.28 19.99 4.34
N VAL A 77 -15.52 20.15 5.61
CA VAL A 77 -14.72 19.41 6.62
C VAL A 77 -14.97 17.90 6.44
N GLU A 78 -16.17 17.55 6.08
CA GLU A 78 -16.55 16.11 5.95
C GLU A 78 -15.76 15.37 4.84
N ILE A 79 -15.36 16.02 3.79
CA ILE A 79 -14.62 15.31 2.72
C ILE A 79 -13.17 15.04 3.14
N LEU A 80 -12.45 16.04 3.57
CA LEU A 80 -11.05 15.79 4.00
C LEU A 80 -11.09 14.88 5.21
N ASN A 81 -12.12 15.00 6.00
CA ASN A 81 -12.25 14.13 7.18
C ASN A 81 -12.12 12.69 6.70
N LYS A 82 -12.69 12.42 5.57
CA LYS A 82 -12.60 11.06 4.99
C LYS A 82 -11.17 10.88 4.48
N GLU A 83 -11.02 10.43 3.28
CA GLU A 83 -9.66 10.22 2.71
C GLU A 83 -8.81 9.45 3.73
N LYS A 84 -9.41 9.01 4.80
CA LYS A 84 -8.67 8.24 5.83
C LYS A 84 -8.52 6.80 5.37
N LYS A 85 -9.18 6.43 4.31
CA LYS A 85 -9.10 5.03 3.81
C LYS A 85 -7.81 4.86 2.99
N ALA A 86 -7.30 3.66 2.95
CA ALA A 86 -6.06 3.41 2.16
C ALA A 86 -6.43 3.29 0.68
N VAL A 87 -5.53 3.62 -0.20
CA VAL A 87 -5.85 3.54 -1.65
C VAL A 87 -4.64 2.97 -2.41
N SER A 88 -3.57 2.70 -1.72
CA SER A 88 -2.36 2.14 -2.41
C SER A 88 -2.51 0.61 -2.48
N PRO A 89 -1.80 -0.01 -3.40
CA PRO A 89 -1.85 -1.48 -3.55
C PRO A 89 -1.37 -2.14 -2.26
N LEU A 90 -0.09 -2.27 -2.10
CA LEU A 90 0.45 -2.90 -0.86
C LEU A 90 0.61 -1.84 0.23
N LEU A 91 0.55 -2.23 1.48
CA LEU A 91 0.70 -1.24 2.58
C LEU A 91 2.17 -1.14 2.98
N LEU A 92 2.75 -2.24 3.37
CA LEU A 92 4.18 -2.22 3.78
C LEU A 92 5.06 -2.37 2.53
N THR A 93 5.65 -1.29 2.07
CA THR A 93 6.53 -1.37 0.87
C THR A 93 7.99 -1.17 1.29
N THR A 94 8.81 -2.18 1.13
CA THR A 94 10.23 -2.05 1.53
C THR A 94 11.06 -1.62 0.32
N THR A 95 11.30 -0.35 0.17
CA THR A 95 12.10 0.14 -0.99
C THR A 95 13.54 0.39 -0.52
N ASN A 96 13.78 0.30 0.75
CA ASN A 96 15.16 0.51 1.27
C ASN A 96 15.95 -0.80 1.17
N SER A 97 15.31 -1.83 0.71
CA SER A 97 16.01 -3.15 0.59
C SER A 97 16.54 -3.57 1.95
N SER A 98 15.84 -4.45 2.62
CA SER A 98 16.31 -4.91 3.96
C SER A 98 15.50 -6.14 4.36
N GLU A 99 14.61 -6.57 3.53
CA GLU A 99 13.78 -7.77 3.86
C GLU A 99 14.60 -9.04 3.59
N GLY A 100 14.42 -10.05 4.40
CA GLY A 100 15.17 -11.32 4.20
C GLY A 100 14.52 -12.43 5.02
N LEU A 101 13.31 -12.21 5.47
CA LEU A 101 12.61 -13.24 6.30
C LEU A 101 13.56 -13.74 7.40
N SER A 102 13.12 -14.72 8.15
CA SER A 102 13.98 -15.25 9.26
C SER A 102 14.93 -16.32 8.70
N MET A 103 15.49 -16.10 7.55
CA MET A 103 16.42 -17.11 6.96
C MET A 103 15.76 -18.48 6.95
N GLY A 104 16.45 -19.47 6.47
CA GLY A 104 15.86 -20.85 6.43
C GLY A 104 14.54 -20.81 5.66
N ASN A 105 14.56 -20.32 4.45
CA ASN A 105 13.31 -20.23 3.65
C ASN A 105 13.58 -20.74 2.24
N TYR A 106 14.75 -20.48 1.73
CA TYR A 106 15.07 -20.95 0.35
C TYR A 106 15.05 -22.48 0.34
N ILE A 107 15.98 -23.10 1.01
CA ILE A 107 15.97 -24.58 1.05
C ILE A 107 14.62 -25.02 1.62
N GLY A 108 13.92 -24.12 2.25
CA GLY A 108 12.60 -24.46 2.82
C GLY A 108 11.55 -24.43 1.71
N LEU A 109 11.46 -23.35 0.99
CA LEU A 109 10.46 -23.27 -0.11
C LEU A 109 10.87 -24.20 -1.24
N ILE A 110 12.10 -24.64 -1.28
CA ILE A 110 12.49 -25.56 -2.36
C ILE A 110 11.70 -26.85 -2.18
N ASN A 111 11.48 -27.20 -0.95
CA ASN A 111 10.67 -28.41 -0.65
C ASN A 111 9.21 -28.11 -1.02
N ARG A 112 8.86 -26.86 -1.15
CA ARG A 112 7.46 -26.51 -1.50
C ARG A 112 7.25 -26.73 -2.99
N ILE A 113 8.07 -26.14 -3.80
CA ILE A 113 7.92 -26.31 -5.26
C ILE A 113 8.06 -27.80 -5.57
N ALA A 114 8.74 -28.50 -4.72
CA ALA A 114 8.93 -29.96 -4.93
C ALA A 114 7.57 -30.63 -4.99
N GLN A 115 6.89 -30.69 -3.88
CA GLN A 115 5.56 -31.35 -3.85
C GLN A 115 4.56 -30.54 -4.69
N LYS A 116 4.90 -29.34 -5.08
CA LYS A 116 3.95 -28.55 -5.91
C LYS A 116 3.82 -29.23 -7.26
N LYS A 117 4.86 -29.16 -8.05
CA LYS A 117 4.85 -29.81 -9.37
C LYS A 117 5.43 -31.21 -9.18
N ARG A 118 5.02 -31.84 -8.13
CA ARG A 118 5.51 -33.21 -7.76
C ARG A 118 6.95 -33.46 -8.23
N LEU A 119 7.88 -33.39 -7.32
CA LEU A 119 9.32 -33.66 -7.64
C LEU A 119 10.00 -34.22 -6.39
N THR A 120 11.28 -34.42 -6.46
CA THR A 120 12.04 -34.93 -5.29
C THR A 120 12.97 -33.82 -4.79
N VAL A 121 13.20 -33.76 -3.51
CA VAL A 121 14.07 -32.68 -2.96
C VAL A 121 15.04 -33.30 -1.93
N ASN A 122 16.30 -33.38 -2.25
CA ASN A 122 17.28 -33.99 -1.29
C ASN A 122 18.62 -33.26 -1.36
N TYR A 123 19.22 -33.00 -0.22
CA TYR A 123 20.52 -32.26 -0.21
C TYR A 123 21.66 -33.11 0.38
N GLU A 124 22.82 -33.01 -0.21
CA GLU A 124 24.01 -33.76 0.28
C GLU A 124 25.17 -32.76 0.33
N GLN A 125 26.37 -33.18 0.63
CA GLN A 125 27.47 -32.16 0.67
C GLN A 125 28.86 -32.81 0.80
N CYS A 126 29.80 -32.33 0.02
CA CYS A 126 31.20 -32.87 0.08
C CYS A 126 32.19 -31.70 0.02
N ALA A 127 32.57 -31.16 1.15
CA ALA A 127 33.54 -30.03 1.15
C ALA A 127 34.81 -30.41 0.39
N SER A 128 35.20 -29.62 -0.57
CA SER A 128 36.44 -29.94 -1.34
C SER A 128 37.63 -29.21 -0.70
N GLY A 129 37.95 -29.55 0.52
CA GLY A 129 39.10 -28.88 1.20
C GLY A 129 40.35 -29.74 1.03
N VAL A 130 40.61 -30.19 -0.16
CA VAL A 130 41.81 -31.04 -0.40
C VAL A 130 43.08 -30.26 -0.04
N HIS A 131 43.52 -29.38 -0.89
CA HIS A 131 44.74 -28.60 -0.58
C HIS A 131 44.39 -27.44 0.33
N GLY A 132 44.05 -26.31 -0.24
CA GLY A 132 43.70 -25.14 0.61
C GLY A 132 42.91 -24.12 -0.20
N PRO A 133 43.56 -23.53 -1.17
CA PRO A 133 42.93 -22.50 -2.03
C PRO A 133 41.78 -23.12 -2.82
N GLU A 134 41.55 -24.40 -2.67
CA GLU A 134 40.44 -25.06 -3.43
C GLU A 134 39.10 -24.42 -3.00
N GLY A 135 38.13 -25.20 -2.62
CA GLY A 135 36.83 -24.60 -2.20
C GLY A 135 35.92 -25.65 -1.55
N PHE A 136 34.67 -25.33 -1.37
CA PHE A 136 33.74 -26.31 -0.75
C PHE A 136 32.77 -26.80 -1.83
N HIS A 137 32.77 -28.08 -2.10
CA HIS A 137 31.88 -28.60 -3.15
C HIS A 137 30.64 -29.23 -2.50
N TYR A 138 29.48 -28.73 -2.84
CA TYR A 138 28.24 -29.27 -2.25
C TYR A 138 27.40 -29.88 -3.36
N LYS A 139 26.38 -30.60 -3.03
CA LYS A 139 25.56 -31.22 -4.08
C LYS A 139 24.10 -31.25 -3.63
N CYS A 140 23.20 -31.00 -4.53
CA CYS A 140 21.75 -31.02 -4.16
C CYS A 140 20.94 -31.42 -5.39
N LYS A 141 19.94 -32.23 -5.19
CA LYS A 141 19.11 -32.70 -6.32
C LYS A 141 17.74 -32.03 -6.26
N MET A 142 17.19 -31.68 -7.39
CA MET A 142 15.84 -31.03 -7.35
C MET A 142 15.16 -31.21 -8.70
N GLY A 143 13.87 -31.33 -8.72
CA GLY A 143 13.16 -31.49 -10.01
C GLY A 143 13.35 -32.92 -10.50
N GLN A 144 12.29 -33.57 -10.86
CA GLN A 144 12.44 -34.97 -11.35
C GLN A 144 13.19 -34.93 -12.69
N LYS A 145 14.40 -34.47 -12.67
CA LYS A 145 15.19 -34.37 -13.93
C LYS A 145 16.65 -34.75 -13.67
N GLU A 146 17.38 -33.92 -12.96
CA GLU A 146 18.81 -34.25 -12.72
C GLU A 146 19.25 -33.87 -11.30
N TYR A 147 20.54 -33.93 -11.07
CA TYR A 147 21.11 -33.61 -9.74
C TYR A 147 21.64 -32.17 -9.72
N SER A 148 20.88 -31.25 -9.18
CA SER A 148 21.35 -29.82 -9.12
C SER A 148 22.61 -29.73 -8.26
N ILE A 149 23.72 -30.24 -8.75
CA ILE A 149 24.98 -30.18 -7.96
C ILE A 149 25.56 -28.75 -8.02
N GLY A 150 26.04 -28.23 -6.92
CA GLY A 150 26.58 -26.83 -6.95
C GLY A 150 27.84 -26.71 -6.06
N THR A 151 28.49 -25.58 -6.12
CA THR A 151 29.73 -25.36 -5.30
C THR A 151 29.59 -24.04 -4.54
N GLY A 152 30.24 -23.90 -3.42
CA GLY A 152 30.13 -22.63 -2.63
C GLY A 152 31.48 -22.28 -1.98
N SER A 153 31.68 -21.03 -1.66
CA SER A 153 32.95 -20.60 -1.01
C SER A 153 32.95 -21.02 0.46
N THR A 154 31.82 -21.00 1.09
CA THR A 154 31.74 -21.40 2.52
C THR A 154 30.66 -22.47 2.68
N LYS A 155 30.83 -23.33 3.64
CA LYS A 155 29.83 -24.41 3.84
C LYS A 155 28.43 -23.80 3.91
N GLN A 156 28.30 -22.66 4.51
CA GLN A 156 26.96 -22.02 4.62
C GLN A 156 26.60 -21.37 3.28
N GLU A 157 27.50 -20.66 2.67
CA GLU A 157 27.18 -20.02 1.37
C GLU A 157 26.70 -21.10 0.41
N ALA A 158 27.20 -22.29 0.57
CA ALA A 158 26.80 -23.40 -0.34
C ALA A 158 25.30 -23.73 -0.20
N LYS A 159 24.91 -24.30 0.90
CA LYS A 159 23.49 -24.70 1.11
C LYS A 159 22.51 -23.62 0.64
N GLN A 160 22.61 -22.43 1.14
CA GLN A 160 21.63 -21.38 0.72
C GLN A 160 21.60 -21.28 -0.79
N LEU A 161 22.72 -21.07 -1.39
CA LEU A 161 22.77 -20.96 -2.86
C LEU A 161 22.41 -22.31 -3.50
N ALA A 162 22.67 -23.41 -2.84
CA ALA A 162 22.29 -24.72 -3.45
C ALA A 162 20.81 -24.62 -3.84
N ALA A 163 20.02 -24.02 -2.99
CA ALA A 163 18.58 -23.86 -3.33
C ALA A 163 18.51 -22.94 -4.54
N LYS A 164 18.94 -21.72 -4.38
CA LYS A 164 18.95 -20.74 -5.52
C LYS A 164 19.34 -21.46 -6.81
N LEU A 165 20.32 -22.34 -6.73
CA LEU A 165 20.79 -23.09 -7.93
C LEU A 165 19.62 -23.85 -8.53
N ALA A 166 19.08 -24.79 -7.80
CA ALA A 166 17.92 -25.59 -8.30
C ALA A 166 16.68 -24.73 -8.41
N TYR A 167 16.37 -24.06 -7.35
CA TYR A 167 15.16 -23.20 -7.34
C TYR A 167 15.10 -22.35 -8.62
N LEU A 168 16.09 -21.54 -8.86
CA LEU A 168 16.07 -20.70 -10.08
C LEU A 168 16.20 -21.58 -11.33
N GLN A 169 16.49 -22.84 -11.16
CA GLN A 169 16.63 -23.75 -12.34
C GLN A 169 15.26 -24.25 -12.74
N ILE A 170 14.45 -24.57 -11.79
CA ILE A 170 13.08 -25.05 -12.13
C ILE A 170 12.44 -23.98 -13.00
N LEU A 171 12.79 -22.76 -12.73
CA LEU A 171 12.22 -21.63 -13.51
C LEU A 171 12.70 -21.74 -14.94
N SER A 172 13.97 -21.95 -15.09
CA SER A 172 14.55 -22.06 -16.45
C SER A 172 14.16 -23.41 -17.06
N GLU A 173 13.91 -24.39 -16.25
CA GLU A 173 13.52 -25.71 -16.82
C GLU A 173 12.08 -25.63 -17.32
N GLU A 174 11.88 -25.61 -18.61
CA GLU A 174 10.51 -25.51 -19.16
C GLU A 174 9.84 -26.88 -19.11
N THR A 175 10.56 -27.90 -18.70
CA THR A 175 9.96 -29.26 -18.62
C THR A 175 9.40 -29.46 -17.21
N GLY A 176 8.13 -29.75 -17.08
CA GLY A 176 7.55 -29.95 -15.73
C GLY A 176 6.34 -30.89 -15.80
N SER A 177 5.63 -30.89 -16.90
CA SER A 177 4.45 -31.79 -17.02
C SER A 177 4.86 -33.10 -17.70
N GLY A 178 6.12 -33.40 -17.69
CA GLY A 178 6.59 -34.66 -18.33
C GLY A 178 6.61 -34.48 -19.85
N CYS A 179 6.46 -33.28 -20.32
CA CYS A 179 6.48 -33.03 -21.80
C CYS A 179 7.76 -32.31 -22.18
N GLY A 1 -31.77 25.51 12.30
CA GLY A 1 -32.02 24.08 11.96
C GLY A 1 -32.06 23.15 13.20
N SER A 2 -31.67 23.60 14.36
CA SER A 2 -31.72 22.72 15.56
C SER A 2 -31.88 23.58 16.83
N HIS A 3 -30.79 23.92 17.46
CA HIS A 3 -30.89 24.76 18.68
C HIS A 3 -31.13 26.22 18.27
N MET A 4 -30.22 27.09 18.58
CA MET A 4 -30.37 28.54 18.22
C MET A 4 -30.61 28.67 16.71
N GLU A 5 -30.32 29.82 16.17
CA GLU A 5 -30.51 30.02 14.70
C GLU A 5 -29.54 31.09 14.21
N MET A 6 -28.31 30.99 14.62
CA MET A 6 -27.29 31.99 14.19
C MET A 6 -25.92 31.31 14.16
N ALA A 7 -24.95 31.94 13.56
CA ALA A 7 -23.59 31.35 13.50
C ALA A 7 -22.88 31.57 14.84
N GLY A 8 -22.44 30.53 15.47
CA GLY A 8 -21.74 30.68 16.79
C GLY A 8 -20.36 31.30 16.57
N ASP A 9 -20.25 32.28 15.72
CA ASP A 9 -18.93 32.92 15.46
C ASP A 9 -18.70 34.05 16.46
N LEU A 10 -17.62 34.77 16.29
CA LEU A 10 -17.31 35.89 17.22
C LEU A 10 -16.40 36.89 16.52
N SER A 11 -15.85 36.52 15.40
CA SER A 11 -14.96 37.46 14.66
C SER A 11 -14.81 37.03 13.21
N ALA A 12 -15.85 36.47 12.64
CA ALA A 12 -15.80 36.02 11.22
C ALA A 12 -15.09 34.67 11.12
N GLY A 13 -15.70 33.70 10.50
CA GLY A 13 -15.07 32.36 10.38
C GLY A 13 -15.13 31.63 11.72
N PHE A 14 -15.68 30.44 11.74
CA PHE A 14 -15.77 29.67 13.00
C PHE A 14 -15.48 28.19 12.73
N PHE A 15 -16.48 27.46 12.35
CA PHE A 15 -16.26 26.02 12.04
C PHE A 15 -15.42 25.99 10.76
N MET A 16 -15.41 27.08 10.05
CA MET A 16 -14.62 27.19 8.81
C MET A 16 -13.17 27.46 9.19
N GLU A 17 -12.95 28.38 10.10
CA GLU A 17 -11.57 28.69 10.51
C GLU A 17 -10.95 27.43 11.12
N GLU A 18 -11.77 26.56 11.66
CA GLU A 18 -11.23 25.31 12.26
C GLU A 18 -11.06 24.26 11.15
N LEU A 19 -12.08 24.08 10.37
CA LEU A 19 -12.01 23.13 9.25
C LEU A 19 -10.86 23.59 8.34
N ASN A 20 -10.80 24.86 8.08
CA ASN A 20 -9.71 25.44 7.23
C ASN A 20 -8.33 25.23 7.87
N THR A 21 -8.27 25.01 9.15
CA THR A 21 -6.94 24.85 9.80
C THR A 21 -6.30 23.52 9.36
N TYR A 22 -7.03 22.46 9.38
CA TYR A 22 -6.45 21.15 8.95
C TYR A 22 -5.88 21.27 7.52
N ARG A 23 -6.66 21.83 6.64
CA ARG A 23 -6.24 21.99 5.21
C ARG A 23 -4.75 22.38 5.11
N GLN A 24 -4.28 23.21 5.97
CA GLN A 24 -2.85 23.63 5.89
C GLN A 24 -1.99 22.49 6.43
N LYS A 25 -2.54 21.63 7.24
CA LYS A 25 -1.74 20.50 7.76
C LYS A 25 -1.59 19.45 6.66
N GLN A 26 -2.52 19.42 5.74
CA GLN A 26 -2.45 18.44 4.62
C GLN A 26 -1.98 19.13 3.35
N GLY A 27 -2.05 20.42 3.31
CA GLY A 27 -1.61 21.17 2.11
C GLY A 27 -2.59 20.93 0.96
N VAL A 28 -3.86 21.03 1.23
CA VAL A 28 -4.87 20.84 0.17
C VAL A 28 -5.38 22.22 -0.27
N VAL A 29 -6.54 22.32 -0.84
CA VAL A 29 -7.05 23.67 -1.27
C VAL A 29 -8.56 23.73 -1.11
N LEU A 30 -9.03 24.59 -0.25
CA LEU A 30 -10.49 24.70 -0.02
C LEU A 30 -11.12 25.75 -0.93
N LYS A 31 -12.05 25.35 -1.76
CA LYS A 31 -12.76 26.32 -2.66
C LYS A 31 -14.19 26.46 -2.15
N TYR A 32 -14.66 27.66 -1.95
CA TYR A 32 -16.05 27.84 -1.44
C TYR A 32 -16.97 28.36 -2.55
N GLN A 33 -18.01 27.61 -2.83
CA GLN A 33 -18.99 28.03 -3.88
C GLN A 33 -20.34 28.25 -3.22
N GLU A 34 -21.24 28.91 -3.89
CA GLU A 34 -22.56 29.19 -3.28
C GLU A 34 -23.62 29.38 -4.38
N LEU A 35 -24.58 28.50 -4.43
CA LEU A 35 -25.65 28.59 -5.47
C LEU A 35 -26.99 29.02 -4.80
N PRO A 36 -27.31 30.31 -4.83
CA PRO A 36 -28.56 30.79 -4.20
C PRO A 36 -29.79 30.28 -4.98
N ASN A 37 -30.86 29.99 -4.26
CA ASN A 37 -32.12 29.51 -4.91
C ASN A 37 -31.82 28.56 -6.07
N SER A 38 -31.96 27.28 -5.84
CA SER A 38 -31.71 26.27 -6.92
C SER A 38 -32.86 25.26 -6.97
N GLY A 39 -33.78 25.33 -6.03
CA GLY A 39 -34.92 24.36 -6.00
C GLY A 39 -36.09 24.89 -6.85
N PRO A 40 -36.45 24.20 -7.93
CA PRO A 40 -37.58 24.64 -8.78
C PRO A 40 -38.92 24.75 -8.00
N PRO A 41 -39.25 23.78 -7.17
CA PRO A 41 -40.53 23.82 -6.42
C PRO A 41 -40.56 25.03 -5.47
N HIS A 42 -40.40 26.21 -6.01
CA HIS A 42 -40.42 27.47 -5.20
C HIS A 42 -39.59 27.30 -3.93
N ASP A 43 -38.79 26.26 -3.85
CA ASP A 43 -37.95 26.08 -2.65
C ASP A 43 -36.65 26.83 -2.86
N ARG A 44 -36.65 28.11 -2.67
CA ARG A 44 -35.39 28.89 -2.87
C ARG A 44 -34.38 28.48 -1.80
N ARG A 45 -34.02 27.23 -1.75
CA ARG A 45 -33.04 26.80 -0.72
C ARG A 45 -31.62 27.19 -1.16
N PHE A 46 -30.65 26.92 -0.32
CA PHE A 46 -29.25 27.28 -0.67
C PHE A 46 -28.45 25.99 -0.89
N THR A 47 -27.85 25.86 -2.04
CA THR A 47 -27.04 24.64 -2.34
C THR A 47 -25.57 25.04 -2.36
N PHE A 48 -24.83 24.76 -1.32
CA PHE A 48 -23.40 25.16 -1.29
C PHE A 48 -22.53 24.04 -1.88
N GLN A 49 -21.32 24.36 -2.21
CA GLN A 49 -20.39 23.36 -2.76
C GLN A 49 -18.99 23.68 -2.21
N VAL A 50 -18.21 22.68 -1.89
CA VAL A 50 -16.88 22.96 -1.33
C VAL A 50 -15.90 21.83 -1.67
N ILE A 51 -14.78 22.16 -2.25
CA ILE A 51 -13.76 21.12 -2.57
C ILE A 51 -12.71 21.20 -1.46
N ILE A 52 -11.78 20.30 -1.41
CA ILE A 52 -10.75 20.36 -0.33
C ILE A 52 -9.36 20.41 -0.98
N ASP A 53 -9.14 19.62 -1.99
CA ASP A 53 -7.84 19.59 -2.69
C ASP A 53 -8.02 19.93 -4.16
N GLY A 54 -8.80 19.14 -4.83
CA GLY A 54 -9.04 19.37 -6.30
C GLY A 54 -9.55 18.08 -6.94
N ARG A 55 -10.25 17.27 -6.20
CA ARG A 55 -10.76 15.98 -6.77
C ARG A 55 -12.04 15.56 -6.08
N GLU A 56 -12.29 16.06 -4.91
CA GLU A 56 -13.52 15.68 -4.17
C GLU A 56 -14.65 16.64 -4.58
N PHE A 57 -15.83 16.49 -4.02
CA PHE A 57 -16.95 17.39 -4.41
C PHE A 57 -18.05 17.40 -3.34
N PRO A 58 -17.68 17.48 -2.08
CA PRO A 58 -18.68 17.51 -0.99
C PRO A 58 -19.68 18.67 -1.22
N GLU A 59 -20.67 18.79 -0.37
CA GLU A 59 -21.68 19.88 -0.55
C GLU A 59 -22.69 19.85 0.60
N GLY A 60 -23.35 20.96 0.82
CA GLY A 60 -24.36 21.02 1.93
C GLY A 60 -25.31 22.19 1.66
N GLU A 61 -26.47 22.20 2.29
CA GLU A 61 -27.44 23.32 2.07
C GLU A 61 -27.87 23.90 3.42
N GLY A 62 -28.53 25.02 3.41
CA GLY A 62 -28.98 25.64 4.68
C GLY A 62 -29.86 26.85 4.40
N ARG A 63 -30.69 26.76 3.40
CA ARG A 63 -31.59 27.91 3.09
C ARG A 63 -30.74 29.18 2.92
N SER A 64 -31.35 30.27 2.61
CA SER A 64 -30.56 31.51 2.41
C SER A 64 -30.13 32.11 3.76
N LYS A 65 -28.98 31.69 4.24
CA LYS A 65 -28.48 32.24 5.52
C LYS A 65 -27.14 31.59 5.93
N LYS A 66 -26.70 31.89 7.12
CA LYS A 66 -25.40 31.37 7.64
C LYS A 66 -25.34 29.84 7.61
N GLU A 67 -26.30 29.15 8.15
CA GLU A 67 -26.20 27.66 8.15
C GLU A 67 -25.90 27.15 6.75
N ALA A 68 -25.92 28.00 5.76
CA ALA A 68 -25.60 27.53 4.38
C ALA A 68 -24.08 27.36 4.28
N LYS A 69 -23.34 28.43 4.38
CA LYS A 69 -21.85 28.32 4.30
C LYS A 69 -21.35 27.40 5.41
N ASN A 70 -21.97 27.48 6.57
CA ASN A 70 -21.55 26.61 7.69
C ASN A 70 -21.81 25.15 7.30
N ALA A 71 -22.88 24.89 6.59
CA ALA A 71 -23.15 23.49 6.18
C ALA A 71 -22.03 23.05 5.23
N ALA A 72 -21.58 23.95 4.40
CA ALA A 72 -20.48 23.62 3.46
C ALA A 72 -19.23 23.29 4.26
N ALA A 73 -18.85 24.16 5.14
CA ALA A 73 -17.63 23.92 5.97
C ALA A 73 -17.89 22.76 6.94
N LYS A 74 -19.03 22.78 7.60
CA LYS A 74 -19.37 21.68 8.56
C LYS A 74 -19.13 20.33 7.93
N LEU A 75 -19.88 20.10 6.91
CA LEU A 75 -19.86 18.84 6.18
C LEU A 75 -18.47 18.48 5.67
N ALA A 76 -17.69 19.43 5.30
CA ALA A 76 -16.32 19.10 4.79
C ALA A 76 -15.55 18.32 5.85
N VAL A 77 -15.67 18.69 7.09
CA VAL A 77 -14.95 17.94 8.18
C VAL A 77 -15.44 16.50 8.22
N GLU A 78 -16.71 16.30 8.07
CA GLU A 78 -17.27 14.92 8.13
C GLU A 78 -16.61 14.02 7.08
N ILE A 79 -16.03 14.60 6.07
CA ILE A 79 -15.37 13.76 5.01
C ILE A 79 -14.03 13.22 5.54
N LEU A 80 -13.21 14.09 6.07
CA LEU A 80 -11.89 13.61 6.60
C LEU A 80 -12.20 12.55 7.64
N ASN A 81 -13.26 12.76 8.36
CA ASN A 81 -13.67 11.78 9.40
C ASN A 81 -13.70 10.38 8.78
N LYS A 82 -14.24 10.27 7.61
CA LYS A 82 -14.25 8.95 6.93
C LYS A 82 -12.85 8.70 6.39
N GLU A 83 -12.74 8.29 5.16
CA GLU A 83 -11.40 8.02 4.58
C GLU A 83 -10.59 7.17 5.56
N LYS A 84 -11.24 6.65 6.55
CA LYS A 84 -10.55 5.80 7.56
C LYS A 84 -10.34 4.40 6.97
N LYS A 85 -10.94 4.13 5.84
CA LYS A 85 -10.79 2.80 5.22
C LYS A 85 -9.55 2.79 4.32
N ALA A 86 -8.80 1.73 4.35
CA ALA A 86 -7.59 1.64 3.49
C ALA A 86 -8.03 1.29 2.07
N VAL A 87 -8.20 2.27 1.23
CA VAL A 87 -8.65 2.01 -0.16
C VAL A 87 -7.86 2.90 -1.13
N SER A 88 -6.81 3.52 -0.68
CA SER A 88 -6.00 4.40 -1.58
C SER A 88 -5.02 3.51 -2.36
N PRO A 89 -4.61 3.93 -3.54
CA PRO A 89 -3.67 3.13 -4.35
C PRO A 89 -2.31 3.06 -3.64
N LEU A 90 -1.45 4.00 -3.91
CA LEU A 90 -0.10 3.99 -3.26
C LEU A 90 -0.17 4.70 -1.91
N LEU A 91 0.71 4.37 -1.01
CA LEU A 91 0.72 5.02 0.34
C LEU A 91 1.64 6.27 0.26
N LEU A 92 2.46 6.50 1.23
CA LEU A 92 3.36 7.69 1.18
C LEU A 92 4.68 7.31 0.48
N THR A 93 5.68 8.16 0.56
CA THR A 93 6.99 7.86 -0.07
C THR A 93 8.08 7.81 1.01
N THR A 94 7.98 8.67 1.99
CA THR A 94 9.01 8.68 3.09
C THR A 94 8.48 7.89 4.29
N THR A 95 8.86 6.64 4.39
CA THR A 95 8.38 5.80 5.54
C THR A 95 9.51 5.67 6.57
N ASN A 96 10.64 5.16 6.16
CA ASN A 96 11.77 4.99 7.12
C ASN A 96 13.04 4.54 6.37
N SER A 97 13.84 5.48 5.94
CA SER A 97 15.09 5.12 5.20
C SER A 97 14.73 4.58 3.81
N SER A 98 13.57 4.01 3.66
CA SER A 98 13.16 3.47 2.33
C SER A 98 14.11 2.33 1.92
N GLU A 99 14.47 1.49 2.84
CA GLU A 99 15.38 0.37 2.51
C GLU A 99 14.58 -0.76 1.87
N GLY A 100 15.15 -1.42 0.88
CA GLY A 100 14.42 -2.54 0.22
C GLY A 100 15.41 -3.62 -0.21
N LEU A 101 16.69 -3.34 -0.17
CA LEU A 101 17.69 -4.36 -0.57
C LEU A 101 17.28 -4.98 -1.91
N SER A 102 17.48 -6.27 -2.06
CA SER A 102 17.11 -6.93 -3.36
C SER A 102 16.70 -8.39 -3.08
N MET A 103 17.09 -9.30 -3.93
CA MET A 103 16.73 -10.74 -3.71
C MET A 103 17.23 -11.20 -2.35
N GLY A 104 16.54 -12.11 -1.73
CA GLY A 104 16.99 -12.61 -0.38
C GLY A 104 16.50 -14.04 -0.18
N ASN A 105 15.36 -14.37 -0.74
CA ASN A 105 14.83 -15.75 -0.58
C ASN A 105 15.59 -16.72 -1.48
N TYR A 106 15.53 -17.99 -1.19
CA TYR A 106 16.25 -18.98 -2.03
C TYR A 106 15.91 -20.41 -1.59
N ILE A 107 16.62 -20.94 -0.64
CA ILE A 107 16.31 -22.32 -0.16
C ILE A 107 14.80 -22.45 0.08
N GLY A 108 14.17 -21.39 0.50
CA GLY A 108 12.70 -21.44 0.76
C GLY A 108 11.92 -21.34 -0.56
N LEU A 109 12.29 -20.45 -1.46
CA LEU A 109 11.51 -20.34 -2.72
C LEU A 109 11.72 -21.58 -3.58
N ILE A 110 12.74 -22.35 -3.31
CA ILE A 110 12.95 -23.56 -4.13
C ILE A 110 11.79 -24.50 -3.86
N ASN A 111 11.31 -24.50 -2.66
CA ASN A 111 10.13 -25.34 -2.33
C ASN A 111 8.92 -24.76 -3.04
N ARG A 112 9.00 -23.52 -3.43
CA ARG A 112 7.87 -22.87 -4.13
C ARG A 112 7.80 -23.35 -5.57
N ILE A 113 8.86 -23.18 -6.32
CA ILE A 113 8.83 -23.64 -7.73
C ILE A 113 8.55 -25.13 -7.73
N ALA A 114 8.86 -25.78 -6.66
CA ALA A 114 8.60 -27.23 -6.57
C ALA A 114 7.11 -27.48 -6.83
N GLN A 115 6.29 -27.09 -5.90
CA GLN A 115 4.83 -27.30 -6.07
C GLN A 115 4.28 -26.43 -7.20
N LYS A 116 5.01 -25.43 -7.65
CA LYS A 116 4.49 -24.59 -8.74
C LYS A 116 4.49 -25.42 -10.03
N LYS A 117 5.66 -25.74 -10.52
CA LYS A 117 5.77 -26.56 -11.74
C LYS A 117 5.92 -28.02 -11.29
N ARG A 118 5.23 -28.36 -10.23
CA ARG A 118 5.26 -29.73 -9.64
C ARG A 118 6.62 -30.42 -9.87
N LEU A 119 7.47 -30.38 -8.86
CA LEU A 119 8.81 -31.05 -8.94
C LEU A 119 9.18 -31.54 -7.52
N THR A 120 10.36 -32.08 -7.37
CA THR A 120 10.80 -32.58 -6.03
C THR A 120 11.83 -31.62 -5.41
N VAL A 121 11.88 -31.54 -4.10
CA VAL A 121 12.86 -30.62 -3.43
C VAL A 121 13.43 -31.30 -2.15
N ASN A 122 14.70 -31.64 -2.16
CA ASN A 122 15.30 -32.29 -0.95
C ASN A 122 16.77 -31.85 -0.81
N TYR A 123 17.24 -31.66 0.39
CA TYR A 123 18.65 -31.22 0.60
C TYR A 123 19.42 -32.24 1.47
N GLU A 124 20.62 -32.61 1.05
CA GLU A 124 21.46 -33.56 1.84
C GLU A 124 22.87 -32.96 1.90
N GLN A 125 23.84 -33.64 2.41
CA GLN A 125 25.20 -32.99 2.47
C GLN A 125 26.33 -33.96 2.88
N CYS A 126 27.44 -33.86 2.19
CA CYS A 126 28.62 -34.72 2.50
C CYS A 126 29.88 -33.84 2.56
N ALA A 127 30.22 -33.35 3.72
CA ALA A 127 31.43 -32.48 3.84
C ALA A 127 32.67 -33.23 3.34
N SER A 128 33.53 -32.57 2.62
CA SER A 128 34.77 -33.25 2.11
C SER A 128 35.94 -32.87 3.02
N GLY A 129 36.20 -33.65 4.03
CA GLY A 129 37.32 -33.34 4.96
C GLY A 129 38.60 -34.02 4.47
N VAL A 130 39.06 -33.68 3.30
CA VAL A 130 40.32 -34.31 2.80
C VAL A 130 41.49 -33.86 3.67
N HIS A 131 42.48 -33.22 3.10
CA HIS A 131 43.65 -32.77 3.91
C HIS A 131 43.41 -31.38 4.50
N GLY A 132 44.00 -30.38 3.92
CA GLY A 132 43.85 -28.98 4.44
C GLY A 132 43.04 -28.13 3.45
N PRO A 133 43.61 -27.87 2.30
CA PRO A 133 42.93 -27.06 1.27
C PRO A 133 41.63 -27.76 0.83
N GLU A 134 41.18 -28.70 1.59
CA GLU A 134 39.92 -29.42 1.24
C GLU A 134 38.78 -28.42 1.12
N GLY A 135 37.57 -28.87 1.25
CA GLY A 135 36.41 -27.95 1.14
C GLY A 135 35.17 -28.65 1.70
N PHE A 136 34.00 -28.18 1.34
CA PHE A 136 32.75 -28.81 1.83
C PHE A 136 31.93 -29.22 0.61
N HIS A 137 31.67 -30.50 0.45
CA HIS A 137 30.87 -30.94 -0.73
C HIS A 137 29.45 -31.17 -0.27
N TYR A 138 28.49 -30.51 -0.88
CA TYR A 138 27.08 -30.71 -0.48
C TYR A 138 26.34 -31.27 -1.68
N LYS A 139 25.19 -31.84 -1.46
CA LYS A 139 24.41 -32.37 -2.59
C LYS A 139 22.95 -31.99 -2.40
N CYS A 140 22.28 -31.67 -3.46
CA CYS A 140 20.85 -31.27 -3.33
C CYS A 140 20.12 -31.66 -4.60
N LYS A 141 18.91 -32.12 -4.46
CA LYS A 141 18.14 -32.55 -5.64
C LYS A 141 16.99 -31.59 -5.91
N MET A 142 16.71 -31.37 -7.16
CA MET A 142 15.59 -30.48 -7.53
C MET A 142 15.14 -30.87 -8.92
N GLY A 143 13.94 -30.56 -9.27
CA GLY A 143 13.44 -30.97 -10.62
C GLY A 143 12.66 -32.26 -10.48
N GLN A 144 12.58 -33.04 -11.52
CA GLN A 144 11.83 -34.31 -11.45
C GLN A 144 12.73 -35.43 -11.98
N LYS A 145 13.87 -35.07 -12.51
CA LYS A 145 14.80 -36.10 -13.05
C LYS A 145 16.26 -35.64 -12.92
N GLU A 146 16.54 -34.63 -12.13
CA GLU A 146 17.96 -34.17 -12.03
C GLU A 146 18.38 -33.95 -10.57
N TYR A 147 19.60 -34.31 -10.27
CA TYR A 147 20.15 -34.16 -8.89
C TYR A 147 21.08 -32.95 -8.83
N SER A 148 20.58 -31.80 -8.44
CA SER A 148 21.43 -30.58 -8.36
C SER A 148 22.54 -30.78 -7.32
N ILE A 149 23.47 -31.64 -7.59
CA ILE A 149 24.58 -31.86 -6.62
C ILE A 149 25.57 -30.68 -6.73
N GLY A 150 25.91 -30.03 -5.62
CA GLY A 150 26.84 -28.86 -5.71
C GLY A 150 27.98 -28.95 -4.68
N THR A 151 28.65 -27.85 -4.47
CA THR A 151 29.78 -27.80 -3.50
C THR A 151 29.65 -26.52 -2.67
N GLY A 152 30.61 -26.21 -1.85
CA GLY A 152 30.49 -24.95 -1.04
C GLY A 152 31.77 -24.72 -0.24
N SER A 153 32.16 -23.49 -0.07
CA SER A 153 33.39 -23.20 0.72
C SER A 153 33.07 -23.38 2.20
N THR A 154 31.86 -23.09 2.57
CA THR A 154 31.45 -23.22 4.00
C THR A 154 30.15 -24.02 4.06
N LYS A 155 29.94 -24.75 5.11
CA LYS A 155 28.69 -25.53 5.23
C LYS A 155 27.50 -24.62 4.95
N GLN A 156 27.61 -23.39 5.36
CA GLN A 156 26.50 -22.43 5.15
C GLN A 156 26.52 -21.95 3.71
N GLU A 157 27.66 -21.57 3.20
CA GLU A 157 27.72 -21.10 1.80
C GLU A 157 27.20 -22.19 0.88
N ALA A 158 27.40 -23.43 1.25
CA ALA A 158 26.94 -24.55 0.38
C ALA A 158 25.41 -24.56 0.28
N LYS A 159 24.72 -24.68 1.39
CA LYS A 159 23.23 -24.73 1.37
C LYS A 159 22.63 -23.57 0.56
N GLN A 160 22.77 -22.37 1.00
CA GLN A 160 22.16 -21.21 0.30
C GLN A 160 22.43 -21.30 -1.20
N LEU A 161 23.66 -21.45 -1.58
CA LEU A 161 23.98 -21.52 -3.02
C LEU A 161 23.38 -22.80 -3.61
N ALA A 162 23.23 -23.85 -2.83
CA ALA A 162 22.62 -25.08 -3.40
C ALA A 162 21.30 -24.68 -4.05
N ALA A 163 20.53 -23.85 -3.39
CA ALA A 163 19.26 -23.39 -3.98
C ALA A 163 19.57 -22.70 -5.32
N LYS A 164 20.22 -21.56 -5.27
CA LYS A 164 20.60 -20.83 -6.51
C LYS A 164 21.03 -21.84 -7.60
N LEU A 165 21.87 -22.78 -7.24
CA LEU A 165 22.33 -23.80 -8.23
C LEU A 165 21.12 -24.50 -8.86
N ALA A 166 20.32 -25.11 -8.05
CA ALA A 166 19.09 -25.82 -8.54
C ALA A 166 18.06 -24.80 -9.05
N TYR A 167 17.70 -23.91 -8.20
CA TYR A 167 16.70 -22.88 -8.56
C TYR A 167 17.00 -22.29 -9.94
N LEU A 168 18.16 -21.74 -10.13
CA LEU A 168 18.48 -21.15 -11.46
C LEU A 168 18.55 -22.25 -12.52
N GLN A 169 18.56 -23.49 -12.12
CA GLN A 169 18.64 -24.59 -13.12
C GLN A 169 17.26 -24.88 -13.70
N ILE A 170 16.33 -25.27 -12.90
CA ILE A 170 14.97 -25.56 -13.42
C ILE A 170 14.45 -24.30 -14.10
N LEU A 171 15.00 -23.18 -13.73
CA LEU A 171 14.58 -21.91 -14.35
C LEU A 171 14.95 -21.99 -15.83
N SER A 172 16.10 -22.52 -16.10
CA SER A 172 16.57 -22.69 -17.50
C SER A 172 15.91 -23.93 -18.11
N GLU A 173 15.58 -24.92 -17.31
CA GLU A 173 14.95 -26.14 -17.90
C GLU A 173 13.49 -25.83 -18.24
N GLU A 174 13.17 -25.76 -19.51
CA GLU A 174 11.77 -25.46 -19.90
C GLU A 174 10.94 -26.75 -19.83
N THR A 175 11.49 -27.81 -19.31
CA THR A 175 10.74 -29.09 -19.23
C THR A 175 9.88 -29.09 -17.95
N GLY A 176 8.81 -29.81 -17.96
CA GLY A 176 7.93 -29.86 -16.75
C GLY A 176 7.08 -28.58 -16.68
N SER A 177 6.97 -27.87 -17.76
CA SER A 177 6.16 -26.62 -17.77
C SER A 177 4.78 -26.90 -18.37
N GLY A 178 4.59 -28.05 -18.93
CA GLY A 178 3.28 -28.38 -19.54
C GLY A 178 3.43 -29.58 -20.48
N CYS A 179 4.65 -29.89 -20.85
CA CYS A 179 4.89 -31.05 -21.77
C CYS A 179 5.55 -32.19 -20.99
N GLY A 1 -35.37 25.21 14.57
CA GLY A 1 -36.18 25.26 15.83
C GLY A 1 -35.43 25.81 17.06
N SER A 2 -34.17 25.51 17.16
CA SER A 2 -33.42 25.92 18.38
C SER A 2 -33.69 27.39 18.69
N HIS A 3 -33.39 28.25 17.77
CA HIS A 3 -33.64 29.69 17.99
C HIS A 3 -33.77 30.40 16.63
N MET A 4 -32.88 31.33 16.36
CA MET A 4 -32.96 32.07 15.06
C MET A 4 -32.84 31.08 13.90
N GLU A 5 -32.18 31.48 12.84
CA GLU A 5 -32.03 30.57 11.67
C GLU A 5 -30.78 30.97 10.88
N MET A 6 -29.69 31.19 11.57
CA MET A 6 -28.43 31.58 10.89
C MET A 6 -27.24 31.02 11.66
N ALA A 7 -26.13 30.82 11.01
CA ALA A 7 -24.95 30.27 11.73
C ALA A 7 -24.35 31.37 12.61
N GLY A 8 -24.55 31.28 13.90
CA GLY A 8 -24.01 32.32 14.82
C GLY A 8 -22.49 32.18 14.94
N ASP A 9 -21.76 32.95 14.18
CA ASP A 9 -20.27 32.88 14.26
C ASP A 9 -19.78 33.85 15.32
N LEU A 10 -18.52 34.18 15.27
CA LEU A 10 -17.95 35.12 16.27
C LEU A 10 -16.71 35.75 15.68
N SER A 11 -16.29 35.26 14.56
CA SER A 11 -15.08 35.83 13.90
C SER A 11 -15.06 35.44 12.43
N ALA A 12 -16.21 35.19 11.86
CA ALA A 12 -16.29 34.82 10.42
C ALA A 12 -15.89 33.35 10.26
N GLY A 13 -16.73 32.57 9.62
CA GLY A 13 -16.41 31.12 9.44
C GLY A 13 -16.35 30.43 10.79
N PHE A 14 -17.43 29.81 11.19
CA PHE A 14 -17.45 29.11 12.51
C PHE A 14 -16.79 27.75 12.38
N PHE A 15 -17.45 26.82 11.76
CA PHE A 15 -16.86 25.48 11.56
C PHE A 15 -15.72 25.65 10.56
N MET A 16 -15.73 26.75 9.87
CA MET A 16 -14.66 27.04 8.88
C MET A 16 -13.42 27.48 9.64
N GLU A 17 -13.56 28.35 10.60
CA GLU A 17 -12.38 28.78 11.38
C GLU A 17 -11.76 27.54 12.03
N GLU A 18 -12.57 26.52 12.23
CA GLU A 18 -12.06 25.27 12.85
C GLU A 18 -11.44 24.39 11.77
N LEU A 19 -12.21 24.08 10.77
CA LEU A 19 -11.71 23.27 9.65
C LEU A 19 -10.46 23.96 9.09
N ASN A 20 -10.55 25.25 8.95
CA ASN A 20 -9.43 26.05 8.41
C ASN A 20 -8.22 26.00 9.35
N THR A 21 -8.41 25.55 10.56
CA THR A 21 -7.27 25.51 11.53
C THR A 21 -6.28 24.41 11.15
N TYR A 22 -6.72 23.18 11.08
CA TYR A 22 -5.79 22.08 10.74
C TYR A 22 -5.10 22.36 9.39
N ARG A 23 -5.87 22.71 8.41
CA ARG A 23 -5.34 22.98 7.04
C ARG A 23 -4.08 23.88 7.12
N GLN A 24 -3.97 24.65 8.15
CA GLN A 24 -2.78 25.53 8.27
C GLN A 24 -1.56 24.70 8.68
N LYS A 25 -1.74 23.71 9.52
CA LYS A 25 -0.55 22.89 9.91
C LYS A 25 -0.24 21.87 8.81
N GLN A 26 -1.08 21.76 7.81
CA GLN A 26 -0.82 20.78 6.71
C GLN A 26 -0.26 21.52 5.49
N GLY A 27 -0.47 22.81 5.42
CA GLY A 27 0.05 23.58 4.26
C GLY A 27 -0.82 23.31 3.03
N VAL A 28 -2.12 23.28 3.22
CA VAL A 28 -3.03 23.05 2.08
C VAL A 28 -3.81 24.33 1.81
N VAL A 29 -4.85 24.29 1.02
CA VAL A 29 -5.62 25.56 0.74
C VAL A 29 -7.09 25.23 0.58
N LEU A 30 -7.93 25.90 1.32
CA LEU A 30 -9.39 25.64 1.23
C LEU A 30 -10.01 26.54 0.15
N LYS A 31 -10.74 25.94 -0.76
CA LYS A 31 -11.39 26.74 -1.85
C LYS A 31 -12.90 26.43 -1.86
N TYR A 32 -13.71 27.39 -1.49
CA TYR A 32 -15.19 27.15 -1.47
C TYR A 32 -15.81 27.63 -2.78
N GLN A 33 -16.61 26.80 -3.40
CA GLN A 33 -17.27 27.19 -4.68
C GLN A 33 -18.77 26.90 -4.55
N GLU A 34 -19.57 27.93 -4.51
CA GLU A 34 -21.04 27.73 -4.34
C GLU A 34 -21.70 27.35 -5.67
N LEU A 35 -22.67 26.46 -5.61
CA LEU A 35 -23.40 26.03 -6.84
C LEU A 35 -24.91 25.93 -6.48
N PRO A 36 -25.54 27.07 -6.30
CA PRO A 36 -26.98 27.13 -5.92
C PRO A 36 -27.88 26.54 -7.03
N ASN A 37 -29.11 26.24 -6.68
CA ASN A 37 -30.08 25.66 -7.66
C ASN A 37 -29.37 24.68 -8.60
N SER A 38 -29.37 23.42 -8.24
CA SER A 38 -28.71 22.39 -9.09
C SER A 38 -29.54 21.10 -9.11
N GLY A 39 -30.52 21.00 -8.26
CA GLY A 39 -31.36 19.75 -8.24
C GLY A 39 -32.45 19.83 -9.32
N PRO A 40 -32.45 18.94 -10.29
CA PRO A 40 -33.48 18.96 -11.36
C PRO A 40 -34.92 18.88 -10.78
N PRO A 41 -35.17 17.99 -9.81
CA PRO A 41 -36.53 17.86 -9.23
C PRO A 41 -36.95 19.15 -8.52
N HIS A 42 -36.93 20.25 -9.23
CA HIS A 42 -37.34 21.55 -8.63
C HIS A 42 -36.79 21.69 -7.22
N ASP A 43 -35.73 20.99 -6.90
CA ASP A 43 -35.15 21.08 -5.54
C ASP A 43 -34.10 22.18 -5.54
N ARG A 44 -34.52 23.39 -5.33
CA ARG A 44 -33.54 24.51 -5.30
C ARG A 44 -32.65 24.35 -4.09
N ARG A 45 -31.96 23.26 -3.96
CA ARG A 45 -31.08 23.09 -2.78
C ARG A 45 -29.81 23.90 -2.99
N PHE A 46 -28.93 23.90 -2.03
CA PHE A 46 -27.67 24.67 -2.16
C PHE A 46 -26.52 23.65 -2.27
N THR A 47 -26.00 23.47 -3.45
CA THR A 47 -24.91 22.48 -3.65
C THR A 47 -23.57 23.22 -3.63
N PHE A 48 -22.85 23.12 -2.54
CA PHE A 48 -21.54 23.83 -2.45
C PHE A 48 -20.40 22.87 -2.80
N GLN A 49 -19.23 23.42 -3.03
CA GLN A 49 -18.05 22.59 -3.35
C GLN A 49 -16.93 23.06 -2.41
N VAL A 50 -16.03 22.19 -2.02
CA VAL A 50 -14.97 22.63 -1.08
C VAL A 50 -13.70 21.81 -1.30
N ILE A 51 -12.63 22.44 -1.68
CA ILE A 51 -11.34 21.72 -1.88
C ILE A 51 -10.51 21.91 -0.60
N ILE A 52 -9.40 21.23 -0.48
CA ILE A 52 -8.58 21.38 0.75
C ILE A 52 -7.15 21.82 0.34
N ASP A 53 -6.67 21.25 -0.71
CA ASP A 53 -5.31 21.57 -1.21
C ASP A 53 -5.38 22.07 -2.65
N GLY A 54 -5.78 21.23 -3.55
CA GLY A 54 -5.86 21.64 -4.98
C GLY A 54 -5.91 20.39 -5.87
N ARG A 55 -6.43 19.31 -5.36
CA ARG A 55 -6.50 18.06 -6.18
C ARG A 55 -7.72 17.23 -5.79
N GLU A 56 -8.29 17.50 -4.66
CA GLU A 56 -9.48 16.75 -4.23
C GLU A 56 -10.73 17.45 -4.77
N PHE A 57 -11.89 16.89 -4.58
CA PHE A 57 -13.12 17.55 -5.11
C PHE A 57 -14.37 17.17 -4.29
N PRO A 58 -14.23 17.10 -2.97
CA PRO A 58 -15.39 16.77 -2.10
C PRO A 58 -16.51 17.79 -2.33
N GLU A 59 -17.68 17.53 -1.80
CA GLU A 59 -18.83 18.47 -1.99
C GLU A 59 -20.04 17.96 -1.21
N GLY A 60 -20.99 18.82 -0.92
CA GLY A 60 -22.21 18.40 -0.18
C GLY A 60 -23.36 19.35 -0.49
N GLU A 61 -24.50 19.17 0.14
CA GLU A 61 -25.67 20.06 -0.13
C GLU A 61 -26.26 20.60 1.18
N GLY A 62 -27.19 21.50 1.06
CA GLY A 62 -27.87 22.09 2.25
C GLY A 62 -29.12 22.80 1.76
N ARG A 63 -29.12 24.11 1.76
CA ARG A 63 -30.31 24.85 1.26
C ARG A 63 -29.98 26.34 1.20
N SER A 64 -30.99 27.18 1.14
CA SER A 64 -30.72 28.64 1.06
C SER A 64 -30.25 29.18 2.41
N LYS A 65 -29.24 28.61 3.00
CA LYS A 65 -28.77 29.13 4.31
C LYS A 65 -27.46 28.45 4.76
N LYS A 66 -27.17 28.57 6.02
CA LYS A 66 -25.92 27.99 6.60
C LYS A 66 -25.77 26.52 6.22
N GLU A 67 -26.84 25.79 6.23
CA GLU A 67 -26.78 24.34 5.88
C GLU A 67 -25.90 24.18 4.65
N ALA A 68 -25.84 25.20 3.85
CA ALA A 68 -25.00 25.15 2.63
C ALA A 68 -23.53 25.23 3.03
N LYS A 69 -23.08 26.38 3.44
CA LYS A 69 -21.66 26.53 3.85
C LYS A 69 -21.33 25.57 5.00
N ASN A 70 -22.24 25.38 5.91
CA ASN A 70 -21.95 24.46 7.05
C ASN A 70 -21.76 23.04 6.53
N ALA A 71 -22.65 22.56 5.71
CA ALA A 71 -22.50 21.19 5.18
C ALA A 71 -21.18 21.09 4.40
N ALA A 72 -20.88 22.10 3.62
CA ALA A 72 -19.63 22.09 2.83
C ALA A 72 -18.42 22.01 3.76
N ALA A 73 -18.35 22.87 4.73
CA ALA A 73 -17.19 22.84 5.67
C ALA A 73 -17.33 21.67 6.64
N LYS A 74 -18.52 21.40 7.10
CA LYS A 74 -18.70 20.27 8.06
C LYS A 74 -18.19 18.97 7.47
N LEU A 75 -18.75 18.58 6.36
CA LEU A 75 -18.36 17.30 5.76
C LEU A 75 -16.85 17.29 5.45
N ALA A 76 -16.28 18.43 5.24
CA ALA A 76 -14.82 18.46 4.94
C ALA A 76 -14.06 17.92 6.16
N VAL A 77 -14.58 18.16 7.33
CA VAL A 77 -13.92 17.63 8.55
C VAL A 77 -13.98 16.12 8.50
N GLU A 78 -15.08 15.57 8.07
CA GLU A 78 -15.22 14.10 8.01
C GLU A 78 -14.11 13.52 7.13
N ILE A 79 -13.44 14.35 6.39
CA ILE A 79 -12.34 13.85 5.52
C ILE A 79 -11.15 13.51 6.40
N LEU A 80 -10.71 14.46 7.18
CA LEU A 80 -9.56 14.19 8.08
C LEU A 80 -9.94 13.00 8.95
N ASN A 81 -11.15 13.00 9.42
CA ASN A 81 -11.63 11.88 10.26
C ASN A 81 -11.30 10.57 9.56
N LYS A 82 -11.69 10.46 8.33
CA LYS A 82 -11.36 9.23 7.59
C LYS A 82 -9.87 9.27 7.25
N GLU A 83 -9.52 8.97 6.04
CA GLU A 83 -8.08 8.98 5.65
C GLU A 83 -7.28 8.16 6.67
N LYS A 84 -7.96 7.52 7.58
CA LYS A 84 -7.27 6.68 8.59
C LYS A 84 -6.82 5.39 7.91
N LYS A 85 -7.00 5.35 6.62
CA LYS A 85 -6.61 4.16 5.84
C LYS A 85 -5.09 4.18 5.63
N ALA A 86 -4.54 3.18 5.01
CA ALA A 86 -3.07 3.18 4.78
C ALA A 86 -2.76 4.12 3.62
N VAL A 87 -1.82 5.02 3.81
CA VAL A 87 -1.46 5.98 2.73
C VAL A 87 0.06 6.04 2.58
N SER A 88 0.76 5.08 3.13
CA SER A 88 2.24 5.06 3.01
C SER A 88 2.61 4.35 1.69
N PRO A 89 3.80 4.63 1.16
CA PRO A 89 4.23 4.00 -0.11
C PRO A 89 4.18 2.47 0.00
N LEU A 90 4.61 1.79 -1.02
CA LEU A 90 4.59 0.30 -1.00
C LEU A 90 5.89 -0.23 -0.36
N LEU A 91 6.56 0.60 0.40
CA LEU A 91 7.83 0.15 1.05
C LEU A 91 7.52 -0.37 2.46
N LEU A 92 6.29 -0.26 2.90
CA LEU A 92 5.94 -0.76 4.25
C LEU A 92 5.60 -2.25 4.18
N THR A 93 6.50 -3.09 4.64
CA THR A 93 6.25 -4.57 4.59
C THR A 93 6.22 -5.13 6.02
N THR A 94 5.19 -4.83 6.76
CA THR A 94 5.08 -5.34 8.15
C THR A 94 4.25 -6.62 8.14
N THR A 95 4.54 -7.51 7.22
CA THR A 95 3.78 -8.80 7.14
C THR A 95 4.59 -9.90 7.83
N ASN A 96 5.76 -9.58 8.31
CA ASN A 96 6.58 -10.62 8.99
C ASN A 96 7.63 -9.94 9.91
N SER A 97 7.64 -8.64 9.95
CA SER A 97 8.62 -7.94 10.84
C SER A 97 10.04 -8.43 10.52
N SER A 98 10.19 -9.23 9.50
CA SER A 98 11.56 -9.73 9.16
C SER A 98 12.35 -8.65 8.41
N GLU A 99 13.32 -8.07 9.06
CA GLU A 99 14.14 -7.01 8.40
C GLU A 99 15.20 -7.69 7.52
N GLY A 100 15.42 -7.16 6.34
CA GLY A 100 16.46 -7.78 5.44
C GLY A 100 16.87 -6.77 4.37
N LEU A 101 15.96 -6.38 3.53
CA LEU A 101 16.30 -5.39 2.46
C LEU A 101 17.60 -5.81 1.77
N SER A 102 18.13 -4.96 0.93
CA SER A 102 19.40 -5.31 0.23
C SER A 102 19.31 -6.72 -0.34
N MET A 103 18.11 -7.23 -0.53
CA MET A 103 17.95 -8.61 -1.06
C MET A 103 18.65 -9.59 -0.13
N GLY A 104 17.91 -10.49 0.47
CA GLY A 104 18.53 -11.48 1.39
C GLY A 104 17.68 -12.75 1.44
N ASN A 105 16.45 -12.67 1.00
CA ASN A 105 15.56 -13.86 1.03
C ASN A 105 15.53 -14.55 -0.34
N TYR A 106 15.42 -15.84 -0.35
CA TYR A 106 15.36 -16.61 -1.63
C TYR A 106 15.04 -18.07 -1.32
N ILE A 107 15.80 -18.71 -0.49
CA ILE A 107 15.49 -20.12 -0.14
C ILE A 107 14.10 -20.15 0.51
N GLY A 108 13.58 -19.00 0.86
CA GLY A 108 12.23 -18.96 1.49
C GLY A 108 11.17 -19.06 0.38
N LEU A 109 11.26 -18.23 -0.63
CA LEU A 109 10.25 -18.29 -1.70
C LEU A 109 10.39 -19.60 -2.49
N ILE A 110 11.51 -20.26 -2.36
CA ILE A 110 11.64 -21.53 -3.10
C ILE A 110 10.60 -22.50 -2.55
N ASN A 111 10.34 -22.39 -1.29
CA ASN A 111 9.29 -23.23 -0.68
C ASN A 111 7.93 -22.76 -1.19
N ARG A 112 7.87 -21.56 -1.70
CA ARG A 112 6.58 -21.03 -2.21
C ARG A 112 6.27 -21.64 -3.56
N ILE A 113 7.15 -21.50 -4.51
CA ILE A 113 6.89 -22.07 -5.84
C ILE A 113 6.66 -23.55 -5.68
N ALA A 114 7.20 -24.11 -4.63
CA ALA A 114 6.99 -25.55 -4.36
C ALA A 114 5.49 -25.83 -4.27
N GLN A 115 4.87 -25.32 -3.25
CA GLN A 115 3.40 -25.55 -3.06
C GLN A 115 2.60 -24.82 -4.14
N LYS A 116 3.19 -23.87 -4.82
CA LYS A 116 2.43 -23.15 -5.88
C LYS A 116 2.23 -24.12 -7.04
N LYS A 117 3.29 -24.50 -7.70
CA LYS A 117 3.18 -25.47 -8.81
C LYS A 117 3.45 -26.86 -8.23
N ARG A 118 2.95 -27.07 -7.04
CA ARG A 118 3.14 -28.37 -6.31
C ARG A 118 4.44 -29.07 -6.71
N LEU A 119 5.45 -28.93 -5.88
CA LEU A 119 6.76 -29.61 -6.14
C LEU A 119 7.40 -29.94 -4.80
N THR A 120 8.58 -30.51 -4.83
CA THR A 120 9.30 -30.86 -3.57
C THR A 120 10.42 -29.84 -3.32
N VAL A 121 10.73 -29.54 -2.08
CA VAL A 121 11.82 -28.55 -1.79
C VAL A 121 12.67 -29.07 -0.62
N ASN A 122 13.90 -29.44 -0.87
CA ASN A 122 14.80 -29.95 0.22
C ASN A 122 16.24 -29.51 -0.06
N TYR A 123 16.96 -29.12 0.96
CA TYR A 123 18.37 -28.66 0.78
C TYR A 123 19.35 -29.58 1.53
N GLU A 124 20.40 -29.99 0.85
CA GLU A 124 21.43 -30.85 1.49
C GLU A 124 22.79 -30.25 1.10
N GLN A 125 23.86 -30.65 1.71
CA GLN A 125 25.17 -30.03 1.32
C GLN A 125 26.37 -30.75 1.95
N CYS A 126 27.44 -30.86 1.21
CA CYS A 126 28.68 -31.52 1.72
C CYS A 126 29.89 -30.65 1.32
N ALA A 127 30.56 -30.08 2.28
CA ALA A 127 31.74 -29.22 1.95
C ALA A 127 32.84 -30.07 1.31
N SER A 128 33.47 -29.58 0.27
CA SER A 128 34.56 -30.36 -0.38
C SER A 128 35.90 -29.95 0.22
N GLY A 129 36.33 -30.62 1.27
CA GLY A 129 37.63 -30.26 1.91
C GLY A 129 38.76 -31.03 1.24
N VAL A 130 38.90 -30.90 -0.06
CA VAL A 130 40.00 -31.61 -0.76
C VAL A 130 41.36 -31.09 -0.29
N HIS A 131 42.15 -30.51 -1.17
CA HIS A 131 43.47 -30.00 -0.78
C HIS A 131 43.35 -28.57 -0.24
N GLY A 132 43.83 -27.61 -1.00
CA GLY A 132 43.78 -26.17 -0.57
C GLY A 132 42.81 -25.39 -1.46
N PRO A 133 43.14 -25.26 -2.72
CA PRO A 133 42.27 -24.52 -3.66
C PRO A 133 40.94 -25.27 -3.82
N GLU A 134 40.63 -26.12 -2.89
CA GLU A 134 39.37 -26.90 -2.94
C GLU A 134 38.19 -25.93 -2.99
N GLY A 135 37.06 -26.33 -2.48
CA GLY A 135 35.88 -25.43 -2.51
C GLY A 135 34.76 -26.01 -1.66
N PHE A 136 33.53 -25.64 -1.93
CA PHE A 136 32.39 -26.17 -1.14
C PHE A 136 31.36 -26.76 -2.10
N HIS A 137 31.06 -28.02 -1.96
CA HIS A 137 30.08 -28.66 -2.86
C HIS A 137 28.72 -28.75 -2.15
N TYR A 138 27.72 -28.09 -2.68
CA TYR A 138 26.38 -28.12 -2.04
C TYR A 138 25.41 -28.77 -3.02
N LYS A 139 24.28 -29.18 -2.53
CA LYS A 139 23.30 -29.82 -3.42
C LYS A 139 21.90 -29.42 -2.97
N CYS A 140 20.99 -29.27 -3.89
CA CYS A 140 19.62 -28.87 -3.51
C CYS A 140 18.65 -29.42 -4.54
N LYS A 141 17.52 -29.87 -4.08
CA LYS A 141 16.53 -30.45 -5.02
C LYS A 141 15.30 -29.56 -5.08
N MET A 142 14.73 -29.45 -6.25
CA MET A 142 13.52 -28.60 -6.44
C MET A 142 12.79 -29.18 -7.63
N GLY A 143 11.52 -28.95 -7.75
CA GLY A 143 10.78 -29.52 -8.91
C GLY A 143 10.34 -30.93 -8.53
N GLN A 144 9.21 -31.35 -9.02
CA GLN A 144 8.73 -32.71 -8.66
C GLN A 144 9.55 -33.75 -9.42
N LYS A 145 10.45 -33.33 -10.28
CA LYS A 145 11.28 -34.30 -11.03
C LYS A 145 12.66 -33.70 -11.38
N GLU A 146 13.24 -32.90 -10.52
CA GLU A 146 14.58 -32.30 -10.86
C GLU A 146 15.44 -32.16 -9.59
N TYR A 147 16.74 -32.20 -9.75
CA TYR A 147 17.69 -32.08 -8.60
C TYR A 147 18.64 -30.89 -8.82
N SER A 148 18.26 -29.72 -8.40
CA SER A 148 19.14 -28.52 -8.59
C SER A 148 20.43 -28.66 -7.78
N ILE A 149 21.30 -29.55 -8.15
CA ILE A 149 22.58 -29.70 -7.39
C ILE A 149 23.53 -28.57 -7.81
N GLY A 150 24.22 -27.93 -6.88
CA GLY A 150 25.13 -26.81 -7.30
C GLY A 150 26.44 -26.81 -6.49
N THR A 151 27.17 -25.74 -6.60
CA THR A 151 28.47 -25.61 -5.87
C THR A 151 28.60 -24.17 -5.37
N GLY A 152 29.51 -23.89 -4.48
CA GLY A 152 29.63 -22.49 -3.98
C GLY A 152 31.05 -22.19 -3.51
N SER A 153 31.43 -20.94 -3.58
CA SER A 153 32.80 -20.55 -3.13
C SER A 153 32.83 -20.55 -1.60
N THR A 154 31.72 -20.22 -1.00
CA THR A 154 31.65 -20.19 0.49
C THR A 154 30.39 -20.93 0.93
N LYS A 155 30.42 -21.57 2.07
CA LYS A 155 29.24 -22.32 2.54
C LYS A 155 28.01 -21.42 2.44
N GLN A 156 28.18 -20.17 2.72
CA GLN A 156 27.03 -19.23 2.68
C GLN A 156 26.68 -18.90 1.23
N GLU A 157 27.65 -18.55 0.42
CA GLU A 157 27.33 -18.24 -1.00
C GLU A 157 26.61 -19.43 -1.62
N ALA A 158 26.87 -20.60 -1.12
CA ALA A 158 26.23 -21.82 -1.68
C ALA A 158 24.71 -21.80 -1.51
N LYS A 159 24.23 -21.92 -0.29
CA LYS A 159 22.75 -21.95 -0.05
C LYS A 159 22.01 -20.82 -0.80
N GLN A 160 22.42 -19.59 -0.63
CA GLN A 160 21.71 -18.48 -1.32
C GLN A 160 21.58 -18.79 -2.81
N LEU A 161 22.67 -19.02 -3.45
CA LEU A 161 22.62 -19.30 -4.90
C LEU A 161 21.94 -20.65 -5.14
N ALA A 162 22.02 -21.58 -4.22
CA ALA A 162 21.34 -22.89 -4.45
C ALA A 162 19.89 -22.58 -4.82
N ALA A 163 19.31 -21.62 -4.17
CA ALA A 163 17.91 -21.25 -4.50
C ALA A 163 17.89 -20.70 -5.93
N LYS A 164 18.47 -19.54 -6.13
CA LYS A 164 18.52 -18.93 -7.49
C LYS A 164 18.81 -20.02 -8.55
N LEU A 165 19.72 -20.91 -8.25
CA LEU A 165 20.03 -22.01 -9.22
C LEU A 165 18.75 -22.77 -9.57
N ALA A 166 18.13 -23.36 -8.59
CA ALA A 166 16.86 -24.12 -8.82
C ALA A 166 15.72 -23.15 -9.12
N TYR A 167 15.44 -22.28 -8.21
CA TYR A 167 14.34 -21.31 -8.37
C TYR A 167 14.28 -20.79 -9.81
N LEU A 168 15.31 -20.19 -10.30
CA LEU A 168 15.30 -19.68 -11.69
C LEU A 168 15.18 -20.84 -12.68
N GLN A 169 15.38 -22.04 -12.23
CA GLN A 169 15.29 -23.19 -13.17
C GLN A 169 13.84 -23.59 -13.39
N ILE A 170 13.18 -23.98 -12.35
CA ILE A 170 11.76 -24.39 -12.52
C ILE A 170 10.99 -23.21 -13.09
N LEU A 171 11.52 -22.02 -12.94
CA LEU A 171 10.86 -20.83 -13.50
C LEU A 171 10.86 -21.00 -15.02
N SER A 172 11.95 -21.50 -15.52
CA SER A 172 12.10 -21.75 -16.97
C SER A 172 11.41 -23.07 -17.35
N GLU A 173 11.29 -23.99 -16.42
CA GLU A 173 10.64 -25.29 -16.79
C GLU A 173 9.13 -25.07 -16.97
N GLU A 174 8.65 -25.22 -18.17
CA GLU A 174 7.21 -25.03 -18.42
C GLU A 174 6.47 -26.31 -18.02
N THR A 175 7.14 -27.21 -17.38
CA THR A 175 6.49 -28.47 -16.95
C THR A 175 5.82 -28.25 -15.59
N GLY A 176 4.67 -28.83 -15.38
CA GLY A 176 3.98 -28.65 -14.07
C GLY A 176 2.97 -29.79 -13.88
N SER A 177 1.80 -29.66 -14.45
CA SER A 177 0.77 -30.73 -14.30
C SER A 177 0.83 -31.66 -15.52
N GLY A 178 1.52 -31.26 -16.55
CA GLY A 178 1.60 -32.12 -17.77
C GLY A 178 1.78 -31.23 -19.01
N CYS A 179 1.60 -29.95 -18.85
CA CYS A 179 1.75 -29.01 -20.02
C CYS A 179 2.56 -27.79 -19.59
N GLY A 1 -35.03 20.49 14.44
CA GLY A 1 -34.30 21.53 15.23
C GLY A 1 -34.24 22.84 14.45
N SER A 2 -34.07 23.93 15.13
CA SER A 2 -34.00 25.24 14.41
C SER A 2 -33.49 26.31 15.35
N HIS A 3 -33.79 26.16 16.62
CA HIS A 3 -33.33 27.16 17.62
C HIS A 3 -33.61 28.57 17.11
N MET A 4 -32.89 29.54 17.61
CA MET A 4 -33.10 30.95 17.16
C MET A 4 -32.93 31.05 15.63
N GLU A 5 -32.19 32.02 15.19
CA GLU A 5 -31.96 32.19 13.72
C GLU A 5 -30.60 32.85 13.51
N MET A 6 -29.60 32.37 14.19
CA MET A 6 -28.24 32.97 14.05
C MET A 6 -27.18 31.89 14.32
N ALA A 7 -26.06 31.97 13.66
CA ALA A 7 -25.00 30.95 13.91
C ALA A 7 -24.38 31.25 15.28
N GLY A 8 -24.87 32.25 15.94
CA GLY A 8 -24.32 32.60 17.29
C GLY A 8 -22.90 33.14 17.16
N ASP A 9 -22.13 32.59 16.27
CA ASP A 9 -20.72 33.06 16.10
C ASP A 9 -20.67 34.25 15.15
N LEU A 10 -19.56 34.94 15.13
CA LEU A 10 -19.40 36.11 14.24
C LEU A 10 -17.91 36.34 14.00
N SER A 11 -17.13 35.32 14.25
CA SER A 11 -15.66 35.44 14.04
C SER A 11 -15.07 34.04 13.86
N ALA A 12 -14.56 33.75 12.69
CA ALA A 12 -13.96 32.41 12.41
C ALA A 12 -15.08 31.47 11.96
N GLY A 13 -16.20 31.55 12.62
CA GLY A 13 -17.36 30.67 12.26
C GLY A 13 -17.68 29.76 13.43
N PHE A 14 -17.48 28.49 13.26
CA PHE A 14 -17.76 27.52 14.35
C PHE A 14 -17.26 26.14 13.93
N PHE A 15 -18.02 25.46 13.12
CA PHE A 15 -17.60 24.13 12.66
C PHE A 15 -16.37 24.36 11.77
N MET A 16 -16.15 25.60 11.43
CA MET A 16 -14.97 25.95 10.61
C MET A 16 -13.74 25.93 11.52
N GLU A 17 -13.84 26.55 12.67
CA GLU A 17 -12.70 26.52 13.60
C GLU A 17 -12.36 25.06 13.88
N GLU A 18 -13.34 24.21 13.77
CA GLU A 18 -13.11 22.76 13.98
C GLU A 18 -12.57 22.17 12.69
N LEU A 19 -13.28 22.38 11.62
CA LEU A 19 -12.83 21.87 10.31
C LEU A 19 -11.42 22.40 10.06
N ASN A 20 -11.24 23.67 10.27
CA ASN A 20 -9.92 24.31 10.07
C ASN A 20 -8.87 23.64 10.97
N THR A 21 -9.30 22.92 11.97
CA THR A 21 -8.31 22.29 12.88
C THR A 21 -7.62 21.10 12.20
N TYR A 22 -8.33 20.05 11.92
CA TYR A 22 -7.68 18.86 11.28
C TYR A 22 -7.05 19.23 9.94
N ARG A 23 -7.67 20.10 9.20
CA ARG A 23 -7.10 20.50 7.87
C ARG A 23 -5.63 20.87 8.06
N GLN A 24 -5.32 21.48 9.17
CA GLN A 24 -3.91 21.87 9.44
C GLN A 24 -3.14 20.61 9.80
N LYS A 25 -3.81 19.64 10.37
CA LYS A 25 -3.12 18.38 10.76
C LYS A 25 -2.89 17.54 9.51
N GLN A 26 -3.59 17.84 8.45
CA GLN A 26 -3.42 17.05 7.19
C GLN A 26 -2.58 17.85 6.20
N GLY A 27 -2.44 19.12 6.42
CA GLY A 27 -1.65 19.96 5.49
C GLY A 27 -2.46 20.21 4.22
N VAL A 28 -3.72 20.49 4.38
CA VAL A 28 -4.59 20.75 3.19
C VAL A 28 -4.92 22.23 3.14
N VAL A 29 -5.92 22.62 2.41
CA VAL A 29 -6.26 24.08 2.34
C VAL A 29 -7.78 24.26 2.19
N LEU A 30 -8.36 25.08 3.03
CA LEU A 30 -9.83 25.30 2.96
C LEU A 30 -10.15 26.43 1.98
N LYS A 31 -10.96 26.14 0.99
CA LYS A 31 -11.35 27.20 0.01
C LYS A 31 -12.88 27.30 -0.01
N TYR A 32 -13.43 28.37 0.51
CA TYR A 32 -14.92 28.51 0.55
C TYR A 32 -15.44 29.33 -0.63
N GLN A 33 -16.43 28.82 -1.31
CA GLN A 33 -17.04 29.55 -2.45
C GLN A 33 -18.49 29.88 -2.09
N GLU A 34 -19.21 30.57 -2.94
CA GLU A 34 -20.63 30.91 -2.60
C GLU A 34 -21.45 31.18 -3.86
N LEU A 35 -22.44 30.36 -4.10
CA LEU A 35 -23.32 30.51 -5.30
C LEU A 35 -24.69 31.09 -4.88
N PRO A 36 -24.85 32.39 -4.95
CA PRO A 36 -26.12 33.04 -4.57
C PRO A 36 -27.26 32.59 -5.50
N ASN A 37 -28.40 32.27 -4.94
CA ASN A 37 -29.57 31.83 -5.75
C ASN A 37 -29.14 30.93 -6.92
N SER A 38 -29.32 29.64 -6.77
CA SER A 38 -28.94 28.69 -7.85
C SER A 38 -30.11 27.75 -8.14
N GLY A 39 -31.09 27.72 -7.27
CA GLY A 39 -32.26 26.83 -7.50
C GLY A 39 -33.23 27.50 -8.49
N PRO A 40 -33.46 26.88 -9.63
CA PRO A 40 -34.37 27.43 -10.65
C PRO A 40 -35.79 27.71 -10.10
N PRO A 41 -36.36 26.79 -9.34
CA PRO A 41 -37.72 26.96 -8.80
C PRO A 41 -37.77 28.16 -7.84
N HIS A 42 -37.42 29.33 -8.30
CA HIS A 42 -37.46 30.54 -7.44
C HIS A 42 -36.92 30.23 -6.04
N ASP A 43 -36.12 29.21 -5.90
CA ASP A 43 -35.58 28.87 -4.56
C ASP A 43 -34.27 29.62 -4.34
N ARG A 44 -34.34 30.87 -4.02
CA ARG A 44 -33.09 31.64 -3.79
C ARG A 44 -32.34 31.06 -2.59
N ARG A 45 -31.95 29.81 -2.66
CA ARG A 45 -31.23 29.20 -1.51
C ARG A 45 -29.76 29.61 -1.54
N PHE A 46 -29.04 29.29 -0.50
CA PHE A 46 -27.60 29.63 -0.46
C PHE A 46 -26.82 28.34 -0.67
N THR A 47 -26.23 28.21 -1.83
CA THR A 47 -25.46 26.97 -2.15
C THR A 47 -23.97 27.28 -2.03
N PHE A 48 -23.35 26.78 -1.00
CA PHE A 48 -21.90 27.05 -0.82
C PHE A 48 -21.08 25.87 -1.35
N GLN A 49 -19.83 26.10 -1.57
CA GLN A 49 -18.93 25.02 -2.06
C GLN A 49 -17.66 25.11 -1.22
N VAL A 50 -17.04 24.00 -0.91
CA VAL A 50 -15.85 24.06 -0.06
C VAL A 50 -14.85 22.98 -0.46
N ILE A 51 -13.63 23.37 -0.64
CA ILE A 51 -12.56 22.39 -1.00
C ILE A 51 -11.78 22.10 0.27
N ILE A 52 -10.94 21.10 0.26
CA ILE A 52 -10.16 20.79 1.48
C ILE A 52 -8.67 20.95 1.18
N ASP A 53 -8.24 20.46 0.06
CA ASP A 53 -6.82 20.55 -0.33
C ASP A 53 -6.72 21.29 -1.67
N GLY A 54 -7.33 20.75 -2.68
CA GLY A 54 -7.29 21.39 -4.02
C GLY A 54 -7.60 20.34 -5.09
N ARG A 55 -8.44 19.39 -4.76
CA ARG A 55 -8.78 18.32 -5.77
C ARG A 55 -10.21 17.84 -5.57
N GLU A 56 -10.77 18.08 -4.43
CA GLU A 56 -12.16 17.63 -4.16
C GLU A 56 -13.13 18.76 -4.51
N PHE A 57 -14.41 18.53 -4.38
CA PHE A 57 -15.38 19.61 -4.73
C PHE A 57 -16.72 19.39 -4.00
N PRO A 58 -16.66 19.14 -2.71
CA PRO A 58 -17.89 18.92 -1.92
C PRO A 58 -18.84 20.11 -2.10
N GLU A 59 -20.07 19.98 -1.67
CA GLU A 59 -21.05 21.10 -1.83
C GLU A 59 -22.29 20.81 -0.97
N GLY A 60 -23.10 21.80 -0.75
CA GLY A 60 -24.32 21.61 0.07
C GLY A 60 -25.14 22.90 0.07
N GLU A 61 -26.44 22.79 0.23
CA GLU A 61 -27.30 24.01 0.22
C GLU A 61 -28.22 24.00 1.45
N GLY A 62 -28.77 25.13 1.79
CA GLY A 62 -29.69 25.18 2.96
C GLY A 62 -30.41 26.53 2.98
N ARG A 63 -31.11 26.86 1.94
CA ARG A 63 -31.83 28.18 1.92
C ARG A 63 -30.81 29.30 1.84
N SER A 64 -31.25 30.52 1.92
CA SER A 64 -30.31 31.66 1.88
C SER A 64 -29.80 31.91 3.31
N LYS A 65 -29.99 30.96 4.18
CA LYS A 65 -29.56 31.12 5.60
C LYS A 65 -28.12 30.62 5.83
N LYS A 66 -27.55 31.03 6.93
CA LYS A 66 -26.15 30.64 7.29
C LYS A 66 -26.02 29.10 7.27
N GLU A 67 -27.08 28.39 7.53
CA GLU A 67 -26.98 26.90 7.54
C GLU A 67 -26.32 26.43 6.24
N ALA A 68 -26.32 27.26 5.24
CA ALA A 68 -25.68 26.88 3.97
C ALA A 68 -24.17 26.86 4.20
N LYS A 69 -23.62 27.98 4.60
CA LYS A 69 -22.18 28.03 4.89
C LYS A 69 -21.84 26.96 5.95
N ASN A 70 -22.65 26.84 6.95
CA ASN A 70 -22.40 25.81 7.98
C ASN A 70 -22.58 24.42 7.36
N ALA A 71 -23.57 24.28 6.53
CA ALA A 71 -23.80 22.96 5.88
C ALA A 71 -22.58 22.62 5.02
N ALA A 72 -22.06 23.58 4.32
CA ALA A 72 -20.87 23.33 3.47
C ALA A 72 -19.72 22.85 4.35
N ALA A 73 -19.41 23.58 5.38
CA ALA A 73 -18.30 23.17 6.28
C ALA A 73 -18.69 21.89 7.03
N LYS A 74 -19.93 21.76 7.42
CA LYS A 74 -20.38 20.57 8.17
C LYS A 74 -20.14 19.27 7.38
N LEU A 75 -20.78 19.12 6.26
CA LEU A 75 -20.63 17.87 5.47
C LEU A 75 -19.16 17.60 5.13
N ALA A 76 -18.36 18.61 5.18
CA ALA A 76 -16.91 18.40 4.86
C ALA A 76 -16.32 17.42 5.87
N VAL A 77 -16.64 17.61 7.12
CA VAL A 77 -16.13 16.69 8.17
C VAL A 77 -16.67 15.28 7.91
N GLU A 78 -17.85 15.18 7.38
CA GLU A 78 -18.42 13.85 7.10
C GLU A 78 -17.50 13.08 6.14
N ILE A 79 -16.58 13.79 5.55
CA ILE A 79 -15.62 13.14 4.60
C ILE A 79 -14.59 12.37 5.42
N LEU A 80 -14.02 13.00 6.42
CA LEU A 80 -13.04 12.27 7.26
C LEU A 80 -13.77 11.10 7.86
N ASN A 81 -14.99 11.34 8.27
CA ASN A 81 -15.79 10.26 8.87
C ASN A 81 -15.74 9.06 7.95
N LYS A 82 -15.94 9.28 6.69
CA LYS A 82 -15.86 8.16 5.72
C LYS A 82 -14.38 7.79 5.56
N GLU A 83 -13.92 7.70 4.35
CA GLU A 83 -12.49 7.35 4.11
C GLU A 83 -12.08 6.17 5.01
N LYS A 84 -13.03 5.57 5.67
CA LYS A 84 -12.70 4.42 6.55
C LYS A 84 -12.44 3.20 5.66
N LYS A 85 -12.43 3.39 4.37
CA LYS A 85 -12.18 2.24 3.45
C LYS A 85 -10.69 1.92 3.43
N ALA A 86 -10.26 1.26 2.39
CA ALA A 86 -8.82 0.89 2.28
C ALA A 86 -8.01 2.10 1.84
N VAL A 87 -7.20 2.65 2.70
CA VAL A 87 -6.40 3.84 2.33
C VAL A 87 -4.95 3.63 2.78
N SER A 88 -4.24 2.75 2.13
CA SER A 88 -2.83 2.49 2.51
C SER A 88 -1.93 3.56 1.85
N PRO A 89 -0.71 3.67 2.31
CA PRO A 89 0.25 4.63 1.75
C PRO A 89 0.41 4.40 0.25
N LEU A 90 1.47 4.88 -0.33
CA LEU A 90 1.69 4.69 -1.80
C LEU A 90 2.30 3.30 -2.04
N LEU A 91 1.61 2.48 -2.78
CA LEU A 91 2.15 1.10 -3.05
C LEU A 91 2.91 1.10 -4.38
N LEU A 92 3.45 2.22 -4.77
CA LEU A 92 4.22 2.27 -6.06
C LEU A 92 5.65 1.79 -5.80
N THR A 93 6.52 1.97 -6.75
CA THR A 93 7.93 1.53 -6.58
C THR A 93 8.85 2.75 -6.50
N THR A 94 8.30 3.91 -6.74
CA THR A 94 9.13 5.15 -6.69
C THR A 94 8.99 5.78 -5.31
N THR A 95 9.13 5.00 -4.28
CA THR A 95 9.02 5.54 -2.89
C THR A 95 10.42 5.77 -2.34
N ASN A 96 11.42 5.58 -3.16
CA ASN A 96 12.84 5.78 -2.70
C ASN A 96 13.03 5.12 -1.34
N SER A 97 14.16 5.30 -0.73
CA SER A 97 14.41 4.68 0.60
C SER A 97 14.07 3.19 0.54
N SER A 98 15.03 2.37 0.25
CA SER A 98 14.77 0.90 0.17
C SER A 98 14.11 0.44 1.47
N GLU A 99 13.33 -0.61 1.41
CA GLU A 99 12.67 -1.10 2.64
C GLU A 99 13.67 -1.91 3.47
N GLY A 100 14.87 -2.09 2.96
CA GLY A 100 15.89 -2.86 3.71
C GLY A 100 15.77 -4.35 3.39
N LEU A 101 15.65 -5.17 4.38
CA LEU A 101 15.53 -6.64 4.14
C LEU A 101 16.60 -7.08 3.13
N SER A 102 16.56 -8.31 2.71
CA SER A 102 17.57 -8.81 1.73
C SER A 102 17.08 -8.55 0.31
N MET A 103 17.81 -9.00 -0.68
CA MET A 103 17.39 -8.78 -2.09
C MET A 103 18.01 -9.86 -2.98
N GLY A 104 17.80 -11.10 -2.66
CA GLY A 104 18.38 -12.21 -3.49
C GLY A 104 17.91 -13.55 -2.94
N ASN A 105 16.66 -13.64 -2.55
CA ASN A 105 16.13 -14.92 -2.01
C ASN A 105 16.47 -16.08 -2.97
N TYR A 106 16.40 -17.29 -2.48
CA TYR A 106 16.69 -18.48 -3.35
C TYR A 106 16.36 -19.77 -2.60
N ILE A 107 17.22 -20.21 -1.72
CA ILE A 107 16.91 -21.45 -0.96
C ILE A 107 15.49 -21.30 -0.37
N GLY A 108 15.02 -20.09 -0.27
CA GLY A 108 13.67 -19.86 0.30
C GLY A 108 12.61 -20.10 -0.79
N LEU A 109 12.73 -19.45 -1.91
CA LEU A 109 11.72 -19.64 -2.99
C LEU A 109 11.81 -21.06 -3.53
N ILE A 110 12.87 -21.77 -3.28
CA ILE A 110 12.94 -23.15 -3.79
C ILE A 110 11.87 -23.95 -3.07
N ASN A 111 11.66 -23.64 -1.83
CA ASN A 111 10.60 -24.32 -1.06
C ASN A 111 9.25 -23.89 -1.63
N ARG A 112 9.23 -22.80 -2.35
CA ARG A 112 7.96 -22.30 -2.93
C ARG A 112 7.58 -23.15 -4.14
N ILE A 113 8.46 -23.23 -5.09
CA ILE A 113 8.15 -24.04 -6.30
C ILE A 113 7.95 -25.48 -5.86
N ALA A 114 8.48 -25.83 -4.72
CA ALA A 114 8.32 -27.20 -4.20
C ALA A 114 6.84 -27.50 -4.04
N GLN A 115 6.21 -26.84 -3.12
CA GLN A 115 4.77 -27.06 -2.88
C GLN A 115 3.95 -26.59 -4.07
N LYS A 116 4.50 -25.75 -4.91
CA LYS A 116 3.72 -25.29 -6.10
C LYS A 116 3.53 -26.47 -7.04
N LYS A 117 4.61 -26.93 -7.62
CA LYS A 117 4.53 -28.09 -8.52
C LYS A 117 4.86 -29.33 -7.69
N ARG A 118 4.38 -29.35 -6.48
CA ARG A 118 4.63 -30.48 -5.54
C ARG A 118 5.96 -31.18 -5.80
N LEU A 119 6.95 -30.88 -4.99
CA LEU A 119 8.29 -31.53 -5.11
C LEU A 119 8.89 -31.61 -3.71
N THR A 120 10.10 -32.09 -3.62
CA THR A 120 10.77 -32.20 -2.29
C THR A 120 11.94 -31.20 -2.21
N VAL A 121 12.24 -30.72 -1.03
CA VAL A 121 13.37 -29.75 -0.89
C VAL A 121 14.19 -30.08 0.36
N ASN A 122 15.41 -30.53 0.17
CA ASN A 122 16.28 -30.88 1.34
C ASN A 122 17.73 -30.51 1.02
N TYR A 123 18.51 -30.15 2.01
CA TYR A 123 19.94 -29.76 1.75
C TYR A 123 20.92 -30.49 2.66
N GLU A 124 21.97 -31.01 2.09
CA GLU A 124 23.02 -31.69 2.89
C GLU A 124 24.33 -30.94 2.62
N GLN A 125 25.43 -31.37 3.17
CA GLN A 125 26.69 -30.60 2.90
C GLN A 125 27.94 -31.37 3.34
N CYS A 126 28.89 -31.47 2.44
CA CYS A 126 30.18 -32.16 2.76
C CYS A 126 31.34 -31.28 2.26
N ALA A 127 31.84 -30.42 3.10
CA ALA A 127 32.96 -29.54 2.66
C ALA A 127 34.22 -30.39 2.40
N SER A 128 34.95 -30.09 1.36
CA SER A 128 36.18 -30.88 1.06
C SER A 128 37.40 -30.12 1.60
N GLY A 129 37.91 -30.54 2.74
CA GLY A 129 39.09 -29.84 3.32
C GLY A 129 40.38 -30.55 2.92
N VAL A 130 40.63 -30.70 1.65
CA VAL A 130 41.88 -31.38 1.20
C VAL A 130 43.09 -30.57 1.65
N HIS A 131 43.93 -30.17 0.74
CA HIS A 131 45.13 -29.39 1.11
C HIS A 131 44.81 -27.89 1.16
N GLY A 132 45.19 -27.16 0.16
CA GLY A 132 44.93 -25.69 0.12
C GLY A 132 43.89 -25.37 -0.95
N PRO A 133 44.27 -25.52 -2.19
CA PRO A 133 43.37 -25.26 -3.32
C PRO A 133 42.12 -26.14 -3.23
N GLU A 134 41.88 -26.70 -2.08
CA GLU A 134 40.68 -27.56 -1.91
C GLU A 134 39.43 -26.75 -2.27
N GLY A 135 38.30 -27.14 -1.78
CA GLY A 135 37.06 -26.38 -2.10
C GLY A 135 35.95 -26.83 -1.16
N PHE A 136 34.72 -26.53 -1.50
CA PHE A 136 33.58 -26.93 -0.64
C PHE A 136 32.58 -27.73 -1.47
N HIS A 137 32.38 -28.98 -1.14
CA HIS A 137 31.43 -29.81 -1.93
C HIS A 137 30.12 -29.91 -1.17
N TYR A 138 29.09 -29.29 -1.67
CA TYR A 138 27.77 -29.34 -0.99
C TYR A 138 26.80 -30.06 -1.93
N LYS A 139 25.64 -30.39 -1.44
CA LYS A 139 24.67 -31.08 -2.33
C LYS A 139 23.26 -30.75 -1.88
N CYS A 140 22.29 -31.02 -2.71
CA CYS A 140 20.89 -30.71 -2.33
C CYS A 140 19.92 -31.51 -3.18
N LYS A 141 18.82 -31.89 -2.61
CA LYS A 141 17.80 -32.66 -3.38
C LYS A 141 16.68 -31.70 -3.74
N MET A 142 16.25 -31.73 -4.96
CA MET A 142 15.18 -30.78 -5.36
C MET A 142 14.44 -31.30 -6.59
N GLY A 143 13.18 -30.99 -6.72
CA GLY A 143 12.43 -31.46 -7.92
C GLY A 143 12.24 -32.97 -7.81
N GLN A 144 11.03 -33.44 -8.01
CA GLN A 144 10.80 -34.90 -7.92
C GLN A 144 11.60 -35.59 -9.03
N LYS A 145 12.91 -35.55 -8.93
CA LYS A 145 13.75 -36.19 -9.99
C LYS A 145 14.96 -36.86 -9.35
N GLU A 146 15.96 -36.10 -9.00
CA GLU A 146 17.17 -36.71 -8.38
C GLU A 146 17.79 -35.80 -7.32
N TYR A 147 19.03 -36.05 -7.00
CA TYR A 147 19.74 -35.24 -5.97
C TYR A 147 20.56 -34.16 -6.66
N SER A 148 19.99 -33.00 -6.85
CA SER A 148 20.74 -31.89 -7.51
C SER A 148 21.94 -31.51 -6.65
N ILE A 149 23.10 -32.05 -6.96
CA ILE A 149 24.31 -31.70 -6.15
C ILE A 149 24.77 -30.29 -6.49
N GLY A 150 25.45 -29.64 -5.58
CA GLY A 150 25.94 -28.25 -5.85
C GLY A 150 27.25 -28.03 -5.11
N THR A 151 28.29 -27.63 -5.81
CA THR A 151 29.62 -27.41 -5.15
C THR A 151 30.04 -25.95 -5.39
N GLY A 152 30.66 -25.34 -4.40
CA GLY A 152 31.08 -23.92 -4.57
C GLY A 152 32.46 -23.67 -3.94
N SER A 153 33.02 -22.52 -4.17
CA SER A 153 34.35 -22.20 -3.59
C SER A 153 34.24 -21.85 -2.11
N THR A 154 33.09 -21.40 -1.67
CA THR A 154 32.93 -21.03 -0.24
C THR A 154 31.59 -21.54 0.28
N LYS A 155 31.47 -21.69 1.56
CA LYS A 155 30.19 -22.16 2.16
C LYS A 155 29.04 -21.32 1.63
N GLN A 156 29.23 -20.04 1.56
CA GLN A 156 28.16 -19.15 1.08
C GLN A 156 27.95 -19.33 -0.41
N GLU A 157 28.99 -19.30 -1.19
CA GLU A 157 28.81 -19.50 -2.65
C GLU A 157 28.15 -20.87 -2.86
N ALA A 158 28.46 -21.80 -2.00
CA ALA A 158 27.88 -23.16 -2.12
C ALA A 158 26.37 -23.14 -1.88
N LYS A 159 25.98 -22.89 -0.67
CA LYS A 159 24.52 -22.89 -0.32
C LYS A 159 23.67 -22.07 -1.30
N GLN A 160 24.00 -20.83 -1.52
CA GLN A 160 23.17 -20.01 -2.44
C GLN A 160 23.01 -20.68 -3.78
N LEU A 161 24.10 -21.00 -4.40
CA LEU A 161 24.03 -21.61 -5.74
C LEU A 161 23.36 -22.99 -5.63
N ALA A 162 23.40 -23.62 -4.49
CA ALA A 162 22.74 -24.96 -4.39
C ALA A 162 21.32 -24.80 -4.92
N ALA A 163 20.65 -23.76 -4.51
CA ALA A 163 19.27 -23.52 -5.00
C ALA A 163 19.34 -23.23 -6.49
N LYS A 164 19.97 -22.14 -6.85
CA LYS A 164 20.10 -21.76 -8.29
C LYS A 164 20.36 -23.01 -9.14
N LEU A 165 21.13 -23.93 -8.62
CA LEU A 165 21.43 -25.18 -9.37
C LEU A 165 20.12 -25.86 -9.77
N ALA A 166 19.41 -26.36 -8.82
CA ALA A 166 18.12 -27.05 -9.11
C ALA A 166 17.04 -26.05 -9.49
N TYR A 167 16.89 -25.06 -8.68
CA TYR A 167 15.85 -24.02 -8.92
C TYR A 167 15.75 -23.70 -10.41
N LEU A 168 16.82 -23.25 -11.00
CA LEU A 168 16.78 -22.91 -12.45
C LEU A 168 16.57 -24.17 -13.28
N GLN A 169 16.69 -25.32 -12.68
CA GLN A 169 16.52 -26.60 -13.44
C GLN A 169 15.05 -27.00 -13.52
N ILE A 170 14.36 -27.03 -12.42
CA ILE A 170 12.93 -27.44 -12.50
C ILE A 170 12.22 -26.47 -13.44
N LEU A 171 12.76 -25.30 -13.61
CA LEU A 171 12.13 -24.34 -14.55
C LEU A 171 12.30 -24.88 -15.96
N SER A 172 13.49 -25.35 -16.24
CA SER A 172 13.79 -25.90 -17.58
C SER A 172 13.20 -27.31 -17.70
N GLU A 173 13.08 -28.03 -16.62
CA GLU A 173 12.51 -29.41 -16.75
C GLU A 173 11.00 -29.33 -16.94
N GLU A 174 10.52 -29.63 -18.11
CA GLU A 174 9.06 -29.57 -18.37
C GLU A 174 8.40 -30.88 -17.91
N THR A 175 9.12 -31.70 -17.20
CA THR A 175 8.55 -32.98 -16.72
C THR A 175 7.86 -32.78 -15.36
N GLY A 176 7.63 -33.84 -14.64
CA GLY A 176 6.98 -33.71 -13.31
C GLY A 176 7.23 -34.97 -12.47
N SER A 177 6.45 -35.99 -12.68
CA SER A 177 6.65 -37.26 -11.90
C SER A 177 7.37 -38.28 -12.77
N GLY A 178 7.31 -38.12 -14.06
CA GLY A 178 7.99 -39.08 -14.98
C GLY A 178 7.09 -39.39 -16.17
N CYS A 179 6.10 -38.56 -16.39
CA CYS A 179 5.16 -38.79 -17.53
C CYS A 179 5.52 -37.86 -18.68
N GLY A 1 -31.35 29.51 23.50
CA GLY A 1 -30.33 30.58 23.76
C GLY A 1 -30.32 31.70 22.70
N SER A 2 -30.41 31.36 21.46
CA SER A 2 -30.37 32.40 20.39
C SER A 2 -31.05 31.88 19.13
N HIS A 3 -31.62 32.76 18.37
CA HIS A 3 -32.31 32.34 17.12
C HIS A 3 -32.57 33.57 16.25
N MET A 4 -31.64 34.48 16.21
CA MET A 4 -31.82 35.71 15.39
C MET A 4 -32.04 35.32 13.93
N GLU A 5 -31.43 36.04 13.03
CA GLU A 5 -31.57 35.74 11.58
C GLU A 5 -30.30 36.21 10.88
N MET A 6 -29.22 36.23 11.60
CA MET A 6 -27.92 36.67 11.04
C MET A 6 -26.78 35.94 11.76
N ALA A 7 -25.79 35.50 11.03
CA ALA A 7 -24.66 34.78 11.70
C ALA A 7 -23.80 35.80 12.44
N GLY A 8 -23.77 35.73 13.74
CA GLY A 8 -22.96 36.70 14.52
C GLY A 8 -21.48 36.51 14.20
N ASP A 9 -21.06 36.90 13.02
CA ASP A 9 -19.62 36.74 12.65
C ASP A 9 -18.82 37.94 13.17
N LEU A 10 -17.53 37.82 13.18
CA LEU A 10 -16.67 38.93 13.67
C LEU A 10 -15.28 38.80 13.05
N SER A 11 -15.17 38.05 11.99
CA SER A 11 -13.83 37.88 11.35
C SER A 11 -14.01 37.51 9.88
N ALA A 12 -15.12 37.85 9.31
CA ALA A 12 -15.36 37.52 7.87
C ALA A 12 -15.68 36.02 7.73
N GLY A 13 -15.75 35.32 8.82
CA GLY A 13 -16.05 33.87 8.77
C GLY A 13 -16.13 33.31 10.19
N PHE A 14 -17.22 32.72 10.56
CA PHE A 14 -17.35 32.16 11.94
C PHE A 14 -16.95 30.69 11.95
N PHE A 15 -17.85 29.85 11.52
CA PHE A 15 -17.53 28.41 11.48
C PHE A 15 -16.45 28.22 10.41
N MET A 16 -16.27 29.24 9.61
CA MET A 16 -15.22 29.19 8.56
C MET A 16 -13.87 29.49 9.19
N GLU A 17 -13.79 30.52 10.00
CA GLU A 17 -12.50 30.82 10.65
C GLU A 17 -12.05 29.60 11.42
N GLU A 18 -12.99 28.79 11.84
CA GLU A 18 -12.65 27.56 12.59
C GLU A 18 -12.27 26.47 11.59
N LEU A 19 -13.18 26.17 10.70
CA LEU A 19 -12.91 25.15 9.67
C LEU A 19 -11.62 25.55 8.94
N ASN A 20 -11.52 26.80 8.63
CA ASN A 20 -10.33 27.32 7.91
C ASN A 20 -9.05 27.16 8.75
N THR A 21 -9.18 27.03 10.04
CA THR A 21 -7.98 26.92 10.90
C THR A 21 -7.30 25.55 10.70
N TYR A 22 -8.00 24.47 10.89
CA TYR A 22 -7.37 23.13 10.71
C TYR A 22 -6.77 23.02 9.30
N ARG A 23 -7.50 23.45 8.31
CA ARG A 23 -7.02 23.36 6.90
C ARG A 23 -5.54 23.76 6.82
N GLN A 24 -5.13 24.73 7.59
CA GLN A 24 -3.71 25.15 7.58
C GLN A 24 -2.87 24.10 8.33
N LYS A 25 -3.48 23.40 9.23
CA LYS A 25 -2.74 22.37 9.99
C LYS A 25 -2.54 21.14 9.10
N GLN A 26 -3.34 21.01 8.07
CA GLN A 26 -3.20 19.83 7.15
C GLN A 26 -2.49 20.27 5.87
N GLY A 27 -2.51 21.53 5.58
CA GLY A 27 -1.85 22.03 4.33
C GLY A 27 -2.78 21.79 3.14
N VAL A 28 -4.05 22.05 3.32
CA VAL A 28 -5.03 21.87 2.22
C VAL A 28 -5.50 23.24 1.76
N VAL A 29 -6.55 23.30 0.98
CA VAL A 29 -7.01 24.64 0.52
C VAL A 29 -8.53 24.63 0.34
N LEU A 30 -9.20 25.56 0.96
CA LEU A 30 -10.68 25.62 0.89
C LEU A 30 -11.11 26.44 -0.34
N LYS A 31 -11.79 25.82 -1.26
CA LYS A 31 -12.28 26.57 -2.46
C LYS A 31 -13.80 26.68 -2.37
N TYR A 32 -14.30 27.86 -2.14
CA TYR A 32 -15.77 28.06 -2.01
C TYR A 32 -16.35 28.50 -3.36
N GLN A 33 -17.33 27.78 -3.85
CA GLN A 33 -17.98 28.14 -5.12
C GLN A 33 -19.49 28.16 -4.88
N GLU A 34 -20.07 29.32 -4.84
CA GLU A 34 -21.53 29.43 -4.55
C GLU A 34 -22.37 29.16 -5.81
N LEU A 35 -23.51 28.53 -5.61
CA LEU A 35 -24.44 28.27 -6.75
C LEU A 35 -25.86 28.63 -6.27
N PRO A 36 -26.09 29.90 -6.01
CA PRO A 36 -27.40 30.38 -5.50
C PRO A 36 -28.54 30.08 -6.47
N ASN A 37 -29.71 29.89 -5.92
CA ASN A 37 -30.93 29.61 -6.74
C ASN A 37 -30.60 28.73 -7.94
N SER A 38 -30.77 27.45 -7.81
CA SER A 38 -30.49 26.53 -8.95
C SER A 38 -31.50 25.37 -8.94
N GLY A 39 -32.23 25.21 -7.87
CA GLY A 39 -33.23 24.10 -7.80
C GLY A 39 -34.27 24.27 -8.92
N PRO A 40 -34.35 23.33 -9.85
CA PRO A 40 -35.33 23.43 -10.94
C PRO A 40 -36.79 23.60 -10.43
N PRO A 41 -37.17 22.84 -9.41
CA PRO A 41 -38.55 22.94 -8.88
C PRO A 41 -38.78 24.34 -8.27
N HIS A 42 -38.57 25.36 -9.06
CA HIS A 42 -38.77 26.76 -8.57
C HIS A 42 -38.25 26.93 -7.14
N ASP A 43 -37.35 26.08 -6.73
CA ASP A 43 -36.80 26.20 -5.36
C ASP A 43 -35.55 27.07 -5.42
N ARG A 44 -35.72 28.36 -5.31
CA ARG A 44 -34.55 29.25 -5.35
C ARG A 44 -33.72 29.04 -4.09
N ARG A 45 -33.38 27.82 -3.78
CA ARG A 45 -32.59 27.56 -2.56
C ARG A 45 -31.13 27.95 -2.82
N PHE A 46 -30.31 27.92 -1.82
CA PHE A 46 -28.88 28.28 -1.99
C PHE A 46 -28.05 27.01 -1.92
N THR A 47 -27.57 26.54 -3.05
CA THR A 47 -26.75 25.29 -3.06
C THR A 47 -25.29 25.67 -3.25
N PHE A 48 -24.51 25.64 -2.20
CA PHE A 48 -23.08 26.02 -2.31
C PHE A 48 -22.22 24.78 -2.57
N GLN A 49 -20.98 25.00 -2.91
CA GLN A 49 -20.02 23.89 -3.17
C GLN A 49 -18.73 24.24 -2.43
N VAL A 50 -18.08 23.30 -1.81
CA VAL A 50 -16.84 23.65 -1.03
C VAL A 50 -15.85 22.48 -1.03
N ILE A 51 -14.66 22.70 -1.50
CA ILE A 51 -13.62 21.64 -1.48
C ILE A 51 -12.69 21.92 -0.30
N ILE A 52 -11.75 21.05 -0.02
CA ILE A 52 -10.83 21.28 1.12
C ILE A 52 -9.37 21.30 0.63
N ASP A 53 -9.06 20.45 -0.30
CA ASP A 53 -7.67 20.35 -0.84
C ASP A 53 -7.64 20.60 -2.35
N GLY A 54 -8.60 20.07 -3.06
CA GLY A 54 -8.62 20.24 -4.56
C GLY A 54 -8.91 18.88 -5.20
N ARG A 55 -9.59 18.02 -4.49
CA ARG A 55 -9.90 16.67 -5.04
C ARG A 55 -11.25 16.19 -4.52
N GLU A 56 -11.70 16.74 -3.44
CA GLU A 56 -13.01 16.33 -2.88
C GLU A 56 -14.10 17.18 -3.55
N PHE A 57 -15.35 16.93 -3.25
CA PHE A 57 -16.42 17.73 -3.89
C PHE A 57 -17.69 17.76 -3.04
N PRO A 58 -17.57 17.93 -1.74
CA PRO A 58 -18.73 18.02 -0.86
C PRO A 58 -19.63 19.19 -1.28
N GLU A 59 -20.82 19.29 -0.75
CA GLU A 59 -21.73 20.41 -1.11
C GLU A 59 -23.03 20.30 -0.29
N GLY A 60 -23.67 21.40 -0.02
CA GLY A 60 -24.93 21.34 0.78
C GLY A 60 -25.84 22.52 0.44
N GLU A 61 -26.95 22.65 1.14
CA GLU A 61 -27.91 23.75 0.86
C GLU A 61 -28.22 24.49 2.16
N GLY A 62 -29.02 25.53 2.09
CA GLY A 62 -29.37 26.29 3.33
C GLY A 62 -30.40 27.38 3.01
N ARG A 63 -30.58 27.70 1.75
CA ARG A 63 -31.56 28.74 1.33
C ARG A 63 -30.87 30.11 1.31
N SER A 64 -31.59 31.14 0.96
CA SER A 64 -30.96 32.48 0.84
C SER A 64 -30.69 33.11 2.22
N LYS A 65 -29.52 32.84 2.77
CA LYS A 65 -29.12 33.43 4.07
C LYS A 65 -27.86 32.75 4.59
N LYS A 66 -27.51 33.03 5.81
CA LYS A 66 -26.29 32.42 6.43
C LYS A 66 -26.33 30.90 6.26
N GLU A 67 -27.48 30.32 6.40
CA GLU A 67 -27.62 28.84 6.27
C GLU A 67 -26.84 28.37 5.04
N ALA A 68 -26.68 29.21 4.07
CA ALA A 68 -25.95 28.82 2.85
C ALA A 68 -24.46 28.72 3.15
N LYS A 69 -23.82 29.83 3.39
CA LYS A 69 -22.37 29.78 3.71
C LYS A 69 -22.14 28.85 4.89
N ASN A 70 -23.04 28.86 5.84
CA ASN A 70 -22.91 27.98 7.03
C ASN A 70 -23.04 26.52 6.60
N ALA A 71 -24.12 26.17 5.95
CA ALA A 71 -24.28 24.76 5.54
C ALA A 71 -23.06 24.36 4.71
N ALA A 72 -22.60 25.25 3.89
CA ALA A 72 -21.40 24.93 3.05
C ALA A 72 -20.20 24.62 3.94
N ALA A 73 -19.79 25.56 4.75
CA ALA A 73 -18.61 25.32 5.64
C ALA A 73 -18.98 24.39 6.80
N LYS A 74 -20.18 24.48 7.30
CA LYS A 74 -20.59 23.61 8.45
C LYS A 74 -20.43 22.14 8.09
N LEU A 75 -21.08 21.71 7.06
CA LEU A 75 -21.01 20.29 6.70
C LEU A 75 -19.57 19.87 6.41
N ALA A 76 -18.75 20.80 6.02
CA ALA A 76 -17.32 20.43 5.75
C ALA A 76 -16.67 19.96 7.05
N VAL A 77 -17.07 20.52 8.16
CA VAL A 77 -16.50 20.08 9.46
C VAL A 77 -16.90 18.62 9.70
N GLU A 78 -18.10 18.28 9.34
CA GLU A 78 -18.57 16.88 9.54
C GLU A 78 -17.61 15.92 8.84
N ILE A 79 -16.84 16.41 7.92
CA ILE A 79 -15.89 15.53 7.18
C ILE A 79 -14.69 15.19 8.06
N LEU A 80 -14.09 16.19 8.67
CA LEU A 80 -12.92 15.90 9.55
C LEU A 80 -13.40 14.92 10.59
N ASN A 81 -14.62 15.10 10.98
CA ASN A 81 -15.24 14.20 11.98
C ASN A 81 -15.07 12.76 11.50
N LYS A 82 -15.33 12.52 10.25
CA LYS A 82 -15.14 11.17 9.71
C LYS A 82 -13.63 10.92 9.67
N GLU A 83 -13.11 10.48 8.57
CA GLU A 83 -11.63 10.23 8.50
C GLU A 83 -11.22 9.37 9.69
N LYS A 84 -12.18 8.91 10.46
CA LYS A 84 -11.86 8.07 11.64
C LYS A 84 -11.54 6.65 11.20
N LYS A 85 -11.53 6.40 9.92
CA LYS A 85 -11.23 5.03 9.44
C LYS A 85 -9.71 4.83 9.45
N ALA A 86 -9.25 3.80 8.80
CA ALA A 86 -7.79 3.55 8.75
C ALA A 86 -7.15 4.43 7.67
N VAL A 87 -6.58 5.54 8.06
CA VAL A 87 -5.95 6.45 7.07
C VAL A 87 -4.69 7.07 7.67
N SER A 88 -3.76 6.26 8.10
CA SER A 88 -2.51 6.80 8.70
C SER A 88 -1.51 7.12 7.57
N PRO A 89 -0.71 8.15 7.73
CA PRO A 89 0.27 8.52 6.69
C PRO A 89 1.27 7.38 6.46
N LEU A 90 2.36 7.37 7.18
CA LEU A 90 3.38 6.27 7.01
C LEU A 90 3.00 5.06 7.87
N LEU A 91 2.91 3.90 7.27
CA LEU A 91 2.56 2.67 8.04
C LEU A 91 3.85 2.03 8.56
N LEU A 92 3.96 1.84 9.85
CA LEU A 92 5.18 1.24 10.44
C LEU A 92 5.07 -0.28 10.37
N THR A 93 5.70 -0.88 9.38
CA THR A 93 5.65 -2.38 9.24
C THR A 93 7.08 -2.92 9.08
N THR A 94 8.01 -2.41 9.83
CA THR A 94 9.41 -2.90 9.72
C THR A 94 9.68 -3.94 10.81
N THR A 95 8.94 -5.02 10.81
CA THR A 95 9.15 -6.08 11.85
C THR A 95 9.95 -7.24 11.24
N ASN A 96 11.14 -6.97 10.77
CA ASN A 96 11.98 -8.04 10.17
C ASN A 96 13.19 -8.29 11.08
N SER A 97 13.62 -7.29 11.80
CA SER A 97 14.79 -7.47 12.70
C SER A 97 15.94 -8.10 11.93
N SER A 98 16.42 -9.24 12.37
CA SER A 98 17.54 -9.90 11.66
C SER A 98 17.20 -10.03 10.17
N GLU A 99 18.17 -10.30 9.34
CA GLU A 99 17.90 -10.44 7.89
C GLU A 99 17.23 -11.79 7.61
N GLY A 100 16.95 -12.09 6.38
CA GLY A 100 16.30 -13.38 6.04
C GLY A 100 15.97 -13.42 4.55
N LEU A 101 15.22 -12.47 4.07
CA LEU A 101 14.87 -12.44 2.62
C LEU A 101 14.40 -13.85 2.17
N SER A 102 13.12 -14.08 2.16
CA SER A 102 12.60 -15.41 1.73
C SER A 102 11.43 -15.20 0.76
N MET A 103 11.38 -14.07 0.12
CA MET A 103 10.27 -13.79 -0.83
C MET A 103 10.19 -14.92 -1.86
N GLY A 104 9.06 -15.57 -1.95
CA GLY A 104 8.92 -16.69 -2.93
C GLY A 104 9.69 -17.91 -2.43
N ASN A 105 10.42 -17.76 -1.35
CA ASN A 105 11.22 -18.91 -0.81
C ASN A 105 12.15 -19.44 -1.89
N TYR A 106 12.79 -20.56 -1.64
CA TYR A 106 13.72 -21.14 -2.64
C TYR A 106 14.04 -22.58 -2.26
N ILE A 107 14.84 -22.79 -1.25
CA ILE A 107 15.13 -24.20 -0.84
C ILE A 107 13.80 -24.82 -0.41
N GLY A 108 12.82 -23.99 -0.17
CA GLY A 108 11.48 -24.50 0.23
C GLY A 108 10.69 -24.93 -1.00
N LEU A 109 10.70 -24.16 -2.06
CA LEU A 109 9.93 -24.56 -3.27
C LEU A 109 10.56 -25.76 -3.95
N ILE A 110 11.84 -25.96 -3.83
CA ILE A 110 12.43 -27.12 -4.51
C ILE A 110 11.79 -28.38 -3.95
N ASN A 111 11.56 -28.41 -2.68
CA ASN A 111 10.88 -29.58 -2.08
C ASN A 111 9.46 -29.65 -2.61
N ARG A 112 8.96 -28.55 -3.10
CA ARG A 112 7.59 -28.51 -3.63
C ARG A 112 7.57 -29.17 -5.00
N ILE A 113 8.43 -28.74 -5.88
CA ILE A 113 8.50 -29.35 -7.23
C ILE A 113 8.78 -30.84 -7.06
N ALA A 114 9.30 -31.20 -5.93
CA ALA A 114 9.59 -32.64 -5.68
C ALA A 114 8.28 -33.41 -5.68
N GLN A 115 7.47 -33.19 -4.68
CA GLN A 115 6.17 -33.90 -4.55
C GLN A 115 5.17 -33.48 -5.64
N LYS A 116 5.37 -32.36 -6.27
CA LYS A 116 4.40 -31.95 -7.33
C LYS A 116 4.55 -32.91 -8.50
N LYS A 117 5.62 -32.78 -9.22
CA LYS A 117 5.88 -33.69 -10.36
C LYS A 117 6.66 -34.89 -9.83
N ARG A 118 6.31 -35.27 -8.63
CA ARG A 118 6.92 -36.44 -7.92
C ARG A 118 8.37 -36.76 -8.37
N LEU A 119 9.34 -36.20 -7.69
CA LEU A 119 10.78 -36.54 -7.97
C LEU A 119 11.58 -36.37 -6.67
N THR A 120 12.89 -36.47 -6.74
CA THR A 120 13.72 -36.34 -5.50
C THR A 120 14.60 -35.09 -5.55
N VAL A 121 14.70 -34.42 -4.44
CA VAL A 121 15.57 -33.21 -4.38
C VAL A 121 16.21 -33.10 -2.99
N ASN A 122 17.52 -33.24 -2.92
CA ASN A 122 18.22 -33.13 -1.60
C ASN A 122 19.52 -32.37 -1.82
N TYR A 123 20.12 -31.90 -0.75
CA TYR A 123 21.38 -31.10 -0.91
C TYR A 123 22.59 -31.77 -0.25
N GLU A 124 23.76 -31.51 -0.79
CA GLU A 124 25.03 -32.05 -0.23
C GLU A 124 26.03 -30.89 -0.22
N GLN A 125 27.28 -31.12 0.10
CA GLN A 125 28.21 -29.93 0.12
C GLN A 125 29.69 -30.34 0.23
N CYS A 126 30.51 -29.79 -0.63
CA CYS A 126 31.98 -30.08 -0.60
C CYS A 126 32.75 -28.75 -0.74
N ALA A 127 32.85 -27.99 0.32
CA ALA A 127 33.58 -26.69 0.25
C ALA A 127 34.96 -26.92 -0.38
N SER A 128 35.36 -26.09 -1.31
CA SER A 128 36.69 -26.27 -1.92
C SER A 128 37.70 -25.42 -1.16
N GLY A 129 38.19 -25.93 -0.06
CA GLY A 129 39.18 -25.17 0.76
C GLY A 129 40.57 -25.73 0.49
N VAL A 130 40.91 -25.91 -0.75
CA VAL A 130 42.24 -26.46 -1.09
C VAL A 130 43.31 -25.50 -0.53
N HIS A 131 43.68 -24.51 -1.27
CA HIS A 131 44.67 -23.55 -0.74
C HIS A 131 43.92 -22.60 0.17
N GLY A 132 42.69 -22.32 -0.18
CA GLY A 132 41.85 -21.46 0.67
C GLY A 132 41.09 -20.41 -0.16
N PRO A 133 41.83 -19.53 -0.80
CA PRO A 133 41.22 -18.45 -1.60
C PRO A 133 40.46 -19.03 -2.80
N GLU A 134 40.47 -20.33 -2.97
CA GLU A 134 39.73 -20.92 -4.11
C GLU A 134 38.24 -20.55 -4.00
N GLY A 135 37.41 -21.42 -3.52
CA GLY A 135 35.97 -21.06 -3.39
C GLY A 135 35.23 -22.13 -2.59
N PHE A 136 33.93 -22.21 -2.75
CA PHE A 136 33.15 -23.23 -2.02
C PHE A 136 32.36 -24.04 -3.03
N HIS A 137 32.68 -25.30 -3.17
CA HIS A 137 31.94 -26.13 -4.14
C HIS A 137 30.87 -26.92 -3.42
N TYR A 138 29.65 -26.80 -3.87
CA TYR A 138 28.54 -27.53 -3.22
C TYR A 138 27.99 -28.53 -4.23
N LYS A 139 27.15 -29.41 -3.80
CA LYS A 139 26.60 -30.41 -4.73
C LYS A 139 25.18 -30.77 -4.32
N CYS A 140 24.30 -30.88 -5.28
CA CYS A 140 22.88 -31.21 -4.96
C CYS A 140 22.25 -31.92 -6.14
N LYS A 141 21.38 -32.85 -5.88
CA LYS A 141 20.73 -33.61 -7.00
C LYS A 141 19.26 -33.24 -7.10
N MET A 142 18.67 -33.34 -8.26
CA MET A 142 17.23 -32.96 -8.36
C MET A 142 16.56 -33.68 -9.54
N GLY A 143 15.28 -33.92 -9.42
CA GLY A 143 14.56 -34.59 -10.53
C GLY A 143 15.17 -35.94 -10.83
N GLN A 144 14.40 -36.86 -11.34
CA GLN A 144 14.98 -38.18 -11.67
C GLN A 144 15.78 -38.02 -12.97
N LYS A 145 16.91 -37.36 -12.90
CA LYS A 145 17.72 -37.14 -14.12
C LYS A 145 19.22 -37.21 -13.80
N GLU A 146 19.78 -36.15 -13.26
CA GLU A 146 21.25 -36.18 -12.96
C GLU A 146 21.55 -35.45 -11.65
N TYR A 147 22.82 -35.18 -11.43
CA TYR A 147 23.26 -34.51 -10.16
C TYR A 147 23.42 -32.99 -10.37
N SER A 148 22.43 -32.21 -10.00
CA SER A 148 22.53 -30.73 -10.15
C SER A 148 23.66 -30.22 -9.24
N ILE A 149 24.88 -30.39 -9.63
CA ILE A 149 26.01 -29.91 -8.77
C ILE A 149 26.08 -28.38 -8.86
N GLY A 150 26.24 -27.70 -7.75
CA GLY A 150 26.30 -26.20 -7.78
C GLY A 150 27.51 -25.69 -6.98
N THR A 151 28.00 -24.53 -7.34
CA THR A 151 29.16 -23.93 -6.62
C THR A 151 28.77 -22.56 -6.09
N GLY A 152 29.52 -22.02 -5.16
CA GLY A 152 29.17 -20.67 -4.62
C GLY A 152 30.40 -20.03 -3.97
N SER A 153 30.36 -18.73 -3.78
CA SER A 153 31.51 -18.03 -3.15
C SER A 153 31.53 -18.29 -1.65
N THR A 154 30.37 -18.46 -1.07
CA THR A 154 30.28 -18.70 0.40
C THR A 154 29.36 -19.88 0.66
N LYS A 155 29.55 -20.58 1.75
CA LYS A 155 28.70 -21.74 2.06
C LYS A 155 27.23 -21.35 1.96
N GLN A 156 26.91 -20.16 2.37
CA GLN A 156 25.49 -19.71 2.32
C GLN A 156 25.10 -19.36 0.88
N GLU A 157 25.92 -18.62 0.18
CA GLU A 157 25.58 -18.28 -1.22
C GLU A 157 25.30 -19.57 -1.98
N ALA A 158 25.95 -20.63 -1.59
CA ALA A 158 25.76 -21.92 -2.30
C ALA A 158 24.33 -22.45 -2.11
N LYS A 159 23.99 -22.79 -0.90
CA LYS A 159 22.64 -23.36 -0.62
C LYS A 159 21.52 -22.58 -1.30
N GLN A 160 21.38 -21.32 -1.01
CA GLN A 160 20.27 -20.54 -1.63
C GLN A 160 20.30 -20.72 -3.14
N LEU A 161 21.41 -20.42 -3.74
CA LEU A 161 21.51 -20.55 -5.20
C LEU A 161 21.44 -22.04 -5.58
N ALA A 162 21.93 -22.92 -4.75
CA ALA A 162 21.84 -24.36 -5.10
C ALA A 162 20.38 -24.66 -5.42
N ALA A 163 19.50 -23.95 -4.78
CA ALA A 163 18.05 -24.13 -5.06
C ALA A 163 17.82 -23.68 -6.51
N LYS A 164 17.94 -22.40 -6.75
CA LYS A 164 17.75 -21.86 -8.13
C LYS A 164 18.33 -22.82 -9.17
N LEU A 165 19.56 -23.21 -8.98
CA LEU A 165 20.22 -24.13 -9.97
C LEU A 165 19.31 -25.33 -10.27
N ALA A 166 19.04 -26.15 -9.30
CA ALA A 166 18.16 -27.33 -9.53
C ALA A 166 16.75 -26.88 -9.87
N TYR A 167 16.23 -26.02 -9.07
CA TYR A 167 14.87 -25.51 -9.29
C TYR A 167 14.72 -25.06 -10.76
N LEU A 168 15.54 -24.14 -11.19
CA LEU A 168 15.46 -23.67 -12.60
C LEU A 168 15.84 -24.82 -13.56
N GLN A 169 16.38 -25.88 -13.05
CA GLN A 169 16.78 -27.01 -13.95
C GLN A 169 15.58 -27.90 -14.22
N ILE A 170 14.86 -28.19 -13.20
CA ILE A 170 13.65 -29.03 -13.39
C ILE A 170 12.77 -28.34 -14.42
N LEU A 171 12.78 -27.04 -14.41
CA LEU A 171 11.94 -26.30 -15.38
C LEU A 171 12.47 -26.57 -16.77
N SER A 172 13.76 -26.51 -16.91
CA SER A 172 14.38 -26.75 -18.23
C SER A 172 14.36 -28.25 -18.53
N GLU A 173 14.22 -29.08 -17.52
CA GLU A 173 14.19 -30.54 -17.82
C GLU A 173 12.88 -30.89 -18.53
N GLU A 174 12.96 -31.34 -19.74
CA GLU A 174 11.72 -31.70 -20.50
C GLU A 174 11.27 -33.09 -20.09
N THR A 175 12.06 -33.78 -19.33
CA THR A 175 11.69 -35.16 -18.89
C THR A 175 10.89 -35.10 -17.59
N GLY A 176 10.26 -36.18 -17.22
CA GLY A 176 9.46 -36.19 -15.97
C GLY A 176 8.13 -35.49 -16.20
N SER A 177 8.00 -34.76 -17.28
CA SER A 177 6.72 -34.05 -17.56
C SER A 177 5.84 -34.94 -18.43
N GLY A 178 6.22 -36.19 -18.58
CA GLY A 178 5.41 -37.13 -19.41
C GLY A 178 6.06 -37.25 -20.79
N CYS A 179 6.94 -36.34 -21.12
CA CYS A 179 7.63 -36.39 -22.44
C CYS A 179 9.07 -36.85 -22.27
N GLY A 1 -38.39 35.61 16.86
CA GLY A 1 -38.35 34.19 17.32
C GLY A 1 -37.31 34.01 18.43
N SER A 2 -37.64 33.22 19.43
CA SER A 2 -36.67 32.94 20.53
C SER A 2 -35.50 32.17 19.95
N HIS A 3 -35.72 31.55 18.82
CA HIS A 3 -34.64 30.77 18.16
C HIS A 3 -33.71 31.74 17.41
N MET A 4 -32.51 31.93 17.89
CA MET A 4 -31.58 32.86 17.21
C MET A 4 -31.47 32.49 15.74
N GLU A 5 -30.67 33.18 14.99
CA GLU A 5 -30.51 32.88 13.54
C GLU A 5 -29.06 33.11 13.14
N MET A 6 -28.16 32.81 14.03
CA MET A 6 -26.71 33.00 13.74
C MET A 6 -25.90 32.09 14.68
N ALA A 7 -24.99 31.32 14.14
CA ALA A 7 -24.18 30.43 15.02
C ALA A 7 -23.21 31.27 15.84
N GLY A 8 -23.72 32.24 16.57
CA GLY A 8 -22.82 33.11 17.39
C GLY A 8 -21.81 33.81 16.47
N ASP A 9 -22.07 33.80 15.20
CA ASP A 9 -21.13 34.46 14.23
C ASP A 9 -21.49 35.94 14.11
N LEU A 10 -20.66 36.70 13.46
CA LEU A 10 -20.95 38.15 13.30
C LEU A 10 -20.23 38.70 12.08
N SER A 11 -19.42 37.89 11.45
CA SER A 11 -18.68 38.36 10.25
C SER A 11 -18.19 37.17 9.44
N ALA A 12 -18.88 36.08 9.52
CA ALA A 12 -18.45 34.87 8.74
C ALA A 12 -17.23 34.26 9.42
N GLY A 13 -17.44 33.36 10.35
CA GLY A 13 -16.27 32.74 11.04
C GLY A 13 -16.74 31.94 12.26
N PHE A 14 -16.87 30.65 12.13
CA PHE A 14 -17.30 29.81 13.28
C PHE A 14 -16.88 28.37 13.06
N PHE A 15 -17.76 27.52 12.60
CA PHE A 15 -17.35 26.12 12.35
C PHE A 15 -16.36 26.15 11.20
N MET A 16 -16.33 27.26 10.53
CA MET A 16 -15.37 27.43 9.40
C MET A 16 -14.01 27.76 9.98
N GLU A 17 -13.93 28.65 10.95
CA GLU A 17 -12.60 28.96 11.54
C GLU A 17 -12.04 27.67 12.12
N GLU A 18 -12.89 26.75 12.49
CA GLU A 18 -12.40 25.46 13.05
C GLU A 18 -12.00 24.55 11.89
N LEU A 19 -12.93 24.28 11.03
CA LEU A 19 -12.63 23.41 9.86
C LEU A 19 -11.49 24.08 9.08
N ASN A 20 -11.53 25.38 8.97
CA ASN A 20 -10.46 26.10 8.23
C ASN A 20 -9.11 25.87 8.93
N THR A 21 -9.13 25.44 10.16
CA THR A 21 -7.87 25.23 10.90
C THR A 21 -7.11 24.01 10.35
N TYR A 22 -7.69 22.85 10.42
CA TYR A 22 -6.97 21.62 9.95
C TYR A 22 -6.62 21.65 8.46
N ARG A 23 -7.50 22.06 7.61
CA ARG A 23 -7.18 22.03 6.16
C ARG A 23 -5.91 22.83 5.87
N GLN A 24 -5.67 23.89 6.59
CA GLN A 24 -4.42 24.65 6.35
C GLN A 24 -3.26 23.81 6.90
N LYS A 25 -3.55 22.96 7.85
CA LYS A 25 -2.49 22.08 8.41
C LYS A 25 -2.27 20.91 7.45
N GLN A 26 -3.17 20.75 6.52
CA GLN A 26 -3.04 19.63 5.54
C GLN A 26 -2.37 20.15 4.27
N GLY A 27 -2.19 21.43 4.18
CA GLY A 27 -1.55 22.00 2.96
C GLY A 27 -2.54 21.97 1.81
N VAL A 28 -3.79 22.24 2.09
CA VAL A 28 -4.82 22.24 1.03
C VAL A 28 -5.21 23.69 0.74
N VAL A 29 -6.35 23.92 0.13
CA VAL A 29 -6.75 25.34 -0.16
C VAL A 29 -8.26 25.47 -0.02
N LEU A 30 -8.70 26.42 0.75
CA LEU A 30 -10.16 26.58 0.96
C LEU A 30 -10.76 27.46 -0.14
N LYS A 31 -11.67 26.91 -0.89
CA LYS A 31 -12.32 27.70 -1.98
C LYS A 31 -13.83 27.73 -1.71
N TYR A 32 -14.30 28.76 -1.05
CA TYR A 32 -15.75 28.84 -0.73
C TYR A 32 -16.49 29.58 -1.85
N GLN A 33 -17.56 29.03 -2.33
CA GLN A 33 -18.33 29.70 -3.42
C GLN A 33 -19.82 29.67 -3.10
N GLU A 34 -20.35 30.78 -2.71
CA GLU A 34 -21.80 30.86 -2.36
C GLU A 34 -22.66 30.98 -3.62
N LEU A 35 -23.75 30.26 -3.65
CA LEU A 35 -24.68 30.33 -4.82
C LEU A 35 -26.10 30.46 -4.24
N PRO A 36 -26.46 31.67 -3.86
CA PRO A 36 -27.77 31.96 -3.21
C PRO A 36 -28.97 31.86 -4.17
N ASN A 37 -30.10 31.47 -3.62
CA ASN A 37 -31.37 31.36 -4.41
C ASN A 37 -31.13 30.85 -5.82
N SER A 38 -31.44 29.60 -6.03
CA SER A 38 -31.29 28.99 -7.39
C SER A 38 -32.36 27.91 -7.62
N GLY A 39 -33.05 27.51 -6.57
CA GLY A 39 -34.10 26.44 -6.73
C GLY A 39 -35.26 26.98 -7.59
N PRO A 40 -35.55 26.32 -8.70
CA PRO A 40 -36.66 26.75 -9.58
C PRO A 40 -38.01 26.86 -8.84
N PRO A 41 -38.36 25.89 -8.01
CA PRO A 41 -39.65 25.91 -7.29
C PRO A 41 -39.72 27.13 -6.34
N HIS A 42 -39.46 28.30 -6.86
CA HIS A 42 -39.51 29.54 -6.02
C HIS A 42 -38.87 29.29 -4.66
N ASP A 43 -38.09 28.26 -4.53
CA ASP A 43 -37.43 27.97 -3.23
C ASP A 43 -36.11 28.72 -3.19
N ARG A 44 -36.14 29.94 -2.76
CA ARG A 44 -34.88 30.72 -2.70
C ARG A 44 -33.99 30.07 -1.64
N ARG A 45 -33.73 28.80 -1.77
CA ARG A 45 -32.89 28.13 -0.76
C ARG A 45 -31.44 28.53 -1.00
N PHE A 46 -30.55 28.14 -0.13
CA PHE A 46 -29.12 28.51 -0.30
C PHE A 46 -28.32 27.30 -0.74
N THR A 47 -27.73 27.36 -1.90
CA THR A 47 -26.92 26.21 -2.41
C THR A 47 -25.45 26.61 -2.39
N PHE A 48 -24.68 26.11 -1.47
CA PHE A 48 -23.24 26.51 -1.40
C PHE A 48 -22.35 25.54 -2.18
N GLN A 49 -21.14 25.97 -2.39
CA GLN A 49 -20.12 25.15 -3.11
C GLN A 49 -18.79 25.36 -2.41
N VAL A 50 -18.05 24.34 -2.10
CA VAL A 50 -16.77 24.56 -1.37
C VAL A 50 -15.79 23.42 -1.62
N ILE A 51 -14.59 23.75 -1.99
CA ILE A 51 -13.54 22.72 -2.26
C ILE A 51 -12.56 22.71 -1.07
N ILE A 52 -11.62 21.79 -1.06
CA ILE A 52 -10.66 21.72 0.09
C ILE A 52 -9.23 22.00 -0.40
N ASP A 53 -8.86 21.40 -1.49
CA ASP A 53 -7.50 21.57 -2.05
C ASP A 53 -7.56 22.16 -3.47
N GLY A 54 -8.25 21.49 -4.35
CA GLY A 54 -8.35 21.97 -5.75
C GLY A 54 -8.58 20.77 -6.67
N ARG A 55 -9.31 19.79 -6.19
CA ARG A 55 -9.57 18.57 -7.02
C ARG A 55 -10.95 18.00 -6.70
N GLU A 56 -11.46 18.30 -5.54
CA GLU A 56 -12.80 17.77 -5.17
C GLU A 56 -13.89 18.76 -5.60
N PHE A 57 -15.13 18.50 -5.27
CA PHE A 57 -16.22 19.43 -5.67
C PHE A 57 -17.46 19.23 -4.78
N PRO A 58 -17.27 19.07 -3.49
CA PRO A 58 -18.40 18.90 -2.56
C PRO A 58 -19.36 20.09 -2.62
N GLU A 59 -20.50 19.98 -1.99
CA GLU A 59 -21.49 21.10 -2.01
C GLU A 59 -22.70 20.72 -1.15
N GLY A 60 -23.44 21.68 -0.69
CA GLY A 60 -24.64 21.36 0.15
C GLY A 60 -25.49 22.62 0.34
N GLU A 61 -26.70 22.48 0.81
CA GLU A 61 -27.57 23.68 1.01
C GLU A 61 -28.06 23.76 2.45
N GLY A 62 -28.63 24.87 2.83
CA GLY A 62 -29.13 25.03 4.23
C GLY A 62 -30.16 26.17 4.28
N ARG A 63 -30.59 26.66 3.16
CA ARG A 63 -31.59 27.77 3.14
C ARG A 63 -30.90 29.10 3.45
N SER A 64 -31.63 30.18 3.40
CA SER A 64 -31.01 31.52 3.64
C SER A 64 -30.65 31.73 5.11
N LYS A 65 -29.56 31.15 5.56
CA LYS A 65 -29.13 31.36 6.98
C LYS A 65 -27.81 30.64 7.27
N LYS A 66 -27.46 30.59 8.54
CA LYS A 66 -26.18 29.96 8.98
C LYS A 66 -25.98 28.54 8.46
N GLU A 67 -26.94 27.67 8.63
CA GLU A 67 -26.73 26.26 8.18
C GLU A 67 -26.31 26.23 6.70
N ALA A 68 -26.35 27.33 6.03
CA ALA A 68 -25.92 27.31 4.59
C ALA A 68 -24.39 27.21 4.57
N LYS A 69 -23.69 28.22 5.00
CA LYS A 69 -22.20 28.13 5.00
C LYS A 69 -21.75 26.96 5.87
N ASN A 70 -22.40 26.76 6.99
CA ASN A 70 -22.01 25.64 7.87
C ASN A 70 -22.26 24.32 7.14
N ALA A 71 -23.32 24.22 6.39
CA ALA A 71 -23.59 22.96 5.65
C ALA A 71 -22.43 22.73 4.69
N ALA A 72 -21.97 23.78 4.07
CA ALA A 72 -20.84 23.66 3.11
C ALA A 72 -19.61 23.14 3.84
N ALA A 73 -19.20 23.84 4.86
CA ALA A 73 -17.99 23.42 5.62
C ALA A 73 -18.28 22.18 6.48
N LYS A 74 -19.39 22.15 7.16
CA LYS A 74 -19.72 20.98 8.02
C LYS A 74 -19.60 19.67 7.25
N LEU A 75 -20.36 19.52 6.22
CA LEU A 75 -20.32 18.26 5.47
C LEU A 75 -18.91 18.03 4.90
N ALA A 76 -18.20 19.08 4.66
CA ALA A 76 -16.82 18.93 4.11
C ALA A 76 -15.97 18.17 5.11
N VAL A 77 -16.18 18.40 6.38
CA VAL A 77 -15.38 17.64 7.40
C VAL A 77 -15.71 16.16 7.26
N GLU A 78 -16.94 15.85 6.96
CA GLU A 78 -17.33 14.41 6.81
C GLU A 78 -16.50 13.77 5.69
N ILE A 79 -15.79 14.57 4.93
CA ILE A 79 -14.98 14.01 3.81
C ILE A 79 -13.70 13.38 4.37
N LEU A 80 -12.88 14.16 5.02
CA LEU A 80 -11.64 13.58 5.57
C LEU A 80 -12.05 12.46 6.51
N ASN A 81 -13.10 12.68 7.22
CA ASN A 81 -13.61 11.65 8.16
C ASN A 81 -13.68 10.33 7.40
N LYS A 82 -14.32 10.32 6.27
CA LYS A 82 -14.39 9.09 5.45
C LYS A 82 -13.03 8.89 4.80
N GLU A 83 -13.01 8.62 3.52
CA GLU A 83 -11.70 8.40 2.83
C GLU A 83 -10.88 7.38 3.62
N LYS A 84 -11.48 6.80 4.62
CA LYS A 84 -10.77 5.81 5.46
C LYS A 84 -10.66 4.49 4.70
N LYS A 85 -11.12 4.46 3.47
CA LYS A 85 -11.04 3.21 2.66
C LYS A 85 -9.65 3.07 2.04
N ALA A 86 -9.55 2.25 1.03
CA ALA A 86 -8.23 2.06 0.36
C ALA A 86 -8.02 3.18 -0.67
N VAL A 87 -7.63 4.34 -0.22
CA VAL A 87 -7.42 5.47 -1.14
C VAL A 87 -6.28 6.35 -0.61
N SER A 88 -5.08 5.81 -0.55
CA SER A 88 -3.93 6.61 -0.04
C SER A 88 -3.40 7.50 -1.17
N PRO A 89 -2.64 8.52 -0.79
CA PRO A 89 -2.07 9.45 -1.79
C PRO A 89 -1.19 8.69 -2.79
N LEU A 90 -0.18 9.31 -3.31
CA LEU A 90 0.70 8.60 -4.29
C LEU A 90 1.70 7.74 -3.51
N LEU A 91 2.74 7.26 -4.17
CA LEU A 91 3.74 6.40 -3.45
C LEU A 91 4.83 7.28 -2.84
N LEU A 92 4.68 7.63 -1.58
CA LEU A 92 5.72 8.47 -0.91
C LEU A 92 6.81 7.55 -0.38
N THR A 93 7.64 8.04 0.51
CA THR A 93 8.73 7.19 1.07
C THR A 93 8.46 6.92 2.56
N THR A 94 7.43 7.49 3.09
CA THR A 94 7.11 7.29 4.53
C THR A 94 6.12 6.13 4.67
N THR A 95 6.42 5.01 4.07
CA THR A 95 5.51 3.83 4.15
C THR A 95 6.06 2.79 5.14
N ASN A 96 7.29 2.93 5.54
CA ASN A 96 7.90 1.95 6.51
C ASN A 96 7.52 0.52 6.09
N SER A 97 7.80 -0.44 6.93
CA SER A 97 7.46 -1.85 6.60
C SER A 97 7.94 -2.17 5.18
N SER A 98 9.22 -2.12 4.94
CA SER A 98 9.73 -2.43 3.57
C SER A 98 9.33 -3.85 3.18
N GLU A 99 8.69 -4.02 2.07
CA GLU A 99 8.26 -5.38 1.63
C GLU A 99 9.46 -6.13 1.05
N GLY A 100 9.38 -7.44 0.97
CA GLY A 100 10.52 -8.22 0.42
C GLY A 100 10.00 -9.56 -0.10
N LEU A 101 9.39 -10.35 0.75
CA LEU A 101 8.87 -11.67 0.29
C LEU A 101 9.94 -12.39 -0.54
N SER A 102 11.05 -12.74 0.07
CA SER A 102 12.12 -13.43 -0.69
C SER A 102 13.13 -14.05 0.28
N MET A 103 13.17 -13.57 1.50
CA MET A 103 14.13 -14.14 2.49
C MET A 103 13.61 -15.48 2.99
N GLY A 104 13.31 -15.59 4.26
CA GLY A 104 12.80 -16.87 4.81
C GLY A 104 13.95 -17.88 4.93
N ASN A 105 14.30 -18.53 3.85
CA ASN A 105 15.40 -19.53 3.90
C ASN A 105 15.60 -20.17 2.53
N TYR A 106 16.79 -20.15 2.02
CA TYR A 106 17.05 -20.78 0.69
C TYR A 106 17.00 -22.30 0.83
N ILE A 107 17.89 -22.85 1.60
CA ILE A 107 17.90 -24.33 1.80
C ILE A 107 16.52 -24.76 2.30
N GLY A 108 15.81 -23.86 2.94
CA GLY A 108 14.46 -24.19 3.47
C GLY A 108 13.38 -24.12 2.37
N LEU A 109 13.35 -23.06 1.59
CA LEU A 109 12.30 -22.95 0.54
C LEU A 109 12.48 -23.98 -0.55
N ILE A 110 13.66 -24.45 -0.79
CA ILE A 110 13.80 -25.46 -1.87
C ILE A 110 13.05 -26.70 -1.43
N ASN A 111 13.04 -26.96 -0.16
CA ASN A 111 12.28 -28.12 0.36
C ASN A 111 10.79 -27.86 0.14
N ARG A 112 10.44 -26.62 -0.08
CA ARG A 112 9.01 -26.26 -0.29
C ARG A 112 8.59 -26.68 -1.69
N ILE A 113 9.31 -26.25 -2.69
CA ILE A 113 8.93 -26.62 -4.07
C ILE A 113 8.99 -28.13 -4.20
N ALA A 114 9.77 -28.75 -3.36
CA ALA A 114 9.88 -30.23 -3.38
C ALA A 114 8.50 -30.84 -3.14
N GLN A 115 8.02 -30.71 -1.94
CA GLN A 115 6.69 -31.27 -1.57
C GLN A 115 5.59 -30.54 -2.33
N LYS A 116 5.90 -29.42 -2.95
CA LYS A 116 4.84 -28.69 -3.70
C LYS A 116 4.45 -29.54 -4.90
N LYS A 117 5.31 -29.60 -5.87
CA LYS A 117 5.05 -30.41 -7.06
C LYS A 117 5.74 -31.76 -6.86
N ARG A 118 5.63 -32.26 -5.64
CA ARG A 118 6.26 -33.55 -5.24
C ARG A 118 7.53 -33.87 -6.04
N LEU A 119 8.68 -33.69 -5.41
CA LEU A 119 9.99 -34.00 -6.06
C LEU A 119 10.97 -34.45 -4.97
N THR A 120 12.22 -34.62 -5.33
CA THR A 120 13.24 -35.03 -4.32
C THR A 120 14.07 -33.81 -3.94
N VAL A 121 14.41 -33.66 -2.69
CA VAL A 121 15.21 -32.48 -2.28
C VAL A 121 16.18 -32.85 -1.16
N ASN A 122 17.42 -33.11 -1.49
CA ASN A 122 18.40 -33.49 -0.43
C ASN A 122 19.79 -32.95 -0.81
N TYR A 123 20.72 -32.95 0.11
CA TYR A 123 22.08 -32.40 -0.21
C TYR A 123 23.19 -33.34 0.29
N GLU A 124 24.20 -33.52 -0.52
CA GLU A 124 25.36 -34.36 -0.13
C GLU A 124 26.61 -33.49 -0.34
N GLN A 125 27.80 -34.00 -0.19
CA GLN A 125 28.98 -33.08 -0.42
C GLN A 125 30.32 -33.80 -0.36
N CYS A 126 31.21 -33.41 -1.25
CA CYS A 126 32.59 -33.99 -1.29
C CYS A 126 33.59 -32.83 -1.41
N ALA A 127 34.09 -32.35 -0.31
CA ALA A 127 35.06 -31.21 -0.35
C ALA A 127 36.37 -31.66 -1.01
N SER A 128 36.88 -30.92 -1.95
CA SER A 128 38.16 -31.30 -2.62
C SER A 128 39.32 -30.55 -1.95
N GLY A 129 39.66 -30.92 -0.76
CA GLY A 129 40.77 -30.23 -0.05
C GLY A 129 42.09 -31.00 -0.28
N VAL A 130 42.46 -31.18 -1.52
CA VAL A 130 43.73 -31.91 -1.80
C VAL A 130 44.90 -31.16 -1.16
N HIS A 131 45.42 -30.19 -1.84
CA HIS A 131 46.56 -29.42 -1.27
C HIS A 131 46.04 -28.33 -0.34
N GLY A 132 45.16 -27.51 -0.82
CA GLY A 132 44.59 -26.42 0.04
C GLY A 132 43.90 -25.37 -0.82
N PRO A 133 44.68 -24.64 -1.57
CA PRO A 133 44.15 -23.58 -2.45
C PRO A 133 43.20 -24.20 -3.48
N GLU A 134 43.00 -25.49 -3.39
CA GLU A 134 42.10 -26.19 -4.34
C GLU A 134 40.69 -25.59 -4.24
N GLY A 135 39.72 -26.37 -3.85
CA GLY A 135 38.33 -25.82 -3.74
C GLY A 135 37.42 -26.81 -3.02
N PHE A 136 36.14 -26.53 -2.99
CA PHE A 136 35.19 -27.45 -2.32
C PHE A 136 34.11 -27.87 -3.31
N HIS A 137 33.98 -29.15 -3.57
CA HIS A 137 32.94 -29.61 -4.53
C HIS A 137 31.73 -30.12 -3.75
N TYR A 138 30.56 -29.59 -4.00
CA TYR A 138 29.36 -30.04 -3.26
C TYR A 138 28.40 -30.63 -4.28
N LYS A 139 27.50 -31.43 -3.83
CA LYS A 139 26.54 -32.05 -4.77
C LYS A 139 25.13 -32.04 -4.17
N CYS A 140 24.14 -31.87 -5.00
CA CYS A 140 22.75 -31.85 -4.48
C CYS A 140 21.81 -32.31 -5.59
N LYS A 141 20.77 -32.98 -5.24
CA LYS A 141 19.83 -33.46 -6.27
C LYS A 141 18.46 -32.83 -6.05
N MET A 142 17.81 -32.47 -7.11
CA MET A 142 16.47 -31.83 -6.99
C MET A 142 15.60 -32.34 -8.13
N GLY A 143 14.32 -32.09 -8.08
CA GLY A 143 13.45 -32.59 -9.17
C GLY A 143 13.20 -34.08 -8.96
N GLN A 144 12.98 -34.81 -10.01
CA GLN A 144 12.73 -36.27 -9.87
C GLN A 144 13.63 -37.06 -10.82
N LYS A 145 14.34 -36.39 -11.69
CA LYS A 145 15.24 -37.12 -12.64
C LYS A 145 16.50 -36.28 -12.95
N GLU A 146 16.92 -35.41 -12.06
CA GLU A 146 18.14 -34.58 -12.35
C GLU A 146 18.98 -34.41 -11.08
N TYR A 147 20.28 -34.43 -11.22
CA TYR A 147 21.19 -34.27 -10.03
C TYR A 147 21.79 -32.85 -10.04
N SER A 148 21.17 -31.93 -9.35
CA SER A 148 21.71 -30.54 -9.30
C SER A 148 23.07 -30.53 -8.60
N ILE A 149 24.08 -31.07 -9.23
CA ILE A 149 25.43 -31.07 -8.60
C ILE A 149 26.06 -29.68 -8.74
N GLY A 150 26.65 -29.15 -7.68
CA GLY A 150 27.26 -27.79 -7.79
C GLY A 150 28.65 -27.75 -7.16
N THR A 151 29.16 -26.56 -6.94
CA THR A 151 30.52 -26.41 -6.33
C THR A 151 30.47 -25.27 -5.32
N GLY A 152 31.56 -24.95 -4.67
CA GLY A 152 31.53 -23.84 -3.68
C GLY A 152 32.95 -23.44 -3.29
N SER A 153 33.14 -22.17 -3.04
CA SER A 153 34.49 -21.69 -2.62
C SER A 153 34.72 -22.07 -1.16
N THR A 154 33.66 -22.17 -0.41
CA THR A 154 33.77 -22.54 1.03
C THR A 154 32.70 -23.57 1.36
N LYS A 155 32.94 -24.39 2.33
CA LYS A 155 31.93 -25.43 2.70
C LYS A 155 30.58 -24.76 2.91
N GLN A 156 30.57 -23.62 3.53
CA GLN A 156 29.30 -22.91 3.78
C GLN A 156 28.80 -22.23 2.51
N GLU A 157 29.67 -21.58 1.78
CA GLU A 157 29.23 -20.93 0.52
C GLU A 157 28.64 -21.99 -0.40
N ALA A 158 29.11 -23.20 -0.28
CA ALA A 158 28.62 -24.29 -1.15
C ALA A 158 27.12 -24.58 -0.88
N LYS A 159 26.80 -25.01 0.32
CA LYS A 159 25.40 -25.35 0.66
C LYS A 159 24.41 -24.23 0.31
N GLN A 160 24.65 -23.01 0.75
CA GLN A 160 23.68 -21.92 0.43
C GLN A 160 23.44 -21.86 -1.08
N LEU A 161 24.48 -21.71 -1.83
CA LEU A 161 24.34 -21.62 -3.30
C LEU A 161 23.84 -22.97 -3.84
N ALA A 162 24.14 -24.06 -3.19
CA ALA A 162 23.63 -25.36 -3.70
C ALA A 162 22.12 -25.23 -3.86
N ALA A 163 21.49 -24.53 -2.96
CA ALA A 163 20.02 -24.31 -3.09
C ALA A 163 19.80 -23.45 -4.33
N LYS A 164 20.27 -22.23 -4.32
CA LYS A 164 20.13 -21.33 -5.50
C LYS A 164 20.31 -22.13 -6.81
N LEU A 165 21.32 -22.98 -6.85
CA LEU A 165 21.57 -23.80 -8.07
C LEU A 165 20.30 -24.58 -8.43
N ALA A 166 19.88 -25.44 -7.55
CA ALA A 166 18.65 -26.26 -7.80
C ALA A 166 17.40 -25.38 -7.71
N TYR A 167 17.29 -24.65 -6.65
CA TYR A 167 16.11 -23.79 -6.45
C TYR A 167 15.80 -23.00 -7.73
N LEU A 168 16.72 -22.24 -8.22
CA LEU A 168 16.45 -21.46 -9.45
C LEU A 168 16.31 -22.42 -10.65
N GLN A 169 16.66 -23.66 -10.48
CA GLN A 169 16.56 -24.63 -11.61
C GLN A 169 15.14 -25.17 -11.70
N ILE A 170 14.59 -25.53 -10.58
CA ILE A 170 13.21 -26.05 -10.57
C ILE A 170 12.34 -24.99 -11.22
N LEU A 171 12.72 -23.77 -11.02
CA LEU A 171 11.97 -22.64 -11.60
C LEU A 171 12.12 -22.67 -13.11
N SER A 172 13.32 -22.83 -13.56
CA SER A 172 13.58 -22.88 -15.02
C SER A 172 13.10 -24.22 -15.57
N GLU A 173 12.92 -25.21 -14.73
CA GLU A 173 12.45 -26.52 -15.24
C GLU A 173 10.96 -26.43 -15.57
N GLU A 174 10.60 -26.58 -16.83
CA GLU A 174 9.17 -26.51 -17.21
C GLU A 174 8.52 -27.87 -16.96
N THR A 175 9.24 -28.74 -16.30
CA THR A 175 8.69 -30.09 -16.01
C THR A 175 7.88 -30.05 -14.73
N GLY A 176 6.68 -30.57 -14.76
CA GLY A 176 5.82 -30.54 -13.54
C GLY A 176 4.49 -31.23 -13.83
N SER A 177 3.94 -31.01 -14.98
CA SER A 177 2.63 -31.64 -15.32
C SER A 177 2.88 -32.92 -16.13
N GLY A 178 3.73 -33.78 -15.64
CA GLY A 178 4.01 -35.05 -16.36
C GLY A 178 4.81 -34.76 -17.64
N CYS A 179 5.14 -33.52 -17.89
CA CYS A 179 5.92 -33.18 -19.11
C CYS A 179 7.37 -32.90 -18.75
N GLY A 1 -35.75 24.18 20.54
CA GLY A 1 -35.44 25.62 20.78
C GLY A 1 -33.92 25.78 20.91
N SER A 2 -33.17 25.16 20.04
CA SER A 2 -31.69 25.28 20.11
C SER A 2 -31.28 26.75 20.19
N HIS A 3 -31.54 27.52 19.17
CA HIS A 3 -31.15 28.96 19.24
C HIS A 3 -32.00 29.83 18.31
N MET A 4 -31.70 31.10 18.31
CA MET A 4 -32.45 32.10 17.49
C MET A 4 -32.42 31.72 16.01
N GLU A 5 -32.08 32.64 15.15
CA GLU A 5 -32.03 32.35 13.69
C GLU A 5 -30.82 33.04 13.08
N MET A 6 -29.73 33.00 13.77
CA MET A 6 -28.49 33.63 13.27
C MET A 6 -27.29 32.85 13.79
N ALA A 7 -26.19 32.90 13.10
CA ALA A 7 -25.00 32.15 13.59
C ALA A 7 -24.47 32.86 14.83
N GLY A 8 -24.49 32.21 15.96
CA GLY A 8 -23.99 32.84 17.21
C GLY A 8 -22.53 33.23 17.04
N ASP A 9 -22.14 33.61 15.86
CA ASP A 9 -20.73 34.01 15.62
C ASP A 9 -20.56 35.46 16.01
N LEU A 10 -19.35 35.90 16.04
CA LEU A 10 -19.07 37.31 16.42
C LEU A 10 -17.65 37.66 15.97
N SER A 11 -17.06 36.82 15.17
CA SER A 11 -15.68 37.08 14.68
C SER A 11 -15.42 36.30 13.39
N ALA A 12 -15.98 36.74 12.30
CA ALA A 12 -15.76 36.07 10.98
C ALA A 12 -16.69 34.85 10.85
N GLY A 13 -16.50 33.87 11.67
CA GLY A 13 -17.38 32.67 11.58
C GLY A 13 -17.36 31.88 12.89
N PHE A 14 -17.52 30.59 12.80
CA PHE A 14 -17.53 29.73 14.01
C PHE A 14 -17.06 28.33 13.64
N PHE A 15 -17.92 27.58 13.03
CA PHE A 15 -17.53 26.22 12.60
C PHE A 15 -16.51 26.39 11.48
N MET A 16 -16.49 27.57 10.92
CA MET A 16 -15.53 27.88 9.84
C MET A 16 -14.17 28.14 10.49
N GLU A 17 -14.16 28.90 11.55
CA GLU A 17 -12.86 29.16 12.23
C GLU A 17 -12.29 27.82 12.69
N GLU A 18 -13.14 26.85 12.88
CA GLU A 18 -12.66 25.51 13.31
C GLU A 18 -12.24 24.72 12.08
N LEU A 19 -13.11 24.63 11.11
CA LEU A 19 -12.76 23.92 9.87
C LEU A 19 -11.54 24.61 9.26
N ASN A 20 -11.54 25.92 9.28
CA ASN A 20 -10.40 26.70 8.71
C ASN A 20 -9.12 26.40 9.50
N THR A 21 -9.23 25.83 10.67
CA THR A 21 -8.02 25.55 11.47
C THR A 21 -7.22 24.38 10.86
N TYR A 22 -7.80 23.21 10.80
CA TYR A 22 -7.04 22.06 10.24
C TYR A 22 -6.58 22.37 8.81
N ARG A 23 -7.42 22.98 8.02
CA ARG A 23 -7.04 23.30 6.62
C ARG A 23 -5.64 23.90 6.59
N GLN A 24 -5.35 24.77 7.51
CA GLN A 24 -4.01 25.39 7.55
C GLN A 24 -3.00 24.32 7.95
N LYS A 25 -3.47 23.32 8.66
CA LYS A 25 -2.56 22.23 9.08
C LYS A 25 -2.32 21.30 7.89
N GLN A 26 -3.13 21.43 6.86
CA GLN A 26 -2.96 20.55 5.67
C GLN A 26 -2.37 21.35 4.51
N GLY A 27 -2.33 22.64 4.62
CA GLY A 27 -1.78 23.47 3.52
C GLY A 27 -2.75 23.46 2.35
N VAL A 28 -4.03 23.55 2.63
CA VAL A 28 -5.06 23.54 1.56
C VAL A 28 -5.65 24.95 1.46
N VAL A 29 -6.78 25.10 0.84
CA VAL A 29 -7.37 26.47 0.72
C VAL A 29 -8.90 26.40 0.69
N LEU A 30 -9.55 27.24 1.45
CA LEU A 30 -11.03 27.24 1.49
C LEU A 30 -11.59 28.23 0.47
N LYS A 31 -12.33 27.75 -0.49
CA LYS A 31 -12.94 28.67 -1.49
C LYS A 31 -14.45 28.62 -1.32
N TYR A 32 -15.02 29.63 -0.72
CA TYR A 32 -16.49 29.63 -0.49
C TYR A 32 -17.20 30.31 -1.66
N GLN A 33 -18.22 29.68 -2.19
CA GLN A 33 -18.97 30.25 -3.33
C GLN A 33 -20.47 30.23 -3.00
N GLU A 34 -21.03 31.36 -2.69
CA GLU A 34 -22.49 31.40 -2.34
C GLU A 34 -23.35 31.45 -3.60
N LEU A 35 -24.30 30.55 -3.72
CA LEU A 35 -25.20 30.57 -4.91
C LEU A 35 -26.65 30.75 -4.40
N PRO A 36 -27.00 31.99 -4.07
CA PRO A 36 -28.33 32.32 -3.54
C PRO A 36 -29.43 32.01 -4.56
N ASN A 37 -30.64 31.88 -4.10
CA ASN A 37 -31.79 31.58 -5.01
C ASN A 37 -31.34 30.63 -6.11
N SER A 38 -31.55 29.36 -5.91
CA SER A 38 -31.13 28.35 -6.93
C SER A 38 -32.24 27.32 -7.13
N GLY A 39 -33.26 27.35 -6.29
CA GLY A 39 -34.38 26.37 -6.43
C GLY A 39 -35.51 26.97 -7.26
N PRO A 40 -35.74 26.44 -8.45
CA PRO A 40 -36.80 26.94 -9.34
C PRO A 40 -38.21 26.90 -8.67
N PRO A 41 -38.53 25.82 -7.99
CA PRO A 41 -39.86 25.71 -7.35
C PRO A 41 -40.00 26.75 -6.24
N HIS A 42 -39.96 28.01 -6.59
CA HIS A 42 -40.08 29.11 -5.59
C HIS A 42 -39.36 28.72 -4.30
N ASP A 43 -38.45 27.79 -4.38
CA ASP A 43 -37.70 27.40 -3.18
C ASP A 43 -36.46 28.27 -3.09
N ARG A 44 -36.65 29.53 -2.82
CA ARG A 44 -35.51 30.47 -2.73
C ARG A 44 -34.54 29.97 -1.66
N ARG A 45 -34.10 28.74 -1.77
CA ARG A 45 -33.17 28.21 -0.74
C ARG A 45 -31.78 28.76 -1.00
N PHE A 46 -30.81 28.30 -0.26
CA PHE A 46 -29.42 28.80 -0.45
C PHE A 46 -28.53 27.62 -0.80
N THR A 47 -28.00 27.63 -1.99
CA THR A 47 -27.10 26.52 -2.40
C THR A 47 -25.67 27.02 -2.29
N PHE A 48 -24.89 26.41 -1.44
CA PHE A 48 -23.49 26.88 -1.25
C PHE A 48 -22.52 25.91 -1.90
N GLN A 49 -21.31 26.35 -2.07
CA GLN A 49 -20.24 25.53 -2.66
C GLN A 49 -18.97 25.85 -1.87
N VAL A 50 -18.18 24.88 -1.55
CA VAL A 50 -16.96 25.19 -0.76
C VAL A 50 -15.87 24.17 -1.04
N ILE A 51 -14.71 24.65 -1.40
CA ILE A 51 -13.58 23.74 -1.69
C ILE A 51 -12.63 23.77 -0.51
N ILE A 52 -11.64 22.91 -0.48
CA ILE A 52 -10.70 22.91 0.68
C ILE A 52 -9.28 23.09 0.16
N ASP A 53 -9.01 22.50 -0.97
CA ASP A 53 -7.67 22.61 -1.59
C ASP A 53 -7.83 23.22 -2.99
N GLY A 54 -8.24 22.41 -3.92
CA GLY A 54 -8.44 22.89 -5.31
C GLY A 54 -8.89 21.74 -6.19
N ARG A 55 -9.61 20.79 -5.64
CA ARG A 55 -10.07 19.64 -6.47
C ARG A 55 -11.43 19.12 -5.99
N GLU A 56 -11.77 19.37 -4.76
CA GLU A 56 -13.06 18.88 -4.24
C GLU A 56 -14.14 19.90 -4.56
N PHE A 57 -15.35 19.46 -4.78
CA PHE A 57 -16.45 20.42 -5.11
C PHE A 57 -17.68 20.16 -4.22
N PRO A 58 -17.47 20.01 -2.94
CA PRO A 58 -18.58 19.76 -1.99
C PRO A 58 -19.62 20.87 -2.09
N GLU A 59 -20.74 20.69 -1.47
CA GLU A 59 -21.80 21.73 -1.50
C GLU A 59 -22.99 21.29 -0.66
N GLY A 60 -23.79 22.22 -0.21
CA GLY A 60 -24.97 21.85 0.62
C GLY A 60 -25.97 23.02 0.59
N GLU A 61 -27.08 22.88 1.27
CA GLU A 61 -28.08 23.98 1.29
C GLU A 61 -28.53 24.26 2.72
N GLY A 62 -29.06 25.43 2.97
CA GLY A 62 -29.51 25.77 4.35
C GLY A 62 -30.47 26.97 4.33
N ARG A 63 -30.92 27.38 3.17
CA ARG A 63 -31.85 28.54 3.08
C ARG A 63 -31.07 29.86 3.21
N SER A 64 -31.74 30.96 3.08
CA SER A 64 -31.03 32.27 3.16
C SER A 64 -30.68 32.60 4.61
N LYS A 65 -29.49 32.24 5.03
CA LYS A 65 -29.04 32.54 6.43
C LYS A 65 -27.79 31.71 6.76
N LYS A 66 -27.44 31.68 8.01
CA LYS A 66 -26.22 30.95 8.46
C LYS A 66 -26.24 29.46 8.09
N GLU A 67 -27.29 28.73 8.40
CA GLU A 67 -27.25 27.26 8.08
C GLU A 67 -26.75 27.06 6.66
N ALA A 68 -26.73 28.10 5.86
CA ALA A 68 -26.22 27.96 4.48
C ALA A 68 -24.68 27.88 4.54
N LYS A 69 -24.04 28.97 4.85
CA LYS A 69 -22.55 28.96 4.95
C LYS A 69 -22.13 27.92 5.98
N ASN A 70 -22.88 27.79 7.05
CA ASN A 70 -22.52 26.79 8.09
C ASN A 70 -22.64 25.39 7.49
N ALA A 71 -23.66 25.14 6.73
CA ALA A 71 -23.79 23.78 6.11
C ALA A 71 -22.59 23.57 5.19
N ALA A 72 -22.25 24.56 4.43
CA ALA A 72 -21.09 24.44 3.50
C ALA A 72 -19.86 24.08 4.32
N ALA A 73 -19.59 24.83 5.35
CA ALA A 73 -18.40 24.54 6.19
C ALA A 73 -18.65 23.27 7.03
N LYS A 74 -19.85 23.11 7.52
CA LYS A 74 -20.17 21.90 8.36
C LYS A 74 -19.92 20.62 7.59
N LEU A 75 -20.60 20.42 6.50
CA LEU A 75 -20.45 19.16 5.76
C LEU A 75 -19.01 18.99 5.29
N ALA A 76 -18.31 20.06 5.11
CA ALA A 76 -16.89 19.95 4.66
C ALA A 76 -16.09 19.20 5.72
N VAL A 77 -16.41 19.42 6.97
CA VAL A 77 -15.69 18.70 8.06
C VAL A 77 -15.93 17.20 7.89
N GLU A 78 -17.14 16.84 7.55
CA GLU A 78 -17.49 15.41 7.38
C GLU A 78 -16.64 14.77 6.27
N ILE A 79 -16.02 15.56 5.45
CA ILE A 79 -15.19 14.99 4.34
C ILE A 79 -13.88 14.46 4.90
N LEU A 80 -13.11 15.30 5.54
CA LEU A 80 -11.83 14.83 6.10
C LEU A 80 -12.15 13.79 7.16
N ASN A 81 -13.19 14.01 7.89
CA ASN A 81 -13.59 13.02 8.92
C ASN A 81 -13.67 11.66 8.22
N LYS A 82 -14.20 11.66 7.03
CA LYS A 82 -14.26 10.41 6.26
C LYS A 82 -12.85 10.15 5.72
N GLU A 83 -12.71 9.80 4.48
CA GLU A 83 -11.35 9.54 3.92
C GLU A 83 -10.57 8.65 4.90
N LYS A 84 -11.24 8.19 5.92
CA LYS A 84 -10.57 7.33 6.93
C LYS A 84 -10.44 5.93 6.35
N LYS A 85 -11.15 5.64 5.30
CA LYS A 85 -11.06 4.30 4.69
C LYS A 85 -9.79 4.21 3.86
N ALA A 86 -9.41 3.02 3.48
CA ALA A 86 -8.20 2.88 2.66
C ALA A 86 -8.57 3.34 1.25
N VAL A 87 -8.30 4.58 0.93
CA VAL A 87 -8.63 5.13 -0.39
C VAL A 87 -7.34 5.56 -1.06
N SER A 88 -6.28 5.58 -0.31
CA SER A 88 -4.99 5.94 -0.90
C SER A 88 -4.56 4.69 -1.67
N PRO A 89 -4.02 4.84 -2.84
CA PRO A 89 -3.59 3.68 -3.64
C PRO A 89 -2.78 2.73 -2.73
N LEU A 90 -1.93 1.93 -3.27
CA LEU A 90 -1.14 1.06 -2.37
C LEU A 90 -0.12 1.96 -1.70
N LEU A 91 0.15 1.78 -0.45
CA LEU A 91 1.09 2.71 0.23
C LEU A 91 2.50 2.30 -0.13
N LEU A 92 3.14 3.04 -1.00
CA LEU A 92 4.52 2.67 -1.42
C LEU A 92 5.54 3.21 -0.42
N THR A 93 5.50 2.69 0.78
CA THR A 93 6.47 3.10 1.84
C THR A 93 7.35 1.90 2.16
N THR A 94 6.86 0.71 1.86
CA THR A 94 7.65 -0.51 2.16
C THR A 94 7.99 -1.23 0.86
N THR A 95 7.98 -0.53 -0.23
CA THR A 95 8.41 -1.17 -1.50
C THR A 95 9.90 -0.98 -1.43
N ASN A 96 10.27 -0.14 -0.51
CA ASN A 96 11.68 0.08 -0.18
C ASN A 96 12.06 -1.18 0.55
N SER A 97 11.38 -1.43 1.65
CA SER A 97 11.64 -2.65 2.47
C SER A 97 13.14 -2.90 2.45
N SER A 98 13.89 -1.88 2.12
CA SER A 98 15.35 -2.04 2.05
C SER A 98 15.63 -3.28 1.22
N GLU A 99 15.77 -4.37 1.90
CA GLU A 99 16.04 -5.66 1.24
C GLU A 99 14.73 -6.33 0.79
N GLY A 100 14.52 -7.52 1.28
CA GLY A 100 13.29 -8.32 0.96
C GLY A 100 13.33 -9.55 1.87
N LEU A 101 14.36 -9.62 2.68
CA LEU A 101 14.54 -10.76 3.63
C LEU A 101 14.11 -12.05 2.96
N SER A 102 14.32 -12.13 1.68
CA SER A 102 13.99 -13.35 0.92
C SER A 102 15.16 -13.66 -0.01
N MET A 103 16.05 -12.71 -0.24
CA MET A 103 17.21 -12.96 -1.16
C MET A 103 16.79 -13.95 -2.23
N GLY A 104 15.58 -13.82 -2.70
CA GLY A 104 15.09 -14.80 -3.72
C GLY A 104 15.49 -16.18 -3.24
N ASN A 105 15.92 -16.22 -2.01
CA ASN A 105 16.38 -17.47 -1.38
C ASN A 105 16.86 -18.46 -2.42
N TYR A 106 16.78 -19.71 -2.08
CA TYR A 106 17.19 -20.77 -3.01
C TYR A 106 16.98 -22.10 -2.29
N ILE A 107 17.66 -22.30 -1.21
CA ILE A 107 17.43 -23.55 -0.43
C ILE A 107 15.96 -23.54 0.01
N GLY A 108 15.41 -22.37 0.17
CA GLY A 108 13.99 -22.25 0.62
C GLY A 108 13.00 -22.31 -0.54
N LEU A 109 13.14 -21.49 -1.54
CA LEU A 109 12.15 -21.54 -2.65
C LEU A 109 12.27 -22.84 -3.41
N ILE A 110 13.39 -23.51 -3.30
CA ILE A 110 13.51 -24.80 -4.00
C ILE A 110 12.52 -25.75 -3.36
N ASN A 111 12.42 -25.67 -2.07
CA ASN A 111 11.47 -26.54 -1.35
C ASN A 111 10.05 -26.18 -1.78
N ARG A 112 9.88 -25.03 -2.37
CA ARG A 112 8.52 -24.65 -2.81
C ARG A 112 8.18 -25.41 -4.08
N ILE A 113 9.03 -25.30 -5.06
CA ILE A 113 8.77 -26.01 -6.34
C ILE A 113 8.80 -27.51 -6.07
N ALA A 114 9.47 -27.92 -5.05
CA ALA A 114 9.52 -29.37 -4.71
C ALA A 114 8.10 -29.84 -4.43
N GLN A 115 7.52 -29.36 -3.36
CA GLN A 115 6.15 -29.77 -3.00
C GLN A 115 5.15 -29.25 -4.04
N LYS A 116 5.53 -28.30 -4.84
CA LYS A 116 4.58 -27.80 -5.87
C LYS A 116 4.41 -28.89 -6.92
N LYS A 117 5.45 -29.15 -7.66
CA LYS A 117 5.39 -30.21 -8.68
C LYS A 117 5.86 -31.50 -8.00
N ARG A 118 5.55 -31.63 -6.74
CA ARG A 118 5.92 -32.82 -5.93
C ARG A 118 7.28 -33.40 -6.34
N LEU A 119 8.29 -33.14 -5.54
CA LEU A 119 9.64 -33.70 -5.84
C LEU A 119 10.38 -33.89 -4.52
N THR A 120 11.60 -34.33 -4.59
CA THR A 120 12.41 -34.54 -3.35
C THR A 120 13.32 -33.33 -3.16
N VAL A 121 13.39 -32.78 -1.98
CA VAL A 121 14.26 -31.59 -1.77
C VAL A 121 15.10 -31.78 -0.51
N ASN A 122 16.37 -31.99 -0.66
CA ASN A 122 17.24 -32.15 0.53
C ASN A 122 18.64 -31.65 0.20
N TYR A 123 19.40 -31.26 1.18
CA TYR A 123 20.77 -30.76 0.91
C TYR A 123 21.77 -31.46 1.82
N GLU A 124 22.75 -32.07 1.22
CA GLU A 124 23.81 -32.74 2.00
C GLU A 124 25.10 -32.01 1.68
N GLN A 125 26.24 -32.48 2.10
CA GLN A 125 27.47 -31.72 1.76
C GLN A 125 28.74 -32.46 2.17
N CYS A 126 29.70 -32.49 1.29
CA CYS A 126 30.99 -33.14 1.58
C CYS A 126 32.10 -32.10 1.36
N ALA A 127 32.30 -31.24 2.33
CA ALA A 127 33.33 -30.18 2.18
C ALA A 127 34.67 -30.79 1.77
N SER A 128 35.27 -30.29 0.74
CA SER A 128 36.59 -30.83 0.31
C SER A 128 37.67 -30.05 1.07
N GLY A 129 37.59 -30.04 2.37
CA GLY A 129 38.60 -29.32 3.18
C GLY A 129 39.88 -30.15 3.20
N VAL A 130 40.27 -30.66 2.07
CA VAL A 130 41.50 -31.48 2.02
C VAL A 130 42.68 -30.65 2.51
N HIS A 131 43.40 -30.03 1.61
CA HIS A 131 44.56 -29.22 2.01
C HIS A 131 44.11 -27.81 2.38
N GLY A 132 43.89 -26.99 1.40
CA GLY A 132 43.45 -25.60 1.70
C GLY A 132 42.82 -24.98 0.46
N PRO A 133 43.64 -24.76 -0.54
CA PRO A 133 43.18 -24.17 -1.81
C PRO A 133 42.18 -25.12 -2.48
N GLU A 134 41.93 -26.24 -1.87
CA GLU A 134 40.97 -27.21 -2.47
C GLU A 134 39.62 -26.51 -2.67
N GLY A 135 38.67 -26.75 -1.81
CA GLY A 135 37.36 -26.08 -1.98
C GLY A 135 36.29 -26.84 -1.19
N PHE A 136 35.05 -26.53 -1.42
CA PHE A 136 33.97 -27.21 -0.69
C PHE A 136 33.09 -27.94 -1.68
N HIS A 137 33.01 -29.25 -1.57
CA HIS A 137 32.16 -30.01 -2.50
C HIS A 137 30.85 -30.30 -1.81
N TYR A 138 29.78 -29.71 -2.26
CA TYR A 138 28.48 -29.94 -1.62
C TYR A 138 27.62 -30.73 -2.57
N LYS A 139 26.51 -31.20 -2.10
CA LYS A 139 25.62 -31.99 -2.97
C LYS A 139 24.18 -31.77 -2.54
N CYS A 140 23.29 -31.79 -3.48
CA CYS A 140 21.86 -31.58 -3.14
C CYS A 140 21.03 -32.30 -4.16
N LYS A 141 20.00 -32.96 -3.74
CA LYS A 141 19.15 -33.68 -4.72
C LYS A 141 17.82 -32.96 -4.84
N MET A 142 17.39 -32.78 -6.04
CA MET A 142 16.11 -32.07 -6.31
C MET A 142 15.40 -32.82 -7.43
N GLY A 143 14.12 -32.71 -7.54
CA GLY A 143 13.43 -33.46 -8.62
C GLY A 143 13.21 -34.88 -8.10
N GLN A 144 12.40 -35.66 -8.76
CA GLN A 144 12.17 -37.04 -8.25
C GLN A 144 13.17 -38.00 -8.89
N LYS A 145 14.04 -37.51 -9.75
CA LYS A 145 15.04 -38.44 -10.39
C LYS A 145 16.35 -37.72 -10.72
N GLU A 146 16.73 -36.70 -10.00
CA GLU A 146 18.02 -35.99 -10.35
C GLU A 146 18.75 -35.56 -9.08
N TYR A 147 20.05 -35.67 -9.08
CA TYR A 147 20.86 -35.26 -7.90
C TYR A 147 21.60 -33.95 -8.20
N SER A 148 20.99 -32.84 -7.91
CA SER A 148 21.66 -31.54 -8.17
C SER A 148 22.94 -31.41 -7.33
N ILE A 149 23.96 -32.14 -7.66
CA ILE A 149 25.22 -32.03 -6.88
C ILE A 149 25.88 -30.69 -7.21
N GLY A 150 26.45 -30.01 -6.25
CA GLY A 150 27.08 -28.68 -6.56
C GLY A 150 28.37 -28.50 -5.76
N THR A 151 29.23 -27.62 -6.22
CA THR A 151 30.52 -27.35 -5.52
C THR A 151 30.70 -25.83 -5.39
N GLY A 152 31.10 -25.36 -4.23
CA GLY A 152 31.29 -23.89 -4.05
C GLY A 152 32.67 -23.60 -3.45
N SER A 153 33.13 -22.40 -3.59
CA SER A 153 34.47 -22.04 -3.04
C SER A 153 34.36 -21.92 -1.52
N THR A 154 33.17 -21.78 -1.01
CA THR A 154 32.99 -21.66 0.46
C THR A 154 31.73 -22.42 0.85
N LYS A 155 31.66 -22.88 2.07
CA LYS A 155 30.46 -23.62 2.52
C LYS A 155 29.21 -22.81 2.19
N GLN A 156 29.33 -21.53 2.27
CA GLN A 156 28.17 -20.65 1.98
C GLN A 156 27.97 -20.55 0.47
N GLU A 157 29.00 -20.24 -0.27
CA GLU A 157 28.83 -20.14 -1.74
C GLU A 157 28.26 -21.45 -2.25
N ALA A 158 28.60 -22.53 -1.61
CA ALA A 158 28.08 -23.85 -2.05
C ALA A 158 26.56 -23.92 -1.83
N LYS A 159 26.13 -23.73 -0.61
CA LYS A 159 24.67 -23.80 -0.29
C LYS A 159 23.85 -22.92 -1.24
N GLN A 160 24.10 -21.64 -1.27
CA GLN A 160 23.28 -20.75 -2.15
C GLN A 160 23.28 -21.30 -3.56
N LEU A 161 24.43 -21.51 -4.11
CA LEU A 161 24.50 -22.03 -5.50
C LEU A 161 23.97 -23.46 -5.55
N ALA A 162 24.04 -24.18 -4.46
CA ALA A 162 23.51 -25.58 -4.49
C ALA A 162 22.08 -25.56 -5.00
N ALA A 163 21.23 -24.76 -4.41
CA ALA A 163 19.83 -24.70 -4.90
C ALA A 163 19.83 -24.08 -6.30
N LYS A 164 20.41 -22.92 -6.49
CA LYS A 164 20.44 -22.32 -7.87
C LYS A 164 20.77 -23.43 -8.86
N LEU A 165 21.62 -24.35 -8.45
CA LEU A 165 21.98 -25.49 -9.34
C LEU A 165 20.71 -26.28 -9.65
N ALA A 166 20.12 -26.82 -8.63
CA ALA A 166 18.87 -27.60 -8.79
C ALA A 166 17.72 -26.67 -9.16
N TYR A 167 17.52 -25.68 -8.38
CA TYR A 167 16.43 -24.72 -8.63
C TYR A 167 16.40 -24.34 -10.11
N LEU A 168 17.48 -23.85 -10.64
CA LEU A 168 17.51 -23.49 -12.07
C LEU A 168 17.46 -24.77 -12.92
N GLN A 169 17.58 -25.91 -12.30
CA GLN A 169 17.56 -27.20 -13.06
C GLN A 169 16.12 -27.61 -13.34
N ILE A 170 15.30 -27.71 -12.35
CA ILE A 170 13.90 -28.11 -12.62
C ILE A 170 13.32 -27.08 -13.57
N LEU A 171 13.85 -25.89 -13.54
CA LEU A 171 13.38 -24.84 -14.46
C LEU A 171 13.63 -25.32 -15.88
N SER A 172 14.80 -25.85 -16.08
CA SER A 172 15.18 -26.37 -17.41
C SER A 172 14.54 -27.75 -17.59
N GLU A 173 14.35 -28.48 -16.52
CA GLU A 173 13.74 -29.84 -16.66
C GLU A 173 12.23 -29.73 -16.89
N GLU A 174 11.77 -30.13 -18.03
CA GLU A 174 10.32 -30.06 -18.32
C GLU A 174 9.63 -31.28 -17.69
N THR A 175 10.40 -32.15 -17.09
CA THR A 175 9.83 -33.36 -16.45
C THR A 175 9.41 -33.03 -15.01
N GLY A 176 8.29 -33.53 -14.56
CA GLY A 176 7.85 -33.25 -13.16
C GLY A 176 6.34 -33.04 -13.14
N SER A 177 5.72 -32.90 -14.28
CA SER A 177 4.24 -32.69 -14.31
C SER A 177 3.55 -34.03 -14.61
N GLY A 178 4.30 -35.02 -15.00
CA GLY A 178 3.68 -36.35 -15.31
C GLY A 178 4.35 -36.93 -16.54
N CYS A 179 5.20 -36.18 -17.19
CA CYS A 179 5.89 -36.69 -18.41
C CYS A 179 7.40 -36.47 -18.25
#